data_8RFJ
#
_entry.id   8RFJ
#
_cell.length_a   1.00
_cell.length_b   1.00
_cell.length_c   1.00
_cell.angle_alpha   90.00
_cell.angle_beta   90.00
_cell.angle_gamma   90.00
#
_symmetry.space_group_name_H-M   'P 1'
#
loop_
_entity.id
_entity.type
_entity.pdbx_description
1 polymer 'CRISPR type AFERR-associated protein Csf2'
2 polymer 'CRISPR type AFERR-associated protein Csf3'
3 polymer 'CRISPR type AFERR-associated protein Csf1'
4 polymer crRNA
5 polymer 'Target strand (TS-)DNA'
6 polymer 'Non-target strand (NTS-) DNA'
7 polymer 'ATP-dependent DNA helicase DinG'
8 polymer 'CRISPR type AFERR-associated protein Csf5'
9 non-polymer 'ZINC ION'
#
loop_
_entity_poly.entity_id
_entity_poly.type
_entity_poly.pdbx_seq_one_letter_code
_entity_poly.pdbx_strand_id
1 'polypeptide(L)'
;MQIEVLIRNITPIFSAAPGSYYVSLDGTINPPQGASRFPLTRARTMTVVAETGDGVAKAVPLPIVPGNTMRNLLRRTMLK
DVIEPALRDKSAQLSIGAYATAYAGNSSGNPDGVPSSFDEIVTMRAHPFLGLFGGGPRMLQGRLMVDSLYPIHQFSQRII
GSDYINDSIKGGITEIVWTRRNDPILQLGSPDDAAVIEGGAQAANDWITSLLATTKAKKGKAAKQADEAAESSDDNGRGL
KAFNAHEVVIAGVKWLWRINVDRPSESQIGLILLALNKLANQRIAGGHAKDYGRFVIEDVILDGESVWTPSGVSGQATEQ
FFDAIAEALDGMTSSEFEQFAASAKEA
;
A,B,C,D,E
2 'polypeptide(L)'
;MDFLKVTINLGSPMVEPGDLFHLDALLGALRVSEVRAELGDGINPRDHHYDLPLEQYRSRSGQWVFKASAFHINKGAASQ
NWMQTSRINTAEAARHRSEGFLLLRAAKPNPAGGPFKNSLYHYPLVWATLTAYCVGDQARIADLLSQCRQIGGRRGVGCG
RVAGFSVEVVPEVECTWALRAMPDDSEQSILCGEYALAMSALQSPYWDRSLHKPALVPTSLA
;
F
3 'polypeptide(L)'
;MRYPSDVVDQVFKLPPDKGLLTWDNDPVACSHCARPIEKGDLYSPSSVGAFFSDTRNLASTSRSICWRCLILRKKQMLNG
LSYALITQDGVFQISKDTNKAWLFTTPPPAPFFVMHSSSTMQHLCWRTPVTLDNRLIKVRYGNNLFVVRPEAIREALEIA
DRMNEGQKKWQAPIFLDRKAADSGHGALTKAGREHLSAADQEFLLNITPGERWALAYIMHSKRPQPEEPECITSKILEKL
;
G
4 'polyribonucleotide' GUGAGCGGCAUCCAAGUUACGCAUCAGAUUCGAGACGCGAGUAUUUCCCGCGUGCGCGGGG H
5 'polydeoxyribonucleotide'
;(DC)(DG)(DG)(DT)(DC)(DG)(DG)(DG)(DT)(DC)(DA)(DT)(DA)(DC)(DG)(DT)(DC)(DG)(DC)(DG)
(DT)(DC)(DT)(DC)(DG)(DA)(DA)(DT)(DC)(DT)(DG)(DA)(DT)(DG)(DC)(DG)(DT)(DA)(DA)(DC)
(DT)(DT)(DG)(DG)(DA)(DT)(DG)(DC)(DT)(DT)(DC)(DG)(DT)(DG)(DC)(DG)(DT)(DG)(DA)(DT)
(DG)
;
I
6 'polydeoxyribonucleotide'
;(DC)(DA)(DT)(DC)(DA)(DC)(DG)(DC)(DA)(DC)(DG)(DA)(DA)(DG)(DA)(DC)(DC)(DA)(DA)(DG)
(DT)(DC)(DA)(DA)(DT)(DG)(DC)(DT)(DT)(DA)(DG)(DT)(DC)(DT)(DA)(DA)(DT)(DA)(DC)(DC)
(DT)(DG)(DC)(DG)(DC)(DT)(DC)(DG)(DT)(DA)(DT)(DG)(DA)(DC)(DC)(DC)(DG)(DA)(DC)(DC)
(DG)
;
J
7 'polypeptide(L)'
;VEVIRIGAIAPPEKQRSQWARDKLAEAIELKLEPIAVPLHEVESFTSTMNPALASQLKRMAKDCNIPLARLTAGLLAALR
RHYEAMEVAPAPVNPETGIPGQSEVREVLLPLLEQSASAIEKGKIVFAEAATGTGKGRMIASLAANAAAKGDTVVISAPL
AVTWQLIDALKGIREAQVAGITLSLGRPNFVSPDRVLEWAVDNERVELAAWVEQGGKPLSERTKGASEVIEHELCWMLED
ALVLAEDLPIDAIMLSPDDDDDCPAQRLYKSMRNNHSEAGIVLCSHYMLAAHVRFMQLRGLAGEDDPAEPAQSFSLPQAI
DTLIVDEAHLLEQAFAAIYSHTLRLRPLVRAIESHVGRGKTPVVNALNALAQQITRTVQQGKDGGARVCQLDEVPSLEPA
LRDALTALESISVKSLDGGAKAVIRVAIRAIKDALSGRSRLRMELTPVRHFPMLVSGRANLQKALLSLWDSVAGAALVSA
TIYASDDHAVLTRWKLEVPPARAIYLPPVHPAWTTEPVVLHPDRNAIEPNDSPEWADETAGLITKVAERAAGGTLVLCTS
YQNAELLQGRLLAVLGERLIVQTKVSSASMCVAQYKALYRAGARPVWLGVGAAWTGIDLSDEQATDPADDAMLSDLVITR
LPVGLNRSLTHERRVAIAGFKIVTLEAVWQLRQGLGRLVRRPGVKNKNLWVLDSRIGGNTPWVAPYRKLLSRYRTAPL
;
K
8 'polypeptide(L)'
;MFVTQVIFNMGERAYPDRARAMVAELMDGVQPGLVATLMNYIPGTSTSRTEFPTVQFGGASDGFCLLGFGDGGGAIVRDA
VPLIHAALARRMPDRIIQVEHKEHSLSAEARPYVLSYTVPRMVVQKKQRHAERLLHEAEGKAHLEGLFLRSLQRQAAAVG
LPLPENLEVEFKGAVGNFAAKHNPNSKVAYRGLRGAVFDVNARLGGIWTAGFMLSKGYGQFNATHQLSGAVNALSE
;
M
#
loop_
_chem_comp.id
_chem_comp.type
_chem_comp.name
_chem_comp.formula
A RNA linking ADENOSINE-5'-MONOPHOSPHATE 'C10 H14 N5 O7 P'
C RNA linking CYTIDINE-5'-MONOPHOSPHATE 'C9 H14 N3 O8 P'
DA DNA linking 2'-DEOXYADENOSINE-5'-MONOPHOSPHATE 'C10 H14 N5 O6 P'
DC DNA linking 2'-DEOXYCYTIDINE-5'-MONOPHOSPHATE 'C9 H14 N3 O7 P'
DG DNA linking 2'-DEOXYGUANOSINE-5'-MONOPHOSPHATE 'C10 H14 N5 O7 P'
DT DNA linking THYMIDINE-5'-MONOPHOSPHATE 'C10 H15 N2 O8 P'
G RNA linking GUANOSINE-5'-MONOPHOSPHATE 'C10 H14 N5 O8 P'
U RNA linking URIDINE-5'-MONOPHOSPHATE 'C9 H13 N2 O9 P'
ZN non-polymer 'ZINC ION' 'Zn 2'
#
# COMPACT_ATOMS: atom_id res chain seq x y z
N MET A 1 -45.57 -15.91 12.26
CA MET A 1 -44.96 -14.59 12.33
C MET A 1 -43.44 -14.69 12.13
N GLN A 2 -42.94 -14.05 11.09
CA GLN A 2 -41.53 -14.10 10.73
C GLN A 2 -40.81 -12.90 11.31
N ILE A 3 -39.69 -13.15 11.99
CA ILE A 3 -38.83 -12.09 12.52
C ILE A 3 -37.47 -12.23 11.87
N GLU A 4 -37.01 -11.17 11.21
CA GLU A 4 -35.72 -11.14 10.53
C GLU A 4 -34.85 -10.11 11.24
N VAL A 5 -33.80 -10.58 11.91
CA VAL A 5 -32.90 -9.72 12.67
C VAL A 5 -31.55 -9.70 11.97
N LEU A 6 -31.10 -8.51 11.60
CA LEU A 6 -29.81 -8.31 10.96
C LEU A 6 -28.78 -7.97 12.03
N ILE A 7 -27.81 -8.84 12.24
CA ILE A 7 -26.86 -8.73 13.33
C ILE A 7 -25.46 -8.54 12.77
N ARG A 8 -24.79 -7.47 13.19
CA ARG A 8 -23.38 -7.26 12.90
C ARG A 8 -22.61 -7.36 14.21
N ASN A 9 -21.61 -8.24 14.23
CA ASN A 9 -20.84 -8.48 15.44
C ASN A 9 -19.69 -7.48 15.53
N ILE A 10 -19.66 -6.72 16.62
CA ILE A 10 -18.55 -5.79 16.83
C ILE A 10 -17.26 -6.56 17.10
N THR A 11 -17.34 -7.56 17.95
CA THR A 11 -16.20 -8.41 18.29
C THR A 11 -16.36 -9.78 17.63
N PRO A 12 -15.27 -10.52 17.46
CA PRO A 12 -15.37 -11.85 16.84
C PRO A 12 -16.29 -12.78 17.62
N ILE A 13 -16.99 -13.63 16.89
CA ILE A 13 -17.91 -14.62 17.46
C ILE A 13 -17.20 -15.96 17.49
N PHE A 14 -17.12 -16.56 18.67
CA PHE A 14 -16.39 -17.81 18.87
C PHE A 14 -17.34 -18.86 19.42
N SER A 15 -17.75 -19.79 18.55
CA SER A 15 -18.54 -20.95 18.94
C SER A 15 -17.64 -22.17 18.77
N ALA A 16 -17.21 -22.75 19.89
CA ALA A 16 -16.20 -23.81 19.85
C ALA A 16 -16.75 -25.04 19.17
N ALA A 17 -15.99 -25.57 18.23
CA ALA A 17 -16.36 -26.80 17.54
C ALA A 17 -15.77 -28.00 18.28
N PRO A 18 -16.55 -29.05 18.52
CA PRO A 18 -16.02 -30.22 19.22
C PRO A 18 -14.90 -30.87 18.44
N GLY A 19 -13.93 -31.41 19.17
CA GLY A 19 -12.84 -32.12 18.55
C GLY A 19 -11.47 -31.55 18.89
N SER A 20 -10.44 -32.40 18.84
CA SER A 20 -9.07 -32.00 19.11
C SER A 20 -8.37 -31.81 17.76
N TYR A 21 -8.29 -30.56 17.32
CA TYR A 21 -7.67 -30.21 16.05
C TYR A 21 -6.40 -29.43 16.29
N TYR A 22 -5.40 -29.65 15.44
CA TYR A 22 -4.07 -29.09 15.63
C TYR A 22 -3.74 -28.09 14.53
N VAL A 23 -2.78 -27.21 14.84
CA VAL A 23 -2.33 -26.18 13.90
C VAL A 23 -0.85 -25.93 14.16
N SER A 24 -0.14 -25.54 13.11
CA SER A 24 1.26 -25.17 13.21
C SER A 24 1.41 -23.67 13.35
N LEU A 25 2.64 -23.23 13.60
CA LEU A 25 2.89 -21.81 13.79
C LEU A 25 2.56 -21.00 12.54
N ASP A 26 2.91 -21.54 11.36
CA ASP A 26 2.66 -20.82 10.12
C ASP A 26 1.17 -20.67 9.83
N GLY A 27 0.32 -21.47 10.45
CA GLY A 27 -1.11 -21.40 10.24
C GLY A 27 -1.72 -22.56 9.48
N THR A 28 -1.00 -23.66 9.32
CA THR A 28 -1.52 -24.82 8.59
C THR A 28 -2.38 -25.66 9.52
N ILE A 29 -3.67 -25.78 9.18
CA ILE A 29 -4.57 -26.61 9.97
C ILE A 29 -4.19 -28.08 9.80
N ASN A 30 -4.10 -28.80 10.92
CA ASN A 30 -3.66 -30.19 10.95
C ASN A 30 -2.33 -30.34 10.22
N PRO A 31 -1.24 -29.81 10.79
CA PRO A 31 0.05 -29.94 10.13
C PRO A 31 0.52 -31.37 10.14
N PRO A 32 1.37 -31.77 9.20
CA PRO A 32 1.92 -33.13 9.22
C PRO A 32 2.86 -33.31 10.41
N GLN A 33 3.28 -34.56 10.60
CA GLN A 33 4.10 -34.92 11.75
C GLN A 33 5.46 -34.22 11.73
N GLY A 34 5.92 -33.76 10.56
CA GLY A 34 7.25 -33.17 10.48
C GLY A 34 7.41 -31.93 11.32
N ALA A 35 6.42 -31.05 11.31
CA ALA A 35 6.48 -29.79 12.03
C ALA A 35 5.76 -29.89 13.37
N SER A 36 5.98 -28.88 14.21
CA SER A 36 5.34 -28.84 15.51
C SER A 36 3.84 -28.63 15.37
N ARG A 37 3.08 -29.17 16.32
CA ARG A 37 1.64 -29.08 16.33
C ARG A 37 1.16 -28.43 17.62
N PHE A 38 0.17 -27.55 17.50
CA PHE A 38 -0.42 -26.90 18.65
C PHE A 38 -1.93 -27.09 18.63
N PRO A 39 -2.57 -27.32 19.77
CA PRO A 39 -4.01 -27.56 19.77
C PRO A 39 -4.77 -26.34 19.29
N LEU A 40 -5.88 -26.61 18.58
CA LEU A 40 -6.71 -25.56 18.01
C LEU A 40 -8.17 -25.88 18.30
N THR A 41 -8.94 -24.85 18.61
CA THR A 41 -10.38 -24.97 18.85
C THR A 41 -11.08 -24.20 17.74
N ARG A 42 -11.49 -24.91 16.70
CA ARG A 42 -12.05 -24.26 15.53
C ARG A 42 -13.46 -23.75 15.79
N ALA A 43 -13.91 -22.85 14.92
CA ALA A 43 -15.26 -22.32 15.01
C ALA A 43 -16.26 -23.34 14.48
N ARG A 44 -17.52 -23.14 14.82
CA ARG A 44 -18.57 -24.06 14.43
C ARG A 44 -18.87 -23.90 12.94
N THR A 45 -18.50 -24.89 12.15
CA THR A 45 -18.69 -24.86 10.70
C THR A 45 -19.69 -25.92 10.29
N MET A 46 -20.61 -25.54 9.41
CA MET A 46 -21.62 -26.45 8.89
C MET A 46 -21.35 -26.68 7.41
N THR A 47 -21.36 -27.94 7.00
CA THR A 47 -21.17 -28.28 5.59
C THR A 47 -22.40 -27.86 4.80
N VAL A 48 -22.22 -26.96 3.83
CA VAL A 48 -23.30 -26.50 2.98
C VAL A 48 -22.87 -26.63 1.53
N VAL A 49 -23.85 -26.79 0.66
CA VAL A 49 -23.61 -26.85 -0.79
C VAL A 49 -23.74 -25.44 -1.35
N ALA A 50 -22.81 -25.08 -2.24
CA ALA A 50 -22.83 -23.75 -2.82
C ALA A 50 -22.09 -23.77 -4.14
N GLU A 51 -22.30 -22.72 -4.93
CA GLU A 51 -21.65 -22.58 -6.24
C GLU A 51 -20.36 -21.78 -6.06
N THR A 52 -19.32 -22.49 -5.62
CA THR A 52 -18.04 -21.88 -5.33
C THR A 52 -17.11 -22.05 -6.52
N GLY A 53 -16.51 -20.94 -6.95
CA GLY A 53 -15.62 -20.98 -8.11
C GLY A 53 -16.30 -21.43 -9.39
N ASP A 54 -17.51 -20.93 -9.63
CA ASP A 54 -18.30 -21.28 -10.81
C ASP A 54 -18.56 -22.78 -10.91
N GLY A 55 -18.64 -23.46 -9.76
CA GLY A 55 -18.98 -24.86 -9.75
C GLY A 55 -20.47 -25.08 -9.62
N VAL A 56 -20.92 -26.25 -10.12
CA VAL A 56 -22.34 -26.57 -10.05
C VAL A 56 -22.79 -26.74 -8.60
N ALA A 57 -21.97 -27.42 -7.78
CA ALA A 57 -22.28 -27.60 -6.37
C ALA A 57 -21.03 -28.05 -5.60
N LYS A 58 -20.66 -27.32 -4.56
CA LYS A 58 -19.50 -27.64 -3.76
C LYS A 58 -19.89 -27.65 -2.28
N ALA A 59 -19.54 -28.73 -1.59
CA ALA A 59 -19.81 -28.86 -0.16
C ALA A 59 -18.70 -28.16 0.61
N VAL A 60 -18.87 -26.86 0.83
CA VAL A 60 -17.86 -26.06 1.52
C VAL A 60 -18.35 -25.75 2.94
N PRO A 61 -17.46 -25.75 3.93
CA PRO A 61 -17.89 -25.43 5.29
C PRO A 61 -18.20 -23.96 5.45
N LEU A 62 -19.23 -23.67 6.26
CA LEU A 62 -19.67 -22.30 6.52
C LEU A 62 -19.68 -22.06 8.02
N PRO A 63 -18.89 -21.11 8.53
CA PRO A 63 -18.87 -20.87 9.98
C PRO A 63 -20.17 -20.20 10.42
N ILE A 64 -20.92 -20.90 11.28
CA ILE A 64 -22.21 -20.44 11.76
C ILE A 64 -22.23 -20.54 13.28
N VAL A 65 -23.30 -20.00 13.86
CA VAL A 65 -23.62 -20.16 15.27
C VAL A 65 -24.79 -21.12 15.37
N PRO A 66 -24.69 -22.18 16.17
CA PRO A 66 -25.76 -23.19 16.19
C PRO A 66 -27.09 -22.58 16.63
N GLY A 67 -28.17 -23.10 16.04
CA GLY A 67 -29.49 -22.59 16.36
C GLY A 67 -29.88 -22.80 17.81
N ASN A 68 -29.44 -23.92 18.40
CA ASN A 68 -29.74 -24.16 19.81
C ASN A 68 -29.08 -23.10 20.69
N THR A 69 -27.87 -22.67 20.32
CA THR A 69 -27.22 -21.59 21.06
C THR A 69 -28.03 -20.31 20.98
N MET A 70 -28.56 -19.99 19.80
CA MET A 70 -29.38 -18.79 19.66
C MET A 70 -30.66 -18.91 20.48
N ARG A 71 -31.28 -20.09 20.47
CA ARG A 71 -32.48 -20.31 21.27
C ARG A 71 -32.22 -20.10 22.74
N ASN A 72 -31.12 -20.68 23.24
CA ASN A 72 -30.78 -20.53 24.65
C ASN A 72 -30.41 -19.10 24.98
N LEU A 73 -29.75 -18.40 24.06
CA LEU A 73 -29.44 -16.99 24.28
C LEU A 73 -30.71 -16.17 24.40
N LEU A 74 -31.69 -16.42 23.53
CA LEU A 74 -32.96 -15.70 23.61
C LEU A 74 -33.67 -16.01 24.93
N ARG A 75 -33.67 -17.28 25.35
CA ARG A 75 -34.30 -17.65 26.60
C ARG A 75 -33.64 -16.98 27.78
N ARG A 76 -32.30 -16.98 27.81
CA ARG A 76 -31.57 -16.33 28.90
C ARG A 76 -31.82 -14.83 28.91
N THR A 77 -31.89 -14.21 27.73
CA THR A 77 -32.15 -12.78 27.66
C THR A 77 -33.52 -12.46 28.23
N MET A 78 -34.55 -13.20 27.82
CA MET A 78 -35.88 -13.00 28.38
C MET A 78 -35.86 -13.16 29.89
N LEU A 79 -35.29 -14.27 30.38
CA LEU A 79 -35.29 -14.54 31.81
C LEU A 79 -34.58 -13.43 32.57
N LYS A 80 -33.35 -13.10 32.18
CA LYS A 80 -32.52 -12.17 32.92
C LYS A 80 -32.91 -10.72 32.71
N ASP A 81 -33.77 -10.40 31.76
CA ASP A 81 -34.07 -9.00 31.49
C ASP A 81 -35.52 -8.60 31.73
N VAL A 82 -36.49 -9.48 31.53
CA VAL A 82 -37.89 -9.15 31.75
C VAL A 82 -38.56 -10.10 32.73
N ILE A 83 -38.35 -11.41 32.58
CA ILE A 83 -39.09 -12.36 33.41
C ILE A 83 -38.63 -12.31 34.86
N GLU A 84 -37.31 -12.40 35.08
CA GLU A 84 -36.80 -12.41 36.46
C GLU A 84 -37.06 -11.11 37.19
N PRO A 85 -36.82 -9.91 36.62
CA PRO A 85 -37.21 -8.69 37.34
C PRO A 85 -38.69 -8.61 37.64
N ALA A 86 -39.54 -9.09 36.72
CA ALA A 86 -40.98 -9.07 36.97
C ALA A 86 -41.36 -9.97 38.12
N LEU A 87 -40.77 -11.17 38.19
CA LEU A 87 -41.07 -12.08 39.29
C LEU A 87 -40.48 -11.55 40.61
N ARG A 88 -39.32 -10.90 40.55
CA ARG A 88 -38.73 -10.33 41.76
C ARG A 88 -39.58 -9.19 42.30
N ASP A 89 -40.17 -8.40 41.40
CA ASP A 89 -41.03 -7.30 41.84
C ASP A 89 -42.20 -7.79 42.67
N LYS A 90 -42.67 -9.01 42.40
CA LYS A 90 -43.71 -9.64 43.20
C LYS A 90 -43.14 -10.48 44.33
N SER A 91 -41.82 -10.50 44.50
CA SER A 91 -41.15 -11.33 45.50
C SER A 91 -41.48 -12.79 45.31
N ALA A 92 -41.55 -13.22 44.05
CA ALA A 92 -41.85 -14.61 43.73
C ALA A 92 -40.64 -15.48 43.95
N GLN A 93 -40.89 -16.73 44.36
CA GLN A 93 -39.86 -17.72 44.57
C GLN A 93 -40.22 -19.00 43.84
N LEU A 94 -39.23 -19.59 43.19
CA LEU A 94 -39.44 -20.78 42.37
C LEU A 94 -38.73 -21.98 42.99
N SER A 95 -39.39 -23.13 42.93
CA SER A 95 -38.77 -24.36 43.37
C SER A 95 -37.72 -24.80 42.34
N ILE A 96 -37.04 -25.92 42.64
CA ILE A 96 -36.01 -26.40 41.73
C ILE A 96 -36.62 -26.90 40.43
N GLY A 97 -37.78 -27.56 40.50
CA GLY A 97 -38.41 -28.04 39.29
C GLY A 97 -38.85 -26.91 38.37
N ALA A 98 -39.52 -25.90 38.95
CA ALA A 98 -39.96 -24.77 38.16
C ALA A 98 -38.79 -24.00 37.57
N TYR A 99 -37.73 -23.80 38.35
CA TYR A 99 -36.58 -23.07 37.86
C TYR A 99 -35.86 -23.84 36.75
N ALA A 100 -35.68 -25.14 36.94
CA ALA A 100 -35.05 -25.94 35.89
C ALA A 100 -35.88 -25.90 34.61
N THR A 101 -37.20 -26.03 34.74
CA THR A 101 -38.05 -25.93 33.55
C THR A 101 -37.94 -24.56 32.90
N ALA A 102 -37.87 -23.50 33.71
CA ALA A 102 -37.86 -22.16 33.16
C ALA A 102 -36.53 -21.84 32.47
N TYR A 103 -35.43 -22.39 32.96
CA TYR A 103 -34.13 -21.98 32.45
C TYR A 103 -33.52 -22.96 31.45
N ALA A 104 -33.89 -24.24 31.49
CA ALA A 104 -33.44 -25.17 30.45
C ALA A 104 -34.53 -26.12 30.00
N GLY A 105 -35.76 -26.00 30.50
CA GLY A 105 -36.78 -26.95 30.15
C GLY A 105 -36.46 -28.37 30.58
N ASN A 106 -35.82 -28.52 31.73
CA ASN A 106 -35.40 -29.83 32.22
C ASN A 106 -36.53 -30.44 33.05
N SER A 107 -36.84 -31.70 32.75
CA SER A 107 -37.95 -32.38 33.40
C SER A 107 -37.55 -33.03 34.73
N SER A 108 -36.44 -32.59 35.32
CA SER A 108 -35.98 -33.21 36.56
C SER A 108 -36.92 -32.93 37.73
N GLY A 109 -37.73 -31.89 37.65
CA GLY A 109 -38.63 -31.57 38.74
C GLY A 109 -39.69 -32.64 38.94
N ASN A 110 -40.19 -33.21 37.85
CA ASN A 110 -41.23 -34.25 37.91
C ASN A 110 -41.03 -35.23 36.76
N PRO A 111 -39.97 -36.03 36.81
CA PRO A 111 -39.66 -36.93 35.68
C PRO A 111 -40.65 -38.07 35.51
N ASP A 112 -41.71 -38.12 36.32
CA ASP A 112 -42.71 -39.18 36.17
C ASP A 112 -43.40 -39.09 34.81
N GLY A 113 -43.67 -37.88 34.34
CA GLY A 113 -44.42 -37.68 33.12
C GLY A 113 -45.87 -37.44 33.44
N VAL A 114 -46.31 -36.19 33.35
CA VAL A 114 -47.65 -35.79 33.80
C VAL A 114 -48.55 -35.62 32.58
N PRO A 115 -49.77 -36.14 32.61
CA PRO A 115 -50.72 -35.84 31.53
C PRO A 115 -51.15 -34.40 31.57
N SER A 116 -51.52 -33.88 30.41
CA SER A 116 -51.98 -32.50 30.26
C SER A 116 -53.37 -32.50 29.66
N SER A 117 -54.33 -31.93 30.38
CA SER A 117 -55.67 -31.79 29.84
C SER A 117 -55.68 -30.72 28.75
N PHE A 118 -56.72 -30.79 27.90
CA PHE A 118 -56.80 -29.87 26.78
C PHE A 118 -56.94 -28.43 27.25
N ASP A 119 -57.74 -28.20 28.29
CA ASP A 119 -57.84 -26.86 28.86
C ASP A 119 -56.50 -26.41 29.43
N GLU A 120 -55.78 -27.31 30.09
CA GLU A 120 -54.46 -26.97 30.61
C GLU A 120 -53.50 -26.62 29.49
N ILE A 121 -53.54 -27.38 28.39
CA ILE A 121 -52.68 -27.10 27.25
C ILE A 121 -53.02 -25.74 26.67
N VAL A 122 -54.31 -25.44 26.53
CA VAL A 122 -54.72 -24.15 25.98
C VAL A 122 -54.23 -23.01 26.86
N THR A 123 -54.40 -23.14 28.17
CA THR A 123 -53.98 -22.08 29.09
C THR A 123 -52.47 -21.89 29.08
N MET A 124 -51.72 -22.99 29.10
CA MET A 124 -50.27 -22.92 29.29
C MET A 124 -49.54 -22.55 28.00
N ARG A 125 -49.95 -23.11 26.86
CA ARG A 125 -49.31 -22.73 25.61
C ARG A 125 -49.54 -21.27 25.28
N ALA A 126 -50.50 -20.63 25.94
CA ALA A 126 -50.73 -19.19 25.81
C ALA A 126 -49.89 -18.38 26.78
N HIS A 127 -49.07 -19.02 27.60
CA HIS A 127 -48.23 -18.28 28.53
C HIS A 127 -47.23 -17.42 27.76
N PRO A 128 -46.98 -16.19 28.20
CA PRO A 128 -46.10 -15.31 27.43
C PRO A 128 -44.69 -15.84 27.25
N PHE A 129 -44.15 -16.58 28.22
CA PHE A 129 -42.79 -17.09 28.14
C PHE A 129 -42.74 -18.60 28.00
N LEU A 130 -43.35 -19.35 28.91
CA LEU A 130 -43.27 -20.80 28.88
C LEU A 130 -43.91 -21.40 27.65
N GLY A 131 -44.88 -20.70 27.03
CA GLY A 131 -45.44 -21.20 25.80
C GLY A 131 -44.45 -21.20 24.66
N LEU A 132 -43.63 -20.16 24.56
CA LEU A 132 -42.63 -20.09 23.49
C LEU A 132 -41.62 -21.22 23.62
N PHE A 133 -41.14 -21.48 24.83
CA PHE A 133 -40.15 -22.51 25.10
C PHE A 133 -40.85 -23.64 25.84
N GLY A 134 -41.35 -24.62 25.10
CA GLY A 134 -41.95 -25.78 25.72
C GLY A 134 -40.91 -26.58 26.50
N GLY A 135 -41.41 -27.46 27.34
CA GLY A 135 -40.53 -28.32 28.12
C GLY A 135 -41.14 -28.61 29.47
N GLY A 136 -40.26 -28.98 30.40
CA GLY A 136 -40.66 -29.39 31.72
C GLY A 136 -41.13 -30.84 31.70
N PRO A 137 -41.68 -31.31 32.83
CA PRO A 137 -42.25 -32.66 32.84
C PRO A 137 -43.35 -32.85 31.82
N ARG A 138 -44.21 -31.83 31.64
CA ARG A 138 -45.23 -31.89 30.61
C ARG A 138 -44.60 -32.00 29.23
N MET A 139 -43.63 -31.13 28.95
CA MET A 139 -42.82 -31.19 27.73
C MET A 139 -43.71 -31.01 26.50
N LEU A 140 -44.21 -29.78 26.35
CA LEU A 140 -45.06 -29.43 25.23
C LEU A 140 -44.23 -29.16 23.98
N GLN A 141 -44.90 -28.69 22.94
CA GLN A 141 -44.25 -28.23 21.72
C GLN A 141 -44.21 -26.71 21.76
N GLY A 142 -43.02 -26.15 21.81
CA GLY A 142 -42.89 -24.70 21.87
C GLY A 142 -43.33 -24.03 20.59
N ARG A 143 -43.81 -22.80 20.72
CA ARG A 143 -44.24 -22.03 19.56
C ARG A 143 -43.09 -21.30 18.87
N LEU A 144 -41.88 -21.41 19.39
CA LEU A 144 -40.73 -20.68 18.86
C LEU A 144 -39.88 -21.61 18.01
N MET A 145 -39.52 -21.15 16.81
CA MET A 145 -38.66 -21.90 15.89
C MET A 145 -37.60 -20.94 15.37
N VAL A 146 -36.46 -20.88 16.06
CA VAL A 146 -35.39 -19.95 15.76
C VAL A 146 -34.35 -20.65 14.90
N ASP A 147 -33.91 -19.98 13.84
CA ASP A 147 -32.91 -20.53 12.95
C ASP A 147 -31.51 -20.21 13.44
N SER A 148 -30.53 -20.89 12.87
CA SER A 148 -29.15 -20.64 13.20
C SER A 148 -28.71 -19.27 12.69
N LEU A 149 -27.60 -18.78 13.23
CA LEU A 149 -27.07 -17.48 12.84
C LEU A 149 -26.16 -17.66 11.64
N TYR A 150 -26.77 -17.71 10.47
CA TYR A 150 -25.99 -17.87 9.24
C TYR A 150 -25.36 -16.54 8.85
N PRO A 151 -24.05 -16.49 8.63
CA PRO A 151 -23.44 -15.24 8.16
C PRO A 151 -23.88 -14.92 6.74
N ILE A 152 -23.87 -13.63 6.43
CA ILE A 152 -24.18 -13.20 5.07
C ILE A 152 -22.92 -13.36 4.23
N HIS A 153 -22.79 -14.52 3.61
CA HIS A 153 -21.59 -14.90 2.88
C HIS A 153 -21.98 -15.39 1.50
N GLN A 154 -20.98 -15.57 0.64
CA GLN A 154 -21.25 -16.07 -0.70
C GLN A 154 -21.84 -17.47 -0.66
N PHE A 155 -21.36 -18.30 0.25
CA PHE A 155 -21.81 -19.69 0.34
C PHE A 155 -23.19 -19.82 0.98
N SER A 156 -23.69 -18.78 1.64
CA SER A 156 -24.97 -18.84 2.31
C SER A 156 -26.09 -18.20 1.50
N GLN A 157 -25.90 -18.04 0.19
CA GLN A 157 -26.93 -17.44 -0.65
C GLN A 157 -28.17 -18.32 -0.72
N ARG A 158 -27.99 -19.64 -0.79
CA ARG A 158 -29.13 -20.54 -0.89
C ARG A 158 -29.76 -20.84 0.46
N ILE A 159 -29.22 -20.32 1.56
CA ILE A 159 -29.81 -20.45 2.88
C ILE A 159 -30.42 -19.13 3.35
N ILE A 160 -29.73 -18.03 3.12
CA ILE A 160 -30.25 -16.72 3.50
C ILE A 160 -31.16 -16.17 2.42
N GLY A 161 -30.75 -16.25 1.18
CA GLY A 161 -31.45 -15.62 0.08
C GLY A 161 -30.63 -14.47 -0.49
N SER A 162 -31.21 -13.82 -1.48
CA SER A 162 -30.56 -12.71 -2.17
C SER A 162 -31.03 -11.35 -1.71
N ASP A 163 -31.82 -11.29 -0.63
CA ASP A 163 -32.34 -10.01 -0.17
C ASP A 163 -31.26 -9.12 0.39
N TYR A 164 -30.20 -9.70 0.95
CA TYR A 164 -29.12 -8.97 1.59
C TYR A 164 -27.79 -9.23 0.87
N ILE A 165 -27.82 -9.21 -0.46
CA ILE A 165 -26.61 -9.47 -1.24
C ILE A 165 -25.59 -8.36 -1.04
N ASN A 166 -26.04 -7.14 -0.75
CA ASN A 166 -25.13 -6.01 -0.65
C ASN A 166 -24.12 -6.15 0.48
N ASP A 167 -24.43 -6.95 1.50
CA ASP A 167 -23.58 -7.06 2.67
C ASP A 167 -22.76 -8.35 2.68
N SER A 168 -22.75 -9.10 1.58
CA SER A 168 -22.06 -10.39 1.56
C SER A 168 -20.55 -10.19 1.55
N ILE A 169 -19.85 -11.22 2.02
CA ILE A 169 -18.39 -11.25 2.06
C ILE A 169 -17.93 -12.38 1.17
N LYS A 170 -16.98 -12.09 0.28
CA LYS A 170 -16.55 -13.09 -0.70
C LYS A 170 -15.56 -14.08 -0.09
N GLY A 171 -14.50 -13.57 0.52
CA GLY A 171 -13.43 -14.42 1.02
C GLY A 171 -13.78 -15.08 2.34
N GLY A 172 -12.80 -15.81 2.87
CA GLY A 172 -12.98 -16.45 4.15
C GLY A 172 -13.12 -15.44 5.27
N ILE A 173 -13.80 -15.84 6.34
CA ILE A 173 -14.09 -14.97 7.46
C ILE A 173 -13.60 -15.56 8.78
N THR A 174 -12.67 -16.49 8.72
CA THR A 174 -12.13 -17.14 9.91
C THR A 174 -10.68 -16.71 10.12
N GLU A 175 -10.32 -16.49 11.37
CA GLU A 175 -8.97 -16.07 11.73
C GLU A 175 -8.54 -16.83 12.98
N ILE A 176 -7.23 -17.04 13.09
CA ILE A 176 -6.66 -17.82 14.19
C ILE A 176 -6.04 -16.85 15.19
N VAL A 177 -6.50 -16.91 16.43
CA VAL A 177 -5.95 -16.11 17.53
C VAL A 177 -5.20 -17.04 18.45
N TRP A 178 -3.94 -16.70 18.74
CA TRP A 178 -3.07 -17.53 19.54
C TRP A 178 -3.10 -17.05 21.00
N THR A 179 -3.25 -18.00 21.92
CA THR A 179 -3.24 -17.73 23.35
C THR A 179 -1.97 -18.32 23.96
N ARG A 180 -1.67 -17.87 25.18
CA ARG A 180 -0.49 -18.34 25.89
C ARG A 180 -0.72 -18.17 27.38
N ARG A 181 -0.23 -19.13 28.16
CA ARG A 181 -0.28 -19.06 29.62
C ARG A 181 1.14 -19.18 30.16
N ASN A 182 1.51 -18.26 31.04
CA ASN A 182 2.87 -18.19 31.57
C ASN A 182 2.88 -18.54 33.05
N ASP A 183 3.93 -19.21 33.49
CA ASP A 183 4.09 -19.52 34.90
C ASP A 183 4.49 -18.25 35.64
N PRO A 184 3.67 -17.76 36.58
CA PRO A 184 4.02 -16.51 37.27
C PRO A 184 5.28 -16.61 38.11
N ILE A 185 5.68 -17.80 38.54
CA ILE A 185 6.85 -17.93 39.40
C ILE A 185 8.12 -17.59 38.64
N LEU A 186 8.19 -17.97 37.37
CA LEU A 186 9.36 -17.68 36.55
C LEU A 186 9.52 -16.19 36.25
N GLN A 187 8.48 -15.40 36.47
CA GLN A 187 8.54 -13.97 36.21
C GLN A 187 8.90 -13.15 37.44
N LEU A 188 9.16 -13.79 38.57
CA LEU A 188 9.65 -13.08 39.74
C LEU A 188 11.08 -12.58 39.50
N GLY A 189 11.37 -11.38 39.98
CA GLY A 189 12.66 -10.79 39.69
C GLY A 189 13.39 -10.19 40.87
N SER A 190 12.75 -10.12 42.03
CA SER A 190 13.35 -9.49 43.20
C SER A 190 12.68 -10.05 44.44
N PRO A 191 13.34 -9.96 45.60
CA PRO A 191 12.68 -10.39 46.84
C PRO A 191 11.43 -9.60 47.16
N ASP A 192 11.31 -8.37 46.68
CA ASP A 192 10.09 -7.60 46.89
C ASP A 192 8.90 -8.28 46.21
N ASP A 193 9.14 -8.85 45.02
CA ASP A 193 8.07 -9.60 44.35
C ASP A 193 7.68 -10.84 45.14
N ALA A 194 8.66 -11.52 45.73
CA ALA A 194 8.41 -12.74 46.48
C ALA A 194 8.02 -12.49 47.92
N ALA A 195 7.89 -11.23 48.33
CA ALA A 195 7.51 -10.91 49.71
C ALA A 195 6.13 -11.46 50.03
N VAL A 196 5.18 -11.34 49.11
CA VAL A 196 3.82 -11.76 49.39
C VAL A 196 3.73 -13.29 49.53
N ILE A 197 4.61 -14.02 48.86
CA ILE A 197 4.61 -15.48 48.96
C ILE A 197 5.09 -15.88 50.34
N GLU A 198 4.36 -16.80 50.97
CA GLU A 198 4.68 -17.20 52.35
C GLU A 198 6.06 -17.84 52.44
N GLY A 199 6.40 -18.68 51.47
CA GLY A 199 7.71 -19.31 51.49
C GLY A 199 8.85 -18.42 51.05
N GLY A 200 8.54 -17.25 50.50
CA GLY A 200 9.58 -16.34 50.04
C GLY A 200 10.40 -16.97 48.93
N ALA A 201 11.72 -16.81 49.02
CA ALA A 201 12.61 -17.33 47.99
C ALA A 201 12.63 -18.85 47.98
N GLN A 202 12.48 -19.49 49.14
CA GLN A 202 12.56 -20.95 49.20
C GLN A 202 11.42 -21.60 48.43
N ALA A 203 10.21 -21.07 48.56
CA ALA A 203 9.08 -21.65 47.84
C ALA A 203 9.27 -21.52 46.34
N ALA A 204 9.72 -20.35 45.88
CA ALA A 204 9.95 -20.16 44.45
C ALA A 204 11.06 -21.07 43.94
N ASN A 205 12.13 -21.23 44.74
CA ASN A 205 13.20 -22.14 44.35
C ASN A 205 12.69 -23.57 44.21
N ASP A 206 11.88 -24.02 45.17
CA ASP A 206 11.34 -25.38 45.09
C ASP A 206 10.41 -25.52 43.90
N TRP A 207 9.59 -24.49 43.62
CA TRP A 207 8.71 -24.53 42.47
C TRP A 207 9.50 -24.65 41.17
N ILE A 208 10.56 -23.85 41.03
CA ILE A 208 11.35 -23.88 39.81
C ILE A 208 12.10 -25.20 39.67
N THR A 209 12.61 -25.73 40.79
CA THR A 209 13.29 -27.01 40.73
C THR A 209 12.34 -28.14 40.32
N SER A 210 11.12 -28.12 40.87
CA SER A 210 10.13 -29.12 40.49
C SER A 210 9.77 -28.99 39.01
N LEU A 211 9.62 -27.75 38.53
CA LEU A 211 9.33 -27.54 37.12
C LEU A 211 10.44 -28.07 36.24
N LEU A 212 11.70 -27.79 36.60
CA LEU A 212 12.83 -28.26 35.80
C LEU A 212 12.90 -29.78 35.80
N ALA A 213 12.72 -30.41 36.96
CA ALA A 213 12.76 -31.87 37.03
C ALA A 213 11.65 -32.49 36.21
N THR A 214 10.44 -31.93 36.30
CA THR A 214 9.32 -32.46 35.52
C THR A 214 9.58 -32.30 34.03
N THR A 215 10.10 -31.15 33.61
CA THR A 215 10.40 -30.94 32.20
C THR A 215 11.46 -31.92 31.71
N LYS A 216 12.51 -32.14 32.51
CA LYS A 216 13.55 -33.08 32.11
C LYS A 216 12.99 -34.50 32.00
N ALA A 217 12.16 -34.90 32.95
CA ALA A 217 11.56 -36.23 32.90
C ALA A 217 10.66 -36.39 31.68
N LYS A 218 9.88 -35.35 31.36
CA LYS A 218 9.01 -35.41 30.19
C LYS A 218 9.82 -35.48 28.89
N LYS A 219 10.92 -34.72 28.82
CA LYS A 219 11.78 -34.79 27.64
C LYS A 219 12.40 -36.18 27.51
N GLY A 220 12.82 -36.77 28.62
CA GLY A 220 13.40 -38.11 28.56
C GLY A 220 12.42 -39.14 28.07
N LYS A 221 11.17 -39.04 28.49
CA LYS A 221 10.13 -39.98 28.07
C LYS A 221 9.06 -39.27 27.25
N GLY A 237 1.54 -34.97 35.98
CA GLY A 237 1.84 -33.61 36.39
C GLY A 237 2.13 -32.69 35.22
N ARG A 238 1.30 -31.66 35.06
CA ARG A 238 1.44 -30.70 33.98
C ARG A 238 1.63 -29.30 34.56
N GLY A 239 2.62 -28.57 34.01
CA GLY A 239 2.87 -27.22 34.46
C GLY A 239 1.89 -26.22 33.88
N LEU A 240 2.01 -24.98 34.36
CA LEU A 240 1.10 -23.93 33.92
C LEU A 240 1.36 -23.52 32.48
N LYS A 241 2.62 -23.52 32.06
CA LYS A 241 2.98 -22.97 30.75
C LYS A 241 2.27 -23.72 29.64
N ALA A 242 1.62 -22.97 28.74
CA ALA A 242 0.86 -23.56 27.65
C ALA A 242 0.76 -22.57 26.52
N PHE A 243 0.88 -23.06 25.28
CA PHE A 243 0.75 -22.26 24.09
C PHE A 243 -0.18 -22.97 23.12
N ASN A 244 -1.16 -22.24 22.60
CA ASN A 244 -2.19 -22.82 21.74
C ASN A 244 -2.96 -21.67 21.08
N ALA A 245 -3.88 -22.04 20.20
CA ALA A 245 -4.67 -21.06 19.46
C ALA A 245 -6.10 -21.55 19.32
N HIS A 246 -7.00 -20.61 19.07
CA HIS A 246 -8.40 -20.91 18.82
C HIS A 246 -8.88 -20.09 17.63
N GLU A 247 -9.68 -20.71 16.77
CA GLU A 247 -10.16 -20.08 15.54
C GLU A 247 -11.48 -19.38 15.80
N VAL A 248 -11.58 -18.13 15.33
CA VAL A 248 -12.78 -17.33 15.50
C VAL A 248 -13.18 -16.72 14.17
N VAL A 249 -14.45 -16.33 14.08
CA VAL A 249 -14.96 -15.63 12.90
C VAL A 249 -14.59 -14.15 13.02
N ILE A 250 -14.05 -13.58 11.94
CA ILE A 250 -13.54 -12.22 12.00
C ILE A 250 -14.67 -11.24 12.33
N ALA A 251 -14.31 -10.15 12.99
CA ALA A 251 -15.28 -9.16 13.41
C ALA A 251 -15.74 -8.31 12.24
N GLY A 252 -16.96 -7.80 12.35
CA GLY A 252 -17.55 -6.93 11.35
C GLY A 252 -18.43 -7.62 10.33
N VAL A 253 -18.44 -8.96 10.30
CA VAL A 253 -19.27 -9.67 9.35
C VAL A 253 -20.73 -9.59 9.77
N LYS A 254 -21.61 -9.36 8.81
CA LYS A 254 -23.04 -9.28 9.09
C LYS A 254 -23.64 -10.68 9.15
N TRP A 255 -24.62 -10.83 10.04
CA TRP A 255 -25.34 -12.09 10.22
C TRP A 255 -26.83 -11.83 10.12
N LEU A 256 -27.57 -12.84 9.68
CA LEU A 256 -29.02 -12.78 9.62
C LEU A 256 -29.61 -13.85 10.51
N TRP A 257 -30.50 -13.45 11.41
CA TRP A 257 -31.19 -14.34 12.33
C TRP A 257 -32.66 -14.37 11.97
N ARG A 258 -33.19 -15.56 11.72
CA ARG A 258 -34.58 -15.73 11.34
C ARG A 258 -35.33 -16.41 12.48
N ILE A 259 -36.38 -15.75 12.97
CA ILE A 259 -37.19 -16.26 14.06
C ILE A 259 -38.63 -16.35 13.59
N ASN A 260 -39.26 -17.49 13.82
CA ASN A 260 -40.67 -17.68 13.51
C ASN A 260 -41.38 -18.14 14.76
N VAL A 261 -42.53 -17.54 15.05
CA VAL A 261 -43.38 -17.98 16.16
C VAL A 261 -44.66 -18.54 15.57
N ASP A 262 -44.98 -19.78 15.90
CA ASP A 262 -46.16 -20.44 15.36
C ASP A 262 -47.36 -20.09 16.21
N ARG A 263 -48.38 -19.50 15.57
CA ARG A 263 -49.60 -19.06 16.24
C ARG A 263 -49.30 -18.24 17.50
N PRO A 264 -48.64 -17.09 17.34
CA PRO A 264 -48.27 -16.31 18.52
C PRO A 264 -49.42 -15.46 19.03
N SER A 265 -49.51 -15.35 20.35
CA SER A 265 -50.40 -14.37 20.95
C SER A 265 -49.71 -13.02 21.01
N GLU A 266 -50.46 -12.01 21.42
CA GLU A 266 -49.88 -10.67 21.55
C GLU A 266 -48.78 -10.65 22.61
N SER A 267 -49.00 -11.36 23.72
CA SER A 267 -48.02 -11.37 24.80
C SER A 267 -46.70 -11.99 24.34
N GLN A 268 -46.78 -13.09 23.60
CA GLN A 268 -45.55 -13.76 23.16
C GLN A 268 -44.74 -12.88 22.20
N ILE A 269 -45.42 -12.21 21.27
CA ILE A 269 -44.72 -11.31 20.36
C ILE A 269 -44.13 -10.13 21.11
N GLY A 270 -44.87 -9.61 22.09
CA GLY A 270 -44.31 -8.54 22.90
C GLY A 270 -43.07 -8.97 23.66
N LEU A 271 -43.08 -10.19 24.19
CA LEU A 271 -41.90 -10.71 24.87
C LEU A 271 -40.72 -10.87 23.92
N ILE A 272 -40.99 -11.35 22.71
CA ILE A 272 -39.91 -11.49 21.72
C ILE A 272 -39.33 -10.12 21.39
N LEU A 273 -40.19 -9.12 21.23
CA LEU A 273 -39.71 -7.77 20.93
C LEU A 273 -38.90 -7.21 22.09
N LEU A 274 -39.33 -7.46 23.33
CA LEU A 274 -38.56 -6.99 24.49
C LEU A 274 -37.19 -7.66 24.54
N ALA A 275 -37.15 -8.97 24.28
CA ALA A 275 -35.87 -9.67 24.25
C ALA A 275 -34.96 -9.12 23.17
N LEU A 276 -35.51 -8.81 22.00
CA LEU A 276 -34.71 -8.21 20.94
C LEU A 276 -34.22 -6.83 21.33
N ASN A 277 -35.02 -6.08 22.08
CA ASN A 277 -34.57 -4.80 22.61
C ASN A 277 -33.37 -4.99 23.54
N LYS A 278 -33.44 -5.98 24.42
CA LYS A 278 -32.39 -6.21 25.40
C LYS A 278 -31.34 -7.21 24.92
N LEU A 279 -31.42 -7.67 23.68
CA LEU A 279 -30.49 -8.71 23.22
C LEU A 279 -29.08 -8.17 23.04
N ALA A 280 -28.94 -6.87 22.77
CA ALA A 280 -27.61 -6.32 22.50
C ALA A 280 -26.71 -6.38 23.72
N ASN A 281 -27.29 -6.37 24.92
CA ASN A 281 -26.47 -6.41 26.13
C ASN A 281 -25.85 -7.78 26.37
N GLN A 282 -26.38 -8.83 25.75
CA GLN A 282 -25.85 -10.18 25.92
C GLN A 282 -24.78 -10.48 24.89
N ARG A 283 -24.14 -11.64 25.05
CA ARG A 283 -23.08 -12.10 24.16
C ARG A 283 -23.60 -13.25 23.32
N ILE A 284 -22.89 -13.54 22.23
CA ILE A 284 -23.22 -14.63 21.34
C ILE A 284 -22.16 -15.70 21.47
N ALA A 285 -22.59 -16.94 21.65
CA ALA A 285 -21.73 -18.13 21.73
C ALA A 285 -20.75 -17.92 22.90
N GLY A 286 -19.47 -18.26 22.72
CA GLY A 286 -18.53 -18.22 23.83
C GLY A 286 -17.53 -17.10 23.72
N GLY A 287 -16.51 -17.13 24.57
CA GLY A 287 -15.51 -16.10 24.60
C GLY A 287 -15.74 -15.02 25.62
N HIS A 288 -16.32 -15.35 26.78
CA HIS A 288 -16.63 -14.34 27.79
C HIS A 288 -15.36 -13.65 28.27
N ALA A 289 -14.28 -14.41 28.44
CA ALA A 289 -13.03 -13.83 28.93
C ALA A 289 -12.49 -12.79 27.96
N LYS A 290 -12.50 -13.09 26.66
CA LYS A 290 -11.97 -12.20 25.66
C LYS A 290 -13.02 -11.26 25.06
N ASP A 291 -14.20 -11.18 25.67
CA ASP A 291 -15.29 -10.32 25.20
C ASP A 291 -15.66 -10.64 23.76
N TYR A 292 -15.72 -11.93 23.44
CA TYR A 292 -16.17 -12.36 22.13
C TYR A 292 -17.69 -12.35 22.04
N GLY A 293 -18.18 -12.23 20.81
CA GLY A 293 -19.60 -12.33 20.55
C GLY A 293 -20.39 -11.04 20.68
N ARG A 294 -19.75 -9.93 21.04
CA ARG A 294 -20.46 -8.66 21.14
C ARG A 294 -21.00 -8.27 19.77
N PHE A 295 -22.25 -7.81 19.75
CA PHE A 295 -22.94 -7.53 18.50
C PHE A 295 -23.92 -6.39 18.70
N VAL A 296 -24.32 -5.77 17.60
CA VAL A 296 -25.30 -4.69 17.60
C VAL A 296 -26.37 -5.02 16.56
N ILE A 297 -27.63 -4.87 16.96
CA ILE A 297 -28.74 -5.13 16.05
C ILE A 297 -28.81 -4.00 15.03
N GLU A 298 -28.91 -4.36 13.76
CA GLU A 298 -28.99 -3.38 12.68
C GLU A 298 -30.39 -3.18 12.14
N ASP A 299 -31.18 -4.25 12.04
CA ASP A 299 -32.54 -4.14 11.52
C ASP A 299 -33.35 -5.34 11.98
N VAL A 300 -34.59 -5.09 12.40
CA VAL A 300 -35.54 -6.12 12.77
C VAL A 300 -36.75 -5.99 11.86
N ILE A 301 -37.13 -7.10 11.22
CA ILE A 301 -38.20 -7.09 10.24
C ILE A 301 -39.33 -8.00 10.75
N LEU A 302 -40.53 -7.44 10.81
CA LEU A 302 -41.72 -8.16 11.25
C LEU A 302 -42.66 -8.33 10.07
N ASP A 303 -42.77 -9.57 9.57
CA ASP A 303 -43.65 -9.90 8.45
C ASP A 303 -43.38 -8.99 7.25
N GLY A 304 -42.11 -8.77 6.94
CA GLY A 304 -41.73 -7.94 5.82
C GLY A 304 -41.75 -6.45 6.09
N GLU A 305 -42.03 -6.04 7.32
CA GLU A 305 -42.09 -4.62 7.68
C GLU A 305 -40.96 -4.31 8.65
N SER A 306 -40.14 -3.33 8.30
CA SER A 306 -39.03 -2.94 9.16
C SER A 306 -39.53 -2.22 10.39
N VAL A 307 -39.04 -2.61 11.56
CA VAL A 307 -39.49 -2.04 12.82
C VAL A 307 -38.36 -1.46 13.64
N TRP A 308 -37.10 -1.70 13.27
CA TRP A 308 -35.97 -1.30 14.10
C TRP A 308 -35.74 0.20 13.97
N THR A 309 -36.10 0.95 15.01
CA THR A 309 -35.75 2.35 15.13
C THR A 309 -34.40 2.49 15.83
N PRO A 310 -33.75 3.64 15.70
CA PRO A 310 -32.46 3.83 16.40
C PRO A 310 -32.57 3.68 17.91
N SER A 311 -33.76 3.86 18.49
CA SER A 311 -33.98 3.67 19.92
C SER A 311 -34.54 2.30 20.24
N GLY A 312 -34.14 1.27 19.48
CA GLY A 312 -34.66 -0.06 19.67
C GLY A 312 -35.93 -0.31 18.89
N VAL A 313 -36.53 -1.47 19.14
CA VAL A 313 -37.76 -1.84 18.47
C VAL A 313 -38.88 -0.94 18.98
N SER A 314 -39.47 -0.15 18.08
CA SER A 314 -40.53 0.77 18.43
C SER A 314 -41.34 1.07 17.18
N GLY A 315 -42.39 1.87 17.35
CA GLY A 315 -43.25 2.22 16.24
C GLY A 315 -44.72 2.11 16.59
N GLN A 316 -45.58 2.65 15.73
CA GLN A 316 -47.01 2.60 15.98
C GLN A 316 -47.61 1.22 15.73
N ALA A 317 -46.90 0.34 15.03
CA ALA A 317 -47.42 -0.98 14.71
C ALA A 317 -47.04 -2.04 15.73
N THR A 318 -46.31 -1.68 16.79
CA THR A 318 -45.91 -2.63 17.81
C THR A 318 -46.31 -2.20 19.22
N GLU A 319 -47.09 -1.12 19.35
CA GLU A 319 -47.53 -0.69 20.68
C GLU A 319 -48.46 -1.73 21.30
N GLN A 320 -49.27 -2.40 20.49
CA GLN A 320 -50.18 -3.41 21.03
C GLN A 320 -49.41 -4.56 21.65
N PHE A 321 -48.34 -5.01 21.01
CA PHE A 321 -47.52 -6.09 21.57
C PHE A 321 -46.88 -5.66 22.89
N PHE A 322 -46.33 -4.44 22.93
CA PHE A 322 -45.70 -3.97 24.16
C PHE A 322 -46.73 -3.79 25.27
N ASP A 323 -47.91 -3.28 24.94
CA ASP A 323 -48.96 -3.15 25.95
C ASP A 323 -49.39 -4.50 26.48
N ALA A 324 -49.56 -5.49 25.58
CA ALA A 324 -49.96 -6.81 26.01
C ALA A 324 -48.92 -7.45 26.91
N ILE A 325 -47.64 -7.34 26.53
CA ILE A 325 -46.61 -7.96 27.36
C ILE A 325 -46.43 -7.23 28.68
N ALA A 326 -46.62 -5.91 28.70
CA ALA A 326 -46.58 -5.19 29.98
C ALA A 326 -47.71 -5.63 30.88
N GLU A 327 -48.91 -5.79 30.32
CA GLU A 327 -50.03 -6.28 31.11
C GLU A 327 -49.77 -7.68 31.64
N ALA A 328 -49.17 -8.55 30.80
CA ALA A 328 -48.85 -9.89 31.25
C ALA A 328 -47.82 -9.86 32.38
N LEU A 329 -46.81 -9.01 32.26
CA LEU A 329 -45.81 -8.90 33.31
C LEU A 329 -46.41 -8.37 34.61
N ASP A 330 -47.41 -7.49 34.49
CA ASP A 330 -48.05 -6.94 35.68
C ASP A 330 -48.73 -8.04 36.51
N GLY A 331 -49.39 -8.98 35.85
CA GLY A 331 -50.12 -10.04 36.52
C GLY A 331 -49.45 -11.38 36.58
N MET A 332 -48.19 -11.48 36.20
CA MET A 332 -47.48 -12.76 36.20
C MET A 332 -47.10 -13.17 37.62
N THR A 333 -47.25 -14.45 37.93
CA THR A 333 -46.94 -14.98 39.25
C THR A 333 -46.20 -16.29 39.11
N SER A 334 -45.48 -16.66 40.18
CA SER A 334 -44.74 -17.91 40.18
C SER A 334 -45.64 -19.13 40.16
N SER A 335 -46.91 -18.98 40.55
CA SER A 335 -47.84 -20.10 40.54
C SER A 335 -48.01 -20.65 39.14
N GLU A 336 -48.00 -19.77 38.13
CA GLU A 336 -48.09 -20.24 36.74
C GLU A 336 -46.89 -21.11 36.38
N PHE A 337 -45.68 -20.69 36.79
CA PHE A 337 -44.50 -21.50 36.53
C PHE A 337 -44.59 -22.84 37.25
N GLU A 338 -45.08 -22.84 38.50
CA GLU A 338 -45.22 -24.09 39.24
C GLU A 338 -46.21 -25.03 38.56
N GLN A 339 -47.33 -24.49 38.09
CA GLN A 339 -48.32 -25.31 37.40
C GLN A 339 -47.77 -25.87 36.09
N PHE A 340 -47.01 -25.05 35.35
CA PHE A 340 -46.39 -25.53 34.13
C PHE A 340 -45.39 -26.63 34.41
N ALA A 341 -44.63 -26.49 35.50
CA ALA A 341 -43.63 -27.49 35.86
C ALA A 341 -44.19 -28.63 36.69
N ALA A 342 -45.50 -28.64 36.93
CA ALA A 342 -46.16 -29.69 37.70
C ALA A 342 -45.52 -29.86 39.08
N SER A 343 -45.19 -28.74 39.72
CA SER A 343 -44.56 -28.77 41.03
C SER A 343 -45.55 -28.39 42.11
N MET B 1 -21.91 -3.16 32.47
CA MET B 1 -21.23 -1.88 32.59
C MET B 1 -20.10 -1.79 31.57
N GLN B 2 -20.11 -0.73 30.77
CA GLN B 2 -19.17 -0.56 29.67
C GLN B 2 -18.13 0.49 30.02
N ILE B 3 -16.86 0.13 29.85
CA ILE B 3 -15.74 1.03 30.06
C ILE B 3 -14.98 1.15 28.74
N GLU B 4 -14.80 2.37 28.27
CA GLU B 4 -14.03 2.64 27.05
C GLU B 4 -12.83 3.49 27.44
N VAL B 5 -11.63 2.97 27.15
CA VAL B 5 -10.38 3.64 27.49
C VAL B 5 -9.72 4.07 26.20
N LEU B 6 -9.37 5.36 26.10
CA LEU B 6 -8.72 5.91 24.93
C LEU B 6 -7.22 6.01 25.22
N ILE B 7 -6.41 5.37 24.39
CA ILE B 7 -4.99 5.21 24.64
C ILE B 7 -4.21 5.74 23.45
N ARG B 8 -3.25 6.62 23.72
CA ARG B 8 -2.27 7.05 22.73
C ARG B 8 -0.90 6.58 23.19
N ASN B 9 -0.22 5.81 22.35
CA ASN B 9 1.06 5.22 22.74
C ASN B 9 2.20 6.17 22.42
N ILE B 10 3.00 6.46 23.44
CA ILE B 10 4.16 7.35 23.24
C ILE B 10 5.23 6.64 22.42
N THR B 11 5.52 5.39 22.74
CA THR B 11 6.51 4.59 22.04
C THR B 11 5.82 3.53 21.19
N PRO B 12 6.49 3.02 20.16
CA PRO B 12 5.86 2.00 19.31
C PRO B 12 5.48 0.76 20.09
N ILE B 13 4.37 0.15 19.71
CA ILE B 13 3.87 -1.06 20.35
C ILE B 13 4.23 -2.25 19.47
N PHE B 14 4.83 -3.27 20.07
CA PHE B 14 5.32 -4.44 19.35
C PHE B 14 4.76 -5.70 20.00
N SER B 15 3.78 -6.31 19.36
CA SER B 15 3.24 -7.60 19.77
C SER B 15 3.65 -8.64 18.74
N ALA B 16 4.38 -9.66 19.17
CA ALA B 16 4.93 -10.64 18.24
C ALA B 16 3.82 -11.51 17.66
N ALA B 17 3.81 -11.65 16.34
CA ALA B 17 2.90 -12.56 15.68
C ALA B 17 3.57 -13.91 15.51
N PRO B 18 3.04 -14.99 16.05
CA PRO B 18 3.71 -16.29 15.94
C PRO B 18 3.80 -16.76 14.50
N GLY B 19 4.87 -17.46 14.21
CA GLY B 19 5.14 -17.93 12.87
C GLY B 19 6.30 -17.19 12.23
N SER B 20 7.02 -17.88 11.36
CA SER B 20 8.19 -17.31 10.72
C SER B 20 7.79 -16.50 9.50
N TYR B 21 8.28 -15.26 9.43
CA TYR B 21 8.07 -14.39 8.30
C TYR B 21 9.41 -13.82 7.85
N TYR B 22 9.52 -13.54 6.56
CA TYR B 22 10.78 -13.08 5.99
C TYR B 22 10.56 -11.80 5.19
N VAL B 23 11.59 -10.96 5.15
CA VAL B 23 11.55 -9.69 4.46
C VAL B 23 12.91 -9.43 3.85
N SER B 24 12.93 -8.79 2.68
CA SER B 24 14.17 -8.38 2.05
C SER B 24 14.59 -7.00 2.56
N LEU B 25 15.79 -6.58 2.16
CA LEU B 25 16.29 -5.28 2.60
C LEU B 25 15.41 -4.15 2.11
N ASP B 26 14.81 -4.30 0.93
CA ASP B 26 13.94 -3.25 0.40
C ASP B 26 12.72 -3.04 1.27
N GLY B 27 12.17 -4.12 1.81
CA GLY B 27 10.97 -4.04 2.62
C GLY B 27 9.85 -4.92 2.10
N THR B 28 10.16 -5.75 1.12
CA THR B 28 9.16 -6.64 0.53
C THR B 28 8.96 -7.85 1.43
N ILE B 29 7.72 -8.05 1.89
CA ILE B 29 7.42 -9.20 2.73
C ILE B 29 7.39 -10.46 1.88
N ASN B 30 7.98 -11.53 2.40
CA ASN B 30 8.12 -12.81 1.70
C ASN B 30 8.73 -12.60 0.33
N PRO B 31 10.02 -12.27 0.26
CA PRO B 31 10.65 -11.99 -1.03
C PRO B 31 10.81 -13.24 -1.85
N PRO B 32 10.97 -13.11 -3.17
CA PRO B 32 11.27 -14.29 -4.00
C PRO B 32 12.58 -14.92 -3.58
N GLN B 33 12.68 -16.23 -3.79
CA GLN B 33 13.85 -16.99 -3.33
C GLN B 33 15.14 -16.48 -3.93
N GLY B 34 15.10 -15.84 -5.10
CA GLY B 34 16.32 -15.32 -5.70
C GLY B 34 16.95 -14.23 -4.86
N ALA B 35 16.14 -13.30 -4.36
CA ALA B 35 16.65 -12.20 -3.56
C ALA B 35 16.98 -12.69 -2.14
N SER B 36 17.73 -11.86 -1.42
CA SER B 36 18.09 -12.17 -0.05
C SER B 36 16.92 -11.93 0.89
N ARG B 37 16.70 -12.88 1.79
CA ARG B 37 15.61 -12.82 2.76
C ARG B 37 16.18 -12.74 4.16
N PHE B 38 15.46 -12.04 5.04
CA PHE B 38 15.88 -11.92 6.43
C PHE B 38 14.70 -12.20 7.34
N PRO B 39 14.93 -12.86 8.48
CA PRO B 39 13.82 -13.19 9.38
C PRO B 39 13.14 -11.94 9.90
N LEU B 40 11.82 -12.01 10.01
CA LEU B 40 10.99 -10.89 10.44
C LEU B 40 9.94 -11.39 11.41
N THR B 41 9.76 -10.67 12.51
CA THR B 41 8.73 -10.98 13.50
C THR B 41 7.65 -9.90 13.39
N ARG B 42 6.60 -10.20 12.65
CA ARG B 42 5.58 -9.20 12.35
C ARG B 42 4.77 -8.85 13.58
N ALA B 43 4.24 -7.63 13.58
CA ALA B 43 3.27 -7.24 14.60
C ALA B 43 1.96 -7.98 14.37
N ARG B 44 1.34 -8.43 15.46
CA ARG B 44 0.14 -9.25 15.32
C ARG B 44 -1.00 -8.45 14.70
N THR B 45 -1.61 -9.03 13.66
CA THR B 45 -2.73 -8.41 12.97
C THR B 45 -3.89 -9.39 12.96
N MET B 46 -5.07 -8.91 13.33
CA MET B 46 -6.29 -9.72 13.29
C MET B 46 -7.14 -9.26 12.11
N THR B 47 -7.56 -10.22 11.28
CA THR B 47 -8.38 -9.89 10.13
C THR B 47 -9.71 -9.30 10.58
N VAL B 48 -10.07 -8.16 9.99
CA VAL B 48 -11.31 -7.48 10.32
C VAL B 48 -12.02 -7.09 9.03
N VAL B 49 -13.32 -6.86 9.13
CA VAL B 49 -14.12 -6.41 8.00
C VAL B 49 -14.14 -4.89 7.99
N ALA B 50 -13.67 -4.30 6.90
CA ALA B 50 -13.62 -2.86 6.75
C ALA B 50 -14.42 -2.45 5.53
N GLU B 51 -15.26 -1.43 5.68
CA GLU B 51 -16.02 -0.87 4.58
C GLU B 51 -15.29 0.35 4.03
N THR B 52 -15.39 0.56 2.73
CA THR B 52 -14.79 1.69 2.06
C THR B 52 -15.88 2.59 1.48
N GLY B 53 -15.45 3.64 0.77
CA GLY B 53 -16.40 4.52 0.12
C GLY B 53 -17.18 3.85 -0.99
N ASP B 54 -16.66 2.76 -1.55
CA ASP B 54 -17.35 2.03 -2.60
C ASP B 54 -18.51 1.21 -2.07
N GLY B 55 -18.63 1.04 -0.76
CA GLY B 55 -19.68 0.24 -0.18
C GLY B 55 -19.38 -1.23 -0.07
N VAL B 56 -18.27 -1.69 -0.64
CA VAL B 56 -17.89 -3.09 -0.55
C VAL B 56 -17.23 -3.35 0.80
N ALA B 57 -17.57 -4.49 1.40
CA ALA B 57 -16.98 -4.91 2.66
C ALA B 57 -15.94 -5.98 2.37
N LYS B 58 -14.72 -5.75 2.84
CA LYS B 58 -13.61 -6.64 2.56
C LYS B 58 -12.83 -6.93 3.83
N ALA B 59 -12.15 -8.07 3.85
CA ALA B 59 -11.37 -8.49 4.99
C ALA B 59 -9.94 -7.96 4.85
N VAL B 60 -9.52 -7.14 5.81
CA VAL B 60 -8.19 -6.54 5.77
C VAL B 60 -7.51 -6.76 7.12
N PRO B 61 -6.18 -6.89 7.15
CA PRO B 61 -5.49 -7.02 8.43
C PRO B 61 -5.49 -5.71 9.20
N LEU B 62 -5.41 -5.82 10.51
CA LEU B 62 -5.37 -4.66 11.39
C LEU B 62 -4.46 -4.93 12.57
N PRO B 63 -3.38 -4.16 12.74
CA PRO B 63 -2.45 -4.41 13.85
C PRO B 63 -3.10 -4.03 15.17
N ILE B 64 -3.29 -5.03 16.04
CA ILE B 64 -3.94 -4.85 17.32
C ILE B 64 -3.09 -5.51 18.41
N VAL B 65 -3.52 -5.34 19.65
CA VAL B 65 -2.93 -6.01 20.80
C VAL B 65 -3.94 -7.05 21.28
N PRO B 66 -3.52 -8.31 21.46
CA PRO B 66 -4.50 -9.36 21.79
C PRO B 66 -5.22 -9.07 23.10
N GLY B 67 -6.48 -9.51 23.15
CA GLY B 67 -7.25 -9.34 24.37
C GLY B 67 -6.66 -10.08 25.55
N ASN B 68 -6.13 -11.28 25.31
CA ASN B 68 -5.54 -12.05 26.40
C ASN B 68 -4.32 -11.35 26.99
N THR B 69 -3.45 -10.83 26.13
CA THR B 69 -2.21 -10.21 26.60
C THR B 69 -2.50 -9.04 27.53
N MET B 70 -3.39 -8.14 27.12
CA MET B 70 -3.61 -6.96 27.92
C MET B 70 -4.66 -7.17 28.99
N ARG B 71 -5.44 -8.25 28.90
CA ARG B 71 -6.16 -8.75 30.08
C ARG B 71 -5.19 -9.16 31.18
N ASN B 72 -4.15 -9.92 30.81
CA ASN B 72 -3.11 -10.26 31.76
C ASN B 72 -2.40 -9.01 32.26
N LEU B 73 -2.23 -8.02 31.38
CA LEU B 73 -1.65 -6.74 31.80
C LEU B 73 -2.49 -6.09 32.88
N LEU B 74 -3.81 -6.06 32.69
CA LEU B 74 -4.70 -5.47 33.70
C LEU B 74 -4.64 -6.25 35.00
N ARG B 75 -4.62 -7.58 34.91
CA ARG B 75 -4.54 -8.40 36.12
C ARG B 75 -3.25 -8.13 36.88
N ARG B 76 -2.12 -8.09 36.17
CA ARG B 76 -0.84 -7.82 36.81
C ARG B 76 -0.81 -6.42 37.42
N THR B 77 -1.37 -5.44 36.71
CA THR B 77 -1.41 -4.07 37.24
C THR B 77 -2.19 -4.03 38.54
N MET B 78 -3.36 -4.66 38.57
CA MET B 78 -4.17 -4.67 39.78
C MET B 78 -3.43 -5.36 40.91
N LEU B 79 -2.83 -6.52 40.63
CA LEU B 79 -2.13 -7.25 41.68
C LEU B 79 -0.95 -6.45 42.22
N LYS B 80 -0.18 -5.83 41.34
CA LYS B 80 1.04 -5.15 41.76
C LYS B 80 0.76 -3.82 42.47
N ASP B 81 -0.28 -3.09 42.06
CA ASP B 81 -0.47 -1.74 42.56
C ASP B 81 -1.61 -1.59 43.56
N VAL B 82 -2.51 -2.57 43.66
CA VAL B 82 -3.65 -2.41 44.56
C VAL B 82 -3.72 -3.59 45.53
N ILE B 83 -3.71 -4.81 44.99
CA ILE B 83 -3.98 -5.99 45.82
C ILE B 83 -2.79 -6.30 46.71
N GLU B 84 -1.62 -6.53 46.11
CA GLU B 84 -0.45 -6.91 46.90
C GLU B 84 -0.02 -5.87 47.92
N PRO B 85 -0.01 -4.56 47.62
CA PRO B 85 0.24 -3.59 48.71
C PRO B 85 -0.75 -3.69 49.84
N ALA B 86 -2.03 -3.91 49.54
CA ALA B 86 -3.02 -4.07 50.60
C ALA B 86 -2.75 -5.30 51.44
N LEU B 87 -2.37 -6.41 50.80
CA LEU B 87 -2.05 -7.61 51.55
C LEU B 87 -0.81 -7.41 52.41
N ARG B 88 0.20 -6.73 51.87
CA ARG B 88 1.45 -6.52 52.60
C ARG B 88 1.30 -5.51 53.73
N ASP B 89 0.31 -4.62 53.65
CA ASP B 89 0.08 -3.68 54.75
C ASP B 89 -0.31 -4.41 56.02
N LYS B 90 -1.09 -5.49 55.89
CA LYS B 90 -1.52 -6.29 57.02
C LYS B 90 -0.68 -7.55 57.21
N SER B 91 0.44 -7.66 56.50
CA SER B 91 1.33 -8.81 56.61
C SER B 91 0.61 -10.12 56.32
N ALA B 92 -0.12 -10.14 55.21
CA ALA B 92 -0.83 -11.32 54.75
C ALA B 92 0.04 -12.06 53.73
N GLN B 93 0.16 -13.38 53.90
CA GLN B 93 1.00 -14.21 53.06
C GLN B 93 0.14 -15.17 52.24
N LEU B 94 0.49 -15.33 50.98
CA LEU B 94 -0.18 -16.25 50.07
C LEU B 94 0.72 -17.45 49.80
N SER B 95 0.13 -18.63 49.75
CA SER B 95 0.90 -19.80 49.38
C SER B 95 1.28 -19.72 47.90
N ILE B 96 2.22 -20.59 47.51
CA ILE B 96 2.71 -20.55 46.13
C ILE B 96 1.58 -20.89 45.16
N GLY B 97 0.71 -21.82 45.54
CA GLY B 97 -0.44 -22.12 44.70
C GLY B 97 -1.41 -20.98 44.61
N ALA B 98 -1.67 -20.32 45.74
CA ALA B 98 -2.57 -19.17 45.75
C ALA B 98 -2.03 -18.05 44.88
N TYR B 99 -0.73 -17.78 44.98
CA TYR B 99 -0.11 -16.75 44.15
C TYR B 99 -0.19 -17.12 42.68
N ALA B 100 0.10 -18.39 42.35
CA ALA B 100 0.05 -18.82 40.96
C ALA B 100 -1.35 -18.70 40.39
N THR B 101 -2.37 -19.06 41.17
CA THR B 101 -3.75 -18.96 40.70
C THR B 101 -4.18 -17.50 40.60
N ALA B 102 -3.72 -16.65 41.50
CA ALA B 102 -4.07 -15.23 41.43
C ALA B 102 -3.47 -14.58 40.20
N TYR B 103 -2.26 -14.99 39.82
CA TYR B 103 -1.59 -14.34 38.70
C TYR B 103 -1.86 -15.02 37.35
N ALA B 104 -2.33 -16.27 37.34
CA ALA B 104 -2.54 -16.98 36.09
C ALA B 104 -3.87 -17.71 35.99
N GLY B 105 -4.68 -17.72 37.05
CA GLY B 105 -5.97 -18.37 37.00
C GLY B 105 -5.99 -19.84 37.37
N ASN B 106 -4.81 -20.46 37.53
CA ASN B 106 -4.75 -21.87 37.86
C ASN B 106 -3.47 -22.15 38.62
N SER B 107 -3.53 -23.12 39.53
CA SER B 107 -2.34 -23.57 40.23
C SER B 107 -1.56 -24.61 39.45
N SER B 108 -2.16 -25.21 38.42
CA SER B 108 -1.49 -26.22 37.61
C SER B 108 -2.27 -26.37 36.31
N GLY B 109 -1.72 -27.18 35.41
CA GLY B 109 -2.34 -27.39 34.12
C GLY B 109 -3.53 -28.33 34.12
N ASN B 110 -3.77 -29.04 35.22
CA ASN B 110 -4.87 -29.99 35.28
C ASN B 110 -6.00 -29.41 36.13
N PRO B 111 -7.13 -29.06 35.54
CA PRO B 111 -8.26 -28.59 36.34
C PRO B 111 -8.85 -29.72 37.18
N ASP B 112 -9.49 -29.33 38.28
CA ASP B 112 -10.03 -30.33 39.21
C ASP B 112 -11.15 -31.14 38.57
N GLY B 113 -12.07 -30.48 37.89
CA GLY B 113 -13.21 -31.17 37.34
C GLY B 113 -14.28 -31.54 38.34
N VAL B 114 -14.30 -30.88 39.49
CA VAL B 114 -15.30 -31.11 40.53
C VAL B 114 -16.11 -29.83 40.67
N PRO B 115 -17.44 -29.89 40.65
CA PRO B 115 -18.24 -28.66 40.75
C PRO B 115 -18.05 -27.97 42.10
N SER B 116 -18.18 -26.65 42.08
CA SER B 116 -18.07 -25.85 43.29
C SER B 116 -19.42 -25.69 43.95
N SER B 117 -19.41 -25.50 45.26
CA SER B 117 -20.63 -25.26 46.00
C SER B 117 -21.19 -23.87 45.67
N PHE B 118 -22.51 -23.73 45.80
CA PHE B 118 -23.15 -22.48 45.42
C PHE B 118 -22.67 -21.31 46.25
N ASP B 119 -22.55 -21.51 47.57
CA ASP B 119 -22.12 -20.42 48.44
C ASP B 119 -20.69 -19.99 48.12
N GLU B 120 -19.82 -20.95 47.83
CA GLU B 120 -18.46 -20.61 47.43
C GLU B 120 -18.44 -19.82 46.13
N ILE B 121 -19.29 -20.20 45.18
CA ILE B 121 -19.36 -19.48 43.91
C ILE B 121 -19.82 -18.05 44.15
N VAL B 122 -20.85 -17.86 44.99
CA VAL B 122 -21.34 -16.53 45.27
C VAL B 122 -20.27 -15.69 45.97
N THR B 123 -19.56 -16.30 46.93
CA THR B 123 -18.54 -15.55 47.66
C THR B 123 -17.39 -15.15 46.75
N MET B 124 -16.91 -16.07 45.91
CA MET B 124 -15.81 -15.74 45.01
C MET B 124 -16.24 -14.71 43.97
N ARG B 125 -17.45 -14.84 43.44
CA ARG B 125 -17.92 -13.86 42.47
C ARG B 125 -18.26 -12.52 43.11
N ALA B 126 -18.33 -12.44 44.43
CA ALA B 126 -18.44 -11.18 45.13
C ALA B 126 -17.09 -10.63 45.56
N HIS B 127 -16.02 -11.38 45.34
CA HIS B 127 -14.68 -10.90 45.68
C HIS B 127 -14.29 -9.78 44.73
N PRO B 128 -13.67 -8.71 45.23
CA PRO B 128 -13.32 -7.58 44.35
C PRO B 128 -12.40 -7.97 43.21
N PHE B 129 -11.45 -8.87 43.44
CA PHE B 129 -10.49 -9.27 42.42
C PHE B 129 -10.84 -10.62 41.78
N LEU B 130 -11.04 -11.65 42.60
CA LEU B 130 -11.33 -12.98 42.07
C LEU B 130 -12.65 -13.00 41.30
N GLY B 131 -13.59 -12.14 41.69
CA GLY B 131 -14.86 -12.08 40.98
C GLY B 131 -14.71 -11.63 39.54
N LEU B 132 -13.75 -10.74 39.27
CA LEU B 132 -13.56 -10.23 37.92
C LEU B 132 -13.00 -11.29 37.00
N PHE B 133 -12.00 -12.04 37.45
CA PHE B 133 -11.30 -12.99 36.57
C PHE B 133 -11.75 -14.42 36.77
N GLY B 134 -12.16 -14.81 37.97
CA GLY B 134 -12.56 -16.18 38.20
C GLY B 134 -11.42 -17.15 37.96
N GLY B 135 -11.71 -18.23 37.25
CA GLY B 135 -10.71 -19.25 36.99
C GLY B 135 -10.64 -20.23 38.14
N GLY B 136 -9.42 -20.48 38.62
CA GLY B 136 -9.23 -21.39 39.71
C GLY B 136 -9.21 -22.84 39.26
N PRO B 137 -8.91 -23.76 40.17
CA PRO B 137 -8.92 -25.17 39.80
C PRO B 137 -10.29 -25.65 39.34
N ARG B 138 -11.35 -25.08 39.90
CA ARG B 138 -12.71 -25.34 39.46
C ARG B 138 -13.19 -24.11 38.69
N MET B 139 -13.45 -24.30 37.40
CA MET B 139 -13.73 -23.17 36.50
C MET B 139 -14.88 -22.32 37.01
N LEU B 140 -14.57 -21.07 37.33
CA LEU B 140 -15.56 -20.09 37.77
C LEU B 140 -15.62 -18.97 36.75
N GLN B 141 -16.83 -18.62 36.33
CA GLN B 141 -17.00 -17.60 35.31
C GLN B 141 -16.75 -16.22 35.90
N GLY B 142 -15.72 -15.55 35.43
CA GLY B 142 -15.43 -14.21 35.89
C GLY B 142 -16.42 -13.20 35.36
N ARG B 143 -16.37 -12.00 35.96
CA ARG B 143 -17.27 -10.93 35.57
C ARG B 143 -16.67 -9.95 34.56
N LEU B 144 -15.39 -10.11 34.22
CA LEU B 144 -14.68 -9.10 33.42
C LEU B 144 -14.67 -9.53 31.97
N MET B 145 -15.40 -8.78 31.13
CA MET B 145 -15.34 -8.93 29.68
C MET B 145 -14.37 -7.87 29.16
N VAL B 146 -13.19 -8.30 28.72
CA VAL B 146 -12.15 -7.38 28.29
C VAL B 146 -11.86 -7.62 26.81
N ASP B 147 -11.74 -6.54 26.06
CA ASP B 147 -11.57 -6.58 24.61
C ASP B 147 -10.14 -6.21 24.22
N SER B 148 -9.79 -6.55 22.99
CA SER B 148 -8.47 -6.26 22.46
C SER B 148 -8.28 -4.76 22.28
N LEU B 149 -7.08 -4.35 21.90
CA LEU B 149 -6.72 -2.96 21.72
C LEU B 149 -6.78 -2.65 20.23
N TYR B 150 -7.89 -2.07 19.79
CA TYR B 150 -8.06 -1.71 18.38
C TYR B 150 -7.57 -0.30 18.14
N PRO B 151 -6.62 -0.09 17.24
CA PRO B 151 -6.25 1.28 16.88
C PRO B 151 -7.40 1.98 16.17
N ILE B 152 -7.52 3.28 16.41
CA ILE B 152 -8.55 4.06 15.74
C ILE B 152 -8.11 4.27 14.30
N HIS B 153 -8.64 3.44 13.40
CA HIS B 153 -8.20 3.39 12.02
C HIS B 153 -9.42 3.32 11.13
N GLN B 154 -9.22 3.66 9.85
CA GLN B 154 -10.32 3.55 8.89
C GLN B 154 -10.81 2.11 8.76
N PHE B 155 -9.93 1.14 8.99
CA PHE B 155 -10.34 -0.25 8.92
C PHE B 155 -11.19 -0.65 10.12
N SER B 156 -11.01 0.00 11.26
CA SER B 156 -11.71 -0.35 12.49
C SER B 156 -12.94 0.52 12.72
N GLN B 157 -13.34 1.33 11.74
CA GLN B 157 -14.50 2.19 11.93
C GLN B 157 -15.77 1.37 12.13
N ARG B 158 -15.90 0.26 11.41
CA ARG B 158 -17.06 -0.60 11.60
C ARG B 158 -17.05 -1.24 12.99
N ILE B 159 -15.88 -1.49 13.55
CA ILE B 159 -15.79 -2.20 14.82
C ILE B 159 -15.97 -1.24 15.99
N ILE B 160 -15.20 -0.14 16.01
CA ILE B 160 -15.20 0.76 17.16
C ILE B 160 -16.26 1.85 17.06
N GLY B 161 -17.08 1.84 16.02
CA GLY B 161 -18.10 2.85 15.84
C GLY B 161 -17.56 4.10 15.17
N SER B 162 -18.48 5.00 14.85
CA SER B 162 -18.17 6.22 14.13
C SER B 162 -18.02 7.44 15.05
N ASP B 163 -18.03 7.24 16.36
CA ASP B 163 -17.90 8.36 17.29
C ASP B 163 -16.46 8.75 17.57
N TYR B 164 -15.49 7.99 17.06
CA TYR B 164 -14.08 8.34 17.19
C TYR B 164 -13.44 8.64 15.84
N ILE B 165 -14.23 9.05 14.85
CA ILE B 165 -13.70 9.32 13.52
C ILE B 165 -12.74 10.51 13.53
N ASN B 166 -12.88 11.42 14.50
CA ASN B 166 -12.02 12.59 14.54
C ASN B 166 -10.56 12.24 14.81
N ASP B 167 -10.30 11.07 15.39
CA ASP B 167 -8.94 10.64 15.72
C ASP B 167 -8.42 9.56 14.79
N SER B 168 -9.13 9.25 13.72
CA SER B 168 -8.72 8.18 12.82
C SER B 168 -7.49 8.59 12.01
N ILE B 169 -6.74 7.58 11.58
CA ILE B 169 -5.56 7.76 10.74
C ILE B 169 -5.76 6.97 9.45
N LYS B 170 -5.51 7.61 8.31
CA LYS B 170 -5.84 7.01 7.02
C LYS B 170 -4.84 5.94 6.61
N GLY B 171 -3.56 6.31 6.54
CA GLY B 171 -2.56 5.43 5.98
C GLY B 171 -2.17 4.30 6.91
N GLY B 172 -1.26 3.46 6.42
CA GLY B 172 -0.78 2.35 7.23
C GLY B 172 -0.03 2.83 8.45
N ILE B 173 -0.17 2.08 9.53
CA ILE B 173 0.38 2.44 10.83
C ILE B 173 1.45 1.46 11.29
N THR B 174 2.04 0.72 10.36
CA THR B 174 3.01 -0.32 10.67
C THR B 174 4.35 0.03 10.03
N GLU B 175 5.43 -0.11 10.80
CA GLU B 175 6.77 0.17 10.32
C GLU B 175 7.70 -0.95 10.75
N ILE B 176 8.77 -1.15 9.98
CA ILE B 176 9.70 -2.25 10.18
C ILE B 176 11.02 -1.68 10.70
N VAL B 177 11.57 -2.33 11.73
CA VAL B 177 12.80 -1.91 12.37
C VAL B 177 13.81 -3.04 12.26
N TRP B 178 15.03 -2.71 11.86
CA TRP B 178 16.10 -3.69 11.69
C TRP B 178 17.02 -3.68 12.91
N THR B 179 17.45 -4.88 13.32
CA THR B 179 18.33 -5.04 14.47
C THR B 179 19.53 -5.90 14.08
N ARG B 180 20.64 -5.65 14.75
CA ARG B 180 21.89 -6.36 14.46
C ARG B 180 22.55 -6.76 15.77
N ARG B 181 23.24 -7.90 15.74
CA ARG B 181 24.07 -8.35 16.84
C ARG B 181 25.50 -8.50 16.34
N ASN B 182 26.45 -7.95 17.08
CA ASN B 182 27.84 -7.92 16.69
C ASN B 182 28.68 -8.80 17.61
N ASP B 183 29.64 -9.49 17.04
CA ASP B 183 30.59 -10.25 17.84
C ASP B 183 31.54 -9.27 18.52
N PRO B 184 31.57 -9.22 19.87
CA PRO B 184 32.43 -8.25 20.54
C PRO B 184 33.91 -8.44 20.25
N ILE B 185 34.35 -9.67 20.05
CA ILE B 185 35.77 -9.93 19.84
C ILE B 185 36.25 -9.30 18.55
N LEU B 186 35.36 -9.14 17.57
CA LEU B 186 35.74 -8.52 16.31
C LEU B 186 35.97 -7.03 16.43
N GLN B 187 35.60 -6.41 17.55
CA GLN B 187 35.84 -4.99 17.78
C GLN B 187 37.06 -4.72 18.65
N LEU B 188 37.80 -5.76 19.05
CA LEU B 188 39.03 -5.54 19.79
C LEU B 188 40.08 -4.91 18.89
N GLY B 189 40.87 -4.00 19.47
CA GLY B 189 41.85 -3.29 18.67
C GLY B 189 43.21 -3.13 19.31
N SER B 190 43.36 -3.56 20.55
CA SER B 190 44.62 -3.40 21.27
C SER B 190 44.67 -4.43 22.38
N PRO B 191 45.87 -4.79 22.85
CA PRO B 191 45.96 -5.72 23.99
C PRO B 191 45.32 -5.18 25.26
N ASP B 192 45.19 -3.86 25.39
CA ASP B 192 44.53 -3.30 26.56
C ASP B 192 43.07 -3.72 26.62
N ASP B 193 42.39 -3.72 25.47
CA ASP B 193 41.00 -4.20 25.44
C ASP B 193 40.92 -5.68 25.78
N ALA B 194 41.87 -6.47 25.29
CA ALA B 194 41.90 -7.90 25.56
C ALA B 194 42.66 -8.25 26.83
N ALA B 195 43.13 -7.24 27.58
CA ALA B 195 43.82 -7.54 28.83
C ALA B 195 42.88 -8.14 29.87
N VAL B 196 41.61 -7.73 29.87
CA VAL B 196 40.66 -8.29 30.82
C VAL B 196 40.25 -9.71 30.46
N ILE B 197 40.36 -10.10 29.19
CA ILE B 197 40.01 -11.46 28.80
C ILE B 197 41.08 -12.42 29.28
N GLU B 198 40.66 -13.49 29.95
CA GLU B 198 41.60 -14.51 30.38
C GLU B 198 42.31 -15.12 29.18
N GLY B 199 43.63 -15.20 29.26
CA GLY B 199 44.43 -15.64 28.13
C GLY B 199 44.75 -14.50 27.18
N GLY B 200 43.78 -13.63 26.95
CA GLY B 200 43.99 -12.44 26.15
C GLY B 200 44.16 -12.73 24.67
N ALA B 201 45.39 -12.55 24.18
CA ALA B 201 45.65 -12.69 22.74
C ALA B 201 45.34 -14.12 22.27
N GLN B 202 45.75 -15.11 23.05
CA GLN B 202 45.50 -16.50 22.66
C GLN B 202 44.00 -16.78 22.61
N ALA B 203 43.25 -16.31 23.60
CA ALA B 203 41.81 -16.54 23.62
C ALA B 203 41.13 -15.85 22.44
N ALA B 204 41.51 -14.61 22.15
CA ALA B 204 40.92 -13.90 21.03
C ALA B 204 41.26 -14.57 19.70
N ASN B 205 42.50 -15.05 19.56
CA ASN B 205 42.89 -15.76 18.35
C ASN B 205 42.08 -17.04 18.19
N ASP B 206 41.90 -17.80 19.27
CA ASP B 206 41.11 -19.01 19.19
C ASP B 206 39.67 -18.70 18.81
N TRP B 207 39.09 -17.66 19.41
CA TRP B 207 37.72 -17.29 19.10
C TRP B 207 37.56 -16.91 17.63
N ILE B 208 38.48 -16.08 17.13
CA ILE B 208 38.37 -15.61 15.75
C ILE B 208 38.62 -16.75 14.77
N THR B 209 39.57 -17.63 15.08
CA THR B 209 39.83 -18.78 14.22
C THR B 209 38.62 -19.71 14.17
N SER B 210 37.99 -19.96 15.32
CA SER B 210 36.81 -20.81 15.34
C SER B 210 35.67 -20.16 14.55
N LEU B 211 35.50 -18.85 14.69
CA LEU B 211 34.45 -18.15 13.95
C LEU B 211 34.70 -18.25 12.44
N LEU B 212 35.94 -18.02 12.01
CA LEU B 212 36.25 -18.10 10.59
C LEU B 212 36.06 -19.52 10.05
N ALA B 213 36.50 -20.53 10.82
CA ALA B 213 36.30 -21.90 10.38
C ALA B 213 34.84 -22.25 10.28
N THR B 214 34.02 -21.82 11.25
CA THR B 214 32.60 -22.11 11.21
C THR B 214 31.93 -21.43 10.01
N THR B 215 32.28 -20.17 9.76
CA THR B 215 31.69 -19.46 8.62
C THR B 215 32.09 -20.11 7.30
N LYS B 216 33.37 -20.51 7.18
CA LYS B 216 33.82 -21.16 5.96
C LYS B 216 33.12 -22.49 5.77
N ALA B 217 32.95 -23.26 6.85
CA ALA B 217 32.25 -24.54 6.75
C ALA B 217 30.80 -24.34 6.33
N LYS B 218 30.13 -23.33 6.89
CA LYS B 218 28.76 -23.05 6.50
C LYS B 218 28.67 -22.65 5.03
N LYS B 219 29.61 -21.80 4.58
CA LYS B 219 29.59 -21.37 3.18
C LYS B 219 29.84 -22.54 2.24
N GLY B 220 30.81 -23.40 2.57
CA GLY B 220 31.08 -24.56 1.73
C GLY B 220 29.96 -25.57 1.72
N LYS B 221 29.27 -25.73 2.87
CA LYS B 221 28.20 -26.72 2.95
C LYS B 221 27.05 -26.40 2.00
N ALA B 222 26.78 -25.11 1.78
CA ALA B 222 25.71 -24.71 0.87
C ALA B 222 26.06 -25.05 -0.58
N GLY B 237 26.82 -25.28 16.09
CA GLY B 237 26.49 -24.07 16.82
C GLY B 237 26.28 -22.87 15.92
N ARG B 238 25.84 -21.76 16.51
CA ARG B 238 25.59 -20.53 15.78
C ARG B 238 26.38 -19.39 16.40
N GLY B 239 26.95 -18.54 15.56
CA GLY B 239 27.73 -17.42 16.04
C GLY B 239 26.87 -16.28 16.53
N LEU B 240 27.53 -15.26 17.10
CA LEU B 240 26.81 -14.13 17.66
C LEU B 240 26.26 -13.22 16.57
N LYS B 241 26.94 -13.13 15.43
CA LYS B 241 26.53 -12.21 14.37
C LYS B 241 25.12 -12.55 13.90
N ALA B 242 24.27 -11.53 13.82
CA ALA B 242 22.90 -11.71 13.37
C ALA B 242 22.35 -10.38 12.89
N PHE B 243 21.50 -10.44 11.87
CA PHE B 243 20.85 -9.27 11.31
C PHE B 243 19.43 -9.65 10.93
N ASN B 244 18.45 -9.15 11.66
CA ASN B 244 17.05 -9.45 11.42
C ASN B 244 16.24 -8.18 11.61
N ALA B 245 14.93 -8.31 11.47
CA ALA B 245 14.02 -7.18 11.61
C ALA B 245 12.77 -7.60 12.34
N HIS B 246 12.13 -6.64 13.01
CA HIS B 246 10.86 -6.88 13.68
C HIS B 246 9.91 -5.73 13.36
N GLU B 247 8.65 -6.06 13.14
CA GLU B 247 7.67 -5.08 12.70
C GLU B 247 6.91 -4.53 13.90
N VAL B 248 6.76 -3.21 13.95
CA VAL B 248 6.12 -2.52 15.06
C VAL B 248 5.03 -1.61 14.53
N VAL B 249 4.12 -1.24 15.42
CA VAL B 249 3.11 -0.23 15.13
C VAL B 249 3.69 1.13 15.46
N ILE B 250 3.54 2.09 14.53
CA ILE B 250 4.18 3.38 14.70
C ILE B 250 3.64 4.08 15.94
N ALA B 251 4.49 4.91 16.54
CA ALA B 251 4.11 5.64 17.74
C ALA B 251 3.17 6.80 17.40
N GLY B 252 2.40 7.22 18.40
CA GLY B 252 1.49 8.33 18.24
C GLY B 252 0.10 7.98 17.79
N VAL B 253 -0.16 6.72 17.44
CA VAL B 253 -1.48 6.31 16.98
C VAL B 253 -2.38 6.10 18.19
N LYS B 254 -3.64 6.52 18.07
CA LYS B 254 -4.59 6.34 19.15
C LYS B 254 -5.21 4.95 19.12
N TRP B 255 -5.54 4.44 20.30
CA TRP B 255 -6.13 3.12 20.44
C TRP B 255 -7.39 3.22 21.27
N LEU B 256 -8.28 2.24 21.09
CA LEU B 256 -9.51 2.15 21.87
C LEU B 256 -9.54 0.83 22.62
N TRP B 257 -9.73 0.90 23.94
CA TRP B 257 -9.84 -0.27 24.79
C TRP B 257 -11.22 -0.30 25.41
N ARG B 258 -11.91 -1.43 25.24
CA ARG B 258 -13.27 -1.61 25.75
C ARG B 258 -13.26 -2.67 26.83
N ILE B 259 -13.78 -2.32 28.00
CA ILE B 259 -13.88 -3.23 29.14
C ILE B 259 -15.34 -3.31 29.54
N ASN B 260 -15.87 -4.51 29.67
CA ASN B 260 -17.22 -4.74 30.12
C ASN B 260 -17.22 -5.62 31.36
N VAL B 261 -18.11 -5.32 32.30
CA VAL B 261 -18.20 -6.09 33.54
C VAL B 261 -19.65 -6.56 33.69
N ASP B 262 -19.81 -7.84 34.00
CA ASP B 262 -21.13 -8.46 34.13
C ASP B 262 -21.69 -8.19 35.52
N ARG B 263 -22.66 -7.28 35.62
CA ARG B 263 -23.28 -6.87 36.87
C ARG B 263 -22.22 -6.57 37.93
N PRO B 264 -21.46 -5.51 37.77
CA PRO B 264 -20.36 -5.26 38.71
C PRO B 264 -20.87 -4.78 40.06
N SER B 265 -20.20 -5.23 41.11
CA SER B 265 -20.36 -4.62 42.42
C SER B 265 -19.51 -3.35 42.51
N GLU B 266 -19.82 -2.51 43.50
CA GLU B 266 -19.08 -1.27 43.64
C GLU B 266 -17.60 -1.51 43.90
N SER B 267 -17.27 -2.57 44.64
CA SER B 267 -15.88 -2.88 44.93
C SER B 267 -15.11 -3.19 43.65
N GLN B 268 -15.69 -3.98 42.76
CA GLN B 268 -15.00 -4.33 41.52
C GLN B 268 -14.85 -3.12 40.61
N ILE B 269 -15.86 -2.24 40.56
CA ILE B 269 -15.74 -1.02 39.79
C ILE B 269 -14.61 -0.15 40.33
N GLY B 270 -14.55 -0.01 41.65
CA GLY B 270 -13.47 0.76 42.24
C GLY B 270 -12.10 0.17 41.96
N LEU B 271 -12.02 -1.17 41.98
CA LEU B 271 -10.76 -1.82 41.68
C LEU B 271 -10.32 -1.56 40.25
N ILE B 272 -11.27 -1.64 39.31
CA ILE B 272 -10.94 -1.38 37.91
C ILE B 272 -10.52 0.08 37.71
N LEU B 273 -11.19 1.00 38.40
CA LEU B 273 -10.82 2.41 38.29
C LEU B 273 -9.43 2.66 38.84
N LEU B 274 -9.09 2.02 39.97
CA LEU B 274 -7.73 2.14 40.50
C LEU B 274 -6.71 1.58 39.53
N ALA B 275 -7.04 0.45 38.89
CA ALA B 275 -6.15 -0.12 37.89
C ALA B 275 -5.92 0.86 36.74
N LEU B 276 -7.00 1.48 36.26
CA LEU B 276 -6.87 2.47 35.19
C LEU B 276 -6.01 3.64 35.63
N ASN B 277 -6.15 4.05 36.88
CA ASN B 277 -5.29 5.12 37.41
C ASN B 277 -3.83 4.70 37.40
N LYS B 278 -3.54 3.45 37.77
CA LYS B 278 -2.17 2.98 37.88
C LYS B 278 -1.68 2.26 36.63
N LEU B 279 -2.48 2.23 35.56
CA LEU B 279 -2.10 1.47 34.38
C LEU B 279 -1.02 2.16 33.55
N ALA B 280 -0.94 3.49 33.63
CA ALA B 280 0.00 4.21 32.78
C ALA B 280 1.45 3.84 33.06
N ASN B 281 1.75 3.45 34.30
CA ASN B 281 3.13 3.09 34.65
C ASN B 281 3.55 1.79 33.98
N GLN B 282 2.61 0.91 33.65
CA GLN B 282 2.93 -0.34 33.00
C GLN B 282 3.07 -0.13 31.50
N ARG B 283 3.31 -1.21 30.77
CA ARG B 283 3.47 -1.16 29.32
C ARG B 283 2.66 -2.27 28.67
N ILE B 284 2.23 -2.01 27.44
CA ILE B 284 1.21 -2.83 26.81
C ILE B 284 1.77 -4.16 26.33
N ALA B 285 2.72 -4.11 25.41
CA ALA B 285 3.21 -5.31 24.74
C ALA B 285 4.70 -5.49 25.03
N GLY B 286 5.30 -6.45 24.32
CA GLY B 286 6.70 -6.75 24.51
C GLY B 286 7.61 -5.66 23.98
N GLY B 287 8.91 -5.89 24.14
CA GLY B 287 9.90 -4.91 23.76
C GLY B 287 10.44 -4.16 24.96
N HIS B 288 10.72 -4.89 26.03
CA HIS B 288 11.20 -4.27 27.26
C HIS B 288 12.53 -3.56 27.04
N ALA B 289 13.44 -4.19 26.30
CA ALA B 289 14.75 -3.59 26.06
C ALA B 289 14.63 -2.31 25.24
N LYS B 290 13.76 -2.30 24.24
CA LYS B 290 13.62 -1.16 23.34
C LYS B 290 12.64 -0.12 23.86
N ASP B 291 12.14 -0.27 25.09
CA ASP B 291 11.18 0.64 25.68
C ASP B 291 9.92 0.75 24.82
N TYR B 292 9.41 -0.40 24.41
CA TYR B 292 8.18 -0.46 23.65
C TYR B 292 6.97 -0.56 24.56
N GLY B 293 5.82 -0.18 24.03
CA GLY B 293 4.56 -0.32 24.74
C GLY B 293 4.20 0.83 25.65
N ARG B 294 5.06 1.83 25.79
CA ARG B 294 4.74 2.97 26.62
C ARG B 294 3.56 3.74 26.02
N PHE B 295 2.65 4.18 26.89
CA PHE B 295 1.44 4.84 26.44
C PHE B 295 0.94 5.77 27.52
N VAL B 296 0.04 6.67 27.12
CA VAL B 296 -0.63 7.58 28.04
C VAL B 296 -2.13 7.50 27.79
N ILE B 297 -2.91 7.42 28.86
CA ILE B 297 -4.36 7.35 28.75
C ILE B 297 -4.91 8.75 28.53
N GLU B 298 -5.71 8.92 27.49
CA GLU B 298 -6.27 10.23 27.17
C GLU B 298 -7.65 10.42 27.76
N ASP B 299 -8.54 9.44 27.61
CA ASP B 299 -9.89 9.57 28.12
C ASP B 299 -10.42 8.19 28.50
N VAL B 300 -11.18 8.16 29.60
CA VAL B 300 -11.85 6.96 30.06
C VAL B 300 -13.35 7.25 30.12
N ILE B 301 -14.14 6.41 29.47
CA ILE B 301 -15.58 6.58 29.39
C ILE B 301 -16.25 5.49 30.20
N LEU B 302 -17.11 5.88 31.13
CA LEU B 302 -17.83 4.95 32.00
C LEU B 302 -19.32 5.06 31.68
N ASP B 303 -19.85 4.04 31.02
CA ASP B 303 -21.27 3.98 30.66
C ASP B 303 -21.69 5.22 29.88
N GLY B 304 -20.88 5.61 28.91
CA GLY B 304 -21.16 6.76 28.10
C GLY B 304 -20.84 8.09 28.73
N GLU B 305 -20.16 8.09 29.89
CA GLU B 305 -19.80 9.32 30.58
C GLU B 305 -18.30 9.36 30.79
N SER B 306 -17.70 10.52 30.55
CA SER B 306 -16.26 10.69 30.73
C SER B 306 -15.97 10.96 32.20
N VAL B 307 -15.10 10.14 32.78
CA VAL B 307 -14.76 10.25 34.20
C VAL B 307 -13.26 10.45 34.34
N TRP B 308 -12.62 11.04 33.33
CA TRP B 308 -11.18 11.23 33.32
C TRP B 308 -10.84 12.70 33.45
N THR B 309 -10.00 13.02 34.43
CA THR B 309 -9.41 14.31 34.63
C THR B 309 -7.91 14.23 34.42
N PRO B 310 -7.21 15.37 34.33
CA PRO B 310 -5.74 15.29 34.21
C PRO B 310 -5.09 14.51 35.33
N SER B 311 -5.62 14.60 36.55
CA SER B 311 -5.13 13.77 37.64
C SER B 311 -5.40 12.30 37.37
N GLY B 312 -6.56 11.99 36.80
CA GLY B 312 -6.94 10.61 36.55
C GLY B 312 -8.42 10.39 36.75
N VAL B 313 -8.81 9.16 37.08
CA VAL B 313 -10.21 8.87 37.36
C VAL B 313 -10.58 9.54 38.67
N SER B 314 -11.44 10.55 38.60
CA SER B 314 -11.80 11.32 39.79
C SER B 314 -13.16 11.95 39.58
N GLY B 315 -13.74 12.40 40.68
CA GLY B 315 -15.05 13.03 40.65
C GLY B 315 -16.04 12.36 41.59
N GLN B 316 -17.11 13.08 41.92
CA GLN B 316 -18.14 12.52 42.80
C GLN B 316 -18.85 11.32 42.19
N ALA B 317 -18.86 11.22 40.86
CA ALA B 317 -19.47 10.06 40.21
C ALA B 317 -18.74 8.77 40.57
N THR B 318 -17.41 8.83 40.64
CA THR B 318 -16.59 7.68 40.98
C THR B 318 -16.21 7.63 42.45
N GLU B 319 -16.76 8.54 43.26
CA GLU B 319 -16.40 8.58 44.68
C GLU B 319 -16.86 7.31 45.40
N GLN B 320 -18.09 6.86 45.13
CA GLN B 320 -18.61 5.70 45.85
C GLN B 320 -17.85 4.44 45.49
N PHE B 321 -17.42 4.30 44.23
CA PHE B 321 -16.61 3.16 43.84
C PHE B 321 -15.28 3.15 44.59
N PHE B 322 -14.65 4.32 44.70
CA PHE B 322 -13.38 4.39 45.42
C PHE B 322 -13.55 4.07 46.90
N ASP B 323 -14.62 4.59 47.51
CA ASP B 323 -14.86 4.29 48.92
C ASP B 323 -15.10 2.80 49.12
N ALA B 324 -15.90 2.19 48.25
CA ALA B 324 -16.19 0.76 48.38
C ALA B 324 -14.93 -0.08 48.21
N ILE B 325 -14.10 0.24 47.21
CA ILE B 325 -12.90 -0.54 47.02
C ILE B 325 -11.92 -0.32 48.17
N ALA B 326 -11.85 0.90 48.72
CA ALA B 326 -11.00 1.12 49.88
C ALA B 326 -11.45 0.29 51.07
N GLU B 327 -12.76 0.24 51.32
CA GLU B 327 -13.25 -0.58 52.42
C GLU B 327 -12.96 -2.05 52.19
N ALA B 328 -13.15 -2.52 50.95
CA ALA B 328 -12.87 -3.92 50.64
C ALA B 328 -11.40 -4.25 50.83
N LEU B 329 -10.51 -3.34 50.41
CA LEU B 329 -9.08 -3.56 50.60
C LEU B 329 -8.72 -3.58 52.08
N ASP B 330 -9.33 -2.70 52.87
CA ASP B 330 -9.10 -2.73 54.32
C ASP B 330 -9.54 -4.06 54.91
N GLY B 331 -10.68 -4.58 54.46
CA GLY B 331 -11.12 -5.88 54.90
C GLY B 331 -10.60 -7.06 54.10
N MET B 332 -9.72 -6.82 53.14
CA MET B 332 -9.22 -7.90 52.29
C MET B 332 -8.19 -8.74 53.02
N THR B 333 -8.32 -10.06 52.91
CA THR B 333 -7.43 -10.99 53.57
C THR B 333 -7.02 -12.08 52.60
N SER B 334 -6.06 -12.91 53.02
CA SER B 334 -5.55 -13.99 52.20
C SER B 334 -6.42 -15.25 52.24
N SER B 335 -7.36 -15.33 53.17
CA SER B 335 -8.19 -16.52 53.29
C SER B 335 -9.03 -16.74 52.04
N GLU B 336 -9.51 -15.64 51.43
CA GLU B 336 -10.29 -15.77 50.20
C GLU B 336 -9.47 -16.42 49.11
N PHE B 337 -8.24 -15.94 48.91
CA PHE B 337 -7.38 -16.51 47.87
C PHE B 337 -7.04 -17.96 48.17
N GLU B 338 -6.75 -18.28 49.44
CA GLU B 338 -6.41 -19.65 49.80
C GLU B 338 -7.59 -20.59 49.56
N GLN B 339 -8.80 -20.14 49.88
CA GLN B 339 -9.98 -20.93 49.59
C GLN B 339 -10.18 -21.10 48.08
N PHE B 340 -9.97 -20.02 47.32
CA PHE B 340 -10.19 -20.07 45.88
C PHE B 340 -9.23 -21.02 45.20
N ALA B 341 -7.96 -20.99 45.58
CA ALA B 341 -6.93 -21.79 44.92
C ALA B 341 -6.78 -23.18 45.51
N ALA B 342 -7.53 -23.51 46.56
CA ALA B 342 -7.43 -24.83 47.17
C ALA B 342 -8.03 -25.87 46.24
N SER B 343 -7.22 -26.85 45.84
CA SER B 343 -7.70 -27.89 44.94
C SER B 343 -8.75 -28.76 45.62
N ALA B 344 -9.79 -29.12 44.88
CA ALA B 344 -10.85 -29.95 45.43
C ALA B 344 -10.42 -31.40 45.63
N LYS B 345 -9.42 -31.86 44.89
CA LYS B 345 -8.96 -33.23 45.00
C LYS B 345 -8.23 -33.46 46.32
N MET C 1 11.84 4.23 37.08
CA MET C 1 12.52 5.50 37.25
C MET C 1 12.86 6.10 35.89
N GLN C 2 12.38 7.31 35.64
CA GLN C 2 12.48 7.95 34.35
C GLN C 2 13.70 8.86 34.30
N ILE C 3 14.52 8.69 33.27
CA ILE C 3 15.68 9.54 33.02
C ILE C 3 15.54 10.10 31.62
N GLU C 4 15.55 11.42 31.51
CA GLU C 4 15.47 12.10 30.22
C GLU C 4 16.78 12.86 29.99
N VAL C 5 17.44 12.56 28.86
CA VAL C 5 18.73 13.13 28.54
C VAL C 5 18.57 13.99 27.29
N LEU C 6 18.97 15.25 27.39
CA LEU C 6 18.92 16.19 26.27
C LEU C 6 20.28 16.20 25.58
N ILE C 7 20.31 15.74 24.34
CA ILE C 7 21.55 15.54 23.60
C ILE C 7 21.53 16.43 22.35
N ARG C 8 22.60 17.20 22.17
CA ARG C 8 22.80 17.98 20.97
C ARG C 8 24.06 17.48 20.27
N ASN C 9 23.95 17.19 18.98
CA ASN C 9 25.06 16.62 18.22
C ASN C 9 25.91 17.74 17.64
N ILE C 10 27.20 17.74 17.99
CA ILE C 10 28.12 18.73 17.43
C ILE C 10 28.37 18.44 15.95
N THR C 11 28.60 17.18 15.61
CA THR C 11 28.83 16.74 14.24
C THR C 11 27.60 15.98 13.73
N PRO C 12 27.45 15.88 12.41
CA PRO C 12 26.28 15.16 11.87
C PRO C 12 26.24 13.71 12.34
N ILE C 13 25.03 13.23 12.59
CA ILE C 13 24.80 11.86 13.03
C ILE C 13 24.38 11.03 11.82
N PHE C 14 25.05 9.91 11.61
CA PHE C 14 24.84 9.07 10.43
C PHE C 14 24.52 7.65 10.89
N SER C 15 23.23 7.34 10.99
CA SER C 15 22.77 5.98 11.23
C SER C 15 22.12 5.49 9.94
N ALA C 16 22.75 4.50 9.31
CA ALA C 16 22.37 4.12 7.95
C ALA C 16 21.20 3.15 7.96
N ALA C 17 20.18 3.46 7.19
CA ALA C 17 19.06 2.55 7.02
C ALA C 17 19.44 1.45 6.04
N PRO C 18 19.29 0.18 6.41
CA PRO C 18 19.61 -0.90 5.46
C PRO C 18 18.72 -0.83 4.22
N GLY C 19 19.31 -1.14 3.08
CA GLY C 19 18.61 -1.05 1.81
C GLY C 19 19.42 -0.21 0.84
N SER C 20 19.24 -0.51 -0.45
CA SER C 20 19.97 0.18 -1.52
C SER C 20 19.03 1.19 -2.16
N TYR C 21 19.24 2.46 -1.84
CA TYR C 21 18.47 3.55 -2.39
C TYR C 21 19.35 4.39 -3.32
N TYR C 22 18.74 4.95 -4.36
CA TYR C 22 19.47 5.68 -5.38
C TYR C 22 19.04 7.14 -5.40
N VAL C 23 19.99 8.02 -5.70
CA VAL C 23 19.77 9.46 -5.73
C VAL C 23 20.37 10.02 -7.01
N SER C 24 19.68 10.98 -7.61
CA SER C 24 20.22 11.67 -8.77
C SER C 24 21.21 12.75 -8.34
N LEU C 25 21.92 13.30 -9.32
CA LEU C 25 22.96 14.28 -9.01
C LEU C 25 22.40 15.61 -8.53
N ASP C 26 21.11 15.87 -8.70
CA ASP C 26 20.50 17.12 -8.27
C ASP C 26 19.79 16.99 -6.93
N GLY C 27 19.95 15.86 -6.24
CA GLY C 27 19.41 15.68 -4.91
C GLY C 27 18.10 14.94 -4.83
N THR C 28 17.49 14.59 -5.97
CA THR C 28 16.22 13.89 -5.93
C THR C 28 16.42 12.43 -5.54
N ILE C 29 15.66 11.97 -4.56
CA ILE C 29 15.76 10.61 -4.05
C ILE C 29 14.89 9.69 -4.91
N ASN C 30 15.45 8.57 -5.32
CA ASN C 30 14.79 7.60 -6.20
C ASN C 30 14.34 8.28 -7.48
N PRO C 31 15.26 8.68 -8.35
CA PRO C 31 14.89 9.39 -9.58
C PRO C 31 14.41 8.43 -10.63
N PRO C 32 13.84 8.94 -11.74
CA PRO C 32 13.49 8.06 -12.86
C PRO C 32 14.70 7.36 -13.43
N GLN C 33 14.47 6.18 -14.02
CA GLN C 33 15.56 5.35 -14.52
C GLN C 33 16.38 6.02 -15.61
N GLY C 34 15.81 7.02 -16.30
CA GLY C 34 16.55 7.69 -17.35
C GLY C 34 17.78 8.43 -16.83
N ALA C 35 17.65 9.11 -15.70
CA ALA C 35 18.74 9.87 -15.13
C ALA C 35 19.74 8.95 -14.44
N SER C 36 20.81 9.53 -13.91
CA SER C 36 21.81 8.75 -13.20
C SER C 36 21.26 8.25 -11.87
N ARG C 37 21.81 7.13 -11.39
CA ARG C 37 21.28 6.38 -10.26
C ARG C 37 22.37 6.10 -9.25
N PHE C 38 23.08 7.15 -8.83
CA PHE C 38 24.16 6.97 -7.87
C PHE C 38 23.63 6.36 -6.58
N PRO C 39 24.36 5.42 -5.98
CA PRO C 39 23.88 4.79 -4.74
C PRO C 39 23.80 5.80 -3.61
N LEU C 40 22.82 5.59 -2.73
CA LEU C 40 22.61 6.44 -1.58
C LEU C 40 22.33 5.57 -0.36
N THR C 41 22.89 5.96 0.78
CA THR C 41 22.69 5.26 2.04
C THR C 41 21.91 6.20 2.96
N ARG C 42 20.60 6.05 2.96
CA ARG C 42 19.73 6.99 3.67
C ARG C 42 19.82 6.80 5.18
N ALA C 43 19.57 7.90 5.90
CA ALA C 43 19.50 7.83 7.36
C ALA C 43 18.23 7.10 7.79
N ARG C 44 18.35 6.31 8.86
CA ARG C 44 17.21 5.51 9.31
C ARG C 44 16.15 6.42 9.92
N THR C 45 14.91 6.23 9.48
CA THR C 45 13.78 7.02 9.95
C THR C 45 12.65 6.09 10.37
N MET C 46 11.96 6.45 11.45
CA MET C 46 10.79 5.75 11.92
C MET C 46 9.57 6.62 11.65
N THR C 47 8.54 6.03 11.06
CA THR C 47 7.30 6.76 10.85
C THR C 47 6.63 7.03 12.18
N VAL C 48 6.17 8.28 12.36
CA VAL C 48 5.48 8.68 13.57
C VAL C 48 4.26 9.50 13.17
N VAL C 49 3.31 9.58 14.09
CA VAL C 49 2.08 10.34 13.86
C VAL C 49 2.27 11.73 14.43
N ALA C 50 2.03 12.75 13.61
CA ALA C 50 2.21 14.12 14.02
C ALA C 50 1.06 14.97 13.49
N GLU C 51 0.80 16.07 14.18
CA GLU C 51 -0.20 17.05 13.75
C GLU C 51 0.50 18.19 13.02
N THR C 52 -0.05 18.56 11.86
CA THR C 52 0.48 19.66 11.07
C THR C 52 -0.14 21.00 11.45
N GLY C 53 -0.66 21.12 12.68
CA GLY C 53 -1.33 22.32 13.12
C GLY C 53 -2.83 22.31 12.94
N ASP C 54 -3.34 21.42 12.09
CA ASP C 54 -4.78 21.30 11.85
C ASP C 54 -5.42 20.21 12.71
N GLY C 55 -4.64 19.51 13.53
CA GLY C 55 -5.16 18.42 14.33
C GLY C 55 -5.30 17.10 13.60
N VAL C 56 -4.88 17.03 12.34
CA VAL C 56 -4.98 15.80 11.57
C VAL C 56 -3.83 14.88 11.92
N ALA C 57 -4.12 13.58 12.01
CA ALA C 57 -3.12 12.57 12.34
C ALA C 57 -2.44 12.14 11.05
N LYS C 58 -1.28 12.73 10.77
CA LYS C 58 -0.53 12.45 9.55
C LYS C 58 0.72 11.63 9.91
N ALA C 59 0.92 10.54 9.19
CA ALA C 59 2.09 9.68 9.41
C ALA C 59 3.23 10.17 8.55
N VAL C 60 4.29 10.67 9.19
CA VAL C 60 5.43 11.23 8.47
C VAL C 60 6.72 10.60 8.99
N PRO C 61 7.74 10.45 8.16
CA PRO C 61 9.01 9.91 8.65
C PRO C 61 9.76 10.92 9.51
N LEU C 62 10.60 10.38 10.38
CA LEU C 62 11.41 11.20 11.28
C LEU C 62 12.80 10.61 11.42
N PRO C 63 13.85 11.33 11.06
CA PRO C 63 15.20 10.79 11.19
C PRO C 63 15.60 10.61 12.65
N ILE C 64 15.78 9.36 13.08
CA ILE C 64 16.07 9.04 14.46
C ILE C 64 17.33 8.17 14.50
N VAL C 65 17.75 7.84 15.72
CA VAL C 65 18.82 6.90 15.98
C VAL C 65 18.21 5.69 16.67
N PRO C 66 18.48 4.47 16.23
CA PRO C 66 17.78 3.30 16.78
C PRO C 66 17.98 3.20 18.28
N GLY C 67 16.91 2.76 18.97
CA GLY C 67 17.00 2.57 20.40
C GLY C 67 18.00 1.49 20.78
N ASN C 68 18.11 0.45 19.95
CA ASN C 68 19.09 -0.59 20.20
C ASN C 68 20.50 -0.04 20.13
N THR C 69 20.75 0.87 19.19
CA THR C 69 22.07 1.50 19.09
C THR C 69 22.40 2.29 20.34
N MET C 70 21.45 3.05 20.87
CA MET C 70 21.68 3.79 22.11
C MET C 70 21.89 2.85 23.28
N ARG C 71 21.14 1.74 23.32
CA ARG C 71 21.30 0.77 24.40
C ARG C 71 22.70 0.18 24.38
N ASN C 72 23.18 -0.21 23.20
CA ASN C 72 24.53 -0.75 23.10
C ASN C 72 25.57 0.30 23.39
N LEU C 73 25.32 1.56 23.01
CA LEU C 73 26.23 2.64 23.36
C LEU C 73 26.36 2.80 24.85
N LEU C 74 25.23 2.76 25.57
CA LEU C 74 25.27 2.86 27.03
C LEU C 74 26.00 1.66 27.64
N ARG C 75 25.75 0.47 27.10
CA ARG C 75 26.45 -0.72 27.59
C ARG C 75 27.96 -0.58 27.41
N ARG C 76 28.39 -0.17 26.22
CA ARG C 76 29.81 -0.01 25.97
C ARG C 76 30.40 1.08 26.86
N THR C 77 29.67 2.18 27.07
CA THR C 77 30.16 3.24 27.94
C THR C 77 30.38 2.72 29.35
N MET C 78 29.38 2.04 29.93
CA MET C 78 29.54 1.53 31.28
C MET C 78 30.68 0.54 31.36
N LEU C 79 30.79 -0.37 30.38
CA LEU C 79 31.84 -1.38 30.45
C LEU C 79 33.22 -0.73 30.35
N LYS C 80 33.43 0.11 29.35
CA LYS C 80 34.76 0.66 29.10
C LYS C 80 35.13 1.82 30.03
N ASP C 81 34.19 2.36 30.79
CA ASP C 81 34.51 3.46 31.70
C ASP C 81 34.44 3.09 33.16
N VAL C 82 33.64 2.09 33.54
CA VAL C 82 33.39 1.82 34.95
C VAL C 82 33.73 0.37 35.29
N ILE C 83 33.14 -0.57 34.57
CA ILE C 83 33.28 -1.98 34.92
C ILE C 83 34.69 -2.48 34.64
N GLU C 84 35.23 -2.14 33.47
CA GLU C 84 36.58 -2.57 33.13
C GLU C 84 37.64 -2.01 34.08
N PRO C 85 37.67 -0.71 34.40
CA PRO C 85 38.64 -0.24 35.40
C PRO C 85 38.46 -0.90 36.75
N ALA C 86 37.22 -1.18 37.15
CA ALA C 86 37.00 -1.83 38.45
C ALA C 86 37.54 -3.24 38.46
N LEU C 87 37.29 -4.01 37.40
CA LEU C 87 37.79 -5.38 37.36
C LEU C 87 39.31 -5.44 37.22
N ARG C 88 39.88 -4.48 36.49
CA ARG C 88 41.32 -4.50 36.24
C ARG C 88 42.11 -4.31 37.53
N ASP C 89 41.65 -3.41 38.42
CA ASP C 89 42.40 -3.12 39.63
C ASP C 89 42.50 -4.32 40.55
N LYS C 90 41.54 -5.23 40.49
CA LYS C 90 41.53 -6.42 41.33
C LYS C 90 42.18 -7.62 40.64
N SER C 91 42.75 -7.43 39.44
CA SER C 91 43.34 -8.51 38.67
C SER C 91 42.34 -9.62 38.40
N ALA C 92 41.09 -9.24 38.18
CA ALA C 92 40.02 -10.18 37.87
C ALA C 92 39.81 -10.20 36.36
N GLN C 93 39.94 -11.38 35.75
CA GLN C 93 39.86 -11.54 34.31
C GLN C 93 38.60 -12.31 33.94
N LEU C 94 37.76 -11.70 33.12
CA LEU C 94 36.60 -12.39 32.59
C LEU C 94 37.04 -13.41 31.53
N SER C 95 36.37 -14.56 31.52
CA SER C 95 36.62 -15.52 30.47
C SER C 95 36.08 -14.99 29.15
N ILE C 96 36.46 -15.67 28.06
CA ILE C 96 36.04 -15.23 26.74
C ILE C 96 34.52 -15.28 26.61
N GLY C 97 33.90 -16.33 27.15
CA GLY C 97 32.45 -16.41 27.14
C GLY C 97 31.81 -15.33 27.99
N ALA C 98 32.38 -15.08 29.17
CA ALA C 98 31.87 -14.01 30.03
C ALA C 98 32.02 -12.66 29.36
N TYR C 99 33.16 -12.43 28.69
CA TYR C 99 33.37 -11.18 27.97
C TYR C 99 32.32 -11.01 26.88
N ALA C 100 32.09 -12.06 26.09
CA ALA C 100 31.12 -11.97 25.01
C ALA C 100 29.72 -11.75 25.54
N THR C 101 29.35 -12.42 26.65
CA THR C 101 28.03 -12.24 27.23
C THR C 101 27.86 -10.83 27.77
N ALA C 102 28.89 -10.28 28.41
CA ALA C 102 28.79 -8.92 28.94
C ALA C 102 28.66 -7.90 27.82
N TYR C 103 29.44 -8.05 26.75
CA TYR C 103 29.44 -7.08 25.68
C TYR C 103 28.36 -7.28 24.63
N ALA C 104 27.66 -8.42 24.63
CA ALA C 104 26.65 -8.66 23.61
C ALA C 104 25.39 -9.35 24.12
N GLY C 105 25.27 -9.58 25.43
CA GLY C 105 24.08 -10.22 25.96
C GLY C 105 23.99 -11.71 25.76
N ASN C 106 24.97 -12.32 25.07
CA ASN C 106 24.97 -13.75 24.84
C ASN C 106 26.37 -14.18 24.43
N SER C 107 26.74 -15.39 24.81
CA SER C 107 28.01 -15.97 24.40
C SER C 107 27.88 -16.78 23.10
N SER C 108 26.67 -17.00 22.62
CA SER C 108 26.44 -17.74 21.38
C SER C 108 25.01 -17.45 20.93
N GLY C 109 24.69 -17.96 19.75
CA GLY C 109 23.37 -17.77 19.18
C GLY C 109 22.32 -18.78 19.59
N ASN C 110 22.66 -19.72 20.47
CA ASN C 110 21.75 -20.77 20.90
C ASN C 110 21.49 -20.63 22.40
N PRO C 111 20.43 -19.92 22.78
CA PRO C 111 20.11 -19.80 24.21
C PRO C 111 19.65 -21.12 24.79
N ASP C 112 19.89 -21.30 26.08
CA ASP C 112 19.41 -22.48 26.78
C ASP C 112 17.90 -22.48 26.84
N GLY C 113 17.31 -23.68 26.78
CA GLY C 113 15.88 -23.84 26.84
C GLY C 113 15.30 -24.04 28.21
N VAL C 114 16.09 -23.87 29.27
CA VAL C 114 15.63 -24.09 30.63
C VAL C 114 15.64 -22.78 31.41
N PRO C 115 14.62 -22.50 32.21
CA PRO C 115 14.63 -21.30 33.03
C PRO C 115 15.65 -21.40 34.15
N SER C 116 16.08 -20.24 34.62
CA SER C 116 17.08 -20.16 35.68
C SER C 116 16.42 -20.22 37.06
N SER C 117 17.18 -20.71 38.04
CA SER C 117 16.67 -20.80 39.40
C SER C 117 16.44 -19.40 39.97
N PHE C 118 15.58 -19.35 40.99
CA PHE C 118 15.20 -18.06 41.56
C PHE C 118 16.37 -17.38 42.26
N ASP C 119 17.25 -18.15 42.88
CA ASP C 119 18.43 -17.55 43.51
C ASP C 119 19.30 -16.85 42.48
N GLU C 120 19.52 -17.49 41.33
CA GLU C 120 20.29 -16.88 40.27
C GLU C 120 19.63 -15.61 39.77
N ILE C 121 18.31 -15.63 39.60
CA ILE C 121 17.60 -14.44 39.14
C ILE C 121 17.74 -13.30 40.13
N VAL C 122 17.58 -13.61 41.42
CA VAL C 122 17.70 -12.56 42.44
C VAL C 122 19.12 -12.00 42.45
N THR C 123 20.13 -12.87 42.37
CA THR C 123 21.51 -12.40 42.38
C THR C 123 21.82 -11.54 41.16
N MET C 124 21.37 -11.95 39.98
CA MET C 124 21.71 -11.22 38.77
C MET C 124 20.95 -9.91 38.66
N ARG C 125 19.65 -9.92 38.98
CA ARG C 125 18.86 -8.71 38.89
C ARG C 125 19.30 -7.64 39.88
N ALA C 126 19.99 -8.04 40.95
CA ALA C 126 20.54 -7.09 41.91
C ALA C 126 21.95 -6.63 41.55
N HIS C 127 22.57 -7.23 40.54
CA HIS C 127 23.90 -6.81 40.14
C HIS C 127 23.86 -5.43 39.51
N PRO C 128 24.85 -4.58 39.77
CA PRO C 128 24.81 -3.22 39.21
C PRO C 128 24.78 -3.18 37.69
N PHE C 129 25.44 -4.12 37.02
CA PHE C 129 25.51 -4.12 35.56
C PHE C 129 24.59 -5.17 34.94
N LEU C 130 24.72 -6.43 35.36
CA LEU C 130 23.92 -7.50 34.76
C LEU C 130 22.44 -7.30 35.03
N GLY C 131 22.09 -6.63 36.12
CA GLY C 131 20.70 -6.35 36.39
C GLY C 131 20.09 -5.42 35.35
N LEU C 132 20.83 -4.38 34.96
CA LEU C 132 20.33 -3.44 33.97
C LEU C 132 20.21 -4.10 32.60
N PHE C 133 21.22 -4.88 32.21
CA PHE C 133 21.27 -5.53 30.90
C PHE C 133 21.03 -7.02 31.08
N GLY C 134 19.82 -7.45 30.73
CA GLY C 134 19.49 -8.86 30.79
C GLY C 134 20.09 -9.64 29.64
N GLY C 135 19.78 -10.93 29.61
CA GLY C 135 20.30 -11.79 28.58
C GLY C 135 20.94 -13.04 29.13
N GLY C 136 22.00 -13.51 28.47
CA GLY C 136 22.68 -14.70 28.90
C GLY C 136 22.05 -15.95 28.32
N PRO C 137 22.66 -17.11 28.57
CA PRO C 137 22.08 -18.35 28.06
C PRO C 137 20.66 -18.59 28.55
N ARG C 138 20.37 -18.24 29.79
CA ARG C 138 19.01 -18.25 30.31
C ARG C 138 18.42 -16.86 30.10
N MET C 139 17.38 -16.78 29.26
CA MET C 139 16.75 -15.49 28.98
C MET C 139 16.31 -14.80 30.26
N LEU C 140 16.95 -13.69 30.58
CA LEU C 140 16.69 -12.94 31.80
C LEU C 140 16.30 -11.52 31.43
N GLN C 141 15.21 -11.04 32.01
CA GLN C 141 14.71 -9.70 31.71
C GLN C 141 15.53 -8.66 32.45
N GLY C 142 16.08 -7.71 31.71
CA GLY C 142 16.84 -6.64 32.31
C GLY C 142 15.96 -5.54 32.87
N ARG C 143 16.59 -4.62 33.60
CA ARG C 143 15.90 -3.52 34.22
C ARG C 143 15.93 -2.24 33.39
N LEU C 144 16.52 -2.28 32.19
CA LEU C 144 16.75 -1.08 31.40
C LEU C 144 15.75 -1.02 30.25
N MET C 145 15.14 0.16 30.08
CA MET C 145 14.30 0.46 28.92
C MET C 145 14.96 1.63 28.19
N VAL C 146 15.68 1.33 27.11
CA VAL C 146 16.36 2.34 26.31
C VAL C 146 15.48 2.69 25.13
N ASP C 147 15.17 3.97 24.98
CA ASP C 147 14.33 4.45 23.89
C ASP C 147 15.20 5.01 22.77
N SER C 148 14.59 5.13 21.59
CA SER C 148 15.29 5.68 20.45
C SER C 148 15.57 7.17 20.67
N LEU C 149 16.59 7.66 19.98
CA LEU C 149 17.02 9.05 20.11
C LEU C 149 16.15 9.91 19.19
N TYR C 150 15.00 10.32 19.69
CA TYR C 150 14.09 11.13 18.88
C TYR C 150 14.55 12.57 18.85
N PRO C 151 14.79 13.15 17.68
CA PRO C 151 15.12 14.58 17.62
C PRO C 151 13.92 15.41 18.01
N ILE C 152 14.21 16.58 18.59
CA ILE C 152 13.14 17.50 18.97
C ILE C 152 12.71 18.24 17.73
N HIS C 153 11.71 17.70 17.04
CA HIS C 153 11.21 18.24 15.79
C HIS C 153 9.71 18.48 15.92
N GLN C 154 9.17 19.25 14.98
CA GLN C 154 7.73 19.47 14.96
C GLN C 154 6.97 18.16 14.82
N PHE C 155 7.54 17.19 14.11
CA PHE C 155 6.90 15.90 13.95
C PHE C 155 6.98 15.04 15.21
N SER C 156 7.92 15.32 16.10
CA SER C 156 8.10 14.54 17.32
C SER C 156 7.42 15.18 18.53
N GLN C 157 6.69 16.27 18.33
CA GLN C 157 6.01 16.92 19.46
C GLN C 157 4.96 16.01 20.08
N ARG C 158 4.23 15.27 19.23
CA ARG C 158 3.23 14.34 19.74
C ARG C 158 3.87 13.19 20.50
N ILE C 159 5.09 12.80 20.13
CA ILE C 159 5.72 11.64 20.72
C ILE C 159 6.37 11.99 22.05
N ILE C 160 7.15 13.08 22.09
CA ILE C 160 7.93 13.42 23.26
C ILE C 160 7.25 14.46 24.15
N GLY C 161 6.04 14.88 23.81
CA GLY C 161 5.34 15.87 24.60
C GLY C 161 5.69 17.29 24.20
N SER C 162 5.08 18.23 24.93
CA SER C 162 5.22 19.66 24.65
C SER C 162 6.15 20.35 25.64
N ASP C 163 7.02 19.60 26.31
CA ASP C 163 7.92 20.20 27.29
C ASP C 163 9.07 20.96 26.65
N TYR C 164 9.46 20.58 25.43
CA TYR C 164 10.64 21.13 24.77
C TYR C 164 10.27 21.87 23.49
N ILE C 165 9.22 22.70 23.55
CA ILE C 165 8.79 23.44 22.37
C ILE C 165 9.86 24.46 21.96
N ASN C 166 10.53 25.06 22.94
CA ASN C 166 11.53 26.09 22.64
C ASN C 166 12.72 25.54 21.88
N ASP C 167 12.95 24.23 21.92
CA ASP C 167 14.06 23.60 21.21
C ASP C 167 13.64 22.94 19.91
N SER C 168 12.37 23.11 19.50
CA SER C 168 11.90 22.47 18.29
C SER C 168 12.46 23.14 17.05
N ILE C 169 12.63 22.35 16.00
CA ILE C 169 13.09 22.82 14.69
C ILE C 169 12.05 22.45 13.66
N LYS C 170 11.69 23.41 12.79
CA LYS C 170 10.58 23.24 11.87
C LYS C 170 11.01 22.51 10.59
N GLY C 171 11.99 23.06 9.88
CA GLY C 171 12.37 22.55 8.58
C GLY C 171 13.02 21.19 8.64
N GLY C 172 13.31 20.66 7.46
CA GLY C 172 13.96 19.36 7.38
C GLY C 172 15.34 19.40 8.00
N ILE C 173 15.71 18.31 8.65
CA ILE C 173 16.96 18.23 9.38
C ILE C 173 17.84 17.14 8.80
N THR C 174 17.68 16.87 7.50
CA THR C 174 18.42 15.81 6.83
C THR C 174 19.09 16.39 5.58
N GLU C 175 20.32 15.96 5.32
CA GLU C 175 21.09 16.46 4.19
C GLU C 175 21.89 15.32 3.58
N ILE C 176 22.23 15.48 2.30
CA ILE C 176 22.97 14.48 1.55
C ILE C 176 24.42 14.93 1.42
N VAL C 177 25.34 14.02 1.72
CA VAL C 177 26.77 14.27 1.60
C VAL C 177 27.33 13.35 0.53
N TRP C 178 28.06 13.93 -0.42
CA TRP C 178 28.57 13.20 -1.56
C TRP C 178 29.99 12.71 -1.30
N THR C 179 30.21 11.42 -1.58
CA THR C 179 31.50 10.77 -1.35
C THR C 179 32.03 10.23 -2.67
N ARG C 180 33.33 10.42 -2.89
CA ARG C 180 33.99 9.98 -4.11
C ARG C 180 35.30 9.30 -3.76
N ARG C 181 35.62 8.23 -4.47
CA ARG C 181 36.87 7.51 -4.28
C ARG C 181 37.69 7.59 -5.56
N ASN C 182 38.97 7.92 -5.41
CA ASN C 182 39.87 8.09 -6.54
C ASN C 182 40.78 6.87 -6.69
N ASP C 183 41.16 6.59 -7.92
CA ASP C 183 42.16 5.55 -8.18
C ASP C 183 43.54 6.17 -8.03
N PRO C 184 44.36 5.71 -7.08
CA PRO C 184 45.67 6.34 -6.87
C PRO C 184 46.58 6.26 -8.08
N ILE C 185 46.49 5.18 -8.86
CA ILE C 185 47.41 5.01 -9.98
C ILE C 185 47.16 6.05 -11.06
N LEU C 186 45.89 6.40 -11.29
CA LEU C 186 45.58 7.42 -12.29
C LEU C 186 46.15 8.77 -11.89
N GLN C 187 46.09 9.11 -10.60
CA GLN C 187 46.63 10.37 -10.14
C GLN C 187 48.15 10.38 -10.12
N LEU C 188 48.78 9.20 -10.09
CA LEU C 188 50.24 9.11 -10.09
C LEU C 188 50.77 9.54 -11.45
N GLY C 189 51.45 10.68 -11.49
CA GLY C 189 51.89 11.23 -12.75
C GLY C 189 53.31 11.77 -12.77
N SER C 190 54.21 11.13 -12.01
CA SER C 190 55.60 11.55 -11.97
C SER C 190 56.49 10.31 -11.90
N PRO C 191 57.65 10.32 -12.55
CA PRO C 191 58.58 9.19 -12.39
C PRO C 191 59.05 9.02 -10.97
N ASP C 192 59.17 10.11 -10.20
CA ASP C 192 59.51 9.99 -8.79
C ASP C 192 58.37 9.38 -7.99
N ASP C 193 57.11 9.66 -8.38
CA ASP C 193 55.98 9.03 -7.71
C ASP C 193 55.99 7.52 -7.90
N ALA C 194 56.33 7.07 -9.10
CA ALA C 194 56.39 5.65 -9.40
C ALA C 194 57.70 5.01 -8.94
N ALA C 195 58.64 5.80 -8.41
CA ALA C 195 59.91 5.25 -7.97
C ALA C 195 59.79 4.34 -6.76
N VAL C 196 58.64 4.34 -6.08
CA VAL C 196 58.44 3.46 -4.94
C VAL C 196 57.80 2.14 -5.35
N ILE C 197 56.88 2.18 -6.30
CA ILE C 197 56.18 0.97 -6.72
C ILE C 197 57.17 0.04 -7.42
N GLU C 198 57.15 -1.23 -7.01
CA GLU C 198 58.01 -2.22 -7.64
C GLU C 198 57.63 -2.39 -9.11
N GLY C 199 58.65 -2.51 -9.96
CA GLY C 199 58.45 -2.56 -11.38
C GLY C 199 58.43 -1.20 -12.07
N GLY C 200 58.46 -0.11 -11.30
CA GLY C 200 58.51 1.20 -11.90
C GLY C 200 57.24 1.55 -12.65
N ALA C 201 57.40 2.27 -13.76
CA ALA C 201 56.26 2.70 -14.55
C ALA C 201 55.54 1.54 -15.22
N GLN C 202 56.20 0.39 -15.36
CA GLN C 202 55.58 -0.73 -16.07
C GLN C 202 54.35 -1.24 -15.32
N ALA C 203 54.45 -1.35 -13.98
CA ALA C 203 53.30 -1.81 -13.20
C ALA C 203 52.15 -0.83 -13.29
N ALA C 204 52.43 0.48 -13.23
CA ALA C 204 51.38 1.48 -13.35
C ALA C 204 50.72 1.42 -14.72
N ASN C 205 51.51 1.24 -15.78
CA ASN C 205 50.96 1.13 -17.12
C ASN C 205 50.10 -0.12 -17.26
N ASP C 206 50.53 -1.23 -16.66
CA ASP C 206 49.72 -2.44 -16.68
C ASP C 206 48.40 -2.23 -15.95
N TRP C 207 48.45 -1.55 -14.80
CA TRP C 207 47.23 -1.23 -14.05
C TRP C 207 46.29 -0.39 -14.89
N ILE C 208 46.81 0.65 -15.54
CA ILE C 208 45.97 1.55 -16.32
C ILE C 208 45.37 0.82 -17.52
N THR C 209 46.17 -0.01 -18.21
CA THR C 209 45.65 -0.75 -19.35
C THR C 209 44.58 -1.75 -18.92
N SER C 210 44.79 -2.41 -17.77
CA SER C 210 43.77 -3.32 -17.26
C SER C 210 42.49 -2.57 -16.93
N LEU C 211 42.60 -1.39 -16.35
CA LEU C 211 41.42 -0.59 -16.05
C LEU C 211 40.70 -0.19 -17.33
N LEU C 212 41.45 0.22 -18.35
CA LEU C 212 40.84 0.60 -19.63
C LEU C 212 40.11 -0.59 -20.25
N ALA C 213 40.74 -1.76 -20.25
CA ALA C 213 40.10 -2.94 -20.82
C ALA C 213 38.84 -3.31 -20.04
N THR C 214 38.90 -3.26 -18.71
CA THR C 214 37.74 -3.62 -17.91
C THR C 214 36.58 -2.65 -18.13
N THR C 215 36.87 -1.35 -18.15
CA THR C 215 35.78 -0.39 -18.36
C THR C 215 35.21 -0.49 -19.77
N LYS C 216 36.06 -0.75 -20.76
CA LYS C 216 35.56 -0.95 -22.12
C LYS C 216 34.66 -2.17 -22.21
N ALA C 217 35.09 -3.28 -21.58
CA ALA C 217 34.28 -4.50 -21.61
C ALA C 217 32.95 -4.29 -20.90
N LYS C 218 32.97 -3.61 -19.75
CA LYS C 218 31.73 -3.39 -19.01
C LYS C 218 30.79 -2.45 -19.76
N LYS C 219 31.33 -1.41 -20.40
CA LYS C 219 30.49 -0.52 -21.19
C LYS C 219 29.90 -1.25 -22.39
N GLY C 220 30.69 -2.09 -23.06
CA GLY C 220 30.17 -2.85 -24.17
C GLY C 220 29.09 -3.84 -23.76
N LYS C 221 29.30 -4.50 -22.63
CA LYS C 221 28.28 -5.43 -22.13
C LYS C 221 27.01 -4.68 -21.74
N ALA C 222 27.16 -3.53 -21.09
CA ALA C 222 26.03 -2.72 -20.63
C ALA C 222 25.07 -3.52 -19.76
N GLY C 237 35.82 -7.81 -12.09
CA GLY C 237 35.90 -7.15 -10.80
C GLY C 237 35.38 -5.73 -10.82
N ARG C 238 35.65 -4.99 -9.76
CA ARG C 238 35.22 -3.60 -9.64
C ARG C 238 36.43 -2.72 -9.34
N GLY C 239 36.57 -1.64 -10.09
CA GLY C 239 37.71 -0.76 -9.92
C GLY C 239 37.61 0.09 -8.67
N LEU C 240 38.69 0.82 -8.40
CA LEU C 240 38.74 1.65 -7.22
C LEU C 240 37.91 2.92 -7.36
N LYS C 241 37.70 3.40 -8.58
CA LYS C 241 36.93 4.62 -8.78
C LYS C 241 35.49 4.40 -8.33
N ALA C 242 34.96 5.39 -7.60
CA ALA C 242 33.59 5.31 -7.11
C ALA C 242 33.07 6.71 -6.87
N PHE C 243 31.75 6.84 -6.89
CA PHE C 243 31.09 8.10 -6.59
C PHE C 243 29.76 7.78 -5.93
N ASN C 244 29.66 8.02 -4.62
CA ASN C 244 28.47 7.64 -3.88
C ASN C 244 27.89 8.82 -3.13
N ALA C 245 26.92 8.55 -2.26
CA ALA C 245 26.31 9.57 -1.42
C ALA C 245 25.73 8.89 -0.19
N HIS C 246 25.88 9.54 0.96
CA HIS C 246 25.28 9.07 2.19
C HIS C 246 24.52 10.21 2.84
N GLU C 247 23.32 9.91 3.33
CA GLU C 247 22.43 10.92 3.89
C GLU C 247 22.59 10.95 5.40
N VAL C 248 22.79 12.14 5.96
CA VAL C 248 23.05 12.30 7.38
C VAL C 248 22.10 13.33 7.96
N VAL C 249 21.93 13.25 9.27
CA VAL C 249 21.16 14.25 10.01
C VAL C 249 22.06 15.45 10.28
N ILE C 250 21.55 16.65 9.99
CA ILE C 250 22.36 17.85 10.12
C ILE C 250 22.79 18.04 11.57
N ALA C 251 23.91 18.74 11.75
CA ALA C 251 24.49 18.95 13.07
C ALA C 251 23.93 20.19 13.72
N GLY C 252 23.66 20.08 15.03
CA GLY C 252 23.15 21.19 15.81
C GLY C 252 21.76 20.99 16.35
N VAL C 253 21.03 19.98 15.90
CA VAL C 253 19.69 19.73 16.39
C VAL C 253 19.76 19.09 17.78
N LYS C 254 18.73 19.31 18.58
CA LYS C 254 18.64 18.72 19.91
C LYS C 254 17.87 17.41 19.85
N TRP C 255 18.26 16.48 20.71
CA TRP C 255 17.66 15.16 20.76
C TRP C 255 17.22 14.85 22.17
N LEU C 256 16.13 14.10 22.29
CA LEU C 256 15.63 13.65 23.59
C LEU C 256 15.85 12.16 23.70
N TRP C 257 16.57 11.75 24.74
CA TRP C 257 16.83 10.35 25.03
C TRP C 257 16.17 9.98 26.35
N ARG C 258 15.33 8.96 26.32
CA ARG C 258 14.58 8.53 27.49
C ARG C 258 15.07 7.15 27.91
N ILE C 259 15.52 7.04 29.16
CA ILE C 259 15.94 5.77 29.75
C ILE C 259 15.04 5.53 30.95
N ASN C 260 14.33 4.41 30.94
CA ASN C 260 13.40 4.05 32.00
C ASN C 260 13.88 2.77 32.67
N VAL C 261 13.91 2.77 34.00
CA VAL C 261 14.35 1.62 34.78
C VAL C 261 13.25 1.29 35.78
N ASP C 262 12.87 0.01 35.84
CA ASP C 262 11.82 -0.45 36.74
C ASP C 262 12.43 -0.92 38.05
N ARG C 263 12.06 -0.27 39.15
CA ARG C 263 12.46 -0.62 40.51
C ARG C 263 13.97 -0.83 40.61
N PRO C 264 14.76 0.24 40.53
CA PRO C 264 16.21 0.09 40.57
C PRO C 264 16.79 0.14 41.98
N SER C 265 17.92 -0.55 42.14
CA SER C 265 18.71 -0.36 43.34
C SER C 265 19.54 0.92 43.22
N GLU C 266 20.12 1.34 44.34
CA GLU C 266 20.94 2.55 44.32
C GLU C 266 22.16 2.38 43.44
N SER C 267 22.80 1.21 43.48
CA SER C 267 24.03 0.99 42.73
C SER C 267 23.78 1.07 41.23
N GLN C 268 22.66 0.55 40.76
CA GLN C 268 22.38 0.56 39.32
C GLN C 268 22.17 1.98 38.80
N ILE C 269 21.43 2.80 39.56
CA ILE C 269 21.25 4.19 39.18
C ILE C 269 22.57 4.94 39.25
N GLY C 270 23.40 4.62 40.24
CA GLY C 270 24.73 5.21 40.28
C GLY C 270 25.56 4.86 39.06
N LEU C 271 25.48 3.60 38.62
CA LEU C 271 26.20 3.19 37.42
C LEU C 271 25.69 3.92 36.19
N ILE C 272 24.37 4.09 36.09
CA ILE C 272 23.80 4.83 34.95
C ILE C 272 24.29 6.26 34.96
N LEU C 273 24.31 6.90 36.14
CA LEU C 273 24.79 8.27 36.22
C LEU C 273 26.27 8.37 35.89
N LEU C 274 27.07 7.39 36.33
CA LEU C 274 28.49 7.37 35.98
C LEU C 274 28.67 7.25 34.48
N ALA C 275 27.87 6.41 33.82
CA ALA C 275 27.93 6.32 32.37
C ALA C 275 27.55 7.64 31.72
N LEU C 276 26.50 8.28 32.21
CA LEU C 276 26.07 9.56 31.64
C LEU C 276 27.14 10.62 31.81
N ASN C 277 27.93 10.56 32.89
CA ASN C 277 29.04 11.50 33.05
C ASN C 277 30.07 11.32 31.95
N LYS C 278 30.39 10.07 31.60
CA LYS C 278 31.41 9.76 30.62
C LYS C 278 30.82 9.34 29.27
N LEU C 279 29.53 9.61 29.04
CA LEU C 279 28.91 9.22 27.78
C LEU C 279 29.30 10.16 26.64
N ALA C 280 29.56 11.43 26.94
CA ALA C 280 29.86 12.41 25.90
C ALA C 280 31.13 12.08 25.13
N ASN C 281 32.05 11.33 25.72
CA ASN C 281 33.29 10.99 25.05
C ASN C 281 33.11 9.97 23.94
N GLN C 282 31.97 9.29 23.87
CA GLN C 282 31.70 8.31 22.84
C GLN C 282 30.89 8.95 21.71
N ARG C 283 30.72 8.19 20.63
CA ARG C 283 29.97 8.64 19.47
C ARG C 283 28.59 7.98 19.46
N ILE C 284 27.66 8.61 18.73
CA ILE C 284 26.29 8.14 18.70
C ILE C 284 26.19 6.88 17.85
N ALA C 285 26.46 7.00 16.55
CA ALA C 285 26.35 5.86 15.64
C ALA C 285 27.01 6.14 14.30
N GLY C 286 27.88 5.24 13.85
CA GLY C 286 28.42 5.29 12.51
C GLY C 286 29.31 6.48 12.19
N GLY C 287 29.88 6.47 10.99
CA GLY C 287 30.70 7.57 10.54
C GLY C 287 31.96 7.80 11.35
N HIS C 288 32.67 6.72 11.71
CA HIS C 288 33.89 6.88 12.49
C HIS C 288 34.94 7.66 11.72
N ALA C 289 35.11 7.35 10.43
CA ALA C 289 36.14 8.00 9.64
C ALA C 289 35.87 9.49 9.49
N LYS C 290 34.61 9.87 9.31
CA LYS C 290 34.24 11.27 9.11
C LYS C 290 33.87 11.97 10.40
N ASP C 291 34.22 11.40 11.56
CA ASP C 291 33.97 12.01 12.86
C ASP C 291 32.48 12.31 13.07
N TYR C 292 31.64 11.38 12.65
CA TYR C 292 30.20 11.49 12.86
C TYR C 292 29.82 10.96 14.23
N GLY C 293 28.71 11.46 14.75
CA GLY C 293 28.17 10.97 16.01
C GLY C 293 28.59 11.73 17.23
N ARG C 294 29.39 12.78 17.10
CA ARG C 294 29.79 13.57 18.25
C ARG C 294 28.59 14.31 18.82
N PHE C 295 28.51 14.35 20.15
CA PHE C 295 27.37 14.97 20.82
C PHE C 295 27.79 15.49 22.18
N VAL C 296 26.99 16.41 22.70
CA VAL C 296 27.20 16.97 24.03
C VAL C 296 25.88 16.92 24.79
N ILE C 297 25.94 16.50 26.04
CA ILE C 297 24.74 16.38 26.86
C ILE C 297 24.37 17.75 27.40
N GLU C 298 23.17 18.21 27.08
CA GLU C 298 22.73 19.54 27.51
C GLU C 298 22.15 19.49 28.92
N ASP C 299 21.22 18.57 29.17
CA ASP C 299 20.59 18.46 30.47
C ASP C 299 20.16 17.01 30.70
N VAL C 300 20.14 16.63 31.97
CA VAL C 300 19.69 15.31 32.39
C VAL C 300 18.56 15.50 33.40
N ILE C 301 17.41 14.89 33.12
CA ILE C 301 16.24 14.98 33.98
C ILE C 301 16.12 13.66 34.74
N LEU C 302 16.01 13.76 36.06
CA LEU C 302 15.93 12.59 36.94
C LEU C 302 14.60 12.63 37.67
N ASP C 303 13.63 11.89 37.15
CA ASP C 303 12.27 11.83 37.72
C ASP C 303 11.67 13.22 37.86
N GLY C 304 11.82 14.02 36.81
CA GLY C 304 11.28 15.37 36.81
C GLY C 304 12.16 16.41 37.45
N GLU C 305 13.37 16.07 37.86
CA GLU C 305 14.29 17.02 38.46
C GLU C 305 15.59 17.04 37.66
N SER C 306 16.12 18.24 37.46
CA SER C 306 17.37 18.41 36.72
C SER C 306 18.55 18.13 37.64
N VAL C 307 19.37 17.16 37.28
CA VAL C 307 20.53 16.77 38.08
C VAL C 307 21.83 16.95 37.30
N TRP C 308 21.82 17.80 36.28
CA TRP C 308 22.98 18.01 35.44
C TRP C 308 23.65 19.33 35.80
N THR C 309 24.89 19.25 36.22
CA THR C 309 25.77 20.38 36.50
C THR C 309 26.70 20.60 35.32
N PRO C 310 27.32 21.79 35.21
CA PRO C 310 28.31 21.98 34.13
C PRO C 310 29.44 20.99 34.18
N SER C 311 29.86 20.56 35.37
CA SER C 311 30.87 19.50 35.47
C SER C 311 30.32 18.17 34.96
N GLY C 312 29.07 17.86 35.27
CA GLY C 312 28.47 16.61 34.88
C GLY C 312 27.28 16.28 35.78
N VAL C 313 27.02 15.00 35.94
CA VAL C 313 25.96 14.54 36.83
C VAL C 313 26.44 14.72 38.27
N SER C 314 25.96 15.75 38.94
CA SER C 314 26.39 16.07 40.29
C SER C 314 25.28 16.82 41.01
N GLY C 315 25.43 16.93 42.32
CA GLY C 315 24.46 17.59 43.16
C GLY C 315 24.24 16.80 44.44
N GLN C 316 23.61 17.45 45.41
CA GLN C 316 23.34 16.79 46.69
C GLN C 316 22.36 15.64 46.53
N ALA C 317 21.46 15.73 45.55
CA ALA C 317 20.42 14.71 45.40
C ALA C 317 21.01 13.35 45.00
N THR C 318 22.04 13.36 44.16
CA THR C 318 22.56 12.14 43.56
C THR C 318 23.81 11.59 44.26
N GLU C 319 24.15 12.12 45.44
CA GLU C 319 25.36 11.66 46.13
C GLU C 319 25.25 10.19 46.51
N GLN C 320 24.08 9.77 47.01
CA GLN C 320 23.93 8.41 47.50
C GLN C 320 24.08 7.39 46.39
N PHE C 321 23.60 7.72 45.18
CA PHE C 321 23.76 6.81 44.05
C PHE C 321 25.23 6.58 43.74
N PHE C 322 26.00 7.66 43.67
CA PHE C 322 27.43 7.54 43.38
C PHE C 322 28.14 6.77 44.48
N ASP C 323 27.79 7.06 45.74
CA ASP C 323 28.40 6.31 46.84
C ASP C 323 28.11 4.82 46.69
N ALA C 324 26.83 4.47 46.51
CA ALA C 324 26.44 3.07 46.46
C ALA C 324 27.10 2.34 45.29
N ILE C 325 27.16 2.98 44.12
CA ILE C 325 27.86 2.33 43.02
C ILE C 325 29.35 2.22 43.32
N ALA C 326 29.89 3.14 44.14
CA ALA C 326 31.29 3.04 44.52
C ALA C 326 31.55 1.78 45.35
N GLU C 327 30.72 1.55 46.39
CA GLU C 327 30.93 0.30 47.15
C GLU C 327 30.62 -0.92 46.30
N ALA C 328 29.64 -0.82 45.39
CA ALA C 328 29.33 -1.95 44.52
C ALA C 328 30.53 -2.31 43.65
N LEU C 329 31.21 -1.30 43.10
CA LEU C 329 32.41 -1.55 42.32
C LEU C 329 33.53 -2.09 43.19
N ASP C 330 33.67 -1.57 44.41
CA ASP C 330 34.71 -2.06 45.31
C ASP C 330 34.53 -3.54 45.62
N GLY C 331 33.29 -3.97 45.83
CA GLY C 331 33.02 -5.37 46.08
C GLY C 331 32.80 -6.23 44.86
N MET C 332 32.89 -5.64 43.67
CA MET C 332 32.61 -6.39 42.45
C MET C 332 33.74 -7.37 42.14
N THR C 333 33.39 -8.47 41.47
CA THR C 333 34.35 -9.45 41.03
C THR C 333 33.84 -10.10 39.75
N SER C 334 34.62 -11.03 39.22
CA SER C 334 34.26 -11.73 38.00
C SER C 334 33.42 -12.97 38.22
N SER C 335 33.22 -13.37 39.48
CA SER C 335 32.50 -14.61 39.76
C SER C 335 31.06 -14.53 39.27
N GLU C 336 30.38 -13.41 39.49
CA GLU C 336 29.00 -13.29 39.03
C GLU C 336 28.93 -13.23 37.51
N PHE C 337 29.91 -12.62 36.85
CA PHE C 337 29.92 -12.66 35.38
C PHE C 337 30.08 -14.08 34.87
N GLU C 338 31.00 -14.85 35.47
CA GLU C 338 31.18 -16.23 35.06
C GLU C 338 29.93 -17.06 35.29
N GLN C 339 29.25 -16.84 36.43
CA GLN C 339 28.00 -17.54 36.70
C GLN C 339 26.93 -17.16 35.69
N PHE C 340 26.84 -15.88 35.35
CA PHE C 340 25.83 -15.42 34.40
C PHE C 340 26.06 -16.00 33.01
N ALA C 341 27.31 -16.06 32.57
CA ALA C 341 27.60 -16.52 31.22
C ALA C 341 27.71 -18.04 31.10
N ALA C 342 27.72 -18.76 32.22
CA ALA C 342 27.88 -20.21 32.15
C ALA C 342 26.64 -20.85 31.55
N SER C 343 26.86 -21.84 30.68
CA SER C 343 25.76 -22.59 30.08
C SER C 343 25.17 -23.56 31.10
N ALA C 344 23.85 -23.75 31.01
CA ALA C 344 23.14 -24.61 31.94
C ALA C 344 22.97 -26.03 31.45
N LYS C 345 23.47 -26.36 30.25
CA LYS C 345 23.33 -27.71 29.73
C LYS C 345 24.62 -28.51 29.88
N MET D 1 42.02 11.90 21.95
CA MET D 1 42.91 13.05 22.03
C MET D 1 42.55 14.05 20.93
N GLN D 2 41.95 15.16 21.33
CA GLN D 2 41.41 16.12 20.38
C GLN D 2 42.50 17.05 19.86
N ILE D 3 42.47 17.30 18.56
CA ILE D 3 43.37 18.24 17.91
C ILE D 3 42.52 19.26 17.16
N GLU D 4 42.72 20.54 17.46
CA GLU D 4 42.04 21.62 16.77
C GLU D 4 43.07 22.45 16.04
N VAL D 5 42.89 22.63 14.73
CA VAL D 5 43.82 23.36 13.89
C VAL D 5 43.10 24.60 13.38
N LEU D 6 43.66 25.77 13.67
CA LEU D 6 43.12 27.04 13.20
C LEU D 6 43.74 27.35 11.85
N ILE D 7 42.95 27.24 10.79
CA ILE D 7 43.42 27.36 9.42
C ILE D 7 42.88 28.66 8.83
N ARG D 8 43.78 29.50 8.33
CA ARG D 8 43.41 30.69 7.59
C ARG D 8 43.91 30.52 6.15
N ASN D 9 43.00 30.62 5.20
CA ASN D 9 43.33 30.42 3.79
C ASN D 9 43.64 31.74 3.13
N ILE D 10 44.78 31.82 2.46
CA ILE D 10 45.18 33.04 1.77
C ILE D 10 44.72 33.08 0.33
N THR D 11 44.17 31.98 -0.19
CA THR D 11 43.54 31.92 -1.49
C THR D 11 42.16 31.29 -1.33
N PRO D 12 41.23 31.61 -2.23
CA PRO D 12 39.87 31.05 -2.11
C PRO D 12 39.88 29.53 -2.17
N ILE D 13 38.98 28.91 -1.40
CA ILE D 13 38.81 27.47 -1.37
C ILE D 13 37.65 27.11 -2.29
N PHE D 14 37.87 26.13 -3.17
CA PHE D 14 36.89 25.75 -4.18
C PHE D 14 36.62 24.25 -4.08
N SER D 15 35.58 23.88 -3.35
CA SER D 15 35.11 22.50 -3.28
C SER D 15 33.78 22.45 -4.02
N ALA D 16 33.79 21.86 -5.21
CA ALA D 16 32.63 21.91 -6.08
C ALA D 16 31.53 20.97 -5.59
N ALA D 17 30.33 21.50 -5.43
CA ALA D 17 29.18 20.68 -5.09
C ALA D 17 28.65 20.00 -6.34
N PRO D 18 28.43 18.68 -6.31
CA PRO D 18 27.94 17.99 -7.51
C PRO D 18 26.58 18.52 -7.94
N GLY D 19 26.39 18.58 -9.26
CA GLY D 19 25.14 19.05 -9.82
C GLY D 19 25.29 20.29 -10.66
N SER D 20 24.50 20.40 -11.74
CA SER D 20 24.58 21.54 -12.64
C SER D 20 23.56 22.58 -12.19
N TYR D 21 23.99 23.48 -11.32
CA TYR D 21 23.18 24.62 -10.97
C TYR D 21 23.44 25.73 -11.99
N TYR D 22 22.40 26.53 -12.25
CA TYR D 22 22.47 27.55 -13.28
C TYR D 22 22.32 28.92 -12.64
N VAL D 23 23.08 29.88 -13.15
CA VAL D 23 23.02 31.26 -12.68
C VAL D 23 22.85 32.18 -13.88
N SER D 24 22.18 33.30 -13.65
CA SER D 24 22.11 34.36 -14.63
C SER D 24 23.26 35.34 -14.38
N LEU D 25 23.22 36.50 -15.03
CA LEU D 25 24.14 37.55 -14.69
C LEU D 25 23.82 38.09 -13.30
N ASP D 26 24.70 38.97 -12.81
CA ASP D 26 24.57 39.62 -11.49
C ASP D 26 24.27 38.61 -10.38
N GLY D 27 24.67 37.36 -10.58
CA GLY D 27 24.67 36.36 -9.51
C GLY D 27 23.35 36.02 -8.85
N THR D 28 22.32 35.75 -9.64
CA THR D 28 21.04 35.30 -9.10
C THR D 28 20.96 33.78 -9.20
N ILE D 29 20.83 33.12 -8.05
CA ILE D 29 20.81 31.66 -8.03
C ILE D 29 19.50 31.16 -8.60
N ASN D 30 19.60 30.27 -9.60
CA ASN D 30 18.44 29.63 -10.23
C ASN D 30 17.47 30.69 -10.73
N PRO D 31 17.85 31.42 -11.77
CA PRO D 31 17.09 32.61 -12.16
C PRO D 31 15.76 32.26 -12.80
N PRO D 32 14.83 33.21 -12.88
CA PRO D 32 13.60 32.95 -13.63
C PRO D 32 13.89 32.72 -15.10
N GLN D 33 13.07 31.87 -15.71
CA GLN D 33 13.29 31.48 -17.10
C GLN D 33 13.10 32.68 -18.02
N GLY D 34 13.81 32.65 -19.15
CA GLY D 34 13.73 33.71 -20.13
C GLY D 34 14.99 34.55 -20.16
N ALA D 35 15.55 34.83 -18.99
CA ALA D 35 16.79 35.58 -18.91
C ALA D 35 17.98 34.69 -19.29
N SER D 36 19.13 35.33 -19.47
CA SER D 36 20.36 34.60 -19.78
C SER D 36 20.68 33.62 -18.66
N ARG D 37 21.10 32.42 -19.04
CA ARG D 37 21.34 31.35 -18.10
C ARG D 37 22.71 30.74 -18.35
N PHE D 38 23.47 30.51 -17.29
CA PHE D 38 24.80 29.95 -17.40
C PHE D 38 25.00 28.91 -16.32
N PRO D 39 25.78 27.86 -16.60
CA PRO D 39 26.04 26.84 -15.57
C PRO D 39 26.91 27.41 -14.46
N LEU D 40 26.44 27.26 -13.22
CA LEU D 40 27.18 27.69 -12.05
C LEU D 40 27.61 26.47 -11.26
N THR D 41 28.87 26.46 -10.84
CA THR D 41 29.38 25.40 -9.98
C THR D 41 29.36 25.93 -8.56
N ARG D 42 28.38 25.46 -7.78
CA ARG D 42 28.23 25.88 -6.40
C ARG D 42 29.31 25.24 -5.53
N ALA D 43 29.81 26.01 -4.56
CA ALA D 43 30.73 25.46 -3.59
C ALA D 43 30.02 24.49 -2.65
N ARG D 44 30.77 23.52 -2.14
CA ARG D 44 30.18 22.52 -1.25
C ARG D 44 29.67 23.19 0.02
N THR D 45 28.44 22.89 0.39
CA THR D 45 27.81 23.47 1.56
C THR D 45 27.12 22.39 2.37
N MET D 46 27.13 22.54 3.69
CA MET D 46 26.38 21.70 4.59
C MET D 46 25.42 22.57 5.39
N THR D 47 24.17 22.14 5.46
CA THR D 47 23.17 22.85 6.26
C THR D 47 23.38 22.52 7.73
N VAL D 48 23.48 23.55 8.55
CA VAL D 48 23.67 23.39 9.99
C VAL D 48 22.67 24.27 10.72
N VAL D 49 22.40 23.89 11.96
CA VAL D 49 21.47 24.62 12.81
C VAL D 49 22.24 25.62 13.65
N ALA D 50 21.79 26.87 13.65
CA ALA D 50 22.40 27.89 14.47
C ALA D 50 21.39 29.01 14.71
N GLU D 51 21.53 29.67 15.86
CA GLU D 51 20.70 30.82 16.20
C GLU D 51 21.49 32.09 15.90
N THR D 52 20.94 32.94 15.04
CA THR D 52 21.64 34.15 14.58
C THR D 52 21.24 35.36 15.42
N GLY D 53 21.43 35.23 16.73
CA GLY D 53 21.04 36.28 17.64
C GLY D 53 19.54 36.51 17.69
N ASP D 54 18.77 35.44 17.56
CA ASP D 54 17.31 35.53 17.57
C ASP D 54 16.75 34.62 18.67
N GLY D 55 17.47 33.55 18.97
CA GLY D 55 17.05 32.58 19.96
C GLY D 55 16.31 31.39 19.39
N VAL D 56 15.85 31.46 18.15
CA VAL D 56 15.14 30.37 17.49
C VAL D 56 16.12 29.64 16.59
N ALA D 57 16.09 28.31 16.66
CA ALA D 57 17.00 27.48 15.89
C ALA D 57 16.46 27.28 14.47
N LYS D 58 17.33 27.49 13.48
CA LYS D 58 16.97 27.27 12.09
C LYS D 58 18.16 26.72 11.33
N ALA D 59 17.89 25.95 10.28
CA ALA D 59 18.93 25.34 9.48
C ALA D 59 19.29 26.25 8.32
N VAL D 60 20.58 26.55 8.19
CA VAL D 60 21.05 27.45 7.13
C VAL D 60 22.24 26.79 6.43
N PRO D 61 22.44 27.04 5.13
CA PRO D 61 23.61 26.47 4.46
C PRO D 61 24.90 27.12 4.93
N LEU D 62 25.95 26.31 5.02
CA LEU D 62 27.26 26.77 5.46
C LEU D 62 28.32 26.21 4.51
N PRO D 63 29.10 27.06 3.86
CA PRO D 63 30.12 26.55 2.93
C PRO D 63 31.28 25.90 3.64
N ILE D 64 31.44 24.59 3.47
CA ILE D 64 32.46 23.83 4.17
C ILE D 64 33.25 23.01 3.16
N VAL D 65 34.40 22.53 3.62
CA VAL D 65 35.18 21.50 2.92
C VAL D 65 34.82 20.16 3.53
N PRO D 66 34.36 19.19 2.74
CA PRO D 66 33.92 17.91 3.32
C PRO D 66 35.05 17.22 4.09
N GLY D 67 34.67 16.56 5.18
CA GLY D 67 35.64 15.92 6.03
C GLY D 67 36.43 14.82 5.34
N ASN D 68 35.80 14.14 4.37
CA ASN D 68 36.52 13.13 3.62
C ASN D 68 37.67 13.74 2.84
N THR D 69 37.45 14.92 2.26
CA THR D 69 38.52 15.61 1.55
C THR D 69 39.68 15.93 2.46
N MET D 70 39.40 16.40 3.68
CA MET D 70 40.48 16.72 4.61
C MET D 70 41.19 15.47 5.10
N ARG D 71 40.44 14.38 5.30
CA ARG D 71 41.06 13.12 5.68
C ARG D 71 42.01 12.62 4.60
N ASN D 72 41.57 12.68 3.34
CA ASN D 72 42.44 12.27 2.24
C ASN D 72 43.63 13.20 2.09
N LEU D 73 43.42 14.49 2.34
CA LEU D 73 44.53 15.44 2.29
C LEU D 73 45.57 15.12 3.36
N LEU D 74 45.11 14.80 4.57
CA LEU D 74 46.04 14.41 5.62
C LEU D 74 46.78 13.13 5.25
N ARG D 75 46.05 12.15 4.69
CA ARG D 75 46.68 10.90 4.30
C ARG D 75 47.75 11.13 3.24
N ARG D 76 47.43 11.90 2.20
CA ARG D 76 48.38 12.16 1.13
C ARG D 76 49.57 12.95 1.65
N THR D 77 49.33 13.99 2.47
CA THR D 77 50.44 14.77 2.99
C THR D 77 51.37 13.90 3.81
N MET D 78 50.81 13.08 4.69
CA MET D 78 51.60 12.15 5.48
C MET D 78 52.44 11.25 4.58
N LEU D 79 51.81 10.64 3.58
CA LEU D 79 52.52 9.69 2.74
C LEU D 79 53.65 10.37 1.95
N LYS D 80 53.33 11.44 1.22
CA LYS D 80 54.35 12.08 0.40
C LYS D 80 55.49 12.63 1.24
N ASP D 81 55.18 13.31 2.35
CA ASP D 81 56.19 14.11 3.02
C ASP D 81 56.89 13.39 4.16
N VAL D 82 56.35 12.29 4.68
CA VAL D 82 56.97 11.65 5.83
C VAL D 82 57.31 10.19 5.52
N ILE D 83 56.29 9.40 5.20
CA ILE D 83 56.46 7.96 5.11
C ILE D 83 57.24 7.59 3.84
N GLU D 84 56.87 8.17 2.71
CA GLU D 84 57.53 7.82 1.45
C GLU D 84 59.02 8.12 1.47
N PRO D 85 59.50 9.28 1.95
CA PRO D 85 60.96 9.44 2.07
C PRO D 85 61.59 8.41 2.98
N ALA D 86 60.89 8.00 4.05
CA ALA D 86 61.43 6.98 4.94
C ALA D 86 61.61 5.65 4.20
N LEU D 87 60.63 5.26 3.39
CA LEU D 87 60.76 4.05 2.60
C LEU D 87 61.86 4.19 1.55
N ARG D 88 61.96 5.37 0.92
CA ARG D 88 62.98 5.56 -0.11
C ARG D 88 64.39 5.53 0.45
N ASP D 89 64.57 5.99 1.70
CA ASP D 89 65.88 5.94 2.32
C ASP D 89 66.36 4.50 2.46
N LYS D 90 65.47 3.59 2.83
CA LYS D 90 65.79 2.18 2.95
C LYS D 90 65.70 1.44 1.62
N SER D 91 65.32 2.13 0.54
CA SER D 91 65.21 1.52 -0.78
C SER D 91 64.24 0.33 -0.78
N ALA D 92 63.15 0.48 -0.05
CA ALA D 92 62.10 -0.54 0.03
C ALA D 92 61.00 -0.18 -0.96
N GLN D 93 60.57 -1.17 -1.74
CA GLN D 93 59.58 -0.97 -2.79
C GLN D 93 58.23 -1.52 -2.35
N LEU D 94 57.19 -0.71 -2.50
CA LEU D 94 55.83 -1.16 -2.23
C LEU D 94 55.26 -1.85 -3.45
N SER D 95 54.53 -2.94 -3.23
CA SER D 95 53.82 -3.58 -4.32
C SER D 95 52.68 -2.68 -4.79
N ILE D 96 52.21 -2.94 -6.01
CA ILE D 96 51.18 -2.08 -6.60
C ILE D 96 49.91 -2.12 -5.76
N GLY D 97 49.52 -3.30 -5.30
CA GLY D 97 48.36 -3.40 -4.43
C GLY D 97 48.58 -2.69 -3.11
N ALA D 98 49.78 -2.81 -2.55
CA ALA D 98 50.09 -2.10 -1.31
C ALA D 98 50.02 -0.58 -1.52
N TYR D 99 50.52 -0.10 -2.65
CA TYR D 99 50.46 1.33 -2.95
C TYR D 99 49.01 1.79 -3.04
N ALA D 100 48.19 1.05 -3.78
CA ALA D 100 46.78 1.44 -3.91
C ALA D 100 46.07 1.40 -2.57
N THR D 101 46.33 0.39 -1.76
CA THR D 101 45.69 0.29 -0.45
C THR D 101 46.12 1.42 0.46
N ALA D 102 47.40 1.76 0.46
CA ALA D 102 47.87 2.84 1.31
C ALA D 102 47.35 4.20 0.85
N TYR D 103 47.06 4.35 -0.44
CA TYR D 103 46.65 5.65 -0.94
C TYR D 103 45.15 5.83 -1.05
N ALA D 104 44.36 4.74 -1.03
CA ALA D 104 42.92 4.86 -1.13
C ALA D 104 42.18 3.94 -0.16
N GLY D 105 42.88 3.25 0.73
CA GLY D 105 42.24 2.43 1.73
C GLY D 105 41.85 1.04 1.27
N ASN D 106 42.06 0.72 0.00
CA ASN D 106 41.67 -0.59 -0.52
C ASN D 106 42.34 -0.78 -1.88
N SER D 107 42.65 -2.04 -2.20
CA SER D 107 43.29 -2.36 -3.47
C SER D 107 42.28 -2.71 -4.56
N SER D 108 41.00 -2.81 -4.24
CA SER D 108 39.99 -3.15 -5.22
C SER D 108 38.63 -2.75 -4.67
N GLY D 109 37.62 -2.81 -5.53
CA GLY D 109 36.27 -2.48 -5.14
C GLY D 109 35.51 -3.57 -4.43
N ASN D 110 36.11 -4.74 -4.25
CA ASN D 110 35.44 -5.85 -3.59
C ASN D 110 36.06 -6.07 -2.22
N PRO D 111 35.38 -5.71 -1.13
CA PRO D 111 35.90 -6.02 0.20
C PRO D 111 35.96 -7.51 0.43
N ASP D 112 36.93 -7.93 1.25
CA ASP D 112 37.09 -9.34 1.53
C ASP D 112 35.86 -9.91 2.25
N GLY D 113 35.35 -9.17 3.24
CA GLY D 113 34.16 -9.57 3.95
C GLY D 113 34.37 -10.49 5.13
N VAL D 114 35.59 -10.96 5.37
CA VAL D 114 35.87 -11.85 6.49
C VAL D 114 36.70 -11.10 7.52
N PRO D 115 36.56 -11.40 8.81
CA PRO D 115 37.31 -10.68 9.83
C PRO D 115 38.80 -11.02 9.83
N SER D 116 39.54 -10.44 10.77
CA SER D 116 40.98 -10.57 10.83
C SER D 116 41.36 -11.31 12.11
N SER D 117 42.51 -11.99 12.07
CA SER D 117 43.05 -12.59 13.27
C SER D 117 43.49 -11.50 14.25
N PHE D 118 43.44 -11.82 15.54
CA PHE D 118 43.68 -10.80 16.56
C PHE D 118 45.12 -10.28 16.50
N ASP D 119 46.09 -11.17 16.31
CA ASP D 119 47.47 -10.72 16.19
C ASP D 119 47.65 -9.78 15.02
N GLU D 120 47.02 -10.09 13.89
CA GLU D 120 47.13 -9.23 12.73
C GLU D 120 46.41 -7.91 12.96
N ILE D 121 45.27 -7.96 13.67
CA ILE D 121 44.54 -6.74 14.00
C ILE D 121 45.42 -5.81 14.83
N VAL D 122 46.03 -6.33 15.89
CA VAL D 122 46.85 -5.47 16.74
C VAL D 122 48.10 -5.01 16.01
N THR D 123 48.69 -5.85 15.17
CA THR D 123 49.88 -5.44 14.43
C THR D 123 49.56 -4.28 13.50
N MET D 124 48.43 -4.37 12.76
CA MET D 124 48.08 -3.28 11.86
C MET D 124 47.63 -2.03 12.61
N ARG D 125 46.96 -2.18 13.76
CA ARG D 125 46.50 -1.01 14.48
C ARG D 125 47.64 -0.30 15.19
N ALA D 126 48.69 -1.03 15.57
CA ALA D 126 49.84 -0.40 16.21
C ALA D 126 50.74 0.32 15.21
N HIS D 127 50.52 0.13 13.92
CA HIS D 127 51.35 0.78 12.91
C HIS D 127 51.14 2.29 12.94
N PRO D 128 52.19 3.08 12.70
CA PRO D 128 52.01 4.54 12.69
C PRO D 128 51.02 5.03 11.64
N PHE D 129 50.95 4.39 10.48
CA PHE D 129 50.06 4.83 9.40
C PHE D 129 48.78 4.01 9.31
N LEU D 130 48.93 2.69 9.14
CA LEU D 130 47.76 1.84 8.91
C LEU D 130 46.80 1.87 10.09
N GLY D 131 47.33 2.06 11.31
CA GLY D 131 46.46 2.15 12.46
C GLY D 131 45.55 3.36 12.41
N LEU D 132 46.05 4.47 11.89
CA LEU D 132 45.26 5.70 11.83
C LEU D 132 44.07 5.55 10.90
N PHE D 133 44.31 5.10 9.67
CA PHE D 133 43.29 5.08 8.64
C PHE D 133 42.61 3.72 8.49
N GLY D 134 43.39 2.66 8.36
CA GLY D 134 42.80 1.34 8.18
C GLY D 134 42.32 1.13 6.76
N GLY D 135 41.30 0.28 6.63
CA GLY D 135 40.77 -0.08 5.33
C GLY D 135 41.22 -1.47 4.91
N GLY D 136 41.81 -1.57 3.73
CA GLY D 136 42.28 -2.83 3.22
C GLY D 136 41.15 -3.68 2.68
N PRO D 137 41.47 -4.85 2.11
CA PRO D 137 40.39 -5.72 1.63
C PRO D 137 39.48 -6.18 2.75
N ARG D 138 40.04 -6.79 3.78
CA ARG D 138 39.31 -7.05 5.02
C ARG D 138 39.21 -5.75 5.81
N MET D 139 37.99 -5.40 6.20
CA MET D 139 37.75 -4.08 6.76
C MET D 139 38.37 -3.94 8.14
N LEU D 140 39.00 -2.78 8.37
CA LEU D 140 39.62 -2.47 9.64
C LEU D 140 39.25 -1.06 10.06
N GLN D 141 38.97 -0.88 11.34
CA GLN D 141 38.57 0.42 11.88
C GLN D 141 39.82 1.20 12.29
N GLY D 142 40.04 2.35 11.64
CA GLY D 142 41.17 3.18 11.97
C GLY D 142 40.98 3.96 13.25
N ARG D 143 42.08 4.51 13.76
CA ARG D 143 42.06 5.30 14.98
C ARG D 143 41.79 6.77 14.73
N LEU D 144 41.71 7.20 13.48
CA LEU D 144 41.68 8.62 13.15
C LEU D 144 40.25 9.06 12.84
N MET D 145 39.78 10.07 13.56
CA MET D 145 38.53 10.76 13.26
C MET D 145 38.88 12.11 12.65
N VAL D 146 38.41 12.36 11.43
CA VAL D 146 38.66 13.61 10.74
C VAL D 146 37.33 14.29 10.49
N ASP D 147 37.20 15.53 10.96
CA ASP D 147 35.99 16.30 10.82
C ASP D 147 36.14 17.29 9.66
N SER D 148 35.01 17.81 9.20
CA SER D 148 35.00 18.75 8.10
C SER D 148 35.61 20.08 8.52
N LEU D 149 36.09 20.83 7.54
CA LEU D 149 36.69 22.14 7.77
C LEU D 149 35.57 23.16 7.90
N TYR D 150 35.12 23.36 9.13
CA TYR D 150 34.03 24.30 9.38
C TYR D 150 34.56 25.72 9.43
N PRO D 151 34.05 26.63 8.61
CA PRO D 151 34.48 28.03 8.71
C PRO D 151 33.93 28.68 9.97
N ILE D 152 34.78 29.46 10.64
CA ILE D 152 34.33 30.19 11.81
C ILE D 152 33.36 31.27 11.36
N HIS D 153 32.11 31.17 11.81
CA HIS D 153 31.03 32.00 11.30
C HIS D 153 29.93 32.05 12.34
N GLN D 154 29.06 33.05 12.20
CA GLN D 154 27.92 33.13 13.10
C GLN D 154 27.00 31.93 12.96
N PHE D 155 27.04 31.24 11.83
CA PHE D 155 26.30 30.00 11.65
C PHE D 155 27.01 28.79 12.24
N SER D 156 28.28 28.92 12.60
CA SER D 156 29.06 27.81 13.15
C SER D 156 29.20 27.87 14.66
N GLN D 157 28.63 28.89 15.32
CA GLN D 157 28.77 29.00 16.76
C GLN D 157 28.15 27.82 17.48
N ARG D 158 26.99 27.36 17.01
CA ARG D 158 26.30 26.23 17.63
C ARG D 158 27.05 24.92 17.41
N ILE D 159 28.02 24.88 16.50
CA ILE D 159 28.74 23.65 16.20
C ILE D 159 30.11 23.66 16.88
N ILE D 160 30.95 24.63 16.54
CA ILE D 160 32.31 24.64 17.05
C ILE D 160 32.36 25.17 18.48
N GLY D 161 31.41 26.00 18.87
CA GLY D 161 31.40 26.61 20.19
C GLY D 161 31.78 28.08 20.13
N SER D 162 31.82 28.68 21.31
CA SER D 162 32.14 30.10 21.46
C SER D 162 33.61 30.33 21.77
N ASP D 163 34.45 29.29 21.69
CA ASP D 163 35.87 29.45 21.98
C ASP D 163 36.52 30.42 21.02
N TYR D 164 36.16 30.35 19.75
CA TYR D 164 36.76 31.17 18.69
C TYR D 164 35.81 32.27 18.24
N ILE D 165 35.03 32.84 19.17
CA ILE D 165 34.08 33.87 18.82
C ILE D 165 34.77 35.15 18.37
N ASN D 166 36.06 35.32 18.69
CA ASN D 166 36.77 36.52 18.30
C ASN D 166 37.10 36.55 16.82
N ASP D 167 36.99 35.41 16.12
CA ASP D 167 37.34 35.33 14.71
C ASP D 167 36.13 35.08 13.82
N SER D 168 34.93 35.31 14.33
CA SER D 168 33.72 35.06 13.56
C SER D 168 33.55 36.11 12.46
N ILE D 169 32.81 35.73 11.43
CA ILE D 169 32.49 36.62 10.31
C ILE D 169 30.98 36.64 10.16
N LYS D 170 30.41 37.83 9.99
CA LYS D 170 28.96 37.99 9.97
C LYS D 170 28.37 37.62 8.62
N GLY D 171 28.84 38.27 7.56
CA GLY D 171 28.22 38.13 6.25
C GLY D 171 28.64 36.86 5.54
N GLY D 172 28.14 36.74 4.31
CA GLY D 172 28.48 35.59 3.49
C GLY D 172 29.94 35.57 3.09
N ILE D 173 30.43 34.37 2.81
CA ILE D 173 31.85 34.18 2.53
C ILE D 173 32.05 33.46 1.21
N THR D 174 31.06 33.53 0.32
CA THR D 174 31.12 32.87 -0.97
C THR D 174 30.96 33.89 -2.09
N GLU D 175 31.69 33.69 -3.18
CA GLU D 175 31.61 34.57 -4.33
C GLU D 175 31.71 33.76 -5.62
N ILE D 176 31.15 34.32 -6.68
CA ILE D 176 31.11 33.67 -7.98
C ILE D 176 32.29 34.15 -8.81
N VAL D 177 32.99 33.21 -9.44
CA VAL D 177 34.13 33.51 -10.30
C VAL D 177 33.76 33.11 -11.72
N TRP D 178 33.87 34.04 -12.65
CA TRP D 178 33.49 33.82 -14.04
C TRP D 178 34.70 33.50 -14.89
N THR D 179 34.53 32.54 -15.80
CA THR D 179 35.60 32.09 -16.68
C THR D 179 35.06 31.96 -18.09
N ARG D 180 35.98 31.97 -19.06
CA ARG D 180 35.64 31.87 -20.47
C ARG D 180 36.35 30.69 -21.12
N ARG D 181 36.23 30.61 -22.44
CA ARG D 181 37.02 29.70 -23.27
C ARG D 181 37.04 30.29 -24.66
N ASN D 182 38.18 30.81 -25.08
CA ASN D 182 38.30 31.55 -26.34
C ASN D 182 38.86 30.65 -27.44
N ASP D 183 38.21 30.68 -28.60
CA ASP D 183 38.73 29.98 -29.76
C ASP D 183 40.03 30.61 -30.25
N PRO D 184 40.93 29.83 -30.84
CA PRO D 184 42.08 30.43 -31.54
C PRO D 184 41.70 31.24 -32.77
N ILE D 185 40.45 31.12 -33.25
CA ILE D 185 40.06 31.81 -34.47
C ILE D 185 40.10 33.33 -34.28
N LEU D 186 39.74 33.80 -33.09
CA LEU D 186 39.72 35.24 -32.86
C LEU D 186 41.12 35.85 -32.87
N GLN D 187 42.10 35.14 -32.35
CA GLN D 187 43.44 35.68 -32.24
C GLN D 187 44.29 35.47 -33.49
N LEU D 188 43.72 34.90 -34.56
CA LEU D 188 44.37 34.89 -35.86
C LEU D 188 43.95 36.14 -36.62
N GLY D 189 44.92 37.00 -36.92
CA GLY D 189 44.67 38.20 -37.69
C GLY D 189 45.54 38.26 -38.92
N SER D 190 46.66 37.55 -38.89
CA SER D 190 47.58 37.50 -40.01
C SER D 190 48.02 36.08 -40.28
N PRO D 191 48.29 35.75 -41.55
CA PRO D 191 48.82 34.41 -41.87
C PRO D 191 50.20 34.16 -41.28
N ASP D 192 50.93 35.22 -40.90
CA ASP D 192 52.26 35.02 -40.32
C ASP D 192 52.16 34.25 -39.01
N ASP D 193 51.12 34.50 -38.22
CA ASP D 193 50.87 33.69 -37.03
C ASP D 193 50.60 32.24 -37.42
N ALA D 194 49.87 32.04 -38.52
CA ALA D 194 49.50 30.71 -38.98
C ALA D 194 50.58 30.05 -39.83
N ALA D 195 51.84 30.49 -39.72
CA ALA D 195 52.91 29.80 -40.41
C ALA D 195 53.24 28.46 -39.77
N VAL D 196 52.78 28.24 -38.53
CA VAL D 196 53.03 26.98 -37.84
C VAL D 196 51.91 25.97 -38.08
N ILE D 197 50.85 26.36 -38.77
CA ILE D 197 49.66 25.52 -38.90
C ILE D 197 49.68 24.83 -40.26
N GLU D 198 49.22 23.59 -40.30
CA GLU D 198 49.12 22.85 -41.54
C GLU D 198 48.07 23.49 -42.45
N GLY D 199 48.35 23.49 -43.76
CA GLY D 199 47.41 24.02 -44.72
C GLY D 199 47.18 25.51 -44.67
N GLY D 200 47.68 26.19 -43.65
CA GLY D 200 47.60 27.64 -43.60
C GLY D 200 46.18 28.15 -43.46
N ALA D 201 45.96 29.35 -44.01
CA ALA D 201 44.67 30.02 -43.88
C ALA D 201 43.55 29.20 -44.48
N GLN D 202 43.82 28.47 -45.58
CA GLN D 202 42.79 27.65 -46.20
C GLN D 202 42.32 26.57 -45.24
N ALA D 203 43.26 25.86 -44.61
CA ALA D 203 42.87 24.82 -43.66
C ALA D 203 42.20 25.43 -42.43
N ALA D 204 42.66 26.60 -41.98
CA ALA D 204 42.02 27.24 -40.84
C ALA D 204 40.58 27.60 -41.15
N ASN D 205 40.32 28.14 -42.33
CA ASN D 205 38.96 28.49 -42.72
C ASN D 205 38.12 27.23 -42.90
N ASP D 206 38.70 26.16 -43.41
CA ASP D 206 37.97 24.90 -43.50
C ASP D 206 37.56 24.41 -42.11
N TRP D 207 38.48 24.50 -41.15
CA TRP D 207 38.16 24.07 -39.79
C TRP D 207 37.07 24.95 -39.19
N ILE D 208 37.13 26.27 -39.44
CA ILE D 208 36.12 27.15 -38.88
C ILE D 208 34.75 26.88 -39.51
N THR D 209 34.73 26.53 -40.80
CA THR D 209 33.47 26.14 -41.44
C THR D 209 32.93 24.87 -40.80
N SER D 210 33.81 23.90 -40.53
CA SER D 210 33.38 22.69 -39.85
C SER D 210 32.80 23.03 -38.47
N LEU D 211 33.44 23.97 -37.77
CA LEU D 211 32.96 24.39 -36.46
C LEU D 211 31.55 24.97 -36.56
N LEU D 212 31.33 25.85 -37.54
CA LEU D 212 30.00 26.44 -37.69
C LEU D 212 28.98 25.45 -38.23
N ALA D 213 29.41 24.38 -38.88
CA ALA D 213 28.47 23.48 -39.53
C ALA D 213 28.06 22.30 -38.66
N THR D 214 29.03 21.47 -38.24
CA THR D 214 28.70 20.15 -37.71
C THR D 214 29.22 19.89 -36.29
N THR D 215 30.00 20.80 -35.71
CA THR D 215 30.56 20.55 -34.39
C THR D 215 29.46 20.46 -33.32
N LYS D 216 28.47 21.33 -33.40
CA LYS D 216 27.37 21.31 -32.44
C LYS D 216 26.21 20.47 -32.96
N ARG D 238 31.52 19.81 -29.66
CA ARG D 238 30.64 20.88 -29.22
C ARG D 238 31.20 22.25 -29.60
N GLY D 239 32.50 22.44 -29.39
CA GLY D 239 33.14 23.70 -29.69
C GLY D 239 33.97 24.21 -28.53
N LEU D 240 34.89 25.13 -28.81
CA LEU D 240 35.82 25.63 -27.81
C LEU D 240 35.46 27.03 -27.33
N LYS D 241 34.17 27.31 -27.20
CA LYS D 241 33.69 28.55 -26.63
C LYS D 241 32.75 28.22 -25.47
N ALA D 242 33.06 28.72 -24.28
CA ALA D 242 32.28 28.38 -23.09
C ALA D 242 32.43 29.48 -22.06
N PHE D 243 31.34 30.16 -21.74
CA PHE D 243 31.30 31.13 -20.65
C PHE D 243 30.59 30.49 -19.47
N ASN D 244 31.30 30.39 -18.34
CA ASN D 244 30.79 29.66 -17.18
C ASN D 244 31.25 30.37 -15.91
N ALA D 245 30.80 29.84 -14.78
CA ALA D 245 31.14 30.43 -13.49
C ALA D 245 31.11 29.35 -12.42
N HIS D 246 31.78 29.64 -11.31
CA HIS D 246 31.84 28.72 -10.18
C HIS D 246 31.97 29.52 -8.89
N GLU D 247 31.35 29.02 -7.84
CA GLU D 247 31.34 29.71 -6.55
C GLU D 247 32.55 29.29 -5.74
N VAL D 248 33.21 30.28 -5.11
CA VAL D 248 34.38 30.02 -4.29
C VAL D 248 34.16 30.68 -2.93
N VAL D 249 34.74 30.06 -1.91
CA VAL D 249 34.76 30.65 -0.58
C VAL D 249 35.84 31.71 -0.53
N ILE D 250 35.47 32.92 -0.11
CA ILE D 250 36.39 34.06 -0.23
C ILE D 250 37.63 33.83 0.63
N ALA D 251 38.70 34.51 0.26
CA ALA D 251 39.99 34.33 0.92
C ALA D 251 40.06 35.13 2.21
N GLY D 252 40.87 34.63 3.15
CA GLY D 252 41.09 35.29 4.41
C GLY D 252 40.17 34.83 5.53
N VAL D 253 39.11 34.10 5.23
CA VAL D 253 38.22 33.60 6.27
C VAL D 253 38.94 32.53 7.07
N LYS D 254 38.72 32.54 8.39
CA LYS D 254 39.39 31.60 9.28
C LYS D 254 38.56 30.33 9.44
N TRP D 255 39.23 29.19 9.45
CA TRP D 255 38.59 27.89 9.54
C TRP D 255 39.06 27.15 10.78
N LEU D 256 38.23 26.22 11.24
CA LEU D 256 38.57 25.35 12.36
C LEU D 256 38.49 23.89 11.90
N TRP D 257 39.58 23.16 12.10
CA TRP D 257 39.66 21.75 11.75
C TRP D 257 39.82 20.94 13.02
N ARG D 258 38.92 19.97 13.23
CA ARG D 258 38.93 19.15 14.43
C ARG D 258 39.29 17.72 14.08
N ILE D 259 40.32 17.20 14.75
CA ILE D 259 40.80 15.84 14.53
C ILE D 259 40.79 15.11 15.86
N ASN D 260 40.22 13.92 15.87
CA ASN D 260 40.16 13.09 17.06
C ASN D 260 40.84 11.75 16.78
N VAL D 261 41.45 11.19 17.81
CA VAL D 261 42.12 9.90 17.73
C VAL D 261 41.68 9.03 18.90
N ASP D 262 41.49 7.74 18.63
CA ASP D 262 40.99 6.79 19.63
C ASP D 262 42.18 6.06 20.24
N ARG D 263 42.65 6.58 21.38
CA ARG D 263 43.71 5.99 22.18
C ARG D 263 44.94 5.67 21.34
N PRO D 264 45.64 6.68 20.81
CA PRO D 264 46.80 6.41 19.95
C PRO D 264 48.06 6.17 20.76
N SER D 265 49.04 5.58 20.08
CA SER D 265 50.38 5.49 20.65
C SER D 265 51.13 6.79 20.39
N GLU D 266 52.33 6.90 20.98
CA GLU D 266 53.13 8.09 20.80
C GLU D 266 53.54 8.27 19.34
N SER D 267 53.86 7.17 18.65
CA SER D 267 54.32 7.27 17.27
C SER D 267 53.24 7.85 16.37
N GLN D 268 51.98 7.43 16.56
CA GLN D 268 50.91 7.95 15.72
C GLN D 268 50.68 9.44 15.95
N ILE D 269 50.75 9.87 17.21
CA ILE D 269 50.60 11.31 17.50
C ILE D 269 51.74 12.09 16.85
N GLY D 270 52.96 11.56 16.95
CA GLY D 270 54.09 12.23 16.31
C GLY D 270 53.93 12.30 14.79
N LEU D 271 53.40 11.23 14.20
CA LEU D 271 53.16 11.23 12.76
C LEU D 271 52.14 12.29 12.37
N ILE D 272 51.06 12.40 13.14
CA ILE D 272 50.04 13.40 12.86
C ILE D 272 50.62 14.80 13.01
N LEU D 273 51.45 15.01 14.04
CA LEU D 273 52.07 16.32 14.22
C LEU D 273 53.01 16.66 13.07
N LEU D 274 53.78 15.67 12.60
CA LEU D 274 54.66 15.91 11.45
C LEU D 274 53.84 16.26 10.21
N ALA D 275 52.74 15.54 9.98
CA ALA D 275 51.89 15.84 8.84
C ALA D 275 51.33 17.26 8.94
N LEU D 276 50.93 17.67 10.15
CA LEU D 276 50.48 19.04 10.34
C LEU D 276 51.59 20.04 10.06
N ASN D 277 52.82 19.70 10.44
CA ASN D 277 53.96 20.57 10.15
C ASN D 277 54.15 20.73 8.65
N LYS D 278 54.03 19.65 7.89
CA LYS D 278 54.24 19.67 6.46
C LYS D 278 52.95 19.80 5.67
N LEU D 279 51.85 20.14 6.32
CA LEU D 279 50.56 20.26 5.63
C LEU D 279 50.46 21.51 4.79
N ALA D 280 51.17 22.58 5.17
CA ALA D 280 51.03 23.86 4.47
C ALA D 280 51.47 23.79 3.02
N ASN D 281 52.28 22.80 2.65
CA ASN D 281 52.74 22.65 1.27
C ASN D 281 51.67 22.10 0.35
N GLN D 282 50.54 21.66 0.88
CA GLN D 282 49.49 21.02 0.10
C GLN D 282 48.26 21.91 0.00
N ARG D 283 47.59 21.83 -1.14
CA ARG D 283 46.33 22.55 -1.32
C ARG D 283 45.19 21.80 -0.64
N ILE D 284 44.11 22.52 -0.36
CA ILE D 284 42.98 21.92 0.34
C ILE D 284 42.10 21.15 -0.62
N ALA D 285 41.50 21.85 -1.60
CA ALA D 285 40.60 21.18 -2.53
C ALA D 285 40.32 22.02 -3.77
N GLY D 286 40.46 21.41 -4.94
CA GLY D 286 40.04 22.04 -6.18
C GLY D 286 40.86 23.22 -6.61
N GLY D 287 40.63 23.70 -7.84
CA GLY D 287 41.29 24.90 -8.32
C GLY D 287 42.80 24.81 -8.39
N HIS D 288 43.31 23.66 -8.85
CA HIS D 288 44.76 23.54 -9.04
C HIS D 288 45.26 24.53 -10.07
N ALA D 289 44.51 24.72 -11.15
CA ALA D 289 44.94 25.65 -12.19
C ALA D 289 44.94 27.09 -11.71
N LYS D 290 44.05 27.43 -10.78
CA LYS D 290 43.90 28.80 -10.30
C LYS D 290 44.54 29.02 -8.94
N ASP D 291 45.38 28.10 -8.49
CA ASP D 291 46.08 28.19 -7.21
C ASP D 291 45.11 28.27 -6.04
N TYR D 292 43.92 27.71 -6.20
CA TYR D 292 42.96 27.68 -5.12
C TYR D 292 43.40 26.70 -4.04
N GLY D 293 42.91 26.93 -2.83
CA GLY D 293 43.14 26.00 -1.74
C GLY D 293 44.42 26.20 -0.96
N ARG D 294 45.07 27.36 -1.08
CA ARG D 294 46.28 27.62 -0.33
C ARG D 294 45.95 28.19 1.03
N PHE D 295 46.62 27.69 2.06
CA PHE D 295 46.30 28.06 3.43
C PHE D 295 47.55 28.05 4.28
N VAL D 296 47.47 28.70 5.43
CA VAL D 296 48.53 28.70 6.43
C VAL D 296 47.93 28.24 7.75
N ILE D 297 48.64 27.35 8.45
CA ILE D 297 48.18 26.83 9.73
C ILE D 297 48.50 27.86 10.81
N GLU D 298 47.47 28.43 11.42
CA GLU D 298 47.65 29.54 12.34
C GLU D 298 47.85 29.08 13.77
N ASP D 299 47.09 28.08 14.22
CA ASP D 299 47.21 27.61 15.59
C ASP D 299 46.81 26.14 15.67
N VAL D 300 47.65 25.34 16.32
CA VAL D 300 47.36 23.93 16.57
C VAL D 300 47.21 23.74 18.07
N ILE D 301 46.09 23.15 18.48
CA ILE D 301 45.77 22.96 19.88
C ILE D 301 45.69 21.47 20.17
N LEU D 302 46.43 21.02 21.17
CA LEU D 302 46.55 19.60 21.52
C LEU D 302 45.92 19.39 22.89
N ASP D 303 44.74 18.76 22.92
CA ASP D 303 44.03 18.48 24.16
C ASP D 303 43.80 19.75 24.98
N GLY D 304 43.38 20.81 24.32
CA GLY D 304 43.14 22.08 24.96
C GLY D 304 44.37 22.90 25.23
N GLU D 305 45.55 22.41 24.83
CA GLU D 305 46.82 23.11 25.02
C GLU D 305 47.42 23.44 23.68
N SER D 306 47.82 24.69 23.50
CA SER D 306 48.42 25.13 22.24
C SER D 306 49.87 24.67 22.19
N VAL D 307 50.22 23.91 21.15
CA VAL D 307 51.58 23.44 20.93
C VAL D 307 52.22 24.10 19.72
N TRP D 308 51.48 24.94 19.00
CA TRP D 308 52.01 25.56 17.79
C TRP D 308 53.03 26.64 18.14
N THR D 309 54.05 26.75 17.31
CA THR D 309 55.07 27.79 17.38
C THR D 309 55.21 28.41 16.01
N PRO D 310 55.77 29.62 15.92
CA PRO D 310 55.96 30.24 14.59
C PRO D 310 56.72 29.35 13.63
N SER D 311 57.71 28.59 14.10
CA SER D 311 58.37 27.60 13.26
C SER D 311 57.39 26.49 12.87
N GLY D 312 56.58 26.04 13.81
CA GLY D 312 55.65 24.96 13.55
C GLY D 312 55.29 24.26 14.84
N VAL D 313 54.89 22.99 14.71
CA VAL D 313 54.59 22.18 15.88
C VAL D 313 55.90 21.83 16.57
N SER D 314 56.18 22.50 17.69
CA SER D 314 57.43 22.27 18.41
C SER D 314 57.23 22.69 19.86
N GLY D 315 58.15 22.26 20.70
CA GLY D 315 58.11 22.54 22.13
C GLY D 315 58.43 21.31 22.95
N GLN D 316 58.71 21.56 24.23
CA GLN D 316 59.07 20.47 25.13
C GLN D 316 57.90 19.50 25.31
N ALA D 317 56.67 19.99 25.28
CA ALA D 317 55.51 19.13 25.42
C ALA D 317 55.32 18.20 24.23
N THR D 318 56.05 18.41 23.13
CA THR D 318 55.89 17.61 21.93
C THR D 318 57.14 16.83 21.55
N GLU D 319 58.21 16.91 22.35
CA GLU D 319 59.45 16.24 21.97
C GLU D 319 59.31 14.73 21.97
N GLN D 320 58.58 14.18 22.93
CA GLN D 320 58.46 12.73 23.02
C GLN D 320 57.75 12.16 21.80
N PHE D 321 56.72 12.84 21.30
CA PHE D 321 56.02 12.36 20.11
C PHE D 321 56.95 12.33 18.90
N PHE D 322 57.75 13.39 18.73
CA PHE D 322 58.66 13.43 17.60
C PHE D 322 59.74 12.36 17.72
N ASP D 323 60.27 12.14 18.92
CA ASP D 323 61.24 11.07 19.11
C ASP D 323 60.63 9.71 18.79
N ALA D 324 59.40 9.47 19.24
CA ALA D 324 58.76 8.19 18.98
C ALA D 324 58.50 7.99 17.50
N ILE D 325 58.02 9.02 16.81
CA ILE D 325 57.73 8.85 15.39
C ILE D 325 59.03 8.68 14.59
N ALA D 326 60.11 9.36 14.99
CA ALA D 326 61.39 9.13 14.33
C ALA D 326 61.87 7.70 14.54
N GLU D 327 61.74 7.19 15.77
CA GLU D 327 62.18 5.82 16.05
C GLU D 327 61.29 4.80 15.33
N ALA D 328 60.05 5.15 15.05
CA ALA D 328 59.20 4.27 14.25
C ALA D 328 59.56 4.35 12.77
N LEU D 329 59.90 5.54 12.29
CA LEU D 329 60.15 5.74 10.86
C LEU D 329 61.47 5.11 10.44
N ASP D 330 62.52 5.29 11.25
CA ASP D 330 63.82 4.77 10.82
C ASP D 330 63.88 3.24 10.83
N GLY D 331 62.88 2.57 11.38
CA GLY D 331 62.87 1.13 11.41
C GLY D 331 61.59 0.49 10.91
N MET D 332 60.95 1.09 9.92
CA MET D 332 59.76 0.53 9.30
C MET D 332 60.10 0.02 7.91
N THR D 333 59.35 -0.99 7.47
CA THR D 333 59.58 -1.63 6.18
C THR D 333 58.26 -1.70 5.42
N SER D 334 58.32 -2.29 4.23
CA SER D 334 57.15 -2.50 3.39
C SER D 334 56.41 -3.79 3.74
N SER D 335 56.93 -4.60 4.66
CA SER D 335 56.30 -5.86 5.01
C SER D 335 54.90 -5.63 5.58
N GLU D 336 54.76 -4.64 6.45
CA GLU D 336 53.45 -4.33 7.02
C GLU D 336 52.46 -3.93 5.94
N PHE D 337 52.90 -3.09 4.99
CA PHE D 337 52.01 -2.66 3.93
C PHE D 337 51.58 -3.82 3.04
N GLU D 338 52.53 -4.68 2.66
CA GLU D 338 52.17 -5.79 1.77
C GLU D 338 51.32 -6.82 2.48
N GLN D 339 51.50 -6.99 3.80
CA GLN D 339 50.60 -7.87 4.54
C GLN D 339 49.21 -7.27 4.67
N PHE D 340 49.13 -5.95 4.88
CA PHE D 340 47.84 -5.29 5.00
C PHE D 340 47.05 -5.36 3.70
N ALA D 341 47.73 -5.13 2.57
CA ALA D 341 47.03 -5.14 1.29
C ALA D 341 46.67 -6.54 0.82
N ALA D 342 47.26 -7.58 1.41
CA ALA D 342 46.98 -8.94 0.98
C ALA D 342 45.54 -9.32 1.26
N SER D 343 44.92 -9.99 0.30
CA SER D 343 43.54 -10.45 0.41
C SER D 343 43.50 -11.94 0.71
N ALA D 344 42.52 -12.35 1.49
CA ALA D 344 42.38 -13.74 1.91
C ALA D 344 41.45 -14.55 1.03
N LYS D 345 40.95 -13.98 -0.06
CA LYS D 345 40.05 -14.70 -0.95
C LYS D 345 40.78 -15.83 -1.67
N MET E 1 57.87 25.05 -6.76
CA MET E 1 58.65 26.25 -6.52
C MET E 1 57.75 27.49 -6.50
N GLN E 2 57.98 28.35 -5.51
CA GLN E 2 57.16 29.54 -5.32
C GLN E 2 57.79 30.72 -6.04
N ILE E 3 57.02 31.35 -6.92
CA ILE E 3 57.48 32.50 -7.69
C ILE E 3 56.54 33.67 -7.43
N GLU E 4 57.09 34.78 -6.95
CA GLU E 4 56.34 36.00 -6.69
C GLU E 4 56.84 37.09 -7.63
N VAL E 5 55.91 37.71 -8.35
CA VAL E 5 56.24 38.73 -9.35
C VAL E 5 55.54 40.02 -8.97
N LEU E 6 56.27 41.13 -9.05
CA LEU E 6 55.74 42.45 -8.70
C LEU E 6 55.40 43.20 -9.97
N ILE E 7 54.16 43.69 -10.05
CA ILE E 7 53.66 44.33 -11.25
C ILE E 7 53.07 45.68 -10.90
N ARG E 8 53.49 46.72 -11.61
CA ARG E 8 52.81 48.00 -11.59
C ARG E 8 52.37 48.34 -13.01
N ASN E 9 51.34 49.17 -13.10
CA ASN E 9 50.72 49.50 -14.38
C ASN E 9 50.95 50.98 -14.71
N ILE E 10 51.55 51.23 -15.88
CA ILE E 10 51.68 52.60 -16.35
C ILE E 10 50.32 53.15 -16.76
N THR E 11 49.51 52.33 -17.39
CA THR E 11 48.15 52.65 -17.78
C THR E 11 47.16 51.88 -16.93
N PRO E 12 45.94 52.39 -16.74
CA PRO E 12 44.96 51.67 -15.91
C PRO E 12 44.67 50.28 -16.45
N ILE E 13 44.61 49.32 -15.54
CA ILE E 13 44.21 47.96 -15.87
C ILE E 13 42.70 47.86 -15.79
N PHE E 14 42.07 47.36 -16.86
CA PHE E 14 40.62 47.31 -16.98
C PHE E 14 40.19 45.87 -17.24
N SER E 15 39.92 45.13 -16.17
CA SER E 15 39.41 43.76 -16.27
C SER E 15 37.91 43.81 -15.98
N ALA E 16 37.12 44.00 -17.03
CA ALA E 16 35.68 44.18 -16.87
C ALA E 16 35.05 42.96 -16.22
N ALA E 17 34.13 43.21 -15.30
CA ALA E 17 33.42 42.15 -14.62
C ALA E 17 32.08 41.89 -15.30
N PRO E 18 31.57 40.67 -15.22
CA PRO E 18 30.27 40.37 -15.83
C PRO E 18 29.14 41.10 -15.12
N GLY E 19 28.07 41.30 -15.85
CA GLY E 19 26.89 41.96 -15.31
C GLY E 19 26.76 43.39 -15.79
N SER E 20 25.52 43.88 -15.78
CA SER E 20 25.21 45.23 -16.23
C SER E 20 24.88 46.08 -15.02
N TYR E 21 25.66 47.15 -14.82
CA TYR E 21 25.47 48.06 -13.70
C TYR E 21 25.23 49.47 -14.24
N TYR E 22 24.65 50.30 -13.37
CA TYR E 22 24.27 51.66 -13.76
C TYR E 22 24.80 52.65 -12.74
N VAL E 23 25.25 53.80 -13.24
CA VAL E 23 25.81 54.85 -12.41
C VAL E 23 25.18 56.17 -12.81
N SER E 24 25.18 57.12 -11.88
CA SER E 24 24.63 58.45 -12.11
C SER E 24 25.76 59.42 -12.44
N LEU E 25 25.38 60.68 -12.67
CA LEU E 25 26.36 61.69 -13.03
C LEU E 25 27.33 61.96 -11.88
N ASP E 26 26.83 62.05 -10.65
CA ASP E 26 27.72 62.26 -9.52
C ASP E 26 28.53 61.01 -9.17
N GLY E 27 28.19 59.86 -9.73
CA GLY E 27 29.02 58.69 -9.57
C GLY E 27 28.61 57.76 -8.44
N THR E 28 27.35 57.35 -8.40
CA THR E 28 26.87 56.39 -7.42
C THR E 28 26.38 55.14 -8.13
N ILE E 29 26.72 53.98 -7.56
CA ILE E 29 26.35 52.70 -8.17
C ILE E 29 24.87 52.43 -7.94
N ASN E 30 24.16 52.09 -9.02
CA ASN E 30 22.74 51.76 -8.98
C ASN E 30 21.93 52.89 -8.36
N PRO E 31 21.81 54.03 -9.03
CA PRO E 31 21.04 55.14 -8.47
C PRO E 31 19.57 54.80 -8.44
N PRO E 32 18.77 55.57 -7.69
CA PRO E 32 17.32 55.36 -7.72
C PRO E 32 16.75 55.69 -9.09
N GLN E 33 15.57 55.13 -9.37
CA GLN E 33 14.95 55.29 -10.68
C GLN E 33 14.69 56.76 -11.03
N GLY E 34 14.56 57.63 -10.02
CA GLY E 34 14.30 59.03 -10.29
C GLY E 34 15.45 59.76 -10.95
N ALA E 35 16.66 59.21 -10.87
CA ALA E 35 17.83 59.82 -11.46
C ALA E 35 18.10 59.25 -12.85
N SER E 36 18.96 59.95 -13.60
CA SER E 36 19.34 59.53 -14.94
C SER E 36 20.54 58.61 -14.85
N ARG E 37 20.28 57.31 -14.77
CA ARG E 37 21.34 56.33 -14.67
C ARG E 37 22.08 56.20 -16.00
N PHE E 38 23.39 55.96 -15.90
CA PHE E 38 24.23 55.76 -17.07
C PHE E 38 24.81 54.35 -17.07
N PRO E 39 24.93 53.71 -18.24
CA PRO E 39 25.51 52.37 -18.28
C PRO E 39 26.93 52.37 -17.76
N LEU E 40 27.28 51.31 -17.04
CA LEU E 40 28.60 51.23 -16.42
C LEU E 40 28.97 49.77 -16.22
N THR E 41 30.09 49.36 -16.81
CA THR E 41 30.68 48.06 -16.54
C THR E 41 31.75 48.22 -15.48
N ARG E 42 31.78 47.28 -14.53
CA ARG E 42 32.67 47.37 -13.39
C ARG E 42 33.88 46.45 -13.58
N ALA E 43 34.94 46.78 -12.86
CA ALA E 43 36.14 45.95 -12.91
C ALA E 43 35.93 44.66 -12.14
N ARG E 44 36.74 43.66 -12.47
CA ARG E 44 36.69 42.38 -11.76
C ARG E 44 37.01 42.59 -10.28
N THR E 45 36.01 42.45 -9.43
CA THR E 45 36.15 42.70 -8.00
C THR E 45 35.86 41.41 -7.24
N MET E 46 36.79 41.02 -6.37
CA MET E 46 36.67 39.83 -5.54
C MET E 46 36.63 40.26 -4.09
N THR E 47 35.60 39.84 -3.37
CA THR E 47 35.50 40.17 -1.95
C THR E 47 36.45 39.30 -1.15
N VAL E 48 37.22 39.94 -0.27
CA VAL E 48 38.23 39.25 0.53
C VAL E 48 38.08 39.66 1.99
N VAL E 49 38.32 38.71 2.89
CA VAL E 49 38.28 39.01 4.32
C VAL E 49 39.53 39.80 4.70
N ALA E 50 39.33 40.89 5.43
CA ALA E 50 40.43 41.73 5.86
C ALA E 50 40.01 42.52 7.09
N GLU E 51 41.02 43.12 7.74
CA GLU E 51 40.79 43.98 8.88
C GLU E 51 41.61 45.25 8.72
N THR E 52 41.12 46.34 9.32
CA THR E 52 41.77 47.64 9.25
C THR E 52 42.39 48.03 10.58
N GLY E 53 42.91 47.05 11.33
CA GLY E 53 43.46 47.27 12.65
C GLY E 53 42.45 47.11 13.78
N ASP E 54 41.16 47.08 13.46
CA ASP E 54 40.14 46.87 14.48
C ASP E 54 40.05 45.42 14.93
N GLY E 55 40.58 44.49 14.13
CA GLY E 55 40.43 43.08 14.42
C GLY E 55 39.14 42.46 13.94
N VAL E 56 38.25 43.25 13.33
CA VAL E 56 36.98 42.75 12.82
C VAL E 56 37.20 42.26 11.40
N ALA E 57 36.93 40.98 11.17
CA ALA E 57 37.07 40.39 9.84
C ALA E 57 35.88 40.80 9.00
N LYS E 58 36.06 41.79 8.14
CA LYS E 58 35.01 42.29 7.28
C LYS E 58 35.35 42.03 5.82
N ALA E 59 34.42 41.41 5.10
CA ALA E 59 34.64 41.13 3.69
C ALA E 59 34.53 42.41 2.87
N VAL E 60 35.50 42.64 2.00
CA VAL E 60 35.54 43.86 1.19
C VAL E 60 35.77 43.50 -0.26
N PRO E 61 34.94 43.98 -1.19
CA PRO E 61 35.20 43.74 -2.61
C PRO E 61 36.49 44.43 -3.05
N LEU E 62 37.38 43.65 -3.66
CA LEU E 62 38.70 44.15 -4.06
C LEU E 62 38.88 43.96 -5.56
N PRO E 63 39.20 45.03 -6.30
CA PRO E 63 39.42 44.88 -7.75
C PRO E 63 40.70 44.11 -8.03
N ILE E 64 40.56 42.94 -8.66
CA ILE E 64 41.69 42.08 -8.98
C ILE E 64 41.54 41.57 -10.41
N VAL E 65 42.66 41.12 -10.97
CA VAL E 65 42.70 40.51 -12.30
C VAL E 65 42.66 39.00 -12.11
N PRO E 66 41.70 38.29 -12.71
CA PRO E 66 41.53 36.87 -12.39
C PRO E 66 42.75 36.04 -12.76
N GLY E 67 42.98 34.98 -11.98
CA GLY E 67 44.08 34.08 -12.25
C GLY E 67 43.96 33.38 -13.58
N ASN E 68 42.73 33.18 -14.06
CA ASN E 68 42.55 32.62 -15.39
C ASN E 68 43.12 33.53 -16.46
N THR E 69 42.88 34.84 -16.33
CA THR E 69 43.42 35.78 -17.30
C THR E 69 44.94 35.78 -17.27
N MET E 70 45.54 35.74 -16.08
CA MET E 70 46.99 35.69 -15.99
C MET E 70 47.53 34.41 -16.59
N ARG E 71 46.85 33.29 -16.35
CA ARG E 71 47.26 32.02 -16.93
C ARG E 71 47.25 32.08 -18.45
N ASN E 72 46.15 32.59 -19.02
CA ASN E 72 46.05 32.69 -20.48
C ASN E 72 47.11 33.62 -21.04
N LEU E 73 47.35 34.75 -20.37
CA LEU E 73 48.36 35.69 -20.84
C LEU E 73 49.74 35.05 -20.81
N LEU E 74 50.06 34.34 -19.73
CA LEU E 74 51.36 33.70 -19.63
C LEU E 74 51.53 32.64 -20.71
N ARG E 75 50.47 31.86 -20.96
CA ARG E 75 50.53 30.84 -22.00
C ARG E 75 50.74 31.45 -23.38
N ARG E 76 50.00 32.52 -23.68
CA ARG E 76 50.13 33.18 -24.98
C ARG E 76 51.52 33.76 -25.15
N THR E 77 52.05 34.40 -24.11
CA THR E 77 53.40 34.94 -24.17
C THR E 77 54.42 33.83 -24.39
N MET E 78 54.31 32.76 -23.61
CA MET E 78 55.23 31.63 -23.73
C MET E 78 55.26 31.12 -25.16
N LEU E 79 54.08 30.83 -25.72
CA LEU E 79 54.03 30.29 -27.07
C LEU E 79 54.56 31.30 -28.07
N LYS E 80 53.92 32.46 -28.17
CA LYS E 80 54.24 33.43 -29.22
C LYS E 80 55.69 33.87 -29.18
N ASP E 81 56.31 33.91 -28.01
CA ASP E 81 57.64 34.47 -27.90
C ASP E 81 58.74 33.44 -27.81
N VAL E 82 58.46 32.24 -27.34
CA VAL E 82 59.49 31.23 -27.14
C VAL E 82 59.18 29.99 -27.95
N ILE E 83 58.04 29.37 -27.67
CA ILE E 83 57.71 28.10 -28.31
C ILE E 83 57.42 28.30 -29.79
N GLU E 84 56.61 29.30 -30.13
CA GLU E 84 56.27 29.53 -31.53
C GLU E 84 57.48 29.93 -32.38
N PRO E 85 58.33 30.89 -31.96
CA PRO E 85 59.54 31.16 -32.76
C PRO E 85 60.46 29.97 -32.88
N ALA E 86 60.59 29.17 -31.81
CA ALA E 86 61.43 27.98 -31.88
C ALA E 86 60.88 26.98 -32.88
N LEU E 87 59.55 26.81 -32.90
CA LEU E 87 58.94 25.92 -33.87
C LEU E 87 59.16 26.41 -35.29
N ARG E 88 59.06 27.73 -35.51
CA ARG E 88 59.31 28.26 -36.84
C ARG E 88 60.77 28.04 -37.26
N ASP E 89 61.70 28.22 -36.31
CA ASP E 89 63.12 28.13 -36.66
C ASP E 89 63.49 26.75 -37.19
N LYS E 90 62.84 25.71 -36.71
CA LYS E 90 63.07 24.35 -37.19
C LYS E 90 62.06 23.92 -38.24
N SER E 91 61.24 24.85 -38.72
CA SER E 91 60.21 24.57 -39.72
C SER E 91 59.23 23.50 -39.24
N ALA E 92 59.02 23.43 -37.93
CA ALA E 92 58.03 22.51 -37.38
C ALA E 92 56.63 22.97 -37.76
N GLN E 93 55.73 22.01 -37.92
CA GLN E 93 54.40 22.25 -38.45
C GLN E 93 53.41 21.58 -37.52
N LEU E 94 52.42 22.32 -37.05
CA LEU E 94 51.44 21.81 -36.11
C LEU E 94 50.08 21.70 -36.78
N SER E 95 49.35 20.63 -36.46
CA SER E 95 47.97 20.50 -36.91
C SER E 95 47.07 21.47 -36.17
N ILE E 96 45.87 21.68 -36.72
CA ILE E 96 44.93 22.59 -36.08
C ILE E 96 44.57 22.09 -34.69
N GLY E 97 44.52 20.76 -34.52
CA GLY E 97 44.33 20.22 -33.19
C GLY E 97 45.44 20.62 -32.25
N ALA E 98 46.68 20.52 -32.71
CA ALA E 98 47.82 20.91 -31.87
C ALA E 98 47.74 22.37 -31.49
N TYR E 99 47.41 23.23 -32.46
CA TYR E 99 47.31 24.67 -32.19
C TYR E 99 46.23 24.98 -31.18
N ALA E 100 45.01 24.48 -31.42
CA ALA E 100 43.90 24.77 -30.52
C ALA E 100 44.15 24.18 -29.13
N THR E 101 44.72 22.97 -29.08
CA THR E 101 45.02 22.34 -27.81
C THR E 101 46.06 23.14 -27.04
N ALA E 102 47.09 23.63 -27.73
CA ALA E 102 48.12 24.43 -27.07
C ALA E 102 47.54 25.74 -26.54
N TYR E 103 46.68 26.39 -27.32
CA TYR E 103 46.18 27.69 -26.90
C TYR E 103 45.06 27.61 -25.88
N ALA E 104 44.29 26.52 -25.83
CA ALA E 104 43.14 26.47 -24.95
C ALA E 104 42.97 25.14 -24.22
N GLY E 105 43.97 24.27 -24.23
CA GLY E 105 43.86 23.02 -23.50
C GLY E 105 43.16 21.93 -24.28
N ASN E 106 41.86 22.10 -24.51
CA ASN E 106 41.05 21.12 -25.22
C ASN E 106 40.90 21.51 -26.68
N SER E 107 40.80 20.50 -27.54
CA SER E 107 40.57 20.73 -28.95
C SER E 107 39.09 20.63 -29.34
N SER E 108 38.23 20.21 -28.41
CA SER E 108 36.82 20.05 -28.71
C SER E 108 36.01 20.28 -27.43
N GLY E 109 34.72 20.55 -27.62
CA GLY E 109 33.84 20.77 -26.49
C GLY E 109 33.44 19.52 -25.74
N ASN E 110 33.76 18.35 -26.28
CA ASN E 110 33.42 17.07 -25.66
C ASN E 110 34.69 16.39 -25.20
N PRO E 111 35.01 16.40 -23.91
CA PRO E 111 36.21 15.71 -23.44
C PRO E 111 36.10 14.20 -23.62
N ASP E 112 37.26 13.55 -23.74
CA ASP E 112 37.28 12.10 -23.88
C ASP E 112 36.73 11.42 -22.65
N GLY E 113 37.08 11.92 -21.46
CA GLY E 113 36.66 11.27 -20.23
C GLY E 113 37.22 9.89 -20.04
N VAL E 114 38.46 9.65 -20.48
CA VAL E 114 39.10 8.35 -20.37
C VAL E 114 40.52 8.56 -19.86
N PRO E 115 40.99 7.77 -18.91
CA PRO E 115 42.36 7.94 -18.41
C PRO E 115 43.40 7.63 -19.48
N SER E 116 44.54 8.29 -19.38
CA SER E 116 45.67 8.08 -20.27
C SER E 116 46.65 7.08 -19.67
N SER E 117 47.40 6.42 -20.54
CA SER E 117 48.44 5.52 -20.08
C SER E 117 49.53 6.30 -19.36
N PHE E 118 50.16 5.64 -18.38
CA PHE E 118 51.13 6.34 -17.55
C PHE E 118 52.36 6.77 -18.33
N ASP E 119 52.70 6.05 -19.41
CA ASP E 119 53.81 6.47 -20.24
C ASP E 119 53.55 7.84 -20.86
N GLU E 120 52.34 8.06 -21.36
CA GLU E 120 52.00 9.37 -21.91
C GLU E 120 52.04 10.44 -20.83
N ILE E 121 51.54 10.12 -19.63
CA ILE E 121 51.51 11.10 -18.55
C ILE E 121 52.93 11.51 -18.16
N VAL E 122 53.82 10.52 -17.99
CA VAL E 122 55.18 10.83 -17.57
C VAL E 122 55.93 11.56 -18.68
N THR E 123 55.65 11.21 -19.94
CA THR E 123 56.31 11.90 -21.04
C THR E 123 55.82 13.33 -21.20
N MET E 124 54.56 13.59 -20.86
CA MET E 124 53.96 14.88 -21.16
C MET E 124 54.08 15.87 -20.01
N ARG E 125 54.00 15.39 -18.76
CA ARG E 125 54.18 16.29 -17.62
C ARG E 125 55.63 16.72 -17.46
N ALA E 126 56.56 16.10 -18.16
CA ALA E 126 57.94 16.55 -18.22
C ALA E 126 58.21 17.46 -19.40
N HIS E 127 57.21 17.73 -20.22
CA HIS E 127 57.39 18.61 -21.37
C HIS E 127 57.61 20.04 -20.90
N PRO E 128 58.45 20.82 -21.59
CA PRO E 128 58.72 22.18 -21.14
C PRO E 128 57.48 23.06 -21.04
N PHE E 129 56.55 22.96 -21.99
CA PHE E 129 55.36 23.78 -22.00
C PHE E 129 54.11 23.01 -21.63
N LEU E 130 53.80 21.93 -22.34
CA LEU E 130 52.55 21.22 -22.12
C LEU E 130 52.49 20.61 -20.72
N GLY E 131 53.65 20.33 -20.12
CA GLY E 131 53.65 19.85 -18.75
C GLY E 131 53.14 20.87 -17.76
N LEU E 132 53.42 22.16 -18.00
CA LEU E 132 52.99 23.19 -17.08
C LEU E 132 51.48 23.38 -17.12
N PHE E 133 50.91 23.47 -18.32
CA PHE E 133 49.48 23.74 -18.46
C PHE E 133 48.67 22.46 -18.56
N GLY E 134 48.92 21.66 -19.59
CA GLY E 134 48.23 20.39 -19.71
C GLY E 134 46.74 20.55 -19.98
N GLY E 135 46.02 19.48 -19.70
CA GLY E 135 44.58 19.46 -19.88
C GLY E 135 44.15 19.28 -21.31
N GLY E 136 44.57 18.18 -21.95
CA GLY E 136 44.20 17.90 -23.31
C GLY E 136 42.83 17.30 -23.40
N PRO E 137 42.55 16.59 -24.51
CA PRO E 137 41.26 15.89 -24.61
C PRO E 137 41.05 14.87 -23.51
N ARG E 138 42.12 14.24 -23.04
CA ARG E 138 42.09 13.45 -21.82
C ARG E 138 42.61 14.33 -20.69
N MET E 139 41.80 14.49 -19.65
CA MET E 139 42.08 15.48 -18.61
C MET E 139 43.41 15.20 -17.92
N LEU E 140 44.38 16.08 -18.10
CA LEU E 140 45.71 15.93 -17.52
C LEU E 140 45.99 17.14 -16.63
N GLN E 141 46.59 16.89 -15.48
CA GLN E 141 46.83 17.93 -14.49
C GLN E 141 48.17 18.60 -14.77
N GLY E 142 48.13 19.87 -15.12
CA GLY E 142 49.36 20.63 -15.28
C GLY E 142 50.01 20.95 -13.95
N ARG E 143 51.27 21.37 -14.03
CA ARG E 143 52.06 21.68 -12.86
C ARG E 143 52.03 23.15 -12.48
N LEU E 144 51.24 23.95 -13.17
CA LEU E 144 51.27 25.39 -13.00
C LEU E 144 50.08 25.87 -12.17
N MET E 145 50.36 26.60 -11.10
CA MET E 145 49.36 27.29 -10.31
C MET E 145 49.47 28.78 -10.62
N VAL E 146 48.39 29.38 -11.11
CA VAL E 146 48.38 30.79 -11.49
C VAL E 146 47.36 31.49 -10.62
N ASP E 147 47.83 32.23 -9.62
CA ASP E 147 46.96 33.02 -8.78
C ASP E 147 46.50 34.27 -9.52
N SER E 148 45.48 34.92 -8.98
CA SER E 148 45.02 36.18 -9.52
C SER E 148 46.04 37.28 -9.24
N LEU E 149 45.77 38.48 -9.74
CA LEU E 149 46.62 39.64 -9.53
C LEU E 149 46.05 40.47 -8.39
N TYR E 150 46.67 40.38 -7.22
CA TYR E 150 46.19 41.06 -6.03
C TYR E 150 46.93 42.37 -5.84
N PRO E 151 46.24 43.51 -5.85
CA PRO E 151 46.93 44.77 -5.56
C PRO E 151 47.37 44.82 -4.11
N ILE E 152 48.52 45.45 -3.88
CA ILE E 152 49.07 45.58 -2.53
C ILE E 152 48.29 46.68 -1.84
N HIS E 153 47.30 46.29 -1.02
CA HIS E 153 46.37 47.22 -0.43
C HIS E 153 46.16 46.84 1.03
N GLN E 154 45.52 47.74 1.78
CA GLN E 154 45.16 47.44 3.16
C GLN E 154 44.19 46.27 3.22
N PHE E 155 43.21 46.24 2.30
CA PHE E 155 42.23 45.16 2.27
C PHE E 155 42.82 43.84 1.83
N SER E 156 44.06 43.82 1.36
CA SER E 156 44.71 42.59 0.94
C SER E 156 45.82 42.16 1.89
N GLN E 157 46.04 42.89 2.98
CA GLN E 157 47.13 42.56 3.90
C GLN E 157 46.95 41.18 4.52
N ARG E 158 45.71 40.70 4.60
CA ARG E 158 45.45 39.36 5.09
C ARG E 158 45.82 38.28 4.08
N ILE E 159 46.15 38.67 2.85
CA ILE E 159 46.42 37.73 1.76
C ILE E 159 47.91 37.64 1.45
N ILE E 160 48.56 38.78 1.21
CA ILE E 160 49.99 38.75 0.92
C ILE E 160 50.77 38.22 2.12
N GLY E 161 50.51 38.76 3.30
CA GLY E 161 51.19 38.32 4.50
C GLY E 161 52.13 39.35 5.08
N SER E 162 53.16 38.90 5.79
CA SER E 162 54.11 39.79 6.47
C SER E 162 55.21 40.22 5.50
N ASP E 163 54.79 40.83 4.41
CA ASP E 163 55.73 41.35 3.41
C ASP E 163 55.03 42.43 2.61
N TYR E 164 55.81 43.40 2.15
CA TYR E 164 55.33 44.49 1.30
C TYR E 164 54.30 45.36 2.01
N ILE E 165 54.32 45.34 3.35
CA ILE E 165 53.41 46.18 4.12
C ILE E 165 53.73 47.65 3.95
N ASN E 166 55.03 47.98 3.83
CA ASN E 166 55.43 49.39 3.79
C ASN E 166 54.83 50.12 2.60
N ASP E 167 54.88 49.52 1.42
CA ASP E 167 54.37 50.17 0.20
C ASP E 167 52.93 49.75 -0.08
N SER E 168 52.07 50.03 0.89
CA SER E 168 50.64 49.75 0.77
C SER E 168 49.87 51.07 0.76
N ILE E 169 48.84 51.13 -0.09
CA ILE E 169 48.04 52.34 -0.25
C ILE E 169 46.68 52.12 0.37
N LYS E 170 46.18 53.15 1.08
CA LYS E 170 44.96 53.04 1.86
C LYS E 170 43.71 53.39 1.05
N GLY E 171 43.79 54.42 0.22
CA GLY E 171 42.60 54.94 -0.44
C GLY E 171 42.04 54.00 -1.49
N GLY E 172 40.90 54.40 -2.04
CA GLY E 172 40.27 53.62 -3.09
C GLY E 172 41.19 53.45 -4.29
N ILE E 173 41.07 52.29 -4.92
CA ILE E 173 41.99 51.94 -6.00
C ILE E 173 41.26 51.73 -7.31
N THR E 174 40.12 52.41 -7.47
CA THR E 174 39.40 52.36 -8.73
C THR E 174 38.79 53.72 -9.03
N GLU E 175 38.79 54.10 -10.30
CA GLU E 175 38.22 55.36 -10.73
C GLU E 175 37.42 55.14 -12.00
N ILE E 176 36.45 56.01 -12.22
CA ILE E 176 35.52 55.93 -13.34
C ILE E 176 35.98 56.90 -14.42
N VAL E 177 36.05 56.42 -15.67
CA VAL E 177 36.41 57.25 -16.81
C VAL E 177 35.21 57.32 -17.74
N TRP E 178 34.93 58.51 -18.25
CA TRP E 178 33.78 58.75 -19.12
C TRP E 178 34.27 58.94 -20.56
N THR E 179 33.73 58.14 -21.46
CA THR E 179 34.11 58.21 -22.87
C THR E 179 32.87 58.28 -23.77
N ALA E 242 25.13 58.47 -21.82
CA ALA E 242 25.77 59.03 -23.00
C ALA E 242 27.24 58.64 -23.06
N PHE E 243 28.07 59.36 -22.30
CA PHE E 243 29.49 59.07 -22.24
C PHE E 243 29.72 57.66 -21.73
N ASN E 244 30.38 56.83 -22.53
CA ASN E 244 30.65 55.45 -22.14
C ASN E 244 31.54 55.41 -20.91
N ALA E 245 31.00 54.99 -19.78
CA ALA E 245 31.71 54.97 -18.51
C ALA E 245 32.08 53.54 -18.15
N HIS E 246 33.32 53.34 -17.72
CA HIS E 246 33.79 52.03 -17.29
C HIS E 246 34.89 52.25 -16.25
N GLU E 247 34.61 51.86 -15.01
CA GLU E 247 35.56 52.11 -13.93
C GLU E 247 36.86 51.37 -14.19
N VAL E 248 37.97 51.98 -13.76
CA VAL E 248 39.29 51.41 -13.96
C VAL E 248 40.10 51.56 -12.68
N VAL E 249 41.10 50.69 -12.54
CA VAL E 249 42.07 50.79 -11.45
C VAL E 249 43.07 51.88 -11.79
N ILE E 250 43.30 52.79 -10.83
CA ILE E 250 44.26 53.86 -11.05
C ILE E 250 45.63 53.26 -11.33
N ALA E 251 46.26 53.74 -12.40
CA ALA E 251 47.55 53.20 -12.82
C ALA E 251 48.64 53.54 -11.81
N GLY E 252 49.74 52.80 -11.90
CA GLY E 252 50.86 52.98 -11.00
C GLY E 252 50.80 52.17 -9.73
N VAL E 253 49.69 51.47 -9.49
CA VAL E 253 49.56 50.65 -8.29
C VAL E 253 50.31 49.35 -8.47
N LYS E 254 51.02 48.93 -7.44
CA LYS E 254 51.72 47.66 -7.49
C LYS E 254 50.74 46.49 -7.40
N TRP E 255 51.19 45.34 -7.87
CA TRP E 255 50.42 44.12 -7.82
C TRP E 255 51.32 42.97 -7.41
N LEU E 256 50.74 41.96 -6.76
CA LEU E 256 51.45 40.75 -6.42
C LEU E 256 50.96 39.62 -7.30
N TRP E 257 51.90 38.90 -7.91
CA TRP E 257 51.60 37.77 -8.79
C TRP E 257 52.28 36.54 -8.19
N ARG E 258 51.48 35.61 -7.69
CA ARG E 258 51.99 34.41 -7.03
C ARG E 258 51.83 33.21 -7.95
N ILE E 259 52.92 32.51 -8.19
CA ILE E 259 52.92 31.34 -9.06
C ILE E 259 53.66 30.22 -8.34
N ASN E 260 52.99 29.09 -8.15
CA ASN E 260 53.59 27.89 -7.60
C ASN E 260 53.61 26.81 -8.67
N VAL E 261 54.71 26.06 -8.73
CA VAL E 261 54.85 24.99 -9.71
C VAL E 261 55.22 23.72 -8.96
N ASP E 262 54.50 22.64 -9.24
CA ASP E 262 54.67 21.39 -8.51
C ASP E 262 55.89 20.64 -9.06
N ARG E 263 56.94 20.54 -8.22
CA ARG E 263 58.21 19.86 -8.47
C ARG E 263 58.64 19.98 -9.93
N PRO E 264 58.96 21.19 -10.40
CA PRO E 264 59.26 21.38 -11.82
C PRO E 264 60.65 20.90 -12.19
N SER E 265 60.84 20.74 -13.49
CA SER E 265 62.16 20.51 -14.06
C SER E 265 62.81 21.86 -14.36
N GLU E 266 64.12 21.82 -14.63
CA GLU E 266 64.85 23.05 -14.92
C GLU E 266 64.33 23.70 -16.20
N SER E 267 63.95 22.88 -17.18
CA SER E 267 63.46 23.43 -18.45
C SER E 267 62.19 24.24 -18.25
N GLN E 268 61.25 23.74 -17.44
CA GLN E 268 60.01 24.45 -17.22
C GLN E 268 60.24 25.78 -16.51
N ILE E 269 61.13 25.77 -15.51
CA ILE E 269 61.46 27.01 -14.81
C ILE E 269 62.11 28.01 -15.76
N GLY E 270 62.99 27.52 -16.62
CA GLY E 270 63.60 28.40 -17.61
C GLY E 270 62.58 28.99 -18.57
N LEU E 271 61.60 28.17 -18.98
CA LEU E 271 60.54 28.67 -19.85
C LEU E 271 59.73 29.75 -19.16
N ILE E 272 59.41 29.55 -17.88
CA ILE E 272 58.69 30.56 -17.12
C ILE E 272 59.50 31.85 -17.03
N LEU E 273 60.81 31.71 -16.78
CA LEU E 273 61.66 32.89 -16.67
C LEU E 273 61.76 33.64 -17.99
N LEU E 274 61.86 32.92 -19.11
CA LEU E 274 61.87 33.57 -20.42
C LEU E 274 60.56 34.31 -20.67
N ALA E 275 59.44 33.67 -20.34
CA ALA E 275 58.15 34.34 -20.50
C ALA E 275 58.09 35.60 -19.67
N LEU E 276 58.57 35.53 -18.44
CA LEU E 276 58.61 36.72 -17.58
C LEU E 276 59.48 37.81 -18.19
N ASN E 277 60.61 37.41 -18.80
CA ASN E 277 61.47 38.37 -19.48
C ASN E 277 60.72 39.07 -20.60
N LYS E 278 59.94 38.32 -21.38
CA LYS E 278 59.17 38.89 -22.47
C LYS E 278 57.73 39.16 -22.08
N LEU E 279 57.40 39.05 -20.79
CA LEU E 279 56.03 39.28 -20.36
C LEU E 279 55.62 40.73 -20.56
N ALA E 280 56.54 41.67 -20.29
CA ALA E 280 56.19 43.08 -20.29
C ALA E 280 55.71 43.57 -21.65
N ASN E 281 55.99 42.82 -22.71
CA ASN E 281 55.59 43.26 -24.05
C ASN E 281 54.08 43.34 -24.18
N GLN E 282 53.37 42.34 -23.68
CA GLN E 282 51.92 42.28 -23.82
C GLN E 282 51.24 43.22 -22.83
N ARG E 283 49.93 43.36 -22.98
CA ARG E 283 49.12 44.16 -22.08
C ARG E 283 48.36 43.24 -21.11
N ILE E 284 47.54 43.86 -20.26
CA ILE E 284 46.88 43.16 -19.16
C ILE E 284 45.37 43.33 -19.30
N ALA E 285 44.64 42.22 -19.18
CA ALA E 285 43.18 42.23 -19.13
C ALA E 285 42.59 42.92 -20.34
N GLY E 286 43.15 42.65 -21.52
CA GLY E 286 42.64 43.26 -22.74
C GLY E 286 42.78 44.76 -22.72
N GLY E 287 41.73 45.44 -23.15
CA GLY E 287 41.78 46.89 -23.25
C GLY E 287 42.81 47.39 -24.24
N HIS E 288 42.91 46.74 -25.40
CA HIS E 288 43.87 47.18 -26.42
C HIS E 288 43.55 48.59 -26.88
N ALA E 289 42.28 48.92 -27.00
CA ALA E 289 41.87 50.28 -27.33
C ALA E 289 42.22 51.22 -26.18
N LYS E 290 42.45 52.48 -26.53
CA LYS E 290 42.74 53.57 -25.58
C LYS E 290 43.79 53.18 -24.54
N ASP E 291 44.67 52.25 -24.91
CA ASP E 291 45.91 51.95 -24.21
C ASP E 291 45.66 51.60 -22.74
N TYR E 292 45.01 50.46 -22.54
CA TYR E 292 44.81 49.88 -21.23
C TYR E 292 45.58 48.58 -21.11
N GLY E 293 46.31 48.41 -20.00
CA GLY E 293 47.02 47.18 -19.74
C GLY E 293 48.53 47.29 -19.71
N ARG E 294 49.12 48.46 -19.95
CA ARG E 294 50.57 48.58 -19.90
C ARG E 294 51.07 48.35 -18.48
N PHE E 295 52.17 47.61 -18.37
CA PHE E 295 52.72 47.24 -17.08
C PHE E 295 54.23 47.01 -17.23
N VAL E 296 54.94 47.21 -16.14
CA VAL E 296 56.36 46.89 -16.05
C VAL E 296 56.60 46.08 -14.77
N ILE E 297 57.46 45.08 -14.88
CA ILE E 297 57.79 44.24 -13.73
C ILE E 297 58.93 44.90 -12.97
N GLU E 298 58.73 45.13 -11.68
CA GLU E 298 59.72 45.78 -10.84
C GLU E 298 60.61 44.80 -10.08
N ASP E 299 60.08 43.65 -9.67
CA ASP E 299 60.89 42.67 -8.96
C ASP E 299 60.29 41.28 -9.16
N VAL E 300 61.16 40.28 -9.26
CA VAL E 300 60.75 38.88 -9.36
C VAL E 300 61.47 38.12 -8.25
N ILE E 301 60.70 37.44 -7.41
CA ILE E 301 61.25 36.66 -6.29
C ILE E 301 61.05 35.19 -6.60
N LEU E 302 62.15 34.45 -6.65
CA LEU E 302 62.14 33.02 -6.95
C LEU E 302 62.53 32.27 -5.69
N ASP E 303 61.56 31.59 -5.08
CA ASP E 303 61.78 30.76 -3.90
C ASP E 303 62.39 31.57 -2.75
N GLY E 304 61.96 32.82 -2.60
CA GLY E 304 62.38 33.67 -1.52
C GLY E 304 63.51 34.61 -1.84
N GLU E 305 64.22 34.41 -2.95
CA GLU E 305 65.34 35.25 -3.32
C GLU E 305 65.02 35.99 -4.62
N SER E 306 65.41 37.26 -4.68
CA SER E 306 65.16 38.08 -5.85
C SER E 306 66.20 37.80 -6.92
N VAL E 307 65.74 37.59 -8.15
CA VAL E 307 66.64 37.31 -9.27
C VAL E 307 66.34 38.24 -10.42
N TRP E 308 65.77 39.41 -10.11
CA TRP E 308 65.39 40.37 -11.13
C TRP E 308 66.39 41.50 -11.21
N THR E 309 66.74 41.87 -12.43
CA THR E 309 67.62 42.99 -12.74
C THR E 309 66.92 43.87 -13.76
N PRO E 310 67.32 45.14 -13.87
CA PRO E 310 66.65 46.02 -14.85
C PRO E 310 66.69 45.49 -16.26
N SER E 311 67.72 44.74 -16.63
CA SER E 311 67.73 44.08 -17.93
C SER E 311 66.74 42.94 -17.98
N GLY E 312 66.52 42.26 -16.87
CA GLY E 312 65.61 41.12 -16.82
C GLY E 312 66.08 40.11 -15.80
N VAL E 313 65.34 39.02 -15.72
CA VAL E 313 65.71 37.94 -14.80
C VAL E 313 66.97 37.26 -15.33
N SER E 314 68.05 37.33 -14.55
CA SER E 314 69.35 36.85 -14.98
C SER E 314 70.24 36.73 -13.75
N GLY E 315 71.54 36.55 -13.99
CA GLY E 315 72.52 36.47 -12.92
C GLY E 315 73.11 35.06 -12.81
N GLN E 316 73.94 34.90 -11.79
CA GLN E 316 74.57 33.62 -11.52
C GLN E 316 73.61 32.63 -10.89
N ALA E 317 72.39 33.05 -10.57
CA ALA E 317 71.41 32.16 -9.95
C ALA E 317 70.53 31.44 -10.96
N THR E 318 70.20 32.07 -12.08
CA THR E 318 69.20 31.55 -13.00
C THR E 318 69.73 31.28 -14.40
N GLU E 319 71.05 31.13 -14.56
CA GLU E 319 71.60 30.79 -15.87
C GLU E 319 71.39 29.33 -16.21
N GLN E 320 71.35 28.46 -15.19
CA GLN E 320 71.14 27.04 -15.43
C GLN E 320 69.76 26.76 -16.02
N PHE E 321 68.75 27.49 -15.54
CA PHE E 321 67.42 27.36 -16.13
C PHE E 321 67.43 27.78 -17.59
N PHE E 322 68.16 28.85 -17.92
CA PHE E 322 68.24 29.29 -19.31
C PHE E 322 68.94 28.26 -20.18
N ASP E 323 70.00 27.64 -19.67
CA ASP E 323 70.68 26.59 -20.43
C ASP E 323 69.75 25.40 -20.65
N ALA E 324 69.03 24.99 -19.62
CA ALA E 324 68.13 23.85 -19.74
C ALA E 324 67.01 24.14 -20.75
N ILE E 325 66.44 25.35 -20.70
CA ILE E 325 65.39 25.67 -21.65
C ILE E 325 65.94 25.81 -23.06
N ALA E 326 67.18 26.29 -23.22
CA ALA E 326 67.78 26.33 -24.55
C ALA E 326 67.91 24.92 -25.11
N GLU E 327 68.39 23.98 -24.28
CA GLU E 327 68.52 22.60 -24.74
C GLU E 327 67.15 22.01 -25.08
N ALA E 328 66.14 22.27 -24.24
CA ALA E 328 64.81 21.74 -24.50
C ALA E 328 64.22 22.31 -25.79
N LEU E 329 64.38 23.61 -26.01
CA LEU E 329 63.87 24.22 -27.23
C LEU E 329 64.57 23.69 -28.46
N ASP E 330 65.89 23.48 -28.37
CA ASP E 330 66.61 22.88 -29.49
C ASP E 330 66.20 21.43 -29.73
N GLY E 331 65.77 20.73 -28.68
CA GLY E 331 65.44 19.33 -28.81
C GLY E 331 63.96 19.00 -28.99
N MET E 332 63.08 19.98 -28.80
CA MET E 332 61.65 19.73 -28.87
C MET E 332 61.18 19.72 -30.32
N THR E 333 60.09 18.99 -30.56
CA THR E 333 59.53 18.80 -31.88
C THR E 333 58.01 18.94 -31.82
N SER E 334 57.36 18.76 -32.97
CA SER E 334 55.91 18.86 -33.07
C SER E 334 55.19 17.56 -32.72
N SER E 335 55.92 16.44 -32.63
CA SER E 335 55.29 15.16 -32.41
C SER E 335 54.60 15.11 -31.05
N GLU E 336 55.19 15.73 -30.03
CA GLU E 336 54.58 15.74 -28.71
C GLU E 336 53.25 16.47 -28.72
N PHE E 337 53.20 17.63 -29.39
CA PHE E 337 51.94 18.36 -29.51
C PHE E 337 50.91 17.56 -30.28
N GLU E 338 51.33 16.91 -31.37
CA GLU E 338 50.40 16.10 -32.14
C GLU E 338 49.82 14.97 -31.30
N GLN E 339 50.66 14.30 -30.51
CA GLN E 339 50.17 13.24 -29.64
C GLN E 339 49.22 13.79 -28.58
N PHE E 340 49.57 14.94 -28.00
CA PHE E 340 48.75 15.52 -26.93
C PHE E 340 47.37 15.89 -27.45
N ALA E 341 47.30 16.48 -28.65
CA ALA E 341 46.03 16.89 -29.21
C ALA E 341 45.25 15.74 -29.85
N ALA E 342 45.86 14.58 -30.02
CA ALA E 342 45.17 13.46 -30.64
C ALA E 342 44.08 12.93 -29.73
N SER E 343 42.88 12.75 -30.28
CA SER E 343 41.76 12.23 -29.52
C SER E 343 41.91 10.72 -29.36
N ALA E 344 41.74 10.25 -28.12
CA ALA E 344 41.87 8.82 -27.86
C ALA E 344 40.70 8.02 -28.43
N LYS E 345 39.52 8.64 -28.52
CA LYS E 345 38.35 7.93 -29.03
C LYS E 345 38.45 7.70 -30.53
N MET F 1 -56.96 -42.56 -6.49
CA MET F 1 -57.75 -41.76 -7.40
C MET F 1 -56.86 -41.13 -8.48
N ASP F 2 -55.57 -41.09 -8.20
CA ASP F 2 -54.55 -40.61 -9.14
C ASP F 2 -53.20 -40.95 -8.51
N PHE F 3 -52.23 -41.26 -9.35
CA PHE F 3 -50.90 -41.65 -8.87
C PHE F 3 -49.97 -40.43 -8.91
N LEU F 4 -49.25 -40.20 -7.80
CA LEU F 4 -48.51 -38.97 -7.60
C LEU F 4 -47.08 -39.24 -7.20
N LYS F 5 -46.22 -38.26 -7.48
CA LYS F 5 -44.85 -38.20 -7.00
C LYS F 5 -44.65 -36.87 -6.30
N VAL F 6 -44.19 -36.90 -5.06
CA VAL F 6 -43.99 -35.70 -4.25
C VAL F 6 -42.51 -35.43 -4.11
N THR F 7 -42.07 -34.25 -4.53
CA THR F 7 -40.68 -33.84 -4.46
C THR F 7 -40.56 -32.62 -3.57
N ILE F 8 -39.65 -32.65 -2.60
CA ILE F 8 -39.43 -31.55 -1.67
C ILE F 8 -37.97 -31.13 -1.76
N ASN F 9 -37.73 -29.84 -1.96
CA ASN F 9 -36.39 -29.28 -2.04
C ASN F 9 -36.09 -28.49 -0.77
N LEU F 10 -34.87 -28.64 -0.26
CA LEU F 10 -34.49 -28.07 1.03
C LEU F 10 -33.67 -26.81 0.83
N GLY F 11 -33.99 -25.78 1.62
CA GLY F 11 -33.14 -24.61 1.73
C GLY F 11 -32.17 -24.63 2.88
N SER F 12 -32.36 -25.55 3.82
CA SER F 12 -31.48 -25.78 4.95
C SER F 12 -31.35 -27.27 5.18
N PRO F 13 -30.24 -27.72 5.75
CA PRO F 13 -30.09 -29.16 6.01
C PRO F 13 -31.10 -29.63 7.04
N MET F 14 -31.59 -30.85 6.84
CA MET F 14 -32.56 -31.47 7.73
C MET F 14 -31.87 -32.53 8.58
N VAL F 15 -32.55 -32.95 9.64
CA VAL F 15 -32.08 -34.08 10.41
C VAL F 15 -32.36 -35.35 9.63
N GLU F 16 -31.33 -36.15 9.40
CA GLU F 16 -31.50 -37.41 8.69
C GLU F 16 -32.36 -38.33 9.54
N PRO F 17 -33.52 -38.75 9.05
CA PRO F 17 -34.42 -39.56 9.88
C PRO F 17 -33.82 -40.91 10.20
N GLY F 18 -33.88 -41.29 11.48
CA GLY F 18 -33.37 -42.60 11.89
C GLY F 18 -34.18 -43.74 11.31
N ASP F 19 -35.49 -43.59 11.27
CA ASP F 19 -36.39 -44.59 10.70
C ASP F 19 -37.11 -43.95 9.51
N LEU F 20 -38.05 -44.67 8.92
CA LEU F 20 -38.73 -44.21 7.73
C LEU F 20 -39.48 -42.91 7.99
N PHE F 21 -39.35 -41.96 7.07
CA PHE F 21 -40.11 -40.71 7.12
C PHE F 21 -41.21 -40.83 6.07
N HIS F 22 -42.44 -40.86 6.54
CA HIS F 22 -43.57 -41.24 5.70
C HIS F 22 -44.33 -40.00 5.25
N LEU F 23 -44.75 -40.02 3.98
CA LEU F 23 -45.48 -38.89 3.44
C LEU F 23 -46.80 -38.68 4.15
N ASP F 24 -47.49 -39.77 4.50
CA ASP F 24 -48.77 -39.65 5.17
C ASP F 24 -48.63 -39.01 6.53
N ALA F 25 -47.54 -39.29 7.25
CA ALA F 25 -47.33 -38.66 8.54
C ALA F 25 -47.17 -37.15 8.40
N LEU F 26 -46.40 -36.71 7.40
CA LEU F 26 -46.24 -35.28 7.17
C LEU F 26 -47.56 -34.63 6.78
N LEU F 27 -48.34 -35.29 5.90
CA LEU F 27 -49.63 -34.75 5.53
C LEU F 27 -50.56 -34.66 6.73
N GLY F 28 -50.54 -35.67 7.59
CA GLY F 28 -51.34 -35.62 8.80
C GLY F 28 -50.93 -34.50 9.73
N ALA F 29 -49.62 -34.27 9.87
CA ALA F 29 -49.16 -33.16 10.68
C ALA F 29 -49.61 -31.82 10.12
N LEU F 30 -49.55 -31.67 8.80
CA LEU F 30 -50.02 -30.43 8.18
C LEU F 30 -51.52 -30.25 8.35
N ARG F 31 -52.28 -31.34 8.23
CA ARG F 31 -53.72 -31.27 8.45
C ARG F 31 -54.04 -30.88 9.88
N VAL F 32 -53.28 -31.43 10.84
CA VAL F 32 -53.47 -31.06 12.24
C VAL F 32 -53.12 -29.59 12.45
N SER F 33 -52.09 -29.10 11.76
CA SER F 33 -51.79 -27.67 11.84
C SER F 33 -52.93 -26.82 11.28
N GLU F 34 -53.53 -27.25 10.18
CA GLU F 34 -54.66 -26.52 9.62
C GLU F 34 -55.82 -26.48 10.60
N VAL F 35 -56.19 -27.63 11.17
CA VAL F 35 -57.31 -27.65 12.10
C VAL F 35 -56.97 -26.95 13.40
N ARG F 36 -55.69 -26.85 13.76
CA ARG F 36 -55.30 -26.03 14.91
C ARG F 36 -55.52 -24.56 14.62
N ALA F 37 -55.06 -24.10 13.46
CA ALA F 37 -55.25 -22.70 13.09
C ALA F 37 -56.73 -22.37 12.94
N GLU F 38 -57.55 -23.35 12.59
CA GLU F 38 -58.97 -23.09 12.39
C GLU F 38 -59.79 -23.21 13.66
N LEU F 39 -59.35 -24.04 14.62
CA LEU F 39 -60.11 -24.27 15.84
C LEU F 39 -59.37 -23.90 17.12
N GLY F 40 -58.05 -23.99 17.15
CA GLY F 40 -57.27 -23.72 18.34
C GLY F 40 -56.45 -24.92 18.76
N ASP F 41 -55.83 -24.77 19.93
CA ASP F 41 -54.94 -25.79 20.48
C ASP F 41 -55.65 -26.78 21.40
N GLY F 42 -56.95 -26.61 21.63
CA GLY F 42 -57.68 -27.54 22.47
C GLY F 42 -58.19 -28.77 21.78
N ILE F 43 -57.93 -28.90 20.48
CA ILE F 43 -58.44 -30.04 19.72
C ILE F 43 -57.71 -31.31 20.12
N ASN F 44 -58.35 -32.44 19.83
CA ASN F 44 -57.66 -33.72 19.91
C ASN F 44 -56.98 -34.00 18.58
N PRO F 45 -55.64 -34.09 18.55
CA PRO F 45 -54.96 -34.31 17.27
C PRO F 45 -55.32 -35.61 16.60
N ARG F 46 -55.75 -36.61 17.36
CA ARG F 46 -56.10 -37.90 16.77
C ARG F 46 -57.41 -37.89 16.02
N ASP F 47 -58.18 -36.79 16.10
CA ASP F 47 -59.47 -36.68 15.44
C ASP F 47 -59.39 -36.03 14.06
N HIS F 48 -58.21 -35.61 13.63
CA HIS F 48 -58.10 -34.91 12.36
C HIS F 48 -56.91 -35.35 11.50
N HIS F 49 -56.07 -36.26 11.97
CA HIS F 49 -54.87 -36.64 11.23
C HIS F 49 -55.11 -37.78 10.26
N TYR F 50 -56.36 -38.24 10.11
CA TYR F 50 -56.71 -39.20 9.07
C TYR F 50 -57.53 -38.58 7.95
N ASP F 51 -57.84 -37.28 8.03
CA ASP F 51 -58.59 -36.61 6.99
C ASP F 51 -57.65 -36.13 5.88
N LEU F 52 -56.98 -37.09 5.27
CA LEU F 52 -55.99 -36.77 4.26
C LEU F 52 -56.48 -37.14 2.87
N PRO F 53 -56.03 -36.45 1.84
CA PRO F 53 -56.40 -36.79 0.46
C PRO F 53 -55.63 -38.00 -0.07
N LEU F 54 -55.62 -39.09 0.70
CA LEU F 54 -54.95 -40.31 0.30
C LEU F 54 -55.88 -41.50 0.49
N GLU F 55 -55.94 -42.35 -0.52
CA GLU F 55 -56.76 -43.54 -0.44
C GLU F 55 -55.99 -44.66 0.24
N GLN F 56 -56.72 -45.56 0.88
CA GLN F 56 -56.15 -46.48 1.84
C GLN F 56 -56.03 -47.88 1.24
N TYR F 57 -55.02 -48.61 1.70
CA TYR F 57 -54.88 -50.03 1.39
C TYR F 57 -55.27 -50.83 2.62
N ARG F 58 -56.14 -51.82 2.42
CA ARG F 58 -56.60 -52.68 3.50
C ARG F 58 -56.18 -54.10 3.20
N SER F 59 -55.64 -54.79 4.20
CA SER F 59 -55.16 -56.14 4.02
C SER F 59 -56.26 -57.14 4.40
N ARG F 60 -55.91 -58.43 4.43
CA ARG F 60 -56.89 -59.46 4.75
C ARG F 60 -57.42 -59.29 6.17
N SER F 61 -56.54 -58.98 7.12
CA SER F 61 -56.89 -58.91 8.52
C SER F 61 -57.49 -57.58 8.93
N GLY F 62 -57.77 -56.69 7.99
CA GLY F 62 -58.31 -55.39 8.32
C GLY F 62 -57.28 -54.34 8.66
N GLN F 63 -56.02 -54.71 8.74
CA GLN F 63 -54.96 -53.73 8.95
C GLN F 63 -54.83 -52.84 7.72
N TRP F 64 -54.87 -51.54 7.94
CA TRP F 64 -54.89 -50.59 6.83
C TRP F 64 -53.79 -49.54 6.97
N VAL F 65 -53.28 -49.10 5.82
CA VAL F 65 -52.27 -48.06 5.74
C VAL F 65 -52.62 -47.11 4.61
N PHE F 66 -52.10 -45.89 4.70
CA PHE F 66 -52.18 -44.96 3.60
C PHE F 66 -51.30 -45.40 2.44
N LYS F 67 -51.78 -45.17 1.22
CA LYS F 67 -50.95 -45.36 0.04
C LYS F 67 -50.09 -44.11 -0.15
N ALA F 68 -49.04 -44.04 0.67
CA ALA F 68 -48.07 -42.96 0.60
C ALA F 68 -46.73 -43.52 1.04
N SER F 69 -45.81 -43.66 0.09
CA SER F 69 -44.52 -44.27 0.37
C SER F 69 -43.67 -43.36 1.26
N ALA F 70 -42.75 -43.99 1.99
CA ALA F 70 -41.80 -43.23 2.80
C ALA F 70 -40.87 -42.42 1.91
N PHE F 71 -40.48 -41.24 2.38
CA PHE F 71 -39.64 -40.36 1.60
C PHE F 71 -38.31 -41.01 1.28
N HIS F 72 -37.91 -40.92 0.01
CA HIS F 72 -36.58 -41.36 -0.42
C HIS F 72 -35.55 -40.28 -0.10
N ILE F 73 -34.40 -40.71 0.39
CA ILE F 73 -33.35 -39.80 0.82
C ILE F 73 -32.19 -39.92 -0.16
N ASN F 74 -31.97 -38.89 -0.97
CA ASN F 74 -30.80 -38.81 -1.83
C ASN F 74 -29.97 -37.61 -1.41
N LYS F 75 -28.73 -37.86 -1.01
CA LYS F 75 -27.92 -36.88 -0.31
C LYS F 75 -27.05 -36.11 -1.29
N GLY F 76 -27.25 -34.78 -1.33
CA GLY F 76 -26.38 -33.93 -2.10
C GLY F 76 -25.02 -33.69 -1.48
N ALA F 77 -24.84 -34.11 -0.23
CA ALA F 77 -23.56 -33.99 0.46
C ALA F 77 -23.52 -35.05 1.56
N ALA F 78 -22.31 -35.30 2.06
CA ALA F 78 -22.13 -36.26 3.13
C ALA F 78 -22.83 -35.80 4.39
N SER F 79 -23.35 -36.76 5.16
CA SER F 79 -24.04 -36.45 6.39
C SER F 79 -23.10 -35.82 7.40
N GLN F 80 -23.57 -34.77 8.07
CA GLN F 80 -22.79 -34.06 9.07
C GLN F 80 -23.36 -34.36 10.46
N ASN F 81 -22.49 -34.83 11.36
CA ASN F 81 -22.88 -35.13 12.73
C ASN F 81 -22.96 -33.83 13.51
N TRP F 82 -24.18 -33.40 13.84
CA TRP F 82 -24.38 -32.13 14.52
C TRP F 82 -24.40 -32.34 16.02
N MET F 83 -23.69 -31.49 16.74
CA MET F 83 -23.55 -31.59 18.18
C MET F 83 -24.33 -30.49 18.88
N GLN F 84 -25.11 -30.87 19.89
CA GLN F 84 -25.84 -29.94 20.73
C GLN F 84 -25.73 -30.38 22.17
N THR F 85 -25.78 -29.42 23.09
CA THR F 85 -25.65 -29.69 24.51
C THR F 85 -26.85 -29.14 25.27
N SER F 86 -26.77 -29.24 26.59
CA SER F 86 -27.79 -28.69 27.48
C SER F 86 -27.15 -28.47 28.84
N ARG F 87 -27.29 -27.27 29.37
CA ARG F 87 -26.71 -26.95 30.66
C ARG F 87 -27.43 -25.76 31.26
N ILE F 88 -27.58 -25.77 32.58
CA ILE F 88 -28.06 -24.62 33.33
C ILE F 88 -26.85 -23.87 33.86
N ASN F 89 -26.82 -22.56 33.61
CA ASN F 89 -25.69 -21.75 34.05
C ASN F 89 -25.54 -21.83 35.56
N THR F 90 -24.44 -22.40 36.02
CA THR F 90 -24.28 -22.68 37.45
C THR F 90 -24.10 -21.41 38.25
N ALA F 91 -23.37 -20.43 37.72
CA ALA F 91 -23.20 -19.16 38.43
C ALA F 91 -24.52 -18.40 38.55
N GLU F 92 -25.30 -18.39 37.47
CA GLU F 92 -26.60 -17.72 37.49
C GLU F 92 -27.53 -18.38 38.50
N ALA F 93 -27.54 -19.72 38.52
CA ALA F 93 -28.35 -20.45 39.49
C ALA F 93 -27.88 -20.18 40.91
N ALA F 94 -26.56 -20.10 41.11
CA ALA F 94 -26.04 -19.78 42.44
C ALA F 94 -26.48 -18.40 42.89
N ARG F 95 -26.46 -17.42 41.98
CA ARG F 95 -26.91 -16.09 42.33
C ARG F 95 -28.39 -16.11 42.72
N HIS F 96 -29.22 -16.81 41.93
CA HIS F 96 -30.63 -16.88 42.25
C HIS F 96 -30.86 -17.60 43.57
N ARG F 97 -30.10 -18.66 43.84
CA ARG F 97 -30.20 -19.35 45.11
C ARG F 97 -29.86 -18.42 46.27
N SER F 98 -28.85 -17.57 46.09
CA SER F 98 -28.51 -16.62 47.14
C SER F 98 -29.64 -15.61 47.37
N GLU F 99 -30.26 -15.14 46.29
CA GLU F 99 -31.25 -14.08 46.36
C GLU F 99 -32.67 -14.58 46.64
N GLY F 100 -32.86 -15.89 46.80
CA GLY F 100 -34.15 -16.43 47.11
C GLY F 100 -35.05 -16.67 45.91
N PHE F 101 -34.57 -16.40 44.69
CA PHE F 101 -35.36 -16.72 43.51
C PHE F 101 -35.52 -18.22 43.34
N LEU F 102 -34.49 -18.97 43.69
CA LEU F 102 -34.50 -20.42 43.61
C LEU F 102 -34.56 -21.00 45.02
N LEU F 103 -35.48 -21.94 45.24
CA LEU F 103 -35.55 -22.67 46.50
C LEU F 103 -34.81 -23.99 46.33
N LEU F 104 -33.49 -23.92 46.45
CA LEU F 104 -32.66 -25.11 46.46
C LEU F 104 -31.80 -25.11 47.72
N ARG F 105 -31.90 -26.18 48.49
CA ARG F 105 -31.05 -26.37 49.66
C ARG F 105 -29.78 -27.17 49.38
N ALA F 106 -29.71 -27.87 48.25
CA ALA F 106 -28.54 -28.67 47.94
C ALA F 106 -27.31 -27.79 47.76
N ALA F 107 -26.18 -28.30 48.24
CA ALA F 107 -24.97 -27.51 48.25
C ALA F 107 -24.37 -27.39 46.85
N LYS F 108 -24.38 -28.47 46.08
CA LYS F 108 -23.62 -28.47 44.84
C LYS F 108 -24.48 -28.92 43.66
N PRO F 109 -24.19 -28.42 42.47
CA PRO F 109 -24.79 -29.01 41.27
C PRO F 109 -24.13 -30.33 40.94
N ASN F 110 -24.88 -31.16 40.22
CA ASN F 110 -24.38 -32.46 39.75
C ASN F 110 -24.43 -32.50 38.24
N PRO F 111 -23.34 -32.23 37.54
CA PRO F 111 -23.37 -32.27 36.07
C PRO F 111 -23.64 -33.65 35.50
N ALA F 112 -23.48 -34.71 36.29
CA ALA F 112 -23.72 -36.05 35.79
C ALA F 112 -25.21 -36.40 35.72
N GLY F 113 -26.03 -35.77 36.54
CA GLY F 113 -27.44 -36.05 36.54
C GLY F 113 -28.15 -35.20 37.56
N GLY F 114 -29.43 -34.99 37.33
CA GLY F 114 -30.21 -34.12 38.19
C GLY F 114 -30.58 -32.83 37.50
N PRO F 115 -31.02 -31.84 38.28
CA PRO F 115 -31.46 -30.58 37.66
C PRO F 115 -30.38 -29.87 36.86
N PHE F 116 -29.12 -29.96 37.29
CA PHE F 116 -28.03 -29.26 36.64
C PHE F 116 -27.15 -30.19 35.81
N LYS F 117 -27.74 -31.20 35.20
CA LYS F 117 -26.98 -32.16 34.40
C LYS F 117 -26.55 -31.53 33.08
N ASN F 118 -25.27 -31.69 32.75
CA ASN F 118 -24.80 -31.36 31.42
C ASN F 118 -24.96 -32.59 30.53
N SER F 119 -25.58 -32.41 29.36
CA SER F 119 -25.85 -33.52 28.47
C SER F 119 -25.27 -33.22 27.09
N LEU F 120 -24.81 -34.28 26.42
CA LEU F 120 -24.23 -34.19 25.10
C LEU F 120 -24.93 -35.19 24.19
N TYR F 121 -25.50 -34.70 23.08
CA TYR F 121 -26.19 -35.55 22.13
C TYR F 121 -25.88 -35.10 20.72
N HIS F 122 -26.08 -36.01 19.76
CA HIS F 122 -25.76 -35.76 18.37
C HIS F 122 -26.89 -36.25 17.47
N TYR F 123 -27.05 -35.57 16.35
CA TYR F 123 -27.97 -36.00 15.30
C TYR F 123 -27.40 -35.58 13.94
N PRO F 124 -27.59 -36.39 12.91
CA PRO F 124 -27.00 -36.08 11.61
C PRO F 124 -27.82 -35.09 10.80
N LEU F 125 -27.09 -34.25 10.05
CA LEU F 125 -27.69 -33.25 9.18
C LEU F 125 -27.31 -33.57 7.74
N VAL F 126 -28.29 -33.51 6.84
CA VAL F 126 -28.08 -33.90 5.45
C VAL F 126 -28.76 -32.90 4.53
N TRP F 127 -28.11 -32.63 3.39
CA TRP F 127 -28.76 -31.94 2.27
C TRP F 127 -29.33 -32.98 1.32
N ALA F 128 -30.65 -32.95 1.13
CA ALA F 128 -31.30 -33.96 0.33
C ALA F 128 -32.51 -33.36 -0.38
N THR F 129 -32.94 -34.05 -1.45
CA THR F 129 -34.19 -33.78 -2.13
C THR F 129 -35.15 -34.90 -1.77
N LEU F 130 -36.28 -34.54 -1.18
CA LEU F 130 -37.23 -35.50 -0.63
C LEU F 130 -38.21 -35.91 -1.73
N THR F 131 -38.15 -37.17 -2.13
CA THR F 131 -39.06 -37.68 -3.15
C THR F 131 -39.81 -38.89 -2.60
N ALA F 132 -41.14 -38.89 -2.78
CA ALA F 132 -41.98 -39.98 -2.31
C ALA F 132 -43.17 -40.10 -3.24
N TYR F 133 -43.80 -41.28 -3.21
CA TYR F 133 -44.87 -41.62 -4.13
C TYR F 133 -46.15 -41.93 -3.36
N CYS F 134 -47.28 -41.45 -3.85
CA CYS F 134 -48.54 -41.59 -3.15
C CYS F 134 -49.70 -41.61 -4.14
N VAL F 135 -50.87 -42.03 -3.65
CA VAL F 135 -52.09 -42.08 -4.44
C VAL F 135 -53.12 -41.18 -3.77
N GLY F 136 -53.51 -40.11 -4.44
CA GLY F 136 -54.45 -39.18 -3.87
C GLY F 136 -54.76 -38.03 -4.81
N ASP F 137 -55.29 -36.94 -4.22
CA ASP F 137 -55.61 -35.73 -4.97
C ASP F 137 -54.40 -34.82 -5.08
N GLN F 138 -54.05 -34.45 -6.31
CA GLN F 138 -52.91 -33.56 -6.53
C GLN F 138 -53.17 -32.18 -5.94
N ALA F 139 -54.37 -31.63 -6.16
CA ALA F 139 -54.65 -30.28 -5.70
C ALA F 139 -54.60 -30.18 -4.18
N ARG F 140 -55.23 -31.14 -3.48
CA ARG F 140 -55.29 -31.06 -2.02
C ARG F 140 -53.93 -31.33 -1.39
N ILE F 141 -53.17 -32.28 -1.95
CA ILE F 141 -51.83 -32.54 -1.42
C ILE F 141 -50.93 -31.33 -1.63
N ALA F 142 -51.01 -30.71 -2.81
CA ALA F 142 -50.21 -29.52 -3.06
C ALA F 142 -50.62 -28.38 -2.13
N ASP F 143 -51.92 -28.25 -1.86
CA ASP F 143 -52.38 -27.22 -0.93
C ASP F 143 -51.85 -27.48 0.47
N LEU F 144 -51.90 -28.73 0.93
CA LEU F 144 -51.40 -29.06 2.26
C LEU F 144 -49.90 -28.80 2.36
N LEU F 145 -49.14 -29.20 1.35
CA LEU F 145 -47.70 -29.01 1.38
C LEU F 145 -47.32 -27.55 1.23
N SER F 146 -48.25 -26.68 0.81
CA SER F 146 -47.95 -25.27 0.67
C SER F 146 -47.65 -24.63 2.01
N GLN F 147 -48.33 -25.05 3.07
CA GLN F 147 -48.09 -24.49 4.39
C GLN F 147 -46.92 -25.14 5.12
N CYS F 148 -46.40 -26.24 4.60
CA CYS F 148 -45.25 -26.89 5.23
C CYS F 148 -44.01 -26.04 5.03
N ARG F 149 -43.29 -25.77 6.12
CA ARG F 149 -42.06 -25.01 6.03
C ARG F 149 -40.81 -25.81 6.38
N GLN F 150 -40.91 -26.81 7.24
CA GLN F 150 -39.74 -27.54 7.69
C GLN F 150 -40.00 -29.03 7.61
N ILE F 151 -38.94 -29.79 7.46
CA ILE F 151 -39.00 -31.22 7.14
C ILE F 151 -38.18 -31.99 8.15
N GLY F 152 -38.68 -33.16 8.54
CA GLY F 152 -37.91 -34.12 9.31
C GLY F 152 -38.01 -34.00 10.81
N GLY F 153 -37.33 -33.03 11.40
CA GLY F 153 -37.29 -32.92 12.84
C GLY F 153 -36.32 -31.86 13.29
N ARG F 154 -36.24 -31.68 14.60
CA ARG F 154 -35.46 -30.61 15.22
C ARG F 154 -35.83 -29.27 14.61
N ARG F 155 -37.13 -29.07 14.42
CA ARG F 155 -37.64 -27.86 13.79
C ARG F 155 -37.53 -26.64 14.69
N GLY F 156 -37.47 -26.83 16.00
CA GLY F 156 -37.33 -25.70 16.90
C GLY F 156 -36.03 -24.94 16.69
N VAL F 157 -34.97 -25.64 16.30
CA VAL F 157 -33.70 -25.01 16.01
C VAL F 157 -33.54 -24.74 14.52
N GLY F 158 -34.61 -24.87 13.75
CA GLY F 158 -34.58 -24.54 12.34
C GLY F 158 -33.79 -25.50 11.48
N CYS F 159 -34.21 -26.76 11.41
CA CYS F 159 -33.56 -27.76 10.59
C CYS F 159 -34.53 -28.22 9.51
N GLY F 160 -34.12 -28.11 8.26
CA GLY F 160 -34.88 -28.66 7.16
C GLY F 160 -35.90 -27.71 6.55
N ARG F 161 -35.50 -26.47 6.32
CA ARG F 161 -36.39 -25.52 5.67
C ARG F 161 -36.70 -25.98 4.25
N VAL F 162 -37.91 -25.66 3.79
CA VAL F 162 -38.35 -26.02 2.46
C VAL F 162 -38.07 -24.85 1.52
N ALA F 163 -37.20 -25.08 0.53
CA ALA F 163 -37.05 -24.09 -0.54
C ALA F 163 -38.22 -24.15 -1.50
N GLY F 164 -38.73 -25.35 -1.76
CA GLY F 164 -39.87 -25.51 -2.65
C GLY F 164 -40.28 -26.96 -2.70
N PHE F 165 -41.37 -27.19 -3.42
CA PHE F 165 -41.92 -28.54 -3.56
C PHE F 165 -42.54 -28.66 -4.94
N SER F 166 -42.72 -29.90 -5.39
CA SER F 166 -43.41 -30.15 -6.65
C SER F 166 -44.18 -31.45 -6.53
N VAL F 167 -45.39 -31.47 -7.07
CA VAL F 167 -46.25 -32.65 -7.10
C VAL F 167 -46.58 -32.94 -8.55
N GLU F 168 -46.23 -34.14 -9.02
CA GLU F 168 -46.37 -34.49 -10.42
C GLU F 168 -47.06 -35.85 -10.54
N VAL F 169 -47.81 -36.01 -11.63
CA VAL F 169 -48.43 -37.29 -11.95
C VAL F 169 -47.44 -38.10 -12.79
N VAL F 170 -47.16 -39.31 -12.35
CA VAL F 170 -46.14 -40.16 -12.98
C VAL F 170 -46.74 -41.51 -13.32
N PRO F 171 -46.20 -42.22 -14.32
CA PRO F 171 -46.72 -43.57 -14.61
C PRO F 171 -46.49 -44.52 -13.45
N GLU F 172 -47.40 -45.49 -13.32
CA GLU F 172 -47.34 -46.43 -12.21
C GLU F 172 -46.06 -47.23 -12.21
N VAL F 173 -45.47 -47.47 -13.40
CA VAL F 173 -44.29 -48.31 -13.51
C VAL F 173 -43.04 -47.70 -12.90
N GLU F 174 -43.04 -46.38 -12.64
CA GLU F 174 -41.84 -45.73 -12.12
C GLU F 174 -41.44 -46.32 -10.78
N CYS F 175 -42.24 -46.06 -9.75
CA CYS F 175 -42.01 -46.62 -8.43
C CYS F 175 -43.30 -46.53 -7.64
N THR F 176 -43.61 -47.60 -6.92
CA THR F 176 -44.89 -47.73 -6.27
C THR F 176 -44.91 -47.01 -4.91
N TRP F 177 -46.08 -46.96 -4.31
CA TRP F 177 -46.26 -46.36 -2.99
C TRP F 177 -45.91 -47.32 -1.87
N ALA F 178 -45.49 -48.54 -2.21
CA ALA F 178 -45.32 -49.58 -1.21
C ALA F 178 -44.12 -49.38 -0.31
N LEU F 179 -43.21 -48.47 -0.62
CA LEU F 179 -42.00 -48.31 0.18
C LEU F 179 -42.38 -47.58 1.47
N ARG F 180 -42.97 -48.35 2.37
CA ARG F 180 -43.45 -47.86 3.65
C ARG F 180 -43.64 -49.05 4.58
N ALA F 181 -44.12 -48.77 5.79
CA ALA F 181 -44.46 -49.82 6.74
C ALA F 181 -45.82 -50.44 6.41
N MET F 182 -45.82 -51.55 5.67
CA MET F 182 -47.02 -52.28 5.28
C MET F 182 -47.40 -53.28 6.38
N PRO F 183 -48.69 -53.61 6.52
CA PRO F 183 -49.09 -54.61 7.54
C PRO F 183 -48.48 -55.98 7.30
N ASP F 184 -48.56 -56.82 8.32
CA ASP F 184 -47.83 -58.09 8.33
C ASP F 184 -48.26 -58.99 7.18
N ASP F 185 -49.56 -59.06 6.89
CA ASP F 185 -50.10 -59.96 5.88
C ASP F 185 -50.35 -59.27 4.54
N SER F 186 -49.51 -58.32 4.16
CA SER F 186 -49.68 -57.66 2.87
C SER F 186 -49.34 -58.60 1.72
N GLU F 187 -50.00 -58.38 0.58
CA GLU F 187 -49.77 -59.21 -0.60
C GLU F 187 -48.38 -58.97 -1.17
N GLN F 188 -47.72 -60.06 -1.57
CA GLN F 188 -46.35 -59.98 -2.07
C GLN F 188 -46.28 -59.24 -3.40
N SER F 189 -47.30 -59.37 -4.25
CA SER F 189 -47.23 -58.81 -5.59
C SER F 189 -47.09 -57.30 -5.58
N ILE F 190 -47.63 -56.61 -4.56
CA ILE F 190 -47.59 -55.16 -4.53
C ILE F 190 -46.36 -54.62 -3.83
N LEU F 191 -45.47 -55.48 -3.33
CA LEU F 191 -44.29 -55.04 -2.61
C LEU F 191 -43.12 -54.86 -3.57
N CYS F 192 -42.45 -53.71 -3.46
CA CYS F 192 -41.30 -53.38 -4.30
C CYS F 192 -40.02 -53.70 -3.51
N GLY F 193 -39.33 -54.75 -3.94
CA GLY F 193 -38.08 -55.14 -3.30
C GLY F 193 -38.29 -56.01 -2.08
N GLU F 194 -37.21 -56.14 -1.31
CA GLU F 194 -37.21 -56.99 -0.12
C GLU F 194 -37.84 -56.26 1.05
N TYR F 195 -38.58 -56.99 1.89
CA TYR F 195 -39.30 -56.42 3.01
C TYR F 195 -38.95 -57.22 4.26
N ALA F 196 -38.23 -56.60 5.18
CA ALA F 196 -37.86 -57.25 6.43
C ALA F 196 -38.93 -57.02 7.49
N LEU F 197 -39.19 -58.05 8.30
CA LEU F 197 -40.19 -57.95 9.36
C LEU F 197 -39.60 -57.25 10.57
N ALA F 198 -40.30 -56.24 11.07
CA ALA F 198 -39.83 -55.45 12.21
C ALA F 198 -41.05 -54.86 12.90
N MET F 199 -40.80 -54.12 13.98
CA MET F 199 -41.86 -53.50 14.76
C MET F 199 -41.94 -52.01 14.42
N SER F 200 -43.10 -51.59 13.91
CA SER F 200 -43.33 -50.19 13.61
C SER F 200 -44.83 -49.95 13.54
N ALA F 201 -45.21 -48.69 13.68
CA ALA F 201 -46.62 -48.32 13.61
C ALA F 201 -47.05 -48.12 12.17
N LEU F 202 -48.32 -48.45 11.90
CA LEU F 202 -48.85 -48.34 10.55
C LEU F 202 -49.55 -47.02 10.29
N GLN F 203 -50.12 -46.38 11.30
CA GLN F 203 -50.74 -45.07 11.12
C GLN F 203 -49.99 -44.05 11.96
N SER F 204 -49.97 -42.82 11.48
CA SER F 204 -49.39 -41.75 12.27
C SER F 204 -50.22 -41.54 13.53
N PRO F 205 -49.58 -41.19 14.67
CA PRO F 205 -48.15 -40.93 14.88
C PRO F 205 -47.32 -42.20 14.91
N TYR F 206 -46.09 -42.14 14.38
CA TYR F 206 -45.22 -43.29 14.25
C TYR F 206 -44.25 -43.44 15.43
N TRP F 207 -44.19 -42.45 16.31
CA TRP F 207 -43.32 -42.51 17.48
C TRP F 207 -44.03 -43.09 18.70
N ASP F 208 -45.33 -43.30 18.62
CA ASP F 208 -46.08 -43.84 19.75
C ASP F 208 -45.78 -45.32 19.87
N ARG F 209 -45.08 -45.69 20.95
CA ARG F 209 -44.66 -47.07 21.12
C ARG F 209 -45.80 -47.99 21.53
N SER F 210 -46.91 -47.44 22.02
CA SER F 210 -48.09 -48.26 22.29
C SER F 210 -48.82 -48.68 21.03
N LEU F 211 -48.63 -47.95 19.93
CA LEU F 211 -49.24 -48.29 18.65
C LEU F 211 -48.36 -49.19 17.80
N HIS F 212 -47.22 -49.60 18.31
CA HIS F 212 -46.27 -50.36 17.51
C HIS F 212 -46.76 -51.79 17.28
N LYS F 213 -46.62 -52.25 16.05
CA LYS F 213 -47.09 -53.56 15.63
C LYS F 213 -46.02 -54.19 14.75
N PRO F 214 -45.98 -55.52 14.66
CA PRO F 214 -45.09 -56.17 13.70
C PRO F 214 -45.49 -55.82 12.28
N ALA F 215 -44.53 -55.30 11.51
CA ALA F 215 -44.81 -54.80 10.17
C ALA F 215 -43.65 -55.11 9.24
N LEU F 216 -43.95 -55.10 7.95
CA LEU F 216 -42.93 -55.29 6.90
C LEU F 216 -42.36 -53.92 6.56
N VAL F 217 -41.08 -53.73 6.88
CA VAL F 217 -40.38 -52.47 6.64
C VAL F 217 -39.40 -52.68 5.50
N PRO F 218 -39.36 -51.79 4.51
CA PRO F 218 -38.43 -51.98 3.40
C PRO F 218 -36.99 -51.91 3.88
N THR F 219 -36.21 -52.93 3.51
CA THR F 219 -34.81 -52.97 3.91
C THR F 219 -33.99 -51.91 3.18
N SER F 220 -34.31 -51.65 1.92
CA SER F 220 -33.57 -50.70 1.10
C SER F 220 -34.00 -49.25 1.34
N LEU F 221 -34.75 -48.99 2.40
CA LEU F 221 -35.17 -47.63 2.74
C LEU F 221 -34.95 -47.26 4.19
N ALA F 222 -34.78 -48.22 5.09
CA ALA F 222 -34.57 -47.92 6.50
C ALA F 222 -33.18 -47.35 6.74
N MET G 1 -39.94 -62.95 22.39
CA MET G 1 -40.45 -61.87 23.22
C MET G 1 -41.21 -60.85 22.37
N ARG G 2 -41.95 -59.96 23.04
CA ARG G 2 -42.74 -58.96 22.35
C ARG G 2 -42.44 -57.57 22.89
N TYR G 3 -42.14 -57.47 24.18
CA TYR G 3 -41.90 -56.20 24.83
C TYR G 3 -40.57 -56.23 25.55
N PRO G 4 -39.96 -55.06 25.77
CA PRO G 4 -38.71 -55.04 26.55
C PRO G 4 -38.87 -55.60 27.94
N SER G 5 -40.03 -55.40 28.56
CA SER G 5 -40.26 -55.95 29.89
C SER G 5 -40.38 -57.46 29.89
N ASP G 6 -40.63 -58.08 28.73
CA ASP G 6 -40.77 -59.52 28.65
C ASP G 6 -39.48 -60.26 28.98
N VAL G 7 -38.35 -59.56 29.02
CA VAL G 7 -37.08 -60.23 29.32
C VAL G 7 -37.07 -60.74 30.76
N VAL G 8 -37.81 -60.10 31.67
CA VAL G 8 -37.76 -60.49 33.07
C VAL G 8 -38.29 -61.91 33.25
N ASP G 9 -39.57 -62.11 32.95
CA ASP G 9 -40.21 -63.39 33.25
C ASP G 9 -39.87 -64.50 32.27
N GLN G 10 -39.05 -64.22 31.26
CA GLN G 10 -38.68 -65.23 30.27
C GLN G 10 -37.24 -65.69 30.37
N VAL G 11 -36.29 -64.79 30.64
CA VAL G 11 -34.90 -65.20 30.79
C VAL G 11 -34.38 -64.99 32.22
N PHE G 12 -34.97 -64.08 32.99
CA PHE G 12 -34.61 -63.96 34.41
C PHE G 12 -35.57 -64.69 35.32
N LYS G 13 -36.85 -64.80 34.93
CA LYS G 13 -37.85 -65.56 35.67
C LYS G 13 -37.99 -65.07 37.11
N LEU G 14 -37.82 -63.76 37.30
CA LEU G 14 -37.88 -63.18 38.63
C LEU G 14 -39.32 -62.93 39.03
N PRO G 15 -39.79 -63.44 40.17
CA PRO G 15 -41.15 -63.16 40.60
C PRO G 15 -41.32 -61.70 40.96
N PRO G 16 -42.53 -61.17 40.86
CA PRO G 16 -42.74 -59.74 41.15
C PRO G 16 -42.46 -59.42 42.62
N ASP G 17 -42.06 -58.17 42.85
CA ASP G 17 -41.80 -57.71 44.20
C ASP G 17 -43.09 -57.63 45.00
N LYS G 18 -42.94 -57.58 46.32
CA LYS G 18 -44.08 -57.52 47.22
C LYS G 18 -44.53 -56.09 47.43
N GLY G 19 -45.79 -55.94 47.84
CA GLY G 19 -46.35 -54.63 48.12
C GLY G 19 -46.71 -53.81 46.91
N LEU G 20 -46.95 -54.44 45.77
CA LEU G 20 -47.32 -53.73 44.56
C LEU G 20 -48.83 -53.62 44.46
N LEU G 21 -49.31 -52.47 43.99
CA LEU G 21 -50.74 -52.25 43.85
C LEU G 21 -51.30 -53.09 42.70
N THR G 22 -52.62 -53.16 42.66
CA THR G 22 -53.34 -53.91 41.63
C THR G 22 -54.22 -52.97 40.83
N TRP G 23 -54.14 -53.05 39.51
CA TRP G 23 -54.90 -52.15 38.66
C TRP G 23 -56.38 -52.50 38.67
N ASP G 24 -57.22 -51.46 38.70
CA ASP G 24 -58.67 -51.67 38.72
C ASP G 24 -59.41 -50.67 37.84
N ASN G 25 -58.75 -50.07 36.87
CA ASN G 25 -59.36 -49.09 35.98
C ASN G 25 -59.23 -49.58 34.53
N ASP G 26 -59.63 -48.72 33.61
CA ASP G 26 -59.49 -49.04 32.19
C ASP G 26 -58.01 -49.19 31.85
N PRO G 27 -57.63 -50.21 31.08
CA PRO G 27 -56.20 -50.48 30.85
C PRO G 27 -55.50 -49.29 30.20
N VAL G 28 -54.25 -49.08 30.64
CA VAL G 28 -53.41 -48.01 30.11
C VAL G 28 -51.99 -48.56 30.00
N ALA G 29 -51.23 -48.01 29.05
CA ALA G 29 -49.90 -48.53 28.77
C ALA G 29 -48.93 -48.17 29.90
N CYS G 30 -47.92 -49.03 30.06
CA CYS G 30 -46.86 -48.77 31.03
C CYS G 30 -46.09 -47.52 30.64
N SER G 31 -45.64 -46.77 31.64
CA SER G 31 -44.92 -45.53 31.38
C SER G 31 -43.51 -45.78 30.84
N HIS G 32 -43.01 -47.01 30.90
CA HIS G 32 -41.66 -47.31 30.45
C HIS G 32 -41.63 -48.19 29.22
N CYS G 33 -42.26 -49.36 29.26
CA CYS G 33 -42.16 -50.34 28.20
C CYS G 33 -43.41 -50.38 27.30
N ALA G 34 -44.37 -49.48 27.53
CA ALA G 34 -45.61 -49.38 26.77
C ALA G 34 -46.46 -50.64 26.83
N ARG G 35 -46.13 -51.58 27.71
CA ARG G 35 -46.98 -52.75 27.88
C ARG G 35 -48.31 -52.33 28.49
N PRO G 36 -49.43 -52.85 27.99
CA PRO G 36 -50.72 -52.53 28.59
C PRO G 36 -50.77 -52.98 30.04
N ILE G 37 -51.37 -52.15 30.89
CA ILE G 37 -51.61 -52.52 32.27
C ILE G 37 -53.10 -52.78 32.44
N GLU G 38 -53.50 -54.04 32.30
CA GLU G 38 -54.90 -54.42 32.31
C GLU G 38 -55.40 -54.53 33.75
N LYS G 39 -56.70 -54.78 33.89
CA LYS G 39 -57.28 -54.95 35.21
C LYS G 39 -56.73 -56.20 35.88
N GLY G 40 -56.37 -56.08 37.15
CA GLY G 40 -55.84 -57.18 37.91
C GLY G 40 -54.35 -57.38 37.85
N ASP G 41 -53.62 -56.57 37.10
CA ASP G 41 -52.18 -56.68 37.04
C ASP G 41 -51.52 -55.90 38.18
N LEU G 42 -50.24 -56.16 38.38
CA LEU G 42 -49.47 -55.53 39.44
C LEU G 42 -48.70 -54.35 38.88
N TYR G 43 -48.80 -53.20 39.54
CA TYR G 43 -48.10 -52.00 39.09
C TYR G 43 -47.64 -51.24 40.32
N SER G 44 -47.10 -50.03 40.08
CA SER G 44 -46.75 -49.12 41.16
C SER G 44 -46.68 -47.73 40.58
N PRO G 45 -47.15 -46.70 41.30
CA PRO G 45 -47.05 -45.33 40.79
C PRO G 45 -45.60 -44.93 40.58
N SER G 46 -45.37 -44.09 39.58
CA SER G 46 -44.01 -43.71 39.21
C SER G 46 -43.36 -42.90 40.31
N SER G 47 -42.17 -43.34 40.74
CA SER G 47 -41.38 -42.66 41.76
C SER G 47 -39.93 -42.60 41.33
N VAL G 48 -39.71 -42.15 40.08
CA VAL G 48 -38.36 -42.21 39.50
C VAL G 48 -37.40 -41.29 40.24
N GLY G 49 -37.87 -40.14 40.72
CA GLY G 49 -37.02 -39.23 41.45
C GLY G 49 -36.38 -38.17 40.57
N ALA G 50 -35.72 -37.22 41.23
CA ALA G 50 -35.20 -36.04 40.55
C ALA G 50 -34.01 -36.36 39.65
N PHE G 51 -33.38 -37.51 39.81
CA PHE G 51 -32.21 -37.87 39.02
C PHE G 51 -32.55 -38.70 37.80
N PHE G 52 -33.82 -38.71 37.40
CA PHE G 52 -34.27 -39.47 36.23
C PHE G 52 -34.31 -38.50 35.05
N SER G 53 -33.37 -38.67 34.11
CA SER G 53 -33.21 -37.77 32.98
C SER G 53 -33.59 -38.45 31.67
N ASP G 54 -34.64 -39.26 31.69
CA ASP G 54 -35.13 -39.95 30.50
C ASP G 54 -36.63 -39.78 30.36
N THR G 55 -37.14 -38.58 30.69
CA THR G 55 -38.55 -38.32 30.53
C THR G 55 -38.96 -38.34 29.06
N ARG G 56 -38.03 -38.00 28.15
CA ARG G 56 -38.36 -37.97 26.74
C ARG G 56 -38.65 -39.33 26.14
N ASN G 57 -38.19 -40.41 26.78
CA ASN G 57 -38.40 -41.74 26.26
C ASN G 57 -39.56 -42.48 26.91
N LEU G 58 -40.31 -41.82 27.79
CA LEU G 58 -41.43 -42.47 28.46
C LEU G 58 -42.54 -42.75 27.46
N ALA G 59 -43.11 -43.96 27.56
CA ALA G 59 -44.13 -44.38 26.59
C ALA G 59 -45.39 -43.54 26.70
N SER G 60 -45.85 -43.27 27.92
CA SER G 60 -47.08 -42.52 28.12
C SER G 60 -47.04 -41.85 29.47
N THR G 61 -48.04 -41.00 29.71
CA THR G 61 -48.18 -40.27 30.96
C THR G 61 -49.06 -40.99 31.98
N SER G 62 -49.09 -42.32 31.93
CA SER G 62 -49.92 -43.09 32.84
C SER G 62 -49.41 -43.04 34.27
N ARG G 63 -48.12 -42.72 34.47
CA ARG G 63 -47.48 -42.70 35.77
C ARG G 63 -47.56 -44.04 36.48
N SER G 64 -47.66 -45.13 35.72
CA SER G 64 -47.72 -46.47 36.28
C SER G 64 -46.61 -47.32 35.68
N ILE G 65 -45.99 -48.15 36.51
CA ILE G 65 -44.87 -48.98 36.11
C ILE G 65 -45.22 -50.43 36.41
N CYS G 66 -45.16 -51.28 35.40
CA CYS G 66 -45.45 -52.69 35.63
C CYS G 66 -44.32 -53.31 36.44
N TRP G 67 -44.61 -54.46 37.06
CA TRP G 67 -43.64 -55.09 37.94
C TRP G 67 -42.37 -55.47 37.21
N ARG G 68 -42.47 -55.84 35.93
CA ARG G 68 -41.28 -56.18 35.16
C ARG G 68 -40.35 -54.98 35.02
N CYS G 69 -40.91 -53.80 34.74
CA CYS G 69 -40.06 -52.60 34.68
C CYS G 69 -39.56 -52.22 36.06
N LEU G 70 -40.35 -52.46 37.11
CA LEU G 70 -39.87 -52.21 38.46
C LEU G 70 -38.65 -53.07 38.77
N ILE G 71 -38.63 -54.30 38.25
CA ILE G 71 -37.43 -55.12 38.37
C ILE G 71 -36.30 -54.56 37.51
N LEU G 72 -36.62 -54.17 36.27
CA LEU G 72 -35.60 -53.69 35.34
C LEU G 72 -35.00 -52.36 35.76
N ARG G 73 -35.64 -51.62 36.65
CA ARG G 73 -35.13 -50.33 37.10
C ARG G 73 -34.22 -50.44 38.31
N LYS G 74 -33.94 -51.65 38.79
CA LYS G 74 -33.01 -51.82 39.89
C LYS G 74 -31.57 -51.56 39.43
N LYS G 75 -30.73 -51.13 40.37
CA LYS G 75 -29.36 -50.77 40.03
C LYS G 75 -28.60 -51.98 39.51
N GLN G 76 -28.82 -53.15 40.11
CA GLN G 76 -28.16 -54.36 39.62
C GLN G 76 -28.58 -54.68 38.19
N MET G 77 -29.83 -54.36 37.82
CA MET G 77 -30.29 -54.61 36.47
C MET G 77 -29.69 -53.60 35.49
N LEU G 78 -29.64 -52.33 35.87
CA LEU G 78 -29.07 -51.32 34.99
C LEU G 78 -27.58 -51.55 34.76
N ASN G 79 -26.83 -51.88 35.81
CA ASN G 79 -25.40 -52.08 35.66
C ASN G 79 -25.09 -53.34 34.86
N GLY G 80 -25.82 -54.43 35.14
CA GLY G 80 -25.55 -55.68 34.46
C GLY G 80 -25.87 -55.63 32.97
N LEU G 81 -26.95 -54.91 32.61
CA LEU G 81 -27.41 -54.83 31.23
C LEU G 81 -26.82 -53.65 30.48
N SER G 82 -25.63 -53.18 30.88
CA SER G 82 -25.03 -52.03 30.23
C SER G 82 -24.56 -52.37 28.82
N TYR G 83 -24.03 -53.58 28.62
CA TYR G 83 -23.51 -54.02 27.32
C TYR G 83 -24.06 -55.41 26.99
N ALA G 84 -25.37 -55.58 27.14
CA ALA G 84 -25.99 -56.90 27.09
C ALA G 84 -26.66 -57.16 25.76
N LEU G 85 -26.84 -58.45 25.46
CA LEU G 85 -27.66 -58.92 24.36
C LEU G 85 -28.62 -59.96 24.93
N ILE G 86 -29.91 -59.65 24.93
CA ILE G 86 -30.91 -60.46 25.60
C ILE G 86 -31.65 -61.28 24.54
N THR G 87 -31.34 -62.56 24.46
CA THR G 87 -32.01 -63.48 23.55
C THR G 87 -32.79 -64.51 24.36
N GLN G 88 -33.40 -65.45 23.65
CA GLN G 88 -34.21 -66.48 24.30
C GLN G 88 -33.37 -67.35 25.23
N ASP G 89 -32.17 -67.75 24.77
CA ASP G 89 -31.32 -68.62 25.58
C ASP G 89 -30.87 -67.93 26.86
N GLY G 90 -30.47 -66.67 26.76
CA GLY G 90 -29.99 -65.97 27.94
C GLY G 90 -29.56 -64.57 27.58
N VAL G 91 -28.79 -63.97 28.49
CA VAL G 91 -28.27 -62.62 28.32
C VAL G 91 -26.78 -62.71 28.04
N PHE G 92 -26.35 -62.10 26.94
CA PHE G 92 -24.97 -62.17 26.50
C PHE G 92 -24.35 -60.77 26.51
N GLN G 93 -23.04 -60.72 26.76
CA GLN G 93 -22.31 -59.47 26.86
C GLN G 93 -21.64 -59.16 25.53
N ILE G 94 -21.91 -57.96 25.00
CA ILE G 94 -21.36 -57.57 23.71
C ILE G 94 -20.38 -56.42 23.90
N SER G 95 -19.76 -56.35 25.08
CA SER G 95 -18.82 -55.27 25.36
C SER G 95 -17.60 -55.34 24.46
N LYS G 96 -17.07 -56.54 24.25
CA LYS G 96 -15.87 -56.70 23.43
C LYS G 96 -16.18 -56.43 21.96
N ASP G 97 -15.15 -56.01 21.22
CA ASP G 97 -15.32 -55.72 19.80
C ASP G 97 -15.60 -56.97 19.00
N THR G 98 -15.01 -58.10 19.37
CA THR G 98 -15.28 -59.36 18.68
C THR G 98 -16.75 -59.74 18.82
N ASN G 99 -17.32 -59.52 20.00
CA ASN G 99 -18.74 -59.80 20.19
C ASN G 99 -19.61 -58.93 19.30
N LYS G 100 -19.26 -57.64 19.17
CA LYS G 100 -20.02 -56.76 18.29
C LYS G 100 -19.90 -57.19 16.84
N ALA G 101 -18.70 -57.61 16.43
CA ALA G 101 -18.53 -58.10 15.06
C ALA G 101 -19.38 -59.34 14.80
N TRP G 102 -19.39 -60.26 15.76
CA TRP G 102 -20.22 -61.46 15.61
C TRP G 102 -21.69 -61.10 15.55
N LEU G 103 -22.13 -60.16 16.40
CA LEU G 103 -23.54 -59.77 16.42
C LEU G 103 -23.97 -59.12 15.11
N PHE G 104 -23.13 -58.22 14.59
CA PHE G 104 -23.50 -57.46 13.40
C PHE G 104 -23.06 -58.12 12.10
N THR G 105 -22.47 -59.30 12.16
CA THR G 105 -22.19 -60.08 10.96
C THR G 105 -22.91 -61.41 10.94
N THR G 106 -23.04 -62.08 12.09
CA THR G 106 -23.75 -63.35 12.21
C THR G 106 -24.74 -63.25 13.37
N PRO G 107 -25.84 -62.52 13.17
CA PRO G 107 -26.77 -62.31 14.28
C PRO G 107 -27.51 -63.58 14.63
N PRO G 108 -27.97 -63.72 15.87
CA PRO G 108 -28.81 -64.85 16.21
C PRO G 108 -30.14 -64.78 15.50
N PRO G 109 -30.77 -65.91 15.19
CA PRO G 109 -32.03 -65.89 14.44
C PRO G 109 -33.22 -65.47 15.30
N ALA G 110 -33.21 -65.86 16.57
CA ALA G 110 -34.34 -65.61 17.44
C ALA G 110 -34.47 -64.11 17.73
N PRO G 111 -35.65 -63.67 18.14
CA PRO G 111 -35.80 -62.27 18.59
C PRO G 111 -34.87 -61.99 19.76
N PHE G 112 -34.28 -60.80 19.75
CA PHE G 112 -33.35 -60.42 20.81
C PHE G 112 -33.42 -58.92 21.03
N PHE G 113 -32.90 -58.49 22.18
CA PHE G 113 -32.75 -57.08 22.52
C PHE G 113 -31.26 -56.77 22.64
N VAL G 114 -30.84 -55.67 22.04
CA VAL G 114 -29.44 -55.26 22.05
C VAL G 114 -29.29 -54.07 22.97
N MET G 115 -28.33 -54.13 23.88
CA MET G 115 -28.11 -53.12 24.89
C MET G 115 -26.73 -52.50 24.68
N HIS G 116 -26.64 -51.19 24.88
CA HIS G 116 -25.33 -50.54 24.95
C HIS G 116 -25.48 -49.17 25.58
N SER G 117 -24.57 -48.84 26.49
CA SER G 117 -24.60 -47.59 27.23
C SER G 117 -23.45 -46.69 26.78
N SER G 118 -23.73 -45.39 26.70
CA SER G 118 -22.74 -44.39 26.31
C SER G 118 -22.05 -43.74 27.50
N SER G 119 -22.34 -44.18 28.71
CA SER G 119 -21.76 -43.60 29.92
C SER G 119 -21.64 -44.69 30.96
N THR G 120 -21.50 -44.30 32.23
CA THR G 120 -21.28 -45.28 33.29
C THR G 120 -22.43 -46.26 33.39
N MET G 121 -23.66 -45.77 33.47
CA MET G 121 -24.83 -46.63 33.48
C MET G 121 -26.07 -45.79 33.21
N GLN G 122 -26.91 -46.25 32.27
CA GLN G 122 -28.06 -45.50 31.82
C GLN G 122 -29.27 -46.41 31.76
N HIS G 123 -30.45 -45.80 31.75
CA HIS G 123 -31.69 -46.56 31.60
C HIS G 123 -31.80 -47.06 30.17
N LEU G 124 -31.61 -48.38 29.98
CA LEU G 124 -31.69 -48.99 28.67
C LEU G 124 -32.61 -50.20 28.61
N CYS G 125 -33.07 -50.72 29.75
CA CYS G 125 -33.88 -51.93 29.73
C CYS G 125 -35.18 -51.71 28.99
N TRP G 126 -35.83 -50.57 29.21
CA TRP G 126 -37.19 -50.32 28.76
C TRP G 126 -37.26 -49.41 27.54
N ARG G 127 -36.15 -49.19 26.85
CA ARG G 127 -36.13 -48.30 25.70
C ARG G 127 -35.74 -48.99 24.41
N THR G 128 -35.46 -50.29 24.42
CA THR G 128 -34.97 -50.99 23.24
C THR G 128 -36.11 -51.70 22.55
N PRO G 129 -36.47 -51.33 21.32
CA PRO G 129 -37.43 -52.14 20.57
C PRO G 129 -36.87 -53.52 20.28
N VAL G 130 -37.77 -54.50 20.24
CA VAL G 130 -37.35 -55.88 19.99
C VAL G 130 -36.88 -56.03 18.54
N THR G 131 -35.94 -56.94 18.32
CA THR G 131 -35.42 -57.24 16.99
C THR G 131 -36.13 -58.50 16.49
N LEU G 132 -37.19 -58.31 15.71
CA LEU G 132 -37.97 -59.45 15.24
C LEU G 132 -37.20 -60.26 14.20
N ASP G 133 -36.52 -59.59 13.27
CA ASP G 133 -35.77 -60.25 12.22
C ASP G 133 -34.31 -59.81 12.28
N ASN G 134 -33.40 -60.78 12.13
CA ASN G 134 -31.98 -60.48 12.23
C ASN G 134 -31.50 -59.56 11.12
N ARG G 135 -32.24 -59.45 10.02
CA ARG G 135 -31.85 -58.57 8.93
C ARG G 135 -32.09 -57.10 9.23
N LEU G 136 -32.83 -56.79 10.29
CA LEU G 136 -33.04 -55.41 10.72
C LEU G 136 -32.86 -55.37 12.24
N ILE G 137 -31.63 -55.14 12.68
CA ILE G 137 -31.30 -55.13 14.10
C ILE G 137 -31.45 -53.71 14.63
N LYS G 138 -32.22 -53.57 15.70
CA LYS G 138 -32.39 -52.28 16.37
C LYS G 138 -31.55 -52.28 17.63
N VAL G 139 -30.63 -51.33 17.73
CA VAL G 139 -29.67 -51.25 18.83
C VAL G 139 -29.87 -49.90 19.52
N ARG G 140 -29.98 -49.94 20.84
CA ARG G 140 -30.08 -48.73 21.64
C ARG G 140 -28.71 -48.39 22.21
N TYR G 141 -28.16 -47.25 21.79
CA TYR G 141 -26.87 -46.77 22.24
C TYR G 141 -27.09 -45.46 22.98
N GLY G 142 -27.06 -45.51 24.30
CA GLY G 142 -27.28 -44.31 25.09
C GLY G 142 -28.66 -43.75 24.82
N ASN G 143 -28.70 -42.49 24.38
CA ASN G 143 -29.94 -41.85 24.01
C ASN G 143 -30.28 -42.02 22.53
N ASN G 144 -29.47 -42.77 21.79
CA ASN G 144 -29.65 -42.95 20.36
C ASN G 144 -30.18 -44.35 20.08
N LEU G 145 -31.22 -44.44 19.25
CA LEU G 145 -31.76 -45.70 18.79
C LEU G 145 -31.29 -45.94 17.37
N PHE G 146 -30.53 -47.01 17.17
CA PHE G 146 -29.85 -47.28 15.92
C PHE G 146 -30.52 -48.44 15.17
N VAL G 147 -30.41 -48.40 13.85
CA VAL G 147 -30.86 -49.48 12.98
C VAL G 147 -29.65 -49.98 12.21
N VAL G 148 -29.32 -51.26 12.39
CA VAL G 148 -28.14 -51.86 11.76
C VAL G 148 -28.60 -53.00 10.87
N ARG G 149 -28.17 -52.96 9.61
CA ARG G 149 -28.45 -54.02 8.66
C ARG G 149 -27.19 -54.84 8.42
N PRO G 150 -27.18 -56.12 8.77
CA PRO G 150 -25.95 -56.91 8.59
C PRO G 150 -25.44 -56.95 7.16
N GLU G 151 -26.34 -56.94 6.17
CA GLU G 151 -25.89 -56.94 4.79
C GLU G 151 -25.14 -55.65 4.46
N ALA G 152 -25.60 -54.52 4.98
CA ALA G 152 -24.89 -53.27 4.75
C ALA G 152 -23.52 -53.29 5.41
N ILE G 153 -23.42 -53.86 6.61
CA ILE G 153 -22.14 -53.98 7.29
C ILE G 153 -21.19 -54.85 6.48
N ARG G 154 -21.69 -55.98 5.98
CA ARG G 154 -20.86 -56.87 5.18
C ARG G 154 -20.40 -56.20 3.90
N GLU G 155 -21.30 -55.46 3.24
CA GLU G 155 -20.94 -54.76 2.01
C GLU G 155 -19.90 -53.69 2.27
N ALA G 156 -20.05 -52.94 3.36
CA ALA G 156 -19.06 -51.92 3.69
C ALA G 156 -17.71 -52.53 4.02
N LEU G 157 -17.70 -53.65 4.74
CA LEU G 157 -16.44 -54.33 5.02
C LEU G 157 -15.78 -54.81 3.73
N GLU G 158 -16.57 -55.36 2.81
CA GLU G 158 -16.02 -55.78 1.52
C GLU G 158 -15.45 -54.59 0.75
N ILE G 159 -16.14 -53.45 0.79
CA ILE G 159 -15.66 -52.25 0.10
C ILE G 159 -14.33 -51.80 0.69
N ALA G 160 -14.24 -51.77 2.02
CA ALA G 160 -12.99 -51.36 2.66
C ALA G 160 -11.86 -52.32 2.34
N ASP G 161 -12.15 -53.63 2.34
CA ASP G 161 -11.11 -54.60 2.02
C ASP G 161 -10.65 -54.44 0.57
N ARG G 162 -11.58 -54.21 -0.35
CA ARG G 162 -11.18 -54.04 -1.75
C ARG G 162 -10.42 -52.75 -1.97
N MET G 163 -10.70 -51.70 -1.18
CA MET G 163 -9.97 -50.45 -1.33
C MET G 163 -8.58 -50.54 -0.70
N ASN G 164 -8.44 -51.29 0.39
CA ASN G 164 -7.14 -51.48 1.03
C ASN G 164 -6.41 -52.73 0.55
N GLU G 165 -6.94 -53.40 -0.48
CA GLU G 165 -6.32 -54.64 -0.96
C GLU G 165 -4.91 -54.40 -1.49
N GLY G 166 -4.72 -53.32 -2.24
CA GLY G 166 -3.43 -53.07 -2.88
C GLY G 166 -2.45 -52.32 -2.00
N GLN G 167 -2.90 -51.23 -1.38
CA GLN G 167 -2.01 -50.40 -0.57
C GLN G 167 -1.51 -51.16 0.65
N LYS G 168 -0.22 -51.02 0.93
CA LYS G 168 0.38 -51.74 2.05
C LYS G 168 -0.01 -51.14 3.40
N LYS G 169 -0.31 -49.84 3.45
CA LYS G 169 -0.72 -49.18 4.68
C LYS G 169 -2.25 -49.13 4.70
N TRP G 170 -2.85 -49.90 5.61
CA TRP G 170 -4.29 -49.93 5.73
C TRP G 170 -4.81 -48.58 6.19
N GLN G 171 -5.93 -48.16 5.61
CA GLN G 171 -6.52 -46.87 5.94
C GLN G 171 -8.02 -46.93 5.72
N ALA G 172 -8.78 -46.47 6.72
CA ALA G 172 -10.22 -46.58 6.67
C ALA G 172 -10.80 -45.65 5.60
N PRO G 173 -11.76 -46.12 4.81
CA PRO G 173 -12.36 -45.24 3.80
C PRO G 173 -13.29 -44.19 4.38
N ILE G 174 -13.90 -44.45 5.53
CA ILE G 174 -14.88 -43.55 6.12
C ILE G 174 -14.46 -43.23 7.55
N PHE G 175 -14.65 -41.97 7.94
CA PHE G 175 -14.37 -41.54 9.30
C PHE G 175 -15.47 -42.02 10.22
N LEU G 176 -15.10 -42.74 11.28
CA LEU G 176 -16.05 -43.28 12.24
C LEU G 176 -15.54 -43.05 13.65
N ASP G 177 -16.49 -42.98 14.59
CA ASP G 177 -16.18 -42.78 16.00
C ASP G 177 -16.97 -43.78 16.82
N ARG G 178 -16.30 -44.40 17.79
CA ARG G 178 -16.98 -45.35 18.66
C ARG G 178 -18.06 -44.66 19.49
N LYS G 179 -17.78 -43.44 19.95
CA LYS G 179 -18.75 -42.68 20.73
C LYS G 179 -19.83 -42.03 19.88
N ALA G 180 -19.68 -42.06 18.55
CA ALA G 180 -20.60 -41.39 17.64
C ALA G 180 -20.73 -39.92 18.00
N ALA G 181 -19.60 -39.30 18.34
CA ALA G 181 -19.56 -37.92 18.80
C ALA G 181 -18.74 -36.99 17.93
N ASP G 182 -17.81 -37.51 17.14
CA ASP G 182 -16.95 -36.66 16.33
C ASP G 182 -17.76 -35.92 15.27
N SER G 183 -17.36 -34.68 14.99
CA SER G 183 -18.05 -33.88 13.99
C SER G 183 -17.89 -34.44 12.58
N GLY G 184 -16.88 -35.26 12.35
CA GLY G 184 -16.68 -35.93 11.08
C GLY G 184 -17.20 -37.35 11.02
N HIS G 185 -17.99 -37.78 11.99
CA HIS G 185 -18.51 -39.14 12.01
C HIS G 185 -19.37 -39.40 10.77
N GLY G 186 -19.11 -40.51 10.10
CA GLY G 186 -19.86 -40.88 8.92
C GLY G 186 -19.42 -40.22 7.63
N ALA G 187 -18.41 -39.35 7.66
CA ALA G 187 -17.93 -38.68 6.47
C ALA G 187 -16.76 -39.44 5.86
N LEU G 188 -16.67 -39.39 4.54
CA LEU G 188 -15.58 -40.07 3.84
C LEU G 188 -14.25 -39.42 4.16
N THR G 189 -13.22 -40.26 4.33
CA THR G 189 -11.86 -39.76 4.53
C THR G 189 -11.26 -39.37 3.19
N LYS G 190 -10.04 -38.82 3.24
CA LYS G 190 -9.36 -38.46 1.99
C LYS G 190 -9.11 -39.69 1.14
N ALA G 191 -8.69 -40.80 1.75
CA ALA G 191 -8.47 -42.03 1.00
C ALA G 191 -9.77 -42.50 0.35
N GLY G 192 -10.87 -42.46 1.09
CA GLY G 192 -12.15 -42.85 0.51
C GLY G 192 -12.61 -41.88 -0.56
N ARG G 193 -12.39 -40.58 -0.36
CA ARG G 193 -12.88 -39.59 -1.30
C ARG G 193 -12.14 -39.65 -2.62
N GLU G 194 -10.83 -39.92 -2.59
CA GLU G 194 -10.01 -39.89 -3.80
C GLU G 194 -9.41 -41.24 -4.15
N HIS G 195 -9.98 -42.34 -3.65
CA HIS G 195 -9.53 -43.67 -4.05
C HIS G 195 -10.66 -44.67 -4.21
N LEU G 196 -11.91 -44.22 -4.27
CA LEU G 196 -13.06 -45.12 -4.38
C LEU G 196 -13.91 -44.74 -5.58
N SER G 197 -14.61 -45.74 -6.12
CA SER G 197 -15.49 -45.51 -7.25
C SER G 197 -16.74 -44.76 -6.80
N ALA G 198 -17.49 -44.25 -7.78
CA ALA G 198 -18.70 -43.48 -7.48
C ALA G 198 -19.73 -44.32 -6.75
N ALA G 199 -19.91 -45.58 -7.17
CA ALA G 199 -20.87 -46.45 -6.51
C ALA G 199 -20.49 -46.69 -5.05
N ASP G 200 -19.21 -46.95 -4.78
CA ASP G 200 -18.77 -47.18 -3.41
C ASP G 200 -18.96 -45.95 -2.56
N GLN G 201 -18.62 -44.77 -3.09
CA GLN G 201 -18.81 -43.53 -2.33
C GLN G 201 -20.28 -43.29 -2.04
N GLU G 202 -21.15 -43.52 -3.03
CA GLU G 202 -22.58 -43.32 -2.82
C GLU G 202 -23.12 -44.30 -1.77
N PHE G 203 -22.65 -45.55 -1.81
CA PHE G 203 -23.08 -46.52 -0.81
C PHE G 203 -22.61 -46.13 0.58
N LEU G 204 -21.36 -45.68 0.70
CA LEU G 204 -20.84 -45.32 2.02
C LEU G 204 -21.51 -44.06 2.57
N LEU G 205 -21.91 -43.15 1.69
CA LEU G 205 -22.62 -41.96 2.15
C LEU G 205 -24.07 -42.26 2.53
N ASN G 206 -24.65 -43.34 2.01
CA ASN G 206 -26.06 -43.64 2.18
C ASN G 206 -26.30 -44.79 3.16
N ILE G 207 -25.50 -44.85 4.22
CA ILE G 207 -25.69 -45.87 5.25
C ILE G 207 -26.37 -45.23 6.46
N THR G 208 -27.06 -46.05 7.23
CA THR G 208 -27.75 -45.58 8.41
C THR G 208 -26.75 -45.25 9.52
N PRO G 209 -27.13 -44.38 10.46
CA PRO G 209 -26.21 -44.08 11.57
C PRO G 209 -25.80 -45.30 12.36
N GLY G 210 -26.73 -46.25 12.54
CA GLY G 210 -26.38 -47.47 13.25
C GLY G 210 -25.31 -48.27 12.55
N GLU G 211 -25.35 -48.29 11.22
CA GLU G 211 -24.32 -48.99 10.46
C GLU G 211 -22.96 -48.34 10.63
N ARG G 212 -22.92 -46.99 10.65
CA ARG G 212 -21.66 -46.31 10.94
C ARG G 212 -21.16 -46.65 12.33
N TRP G 213 -22.06 -46.67 13.33
CA TRP G 213 -21.66 -47.01 14.68
C TRP G 213 -21.10 -48.42 14.75
N ALA G 214 -21.75 -49.38 14.08
CA ALA G 214 -21.29 -50.75 14.09
C ALA G 214 -19.93 -50.89 13.39
N LEU G 215 -19.77 -50.24 12.24
CA LEU G 215 -18.49 -50.29 11.54
C LEU G 215 -17.38 -49.64 12.36
N ALA G 216 -17.72 -48.66 13.20
CA ALA G 216 -16.73 -48.07 14.09
C ALA G 216 -16.15 -49.08 15.06
N TYR G 217 -16.87 -50.18 15.33
CA TYR G 217 -16.38 -51.23 16.20
C TYR G 217 -15.89 -52.45 15.44
N ILE G 218 -16.30 -52.64 14.20
CA ILE G 218 -15.92 -53.81 13.41
C ILE G 218 -14.79 -53.50 12.44
N MET G 219 -14.93 -52.43 11.66
CA MET G 219 -13.97 -52.16 10.58
C MET G 219 -12.68 -51.60 11.17
N HIS G 220 -11.61 -52.37 11.06
CA HIS G 220 -10.29 -51.92 11.51
C HIS G 220 -9.23 -52.52 10.61
N SER G 221 -7.98 -52.15 10.87
CA SER G 221 -6.86 -52.67 10.08
C SER G 221 -6.77 -54.18 10.19
N LYS G 222 -6.90 -54.70 11.40
CA LYS G 222 -6.98 -56.14 11.66
C LYS G 222 -8.39 -56.43 12.14
N ARG G 223 -9.22 -56.97 11.25
CA ARG G 223 -10.62 -57.23 11.59
C ARG G 223 -10.70 -58.28 12.69
N PRO G 224 -11.35 -57.98 13.81
CA PRO G 224 -11.44 -58.97 14.89
C PRO G 224 -12.21 -60.21 14.44
N GLN G 225 -11.76 -61.35 14.89
CA GLN G 225 -12.45 -62.59 14.59
C GLN G 225 -13.73 -62.69 15.42
N PRO G 226 -14.88 -62.96 14.81
CA PRO G 226 -16.11 -63.07 15.60
C PRO G 226 -16.03 -64.24 16.57
N GLU G 227 -16.61 -64.05 17.75
CA GLU G 227 -16.66 -65.09 18.76
C GLU G 227 -17.98 -64.98 19.53
N GLU G 228 -18.43 -66.11 20.05
CA GLU G 228 -19.69 -66.16 20.75
C GLU G 228 -19.58 -65.48 22.11
N PRO G 229 -20.42 -64.51 22.42
CA PRO G 229 -20.40 -63.90 23.75
C PRO G 229 -20.80 -64.88 24.83
N GLU G 230 -20.30 -64.65 26.04
CA GLU G 230 -20.55 -65.52 27.16
C GLU G 230 -21.94 -65.25 27.75
N CYS G 231 -22.43 -66.24 28.51
CA CYS G 231 -23.70 -66.09 29.21
C CYS G 231 -23.51 -65.23 30.45
N ILE G 232 -24.34 -64.21 30.60
CA ILE G 232 -24.18 -63.23 31.67
C ILE G 232 -25.37 -63.21 32.63
N THR G 233 -26.48 -63.88 32.29
CA THR G 233 -27.65 -63.82 33.16
C THR G 233 -27.36 -64.38 34.55
N SER G 234 -26.42 -65.33 34.64
CA SER G 234 -26.08 -65.88 35.95
C SER G 234 -25.50 -64.80 36.86
N LYS G 235 -24.59 -63.99 36.33
CA LYS G 235 -23.97 -62.93 37.14
C LYS G 235 -25.01 -61.91 37.59
N ILE G 236 -25.89 -61.49 36.69
CA ILE G 236 -26.88 -60.49 37.05
C ILE G 236 -27.85 -61.03 38.08
N LEU G 237 -28.27 -62.29 37.93
CA LEU G 237 -29.16 -62.90 38.92
C LEU G 237 -28.48 -63.03 40.27
N GLU G 238 -27.19 -63.44 40.28
CA GLU G 238 -26.48 -63.59 41.54
C GLU G 238 -26.31 -62.24 42.24
N LYS G 239 -26.00 -61.20 41.49
CA LYS G 239 -25.84 -59.87 42.10
C LYS G 239 -27.16 -59.28 42.56
N LEU G 240 -28.29 -59.85 42.16
CA LEU G 240 -29.58 -59.34 42.56
C LEU G 240 -30.14 -60.12 43.76
N ILE K 99 -58.45 -7.08 -20.99
CA ILE K 99 -57.56 -5.93 -20.94
C ILE K 99 -57.61 -5.16 -22.26
N PRO K 100 -57.83 -3.86 -22.20
CA PRO K 100 -57.86 -3.06 -23.43
C PRO K 100 -56.53 -3.13 -24.17
N GLY K 101 -56.61 -3.13 -25.50
CA GLY K 101 -55.42 -3.23 -26.32
C GLY K 101 -54.87 -4.62 -26.49
N GLN K 102 -55.61 -5.65 -26.11
CA GLN K 102 -55.14 -7.03 -26.20
C GLN K 102 -55.44 -7.65 -27.55
N SER K 103 -55.99 -6.89 -28.50
CA SER K 103 -56.36 -7.45 -29.79
C SER K 103 -55.14 -8.01 -30.53
N GLU K 104 -54.02 -7.28 -30.50
CA GLU K 104 -52.83 -7.68 -31.23
C GLU K 104 -51.87 -8.51 -30.40
N VAL K 105 -52.23 -8.82 -29.14
CA VAL K 105 -51.33 -9.60 -28.29
C VAL K 105 -51.33 -11.05 -28.76
N ARG K 106 -50.13 -11.58 -28.99
CA ARG K 106 -49.97 -12.94 -29.49
C ARG K 106 -50.12 -13.94 -28.35
N GLU K 107 -50.26 -15.22 -28.73
CA GLU K 107 -50.54 -16.27 -27.75
C GLU K 107 -49.44 -16.38 -26.70
N VAL K 108 -48.18 -16.19 -27.11
CA VAL K 108 -47.08 -16.34 -26.17
C VAL K 108 -47.14 -15.30 -25.06
N LEU K 109 -47.60 -14.09 -25.38
CA LEU K 109 -47.69 -13.02 -24.40
C LEU K 109 -48.99 -13.01 -23.61
N LEU K 110 -49.98 -13.82 -24.01
CA LEU K 110 -51.26 -13.85 -23.31
C LEU K 110 -51.13 -14.32 -21.86
N PRO K 111 -50.44 -15.42 -21.54
CA PRO K 111 -50.40 -15.87 -20.14
C PRO K 111 -49.71 -14.89 -19.20
N LEU K 112 -48.88 -13.98 -19.72
CA LEU K 112 -48.11 -13.07 -18.87
C LEU K 112 -48.67 -11.66 -18.84
N LEU K 113 -49.35 -11.22 -19.90
CA LEU K 113 -49.80 -9.85 -19.97
C LEU K 113 -50.81 -9.52 -18.88
N GLU K 114 -51.77 -10.42 -18.65
CA GLU K 114 -52.84 -10.12 -17.69
C GLU K 114 -52.29 -10.05 -16.28
N GLN K 115 -51.37 -10.94 -15.91
CA GLN K 115 -50.81 -10.90 -14.56
C GLN K 115 -49.85 -9.74 -14.39
N SER K 116 -49.12 -9.36 -15.46
CA SER K 116 -48.29 -8.17 -15.38
C SER K 116 -49.14 -6.92 -15.16
N ALA K 117 -50.26 -6.83 -15.88
CA ALA K 117 -51.16 -5.70 -15.69
C ALA K 117 -51.78 -5.70 -14.30
N SER K 118 -52.16 -6.87 -13.80
CA SER K 118 -52.75 -6.95 -12.47
C SER K 118 -51.75 -6.55 -11.39
N ALA K 119 -50.48 -6.92 -11.57
CA ALA K 119 -49.48 -6.57 -10.57
C ALA K 119 -49.20 -5.07 -10.52
N ILE K 120 -49.56 -4.33 -11.57
CA ILE K 120 -49.29 -2.89 -11.58
C ILE K 120 -50.08 -2.19 -10.48
N GLU K 121 -51.39 -2.45 -10.41
CA GLU K 121 -52.20 -1.85 -9.36
C GLU K 121 -51.89 -2.44 -7.99
N LYS K 122 -51.29 -3.63 -7.95
CA LYS K 122 -50.86 -4.21 -6.68
C LYS K 122 -49.62 -3.52 -6.12
N GLY K 123 -49.00 -2.63 -6.90
CA GLY K 123 -47.79 -1.97 -6.44
C GLY K 123 -46.57 -2.85 -6.43
N LYS K 124 -46.58 -3.94 -7.19
CA LYS K 124 -45.48 -4.90 -7.22
C LYS K 124 -44.71 -4.76 -8.52
N ILE K 125 -43.39 -4.75 -8.43
CA ILE K 125 -42.53 -4.68 -9.60
C ILE K 125 -42.31 -6.10 -10.12
N VAL K 126 -42.58 -6.30 -11.41
CA VAL K 126 -42.50 -7.63 -12.00
C VAL K 126 -41.49 -7.62 -13.14
N PHE K 127 -40.94 -8.79 -13.41
CA PHE K 127 -39.87 -8.97 -14.37
C PHE K 127 -40.32 -9.97 -15.44
N ALA K 128 -40.22 -9.58 -16.70
CA ALA K 128 -40.70 -10.40 -17.79
C ALA K 128 -39.68 -10.43 -18.92
N GLU K 129 -39.73 -11.51 -19.70
CA GLU K 129 -38.82 -11.71 -20.83
C GLU K 129 -39.67 -11.90 -22.09
N ALA K 130 -40.04 -10.79 -22.73
CA ALA K 130 -40.70 -10.84 -24.03
C ALA K 130 -39.63 -10.99 -25.10
N ALA K 131 -39.55 -12.18 -25.69
CA ALA K 131 -38.51 -12.45 -26.67
C ALA K 131 -38.66 -11.53 -27.87
N THR K 132 -37.53 -11.14 -28.45
CA THR K 132 -37.55 -10.29 -29.62
C THR K 132 -38.30 -10.95 -30.76
N GLY K 133 -39.16 -10.18 -31.43
CA GLY K 133 -40.00 -10.70 -32.48
C GLY K 133 -41.31 -11.30 -32.01
N THR K 134 -41.63 -11.21 -30.72
CA THR K 134 -42.88 -11.72 -30.18
C THR K 134 -43.95 -10.65 -30.04
N GLY K 135 -43.68 -9.43 -30.50
CA GLY K 135 -44.66 -8.36 -30.41
C GLY K 135 -44.57 -7.56 -29.13
N LYS K 136 -43.35 -7.13 -28.79
CA LYS K 136 -43.14 -6.37 -27.57
C LYS K 136 -43.85 -5.02 -27.62
N GLY K 137 -43.74 -4.32 -28.76
CA GLY K 137 -44.21 -2.94 -28.81
C GLY K 137 -45.69 -2.81 -28.50
N ARG K 138 -46.51 -3.65 -29.12
CA ARG K 138 -47.94 -3.50 -28.94
C ARG K 138 -48.39 -3.95 -27.55
N MET K 139 -47.70 -4.91 -26.94
CA MET K 139 -48.09 -5.27 -25.57
C MET K 139 -47.65 -4.20 -24.58
N ILE K 140 -46.50 -3.55 -24.81
CA ILE K 140 -46.14 -2.39 -23.99
C ILE K 140 -47.20 -1.30 -24.14
N ALA K 141 -47.63 -1.06 -25.39
CA ALA K 141 -48.66 -0.07 -25.63
C ALA K 141 -49.97 -0.43 -24.95
N SER K 142 -50.31 -1.72 -24.93
CA SER K 142 -51.52 -2.17 -24.26
C SER K 142 -51.44 -1.95 -22.76
N LEU K 143 -50.27 -2.22 -22.17
CA LEU K 143 -50.09 -1.95 -20.74
C LEU K 143 -50.21 -0.46 -20.47
N ALA K 144 -49.64 0.37 -21.34
CA ALA K 144 -49.76 1.81 -21.18
C ALA K 144 -51.20 2.27 -21.28
N ALA K 145 -51.96 1.69 -22.21
CA ALA K 145 -53.38 2.03 -22.34
C ALA K 145 -54.15 1.61 -21.09
N ASN K 146 -53.84 0.43 -20.55
CA ASN K 146 -54.48 -0.01 -19.32
C ASN K 146 -54.19 0.95 -18.18
N ALA K 147 -52.94 1.39 -18.04
CA ALA K 147 -52.60 2.35 -17.00
C ALA K 147 -53.31 3.69 -17.20
N ALA K 148 -53.38 4.14 -18.45
CA ALA K 148 -54.03 5.42 -18.73
C ALA K 148 -55.53 5.36 -18.49
N ALA K 149 -56.14 4.18 -18.70
CA ALA K 149 -57.58 4.06 -18.52
C ALA K 149 -57.97 4.26 -17.06
N LYS K 150 -57.14 3.80 -16.13
CA LYS K 150 -57.45 3.88 -14.71
C LYS K 150 -57.03 5.20 -14.07
N GLY K 151 -56.48 6.13 -14.85
CA GLY K 151 -56.32 7.49 -14.38
C GLY K 151 -54.89 7.97 -14.15
N ASP K 152 -54.04 7.13 -13.59
CA ASP K 152 -52.67 7.56 -13.28
C ASP K 152 -51.89 7.81 -14.56
N THR K 153 -50.98 8.78 -14.50
CA THR K 153 -50.14 9.09 -15.63
C THR K 153 -49.21 7.93 -15.96
N VAL K 154 -48.84 7.84 -17.23
CA VAL K 154 -48.08 6.72 -17.76
C VAL K 154 -46.75 7.23 -18.31
N VAL K 155 -45.67 6.52 -18.00
CA VAL K 155 -44.35 6.83 -18.52
C VAL K 155 -43.74 5.54 -19.04
N ILE K 156 -43.02 5.64 -20.16
CA ILE K 156 -42.39 4.50 -20.80
C ILE K 156 -40.95 4.86 -21.16
N SER K 157 -40.03 3.95 -20.90
CA SER K 157 -38.60 4.15 -21.12
C SER K 157 -38.10 3.18 -22.17
N ALA K 158 -37.37 3.70 -23.16
CA ALA K 158 -36.89 2.88 -24.27
C ALA K 158 -35.81 3.62 -25.06
N PRO K 159 -34.89 2.89 -25.70
CA PRO K 159 -33.98 3.54 -26.64
C PRO K 159 -34.74 4.22 -27.76
N LEU K 160 -34.09 5.21 -28.39
CA LEU K 160 -34.79 6.12 -29.28
C LEU K 160 -35.43 5.40 -30.45
N ALA K 161 -34.71 4.47 -31.08
CA ALA K 161 -35.25 3.78 -32.24
C ALA K 161 -36.47 2.93 -31.87
N VAL K 162 -36.32 2.12 -30.81
CA VAL K 162 -37.48 1.36 -30.35
C VAL K 162 -38.52 2.28 -29.73
N THR K 163 -38.12 3.47 -29.30
CA THR K 163 -39.11 4.47 -28.89
C THR K 163 -40.00 4.86 -30.06
N TRP K 164 -39.38 5.13 -31.22
CA TRP K 164 -40.16 5.38 -32.43
C TRP K 164 -41.04 4.19 -32.77
N GLN K 165 -40.48 2.98 -32.66
CA GLN K 165 -41.24 1.77 -32.98
C GLN K 165 -42.46 1.64 -32.08
N LEU K 166 -42.29 1.86 -30.78
CA LEU K 166 -43.40 1.81 -29.84
C LEU K 166 -44.41 2.91 -30.13
N ILE K 167 -43.94 4.10 -30.52
CA ILE K 167 -44.85 5.16 -30.93
C ILE K 167 -45.71 4.69 -32.08
N ASP K 168 -45.11 4.00 -33.05
CA ASP K 168 -45.88 3.47 -34.17
C ASP K 168 -46.94 2.48 -33.70
N ALA K 169 -46.62 1.68 -32.68
CA ALA K 169 -47.58 0.68 -32.21
C ALA K 169 -48.70 1.33 -31.40
N LEU K 170 -48.38 2.31 -30.56
CA LEU K 170 -49.37 2.85 -29.63
C LEU K 170 -50.30 3.86 -30.27
N LYS K 171 -49.97 4.38 -31.46
CA LYS K 171 -50.78 5.43 -32.06
C LYS K 171 -52.17 4.92 -32.42
N GLY K 172 -52.30 3.66 -32.81
CA GLY K 172 -53.59 3.10 -33.18
C GLY K 172 -54.48 2.73 -32.02
N ILE K 173 -53.99 2.84 -30.79
CA ILE K 173 -54.76 2.44 -29.61
C ILE K 173 -55.52 3.66 -29.09
N ARG K 174 -56.84 3.64 -29.26
CA ARG K 174 -57.67 4.75 -28.77
C ARG K 174 -57.65 4.83 -27.25
N GLU K 175 -57.75 3.70 -26.57
CA GLU K 175 -57.73 3.70 -25.11
C GLU K 175 -56.37 4.08 -24.55
N ALA K 176 -55.34 4.13 -25.39
CA ALA K 176 -54.10 4.79 -25.01
C ALA K 176 -54.08 6.26 -25.41
N GLN K 177 -54.79 6.61 -26.49
CA GLN K 177 -54.85 7.98 -26.95
C GLN K 177 -55.77 8.86 -26.11
N VAL K 178 -56.57 8.26 -25.23
CA VAL K 178 -57.48 9.06 -24.40
C VAL K 178 -56.69 9.98 -23.48
N ALA K 179 -55.56 9.51 -22.97
CA ALA K 179 -54.70 10.32 -22.13
C ALA K 179 -53.70 11.10 -22.98
N GLY K 180 -53.34 12.28 -22.49
CA GLY K 180 -52.38 13.11 -23.18
C GLY K 180 -51.03 12.44 -23.30
N ILE K 181 -50.49 12.37 -24.51
CA ILE K 181 -49.22 11.70 -24.78
C ILE K 181 -48.16 12.77 -24.97
N THR K 182 -47.12 12.72 -24.14
CA THR K 182 -46.02 13.67 -24.19
C THR K 182 -44.76 12.98 -24.70
N LEU K 183 -43.82 13.81 -25.17
CA LEU K 183 -42.64 13.35 -25.87
C LEU K 183 -41.41 13.36 -24.97
N SER K 184 -40.27 13.00 -25.55
CA SER K 184 -38.97 13.15 -24.93
C SER K 184 -38.33 14.46 -25.36
N LEU K 185 -37.50 15.02 -24.49
CA LEU K 185 -37.00 16.37 -24.67
C LEU K 185 -35.47 16.40 -24.62
N GLY K 186 -34.83 15.39 -25.20
CA GLY K 186 -33.38 15.31 -25.15
C GLY K 186 -32.72 16.33 -26.07
N ARG K 187 -31.66 16.97 -25.57
CA ARG K 187 -30.96 17.97 -26.37
C ARG K 187 -30.29 17.36 -27.60
N PRO K 188 -29.51 16.28 -27.51
CA PRO K 188 -28.96 15.66 -28.73
C PRO K 188 -30.03 15.03 -29.62
N ASN K 189 -31.27 14.91 -29.16
CA ASN K 189 -32.33 14.47 -30.04
C ASN K 189 -32.68 15.51 -31.10
N PHE K 190 -32.02 16.67 -31.06
CA PHE K 190 -32.23 17.73 -32.03
C PHE K 190 -30.87 18.22 -32.52
N VAL K 191 -30.90 19.15 -33.48
CA VAL K 191 -29.69 19.74 -34.03
C VAL K 191 -29.53 21.16 -33.47
N SER K 192 -28.40 21.77 -33.79
CA SER K 192 -27.97 23.00 -33.12
C SER K 192 -29.05 24.09 -33.10
N PRO K 193 -29.71 24.46 -34.20
CA PRO K 193 -29.48 24.10 -35.61
C PRO K 193 -28.65 25.15 -36.33
N ASP K 194 -28.32 26.27 -35.66
CA ASP K 194 -27.60 27.35 -36.31
C ASP K 194 -26.22 26.89 -36.77
N ARG K 195 -25.51 26.17 -35.89
CA ARG K 195 -24.24 25.57 -36.30
C ARG K 195 -24.47 24.58 -37.44
N VAL K 196 -25.54 23.79 -37.35
CA VAL K 196 -25.88 22.87 -38.43
C VAL K 196 -26.24 23.63 -39.70
N LEU K 197 -26.94 24.75 -39.55
CA LEU K 197 -27.29 25.56 -40.72
C LEU K 197 -26.04 26.07 -41.43
N GLU K 198 -25.07 26.58 -40.66
CA GLU K 198 -23.84 27.09 -41.27
C GLU K 198 -23.02 25.95 -41.85
N TRP K 199 -23.00 24.80 -41.18
CA TRP K 199 -22.29 23.64 -41.71
C TRP K 199 -22.87 23.18 -43.04
N ALA K 200 -24.19 23.15 -43.14
CA ALA K 200 -24.83 22.79 -44.41
C ALA K 200 -24.59 23.83 -45.48
N VAL K 201 -24.62 25.11 -45.12
CA VAL K 201 -24.36 26.17 -46.08
C VAL K 201 -22.94 26.07 -46.63
N ASP K 202 -21.97 25.84 -45.74
CA ASP K 202 -20.58 25.71 -46.19
C ASP K 202 -20.37 24.49 -47.08
N ASN K 203 -21.12 23.41 -46.82
CA ASN K 203 -21.05 22.21 -47.64
C ASN K 203 -22.00 22.24 -48.82
N GLU K 204 -22.79 23.31 -48.97
CA GLU K 204 -23.73 23.48 -50.07
C GLU K 204 -24.79 22.38 -50.10
N ARG K 205 -25.01 21.71 -48.97
CA ARG K 205 -26.05 20.69 -48.89
C ARG K 205 -27.40 21.40 -48.76
N VAL K 206 -28.00 21.67 -49.92
CA VAL K 206 -29.24 22.46 -49.95
C VAL K 206 -30.39 21.74 -49.28
N GLU K 207 -30.34 20.41 -49.19
CA GLU K 207 -31.42 19.67 -48.53
C GLU K 207 -31.52 20.06 -47.06
N LEU K 208 -30.40 20.00 -46.34
CA LEU K 208 -30.40 20.35 -44.92
C LEU K 208 -30.75 21.83 -44.72
N ALA K 209 -30.22 22.70 -45.59
CA ALA K 209 -30.51 24.13 -45.46
C ALA K 209 -32.00 24.41 -45.67
N ALA K 210 -32.60 23.77 -46.68
CA ALA K 210 -34.03 23.94 -46.91
C ALA K 210 -34.84 23.39 -45.73
N TRP K 211 -34.43 22.24 -45.19
CA TRP K 211 -35.15 21.66 -44.07
C TRP K 211 -35.10 22.58 -42.84
N VAL K 212 -33.94 23.16 -42.56
CA VAL K 212 -33.84 24.01 -41.38
C VAL K 212 -34.55 25.35 -41.60
N GLU K 213 -34.45 25.92 -42.81
CA GLU K 213 -35.10 27.21 -43.04
C GLU K 213 -36.61 27.05 -43.09
N GLN K 214 -37.11 25.88 -43.49
CA GLN K 214 -38.54 25.61 -43.41
C GLN K 214 -39.02 25.59 -41.97
N GLY K 215 -38.14 25.26 -41.04
CA GLY K 215 -38.49 25.24 -39.63
C GLY K 215 -38.01 23.98 -38.94
N GLY K 216 -37.25 23.16 -39.66
CA GLY K 216 -36.82 21.89 -39.11
C GLY K 216 -37.96 20.95 -38.79
N LYS K 217 -39.06 21.05 -39.55
CA LYS K 217 -40.23 20.24 -39.28
C LYS K 217 -39.99 18.79 -39.72
N PRO K 218 -40.78 17.84 -39.19
CA PRO K 218 -40.52 16.43 -39.47
C PRO K 218 -40.56 16.10 -40.96
N LEU K 219 -39.68 15.20 -41.37
CA LEU K 219 -39.62 14.65 -42.71
C LEU K 219 -39.65 13.13 -42.73
N SER K 220 -39.00 12.48 -41.76
CA SER K 220 -39.00 11.03 -41.70
C SER K 220 -40.35 10.50 -41.23
N GLU K 221 -40.62 9.24 -41.58
CA GLU K 221 -41.91 8.64 -41.26
C GLU K 221 -42.16 8.61 -39.76
N ARG K 222 -41.15 8.16 -38.99
CA ARG K 222 -41.32 8.05 -37.55
C ARG K 222 -41.56 9.41 -36.91
N THR K 223 -40.72 10.40 -37.25
CA THR K 223 -40.87 11.73 -36.69
C THR K 223 -42.17 12.38 -37.14
N LYS K 224 -42.55 12.20 -38.41
CA LYS K 224 -43.79 12.75 -38.90
C LYS K 224 -44.98 12.17 -38.14
N GLY K 225 -44.99 10.85 -37.93
CA GLY K 225 -46.06 10.24 -37.17
C GLY K 225 -46.11 10.74 -35.74
N ALA K 226 -44.95 10.80 -35.08
CA ALA K 226 -44.91 11.24 -33.69
C ALA K 226 -45.27 12.71 -33.54
N SER K 227 -45.12 13.53 -34.58
CA SER K 227 -45.47 14.94 -34.49
C SER K 227 -46.88 15.24 -34.99
N GLU K 228 -47.47 14.38 -35.82
CA GLU K 228 -48.81 14.61 -36.33
C GLU K 228 -49.87 13.82 -35.55
N VAL K 229 -49.72 12.50 -35.46
CA VAL K 229 -50.73 11.70 -34.79
C VAL K 229 -50.75 12.00 -33.29
N ILE K 230 -49.58 12.22 -32.70
CA ILE K 230 -49.51 12.65 -31.30
C ILE K 230 -49.80 14.13 -31.15
N GLU K 231 -49.76 14.90 -32.24
CA GLU K 231 -50.03 16.34 -32.24
C GLU K 231 -49.05 17.07 -31.32
N HIS K 232 -47.76 16.88 -31.60
CA HIS K 232 -46.69 17.54 -30.85
C HIS K 232 -45.81 18.28 -31.84
N GLU K 233 -45.87 19.61 -31.81
CA GLU K 233 -45.07 20.41 -32.72
C GLU K 233 -43.59 20.23 -32.42
N LEU K 234 -42.83 19.88 -33.46
CA LEU K 234 -41.42 19.56 -33.30
C LEU K 234 -40.59 20.26 -34.37
N CYS K 235 -39.35 20.57 -34.02
CA CYS K 235 -38.43 21.25 -34.91
C CYS K 235 -37.01 20.78 -34.64
N TRP K 236 -36.17 20.89 -35.66
CA TRP K 236 -34.72 20.67 -35.57
C TRP K 236 -34.35 19.27 -35.10
N MET K 237 -35.22 18.28 -35.26
CA MET K 237 -34.92 16.93 -34.79
C MET K 237 -33.73 16.36 -35.55
N LEU K 238 -32.83 15.70 -34.82
CA LEU K 238 -31.59 15.21 -35.40
C LEU K 238 -31.82 14.02 -36.33
N GLU K 239 -32.93 13.32 -36.19
CA GLU K 239 -33.20 12.18 -37.07
C GLU K 239 -33.31 12.61 -38.53
N ASP K 240 -34.02 13.71 -38.78
CA ASP K 240 -34.15 14.21 -40.14
C ASP K 240 -32.82 14.68 -40.69
N ALA K 241 -32.01 15.34 -39.87
CA ALA K 241 -30.69 15.76 -40.31
C ALA K 241 -29.82 14.57 -40.67
N LEU K 242 -29.86 13.51 -39.85
CA LEU K 242 -29.10 12.31 -40.15
C LEU K 242 -29.58 11.66 -41.44
N VAL K 243 -30.90 11.62 -41.64
CA VAL K 243 -31.45 11.05 -42.87
C VAL K 243 -31.01 11.84 -44.09
N LEU K 244 -31.04 13.18 -43.98
CA LEU K 244 -30.68 14.03 -45.11
C LEU K 244 -29.23 13.84 -45.52
N ALA K 245 -28.33 13.71 -44.54
CA ALA K 245 -26.91 13.55 -44.84
C ALA K 245 -26.24 12.75 -43.72
N GLU K 246 -25.35 11.85 -44.12
CA GLU K 246 -24.50 11.11 -43.19
C GLU K 246 -23.14 11.74 -43.01
N ASP K 247 -22.95 12.97 -43.49
CA ASP K 247 -21.67 13.66 -43.44
C ASP K 247 -21.52 14.53 -42.20
N LEU K 248 -22.16 14.16 -41.10
CA LEU K 248 -22.09 14.91 -39.83
C LEU K 248 -21.67 13.97 -38.72
N PRO K 249 -20.41 13.51 -38.73
CA PRO K 249 -19.97 12.59 -37.68
C PRO K 249 -19.58 13.27 -36.38
N ILE K 250 -19.33 14.58 -36.40
CA ILE K 250 -18.90 15.28 -35.20
C ILE K 250 -20.05 15.39 -34.21
N ASP K 251 -19.71 15.51 -32.93
CA ASP K 251 -20.68 15.71 -31.87
C ASP K 251 -21.03 17.17 -31.66
N ALA K 252 -20.46 18.08 -32.44
CA ALA K 252 -20.83 19.49 -32.38
C ALA K 252 -22.25 19.73 -32.86
N ILE K 253 -22.88 18.74 -33.48
CA ILE K 253 -24.28 18.84 -33.89
C ILE K 253 -25.14 18.54 -32.67
N MET K 254 -25.49 19.59 -31.91
CA MET K 254 -26.10 19.40 -30.61
C MET K 254 -26.62 20.76 -30.13
N LEU K 255 -27.79 20.74 -29.50
CA LEU K 255 -28.49 21.96 -29.10
C LEU K 255 -27.65 22.84 -28.17
N SER K 256 -27.25 24.00 -28.66
CA SER K 256 -26.43 24.91 -27.86
C SER K 256 -27.21 25.32 -26.60
N PRO K 257 -26.55 25.32 -25.43
CA PRO K 257 -27.29 25.63 -24.19
C PRO K 257 -27.93 27.00 -24.20
N ASP K 258 -27.28 28.01 -24.80
CA ASP K 258 -27.90 29.33 -24.90
C ASP K 258 -29.07 29.31 -25.88
N ASP K 259 -28.98 28.53 -26.94
CA ASP K 259 -30.06 28.42 -27.91
C ASP K 259 -31.28 27.71 -27.31
N CYS K 263 -38.09 28.87 -29.96
CA CYS K 263 -38.41 27.63 -30.63
C CYS K 263 -39.69 27.02 -30.08
N PRO K 264 -40.61 26.63 -30.98
CA PRO K 264 -41.84 25.98 -30.51
C PRO K 264 -41.60 24.69 -29.74
N ALA K 265 -40.59 23.91 -30.12
CA ALA K 265 -40.24 22.73 -29.33
C ALA K 265 -39.73 23.13 -27.95
N GLN K 266 -38.97 24.22 -27.87
CA GLN K 266 -38.54 24.73 -26.58
C GLN K 266 -39.73 25.12 -25.72
N ARG K 267 -40.78 25.68 -26.33
CA ARG K 267 -42.01 25.97 -25.59
C ARG K 267 -42.69 24.68 -25.14
N LEU K 268 -42.73 23.68 -26.02
CA LEU K 268 -43.36 22.40 -25.70
C LEU K 268 -42.57 21.58 -24.69
N TYR K 269 -41.34 21.98 -24.37
CA TYR K 269 -40.61 21.34 -23.28
C TYR K 269 -41.46 21.26 -22.01
N LYS K 270 -42.19 22.33 -21.70
CA LYS K 270 -43.07 22.35 -20.54
C LYS K 270 -44.54 22.30 -20.95
N SER K 271 -44.84 22.39 -22.23
CA SER K 271 -46.23 22.36 -22.69
C SER K 271 -46.60 20.98 -23.24
N GLY K 280 -50.70 12.16 -18.79
CA GLY K 280 -51.07 10.89 -19.39
C GLY K 280 -49.88 10.01 -19.71
N ILE K 281 -49.65 9.76 -21.00
CA ILE K 281 -48.55 8.92 -21.45
C ILE K 281 -47.34 9.80 -21.71
N VAL K 282 -46.19 9.40 -21.18
CA VAL K 282 -44.94 10.15 -21.33
C VAL K 282 -43.94 9.29 -22.09
N LEU K 283 -43.40 9.84 -23.18
CA LEU K 283 -42.36 9.18 -23.96
C LEU K 283 -41.00 9.66 -23.49
N CYS K 284 -40.13 8.71 -23.12
CA CYS K 284 -38.79 9.06 -22.66
C CYS K 284 -37.88 7.86 -22.83
N SER K 285 -36.58 8.11 -22.73
CA SER K 285 -35.59 7.05 -22.76
C SER K 285 -35.13 6.74 -21.34
N HIS K 286 -34.13 5.87 -21.22
CA HIS K 286 -33.55 5.60 -19.91
C HIS K 286 -32.90 6.86 -19.34
N TYR K 287 -32.26 7.65 -20.19
CA TYR K 287 -31.51 8.80 -19.74
C TYR K 287 -32.38 9.98 -19.33
N MET K 288 -33.61 10.07 -19.85
CA MET K 288 -34.54 11.04 -19.28
C MET K 288 -34.86 10.69 -17.82
N LEU K 289 -35.09 9.40 -17.55
CA LEU K 289 -35.26 8.96 -16.17
C LEU K 289 -34.02 9.22 -15.35
N ALA K 290 -32.84 9.04 -15.96
CA ALA K 290 -31.59 9.34 -15.26
C ALA K 290 -31.51 10.81 -14.88
N ALA K 291 -31.85 11.70 -15.82
CA ALA K 291 -31.81 13.13 -15.53
C ALA K 291 -32.82 13.49 -14.44
N HIS K 292 -34.01 12.91 -14.48
CA HIS K 292 -35.01 13.25 -13.47
C HIS K 292 -34.64 12.69 -12.10
N VAL K 293 -34.02 11.50 -12.04
CA VAL K 293 -33.59 11.00 -10.74
C VAL K 293 -32.41 11.83 -10.23
N ARG K 294 -31.57 12.34 -11.13
CA ARG K 294 -30.59 13.36 -10.74
C ARG K 294 -31.28 14.55 -10.10
N PHE K 295 -32.34 15.04 -10.74
CA PHE K 295 -33.08 16.18 -10.22
C PHE K 295 -33.59 15.90 -8.81
N MET K 296 -34.27 14.76 -8.63
CA MET K 296 -34.82 14.42 -7.32
C MET K 296 -33.71 14.30 -6.27
N GLN K 297 -32.67 13.52 -6.57
CA GLN K 297 -31.62 13.27 -5.58
C GLN K 297 -30.90 14.55 -5.20
N LEU K 298 -30.66 15.44 -6.16
CA LEU K 298 -29.93 16.66 -5.85
C LEU K 298 -30.82 17.69 -5.17
N ARG K 299 -31.89 18.13 -5.84
CA ARG K 299 -32.68 19.24 -5.32
C ARG K 299 -33.73 18.78 -4.32
N GLY K 300 -34.44 17.68 -4.63
CA GLY K 300 -35.49 17.24 -3.74
C GLY K 300 -34.98 16.82 -2.37
N LEU K 301 -33.80 16.24 -2.31
CA LEU K 301 -33.19 15.85 -1.05
C LEU K 301 -32.53 17.06 -0.40
N GLN K 312 -34.00 22.83 -15.95
CA GLN K 312 -33.89 21.91 -17.07
C GLN K 312 -35.24 21.35 -17.48
N SER K 313 -35.24 20.16 -18.07
CA SER K 313 -36.47 19.50 -18.53
C SER K 313 -37.06 18.74 -17.35
N PHE K 314 -37.99 19.39 -16.65
CA PHE K 314 -38.67 18.79 -15.50
C PHE K 314 -40.10 18.38 -15.84
N SER K 315 -40.37 18.08 -17.11
CA SER K 315 -41.73 17.75 -17.53
C SER K 315 -42.23 16.47 -16.89
N LEU K 316 -41.35 15.53 -16.60
CA LEU K 316 -41.77 14.27 -16.01
C LEU K 316 -42.35 14.50 -14.63
N PRO K 317 -43.55 13.98 -14.34
CA PRO K 317 -44.12 14.14 -12.99
C PRO K 317 -43.22 13.53 -11.92
N GLN K 318 -43.21 14.17 -10.76
CA GLN K 318 -42.36 13.74 -9.66
C GLN K 318 -42.82 12.45 -9.01
N ALA K 319 -44.02 11.96 -9.36
CA ALA K 319 -44.51 10.68 -8.84
C ALA K 319 -45.45 10.10 -9.88
N ILE K 320 -45.09 8.94 -10.44
CA ILE K 320 -45.86 8.28 -11.47
C ILE K 320 -46.16 6.86 -11.03
N ASP K 321 -47.41 6.44 -11.18
CA ASP K 321 -47.85 5.14 -10.69
C ASP K 321 -47.61 3.99 -11.67
N THR K 322 -47.08 4.27 -12.86
CA THR K 322 -46.85 3.21 -13.83
C THR K 322 -45.71 3.59 -14.76
N LEU K 323 -44.68 2.74 -14.81
CA LEU K 323 -43.59 2.86 -15.77
C LEU K 323 -43.30 1.49 -16.35
N ILE K 324 -43.00 1.44 -17.64
CA ILE K 324 -42.65 0.21 -18.32
C ILE K 324 -41.36 0.43 -19.10
N VAL K 325 -40.39 -0.46 -18.94
CA VAL K 325 -39.12 -0.38 -19.62
C VAL K 325 -38.96 -1.62 -20.50
N ASP K 326 -38.83 -1.41 -21.80
CA ASP K 326 -38.71 -2.53 -22.74
C ASP K 326 -37.29 -3.10 -22.79
N GLU K 327 -36.29 -2.32 -22.40
CA GLU K 327 -34.89 -2.78 -22.33
C GLU K 327 -34.35 -2.29 -20.99
N ALA K 328 -34.51 -3.10 -19.95
CA ALA K 328 -34.08 -2.72 -18.61
C ALA K 328 -32.75 -3.32 -18.21
N HIS K 329 -32.30 -4.38 -18.90
CA HIS K 329 -30.99 -4.93 -18.60
C HIS K 329 -29.89 -3.90 -18.86
N LEU K 330 -30.11 -3.00 -19.81
CA LEU K 330 -29.18 -1.93 -20.10
C LEU K 330 -29.53 -0.64 -19.37
N LEU K 331 -30.59 -0.62 -18.57
CA LEU K 331 -30.90 0.57 -17.78
C LEU K 331 -29.87 0.79 -16.70
N GLU K 332 -29.37 -0.29 -16.10
CA GLU K 332 -28.37 -0.16 -15.03
C GLU K 332 -27.09 0.49 -15.55
N GLN K 333 -26.63 0.08 -16.73
CA GLN K 333 -25.43 0.69 -17.27
C GLN K 333 -25.66 2.13 -17.69
N ALA K 334 -26.88 2.47 -18.12
CA ALA K 334 -27.20 3.87 -18.38
C ALA K 334 -27.14 4.71 -17.11
N PHE K 335 -27.69 4.18 -16.02
CA PHE K 335 -27.62 4.88 -14.74
C PHE K 335 -26.18 5.00 -14.25
N ALA K 336 -25.36 3.98 -14.51
CA ALA K 336 -23.94 4.10 -14.20
C ALA K 336 -23.29 5.20 -15.04
N ALA K 337 -23.65 5.29 -16.31
CA ALA K 337 -23.06 6.28 -17.20
C ALA K 337 -23.42 7.70 -16.77
N ILE K 338 -24.68 7.94 -16.40
CA ILE K 338 -25.05 9.28 -15.96
C ILE K 338 -24.38 9.62 -14.64
N TYR K 339 -24.18 8.63 -13.77
CA TYR K 339 -23.57 8.83 -12.46
C TYR K 339 -22.06 8.67 -12.50
N SER K 340 -21.47 8.52 -13.68
CA SER K 340 -20.01 8.47 -13.83
C SER K 340 -19.60 9.54 -14.84
N HIS K 341 -18.61 10.34 -14.47
CA HIS K 341 -18.12 11.40 -15.33
C HIS K 341 -16.68 11.10 -15.73
N THR K 342 -16.42 11.10 -17.04
CA THR K 342 -15.12 10.75 -17.58
C THR K 342 -14.30 12.01 -17.78
N LEU K 343 -13.04 11.96 -17.35
CA LEU K 343 -12.16 13.11 -17.50
C LEU K 343 -11.87 13.41 -18.97
N ARG K 344 -11.69 12.36 -19.78
CA ARG K 344 -11.38 12.51 -21.20
C ARG K 344 -10.09 13.31 -21.39
N LEU K 345 -9.13 13.09 -20.50
CA LEU K 345 -8.04 14.04 -20.32
C LEU K 345 -7.18 14.19 -21.58
N ARG K 346 -6.71 13.07 -22.12
CA ARG K 346 -5.87 13.16 -23.33
C ARG K 346 -6.64 13.71 -24.53
N PRO K 347 -7.84 13.24 -24.86
CA PRO K 347 -8.62 13.92 -25.91
C PRO K 347 -8.91 15.36 -25.57
N LEU K 348 -9.12 15.67 -24.29
CA LEU K 348 -9.38 17.05 -23.89
C LEU K 348 -8.20 17.95 -24.22
N VAL K 349 -7.00 17.54 -23.83
CA VAL K 349 -5.83 18.37 -24.07
C VAL K 349 -5.51 18.43 -25.57
N ARG K 350 -5.74 17.34 -26.30
CA ARG K 350 -5.55 17.39 -27.75
C ARG K 350 -6.50 18.38 -28.40
N ALA K 351 -7.77 18.37 -27.98
CA ALA K 351 -8.74 19.33 -28.51
C ALA K 351 -8.41 20.75 -28.10
N ILE K 352 -7.86 20.93 -26.89
CA ILE K 352 -7.45 22.26 -26.45
C ILE K 352 -6.31 22.78 -27.32
N GLU K 353 -5.33 21.92 -27.58
CA GLU K 353 -4.21 22.33 -28.43
C GLU K 353 -4.67 22.61 -29.86
N SER K 354 -5.63 21.82 -30.36
CA SER K 354 -6.10 22.01 -31.73
C SER K 354 -7.02 23.21 -31.88
N HIS K 355 -7.82 23.53 -30.85
CA HIS K 355 -8.86 24.54 -30.97
C HIS K 355 -8.65 25.72 -30.03
N VAL K 356 -8.45 25.46 -28.74
CA VAL K 356 -8.38 26.55 -27.76
C VAL K 356 -7.09 27.34 -27.98
N GLY K 357 -7.23 28.67 -28.03
CA GLY K 357 -6.08 29.53 -28.24
C GLY K 357 -5.95 30.62 -27.19
N ARG K 358 -6.89 30.68 -26.27
CA ARG K 358 -6.88 31.69 -25.21
C ARG K 358 -5.82 31.31 -24.17
N GLY K 359 -4.64 31.92 -24.27
CA GLY K 359 -3.55 31.58 -23.38
C GLY K 359 -3.20 30.11 -23.48
N LYS K 360 -3.07 29.61 -24.71
CA LYS K 360 -2.96 28.17 -24.92
C LYS K 360 -1.72 27.58 -24.26
N THR K 361 -0.58 28.27 -24.36
CA THR K 361 0.67 27.67 -23.89
C THR K 361 0.65 27.34 -22.40
N PRO K 362 0.38 28.27 -21.48
CA PRO K 362 0.37 27.88 -20.06
C PRO K 362 -0.75 26.92 -19.70
N VAL K 363 -1.91 27.03 -20.35
CA VAL K 363 -3.03 26.14 -20.04
C VAL K 363 -2.67 24.71 -20.41
N VAL K 364 -2.13 24.51 -21.61
CA VAL K 364 -1.74 23.17 -22.02
C VAL K 364 -0.54 22.70 -21.21
N ASN K 365 0.34 23.62 -20.77
CA ASN K 365 1.43 23.23 -19.89
C ASN K 365 0.89 22.63 -18.60
N ALA K 366 -0.05 23.32 -17.96
CA ALA K 366 -0.62 22.81 -16.71
C ALA K 366 -1.38 21.51 -16.93
N LEU K 367 -2.20 21.46 -17.99
CA LEU K 367 -3.00 20.25 -18.23
C LEU K 367 -2.12 19.05 -18.56
N ASN K 368 -1.07 19.25 -19.36
CA ASN K 368 -0.16 18.16 -19.68
C ASN K 368 0.67 17.76 -18.48
N ALA K 369 1.04 18.73 -17.62
CA ALA K 369 1.71 18.38 -16.38
C ALA K 369 0.82 17.50 -15.52
N LEU K 370 -0.47 17.84 -15.43
CA LEU K 370 -1.42 17.00 -14.70
C LEU K 370 -1.50 15.61 -15.31
N ALA K 371 -1.63 15.53 -16.63
CA ALA K 371 -1.76 14.24 -17.29
C ALA K 371 -0.53 13.38 -17.07
N GLN K 372 0.65 13.97 -17.26
CA GLN K 372 1.90 13.22 -17.09
C GLN K 372 2.08 12.79 -15.64
N GLN K 373 1.78 13.67 -14.69
CA GLN K 373 1.97 13.31 -13.28
C GLN K 373 1.03 12.19 -12.86
N ILE K 374 -0.24 12.26 -13.28
CA ILE K 374 -1.16 11.18 -12.90
C ILE K 374 -0.78 9.88 -13.61
N THR K 375 -0.34 9.98 -14.86
CA THR K 375 0.07 8.77 -15.59
C THR K 375 1.27 8.12 -14.93
N ARG K 376 2.26 8.92 -14.53
CA ARG K 376 3.49 8.35 -13.97
C ARG K 376 3.25 7.82 -12.55
N THR K 377 2.49 8.55 -11.74
CA THR K 377 2.32 8.15 -10.35
C THR K 377 1.26 7.08 -10.19
N VAL K 378 0.05 7.31 -10.69
CA VAL K 378 -1.08 6.44 -10.44
C VAL K 378 -1.28 5.44 -11.56
N GLN K 379 -1.36 5.90 -12.81
CA GLN K 379 -1.55 4.98 -13.92
C GLN K 379 -0.36 4.05 -14.09
N GLN K 380 0.86 4.57 -13.94
CA GLN K 380 2.06 3.76 -14.03
C GLN K 380 2.79 3.72 -12.70
N ASP K 392 -11.15 11.54 -5.41
CA ASP K 392 -10.29 12.08 -4.35
C ASP K 392 -9.99 11.04 -3.29
N GLU K 393 -10.38 9.79 -3.56
CA GLU K 393 -10.13 8.72 -2.60
C GLU K 393 -8.64 8.46 -2.44
N VAL K 394 -7.88 8.51 -3.53
CA VAL K 394 -6.44 8.27 -3.49
C VAL K 394 -5.75 9.55 -3.02
N PRO K 395 -4.96 9.50 -1.95
CA PRO K 395 -4.30 10.72 -1.47
C PRO K 395 -3.35 11.35 -2.47
N SER K 396 -2.66 10.54 -3.28
CA SER K 396 -1.74 11.11 -4.27
C SER K 396 -2.47 11.88 -5.36
N LEU K 397 -3.75 11.58 -5.60
CA LEU K 397 -4.55 12.33 -6.56
C LEU K 397 -4.98 13.69 -6.04
N GLU K 398 -4.82 13.96 -4.74
CA GLU K 398 -5.24 15.24 -4.19
C GLU K 398 -4.49 16.43 -4.78
N PRO K 399 -3.15 16.43 -4.87
CA PRO K 399 -2.48 17.58 -5.51
C PRO K 399 -2.89 17.77 -6.96
N ALA K 400 -3.07 16.67 -7.70
CA ALA K 400 -3.51 16.79 -9.08
C ALA K 400 -4.91 17.39 -9.15
N LEU K 401 -5.80 16.98 -8.25
CA LEU K 401 -7.14 17.54 -8.22
C LEU K 401 -7.11 19.03 -7.90
N ARG K 402 -6.28 19.44 -6.93
CA ARG K 402 -6.17 20.86 -6.62
C ARG K 402 -5.64 21.65 -7.80
N ASP K 403 -4.62 21.12 -8.48
CA ASP K 403 -4.06 21.83 -9.64
C ASP K 403 -5.07 21.92 -10.76
N ALA K 404 -5.86 20.85 -10.99
CA ALA K 404 -6.90 20.89 -12.01
C ALA K 404 -7.97 21.92 -11.65
N LEU K 405 -8.36 21.98 -10.38
CA LEU K 405 -9.35 22.96 -9.96
C LEU K 405 -8.84 24.38 -10.16
N THR K 406 -7.56 24.62 -9.87
CA THR K 406 -7.01 25.96 -10.01
C THR K 406 -6.84 26.35 -11.47
N ALA K 407 -6.37 25.41 -12.30
CA ALA K 407 -5.95 25.76 -13.66
C ALA K 407 -7.04 25.57 -14.70
N LEU K 408 -7.81 24.47 -14.62
CA LEU K 408 -8.78 24.18 -15.68
C LEU K 408 -9.92 25.19 -15.71
N GLU K 409 -10.10 25.99 -14.65
CA GLU K 409 -11.10 27.04 -14.68
C GLU K 409 -10.79 28.11 -15.73
N SER K 410 -9.53 28.19 -16.17
CA SER K 410 -9.17 29.12 -17.23
C SER K 410 -9.71 28.70 -18.59
N ILE K 411 -10.24 27.47 -18.70
CA ILE K 411 -10.83 26.89 -19.91
C ILE K 411 -10.07 27.25 -21.19
N GLY K 418 -16.28 31.59 -25.94
CA GLY K 418 -16.33 30.69 -27.09
C GLY K 418 -17.44 29.66 -26.99
N GLY K 419 -17.93 29.21 -28.15
CA GLY K 419 -19.00 28.22 -28.17
C GLY K 419 -18.56 26.83 -27.74
N ALA K 420 -17.26 26.53 -27.85
CA ALA K 420 -16.72 25.23 -27.45
C ALA K 420 -16.47 25.12 -25.96
N LYS K 421 -17.04 26.01 -25.15
CA LYS K 421 -16.82 25.99 -23.72
C LYS K 421 -17.38 24.73 -23.05
N ALA K 422 -18.37 24.09 -23.68
CA ALA K 422 -18.92 22.86 -23.10
C ALA K 422 -17.91 21.73 -23.09
N VAL K 423 -17.00 21.70 -24.07
CA VAL K 423 -15.98 20.67 -24.12
C VAL K 423 -15.07 20.75 -22.90
N ILE K 424 -14.90 21.94 -22.34
CA ILE K 424 -14.13 22.09 -21.10
C ILE K 424 -15.04 21.96 -19.88
N ARG K 425 -16.32 22.35 -20.01
CA ARG K 425 -17.23 22.28 -18.88
C ARG K 425 -17.54 20.83 -18.50
N VAL K 426 -17.56 19.92 -19.46
CA VAL K 426 -17.75 18.51 -19.13
C VAL K 426 -16.58 18.00 -18.29
N ALA K 427 -15.35 18.39 -18.65
CA ALA K 427 -14.19 18.01 -17.85
C ALA K 427 -14.24 18.68 -16.48
N ILE K 428 -14.73 19.91 -16.41
CA ILE K 428 -14.88 20.59 -15.12
C ILE K 428 -15.85 19.84 -14.24
N ARG K 429 -16.98 19.40 -14.82
CA ARG K 429 -17.95 18.63 -14.05
C ARG K 429 -17.36 17.30 -13.60
N ALA K 430 -16.57 16.65 -14.45
CA ALA K 430 -15.89 15.43 -14.03
C ALA K 430 -14.93 15.70 -12.89
N ILE K 431 -14.20 16.81 -12.95
CA ILE K 431 -13.25 17.15 -11.90
C ILE K 431 -13.97 17.36 -10.57
N LYS K 432 -15.07 18.12 -10.59
CA LYS K 432 -15.78 18.36 -9.33
C LYS K 432 -16.55 17.13 -8.87
N ASP K 433 -16.95 16.25 -9.78
CA ASP K 433 -17.53 14.97 -9.37
C ASP K 433 -16.51 14.12 -8.65
N ALA K 434 -15.27 14.09 -9.14
CA ALA K 434 -14.20 13.40 -8.43
C ALA K 434 -13.94 14.08 -7.08
N LEU K 435 -13.97 15.41 -7.06
CA LEU K 435 -13.79 16.16 -5.81
C LEU K 435 -14.91 15.91 -4.82
N SER K 436 -16.09 15.49 -5.28
CA SER K 436 -17.25 15.36 -4.41
C SER K 436 -17.02 14.38 -3.27
N GLY K 437 -16.09 13.44 -3.42
CA GLY K 437 -15.82 12.48 -2.38
C GLY K 437 -16.73 11.27 -2.36
N ARG K 438 -17.74 11.23 -3.23
CA ARG K 438 -18.64 10.09 -3.34
C ARG K 438 -18.30 9.21 -4.54
N SER K 439 -17.17 9.44 -5.18
CA SER K 439 -16.83 8.78 -6.43
C SER K 439 -15.65 7.82 -6.24
N ARG K 440 -15.54 6.88 -7.17
CA ARG K 440 -14.42 5.94 -7.23
C ARG K 440 -13.63 6.22 -8.50
N LEU K 441 -12.31 6.26 -8.36
CA LEU K 441 -11.42 6.64 -9.46
C LEU K 441 -10.84 5.39 -10.10
N ARG K 442 -11.09 5.22 -11.40
CA ARG K 442 -10.52 4.15 -12.20
C ARG K 442 -9.73 4.78 -13.34
N MET K 443 -8.46 4.43 -13.45
CA MET K 443 -7.58 5.04 -14.43
C MET K 443 -6.59 4.00 -14.95
N GLU K 444 -6.34 4.06 -16.26
CA GLU K 444 -5.34 3.22 -16.91
C GLU K 444 -5.13 3.74 -18.33
N LEU K 445 -3.93 3.53 -18.85
CA LEU K 445 -3.67 3.88 -20.24
C LEU K 445 -4.43 2.93 -21.16
N THR K 446 -4.84 3.45 -22.30
CA THR K 446 -5.59 2.64 -23.26
C THR K 446 -4.72 1.51 -23.78
N PRO K 447 -5.19 0.27 -23.76
CA PRO K 447 -4.36 -0.85 -24.22
C PRO K 447 -3.96 -0.74 -25.69
N VAL K 448 -4.72 -0.02 -26.50
CA VAL K 448 -4.45 0.10 -27.93
C VAL K 448 -3.75 1.41 -28.27
N ARG K 449 -4.25 2.53 -27.76
CA ARG K 449 -3.72 3.84 -28.10
C ARG K 449 -2.75 4.40 -27.09
N HIS K 450 -2.66 3.81 -25.90
CA HIS K 450 -1.77 4.24 -24.82
C HIS K 450 -2.07 5.67 -24.37
N PHE K 451 -3.28 6.15 -24.62
CA PHE K 451 -3.68 7.47 -24.17
C PHE K 451 -4.09 7.42 -22.71
N PRO K 452 -3.54 8.30 -21.86
CA PRO K 452 -3.96 8.31 -20.45
C PRO K 452 -5.44 8.64 -20.32
N MET K 453 -6.09 8.00 -19.35
CA MET K 453 -7.52 8.15 -19.17
C MET K 453 -7.86 8.10 -17.69
N LEU K 454 -8.85 8.88 -17.29
CA LEU K 454 -9.35 8.88 -15.92
C LEU K 454 -10.86 8.75 -15.93
N VAL K 455 -11.38 7.87 -15.07
CA VAL K 455 -12.81 7.63 -14.96
C VAL K 455 -13.22 7.88 -13.51
N SER K 456 -14.24 8.69 -13.31
CA SER K 456 -14.77 8.99 -12.00
C SER K 456 -16.29 8.86 -12.01
N GLY K 457 -16.84 8.43 -10.88
CA GLY K 457 -18.28 8.29 -10.78
C GLY K 457 -18.66 7.56 -9.51
N ARG K 458 -19.96 7.60 -9.22
CA ARG K 458 -20.49 6.97 -8.02
C ARG K 458 -20.65 5.47 -8.25
N ALA K 459 -19.99 4.68 -7.43
CA ALA K 459 -20.21 3.23 -7.42
C ALA K 459 -21.33 2.82 -6.48
N ASN K 460 -21.78 3.72 -5.61
CA ASN K 460 -22.83 3.40 -4.64
C ASN K 460 -24.18 3.91 -5.15
N LEU K 461 -24.64 3.27 -6.22
CA LEU K 461 -25.96 3.57 -6.76
C LEU K 461 -27.05 2.70 -6.12
N GLN K 462 -26.67 1.79 -5.23
CA GLN K 462 -27.58 0.77 -4.73
C GLN K 462 -28.30 1.19 -3.45
N LYS K 463 -27.96 2.33 -2.86
CA LYS K 463 -28.51 2.72 -1.57
C LYS K 463 -29.71 3.65 -1.71
N ALA K 464 -29.52 4.82 -2.32
CA ALA K 464 -30.55 5.85 -2.34
C ALA K 464 -31.11 6.16 -3.71
N LEU K 465 -30.36 5.87 -4.78
CA LEU K 465 -30.76 6.34 -6.10
C LEU K 465 -31.90 5.51 -6.67
N LEU K 466 -31.68 4.21 -6.83
CA LEU K 466 -32.74 3.35 -7.38
C LEU K 466 -33.87 3.17 -6.40
N SER K 467 -33.59 3.18 -5.10
CA SER K 467 -34.67 3.13 -4.11
C SER K 467 -35.54 4.37 -4.19
N LEU K 468 -34.95 5.52 -4.54
CA LEU K 468 -35.75 6.71 -4.80
C LEU K 468 -36.72 6.46 -5.96
N TRP K 469 -36.25 5.81 -7.02
CA TRP K 469 -37.13 5.44 -8.12
C TRP K 469 -38.23 4.51 -7.66
N ASP K 470 -37.89 3.51 -6.84
CA ASP K 470 -38.90 2.57 -6.35
C ASP K 470 -39.97 3.30 -5.54
N SER K 471 -39.55 4.20 -4.66
CA SER K 471 -40.51 4.96 -3.86
C SER K 471 -41.37 5.86 -4.74
N VAL K 472 -40.75 6.51 -5.73
CA VAL K 472 -41.49 7.42 -6.60
C VAL K 472 -42.49 6.65 -7.46
N ALA K 473 -42.06 5.54 -8.05
CA ALA K 473 -42.84 4.89 -9.08
C ALA K 473 -43.03 3.40 -8.77
N GLY K 474 -44.27 2.93 -8.96
CA GLY K 474 -44.55 1.53 -9.07
C GLY K 474 -44.60 1.17 -10.54
N ALA K 475 -43.73 0.23 -10.94
CA ALA K 475 -43.45 0.06 -12.35
C ALA K 475 -43.24 -1.41 -12.67
N ALA K 476 -43.06 -1.68 -13.97
CA ALA K 476 -42.69 -2.99 -14.47
C ALA K 476 -41.65 -2.81 -15.56
N LEU K 477 -40.96 -3.89 -15.91
CA LEU K 477 -39.93 -3.83 -16.92
C LEU K 477 -39.82 -5.17 -17.63
N VAL K 478 -39.29 -5.14 -18.85
CA VAL K 478 -39.14 -6.32 -19.68
C VAL K 478 -37.75 -6.30 -20.31
N SER K 479 -37.12 -7.46 -20.38
CA SER K 479 -35.87 -7.62 -21.11
C SER K 479 -35.67 -9.10 -21.42
N ALA K 480 -35.06 -9.36 -22.58
CA ALA K 480 -34.89 -10.74 -23.03
C ALA K 480 -33.90 -11.51 -22.17
N THR K 481 -33.07 -10.83 -21.38
CA THR K 481 -32.04 -11.47 -20.58
C THR K 481 -32.27 -11.25 -19.09
N ILE K 482 -33.54 -11.18 -18.66
CA ILE K 482 -33.83 -10.95 -17.25
C ILE K 482 -33.47 -12.20 -16.44
N TYR K 483 -34.15 -13.31 -16.71
CA TYR K 483 -33.98 -14.51 -15.92
C TYR K 483 -32.83 -15.34 -16.46
N ALA K 484 -31.89 -15.69 -15.57
CA ALA K 484 -30.77 -16.53 -15.94
C ALA K 484 -31.13 -17.99 -15.72
N SER K 485 -30.20 -18.88 -16.09
CA SER K 485 -30.45 -20.31 -15.98
C SER K 485 -30.63 -20.73 -14.52
N ASP K 486 -29.80 -20.19 -13.62
CA ASP K 486 -29.86 -20.54 -12.21
C ASP K 486 -29.93 -19.35 -11.28
N ASP K 487 -29.72 -18.13 -11.76
CA ASP K 487 -29.73 -16.96 -10.91
C ASP K 487 -31.15 -16.54 -10.50
N HIS K 488 -32.15 -16.87 -11.31
CA HIS K 488 -33.56 -16.54 -11.03
C HIS K 488 -33.75 -15.04 -10.89
N ALA K 489 -33.16 -14.28 -11.83
CA ALA K 489 -33.31 -12.83 -11.92
C ALA K 489 -32.81 -12.09 -10.69
N VAL K 490 -31.94 -12.72 -9.90
CA VAL K 490 -31.31 -12.03 -8.77
C VAL K 490 -30.43 -10.90 -9.28
N LEU K 491 -29.71 -11.14 -10.38
CA LEU K 491 -28.87 -10.09 -10.94
C LEU K 491 -29.69 -8.87 -11.35
N THR K 492 -30.89 -9.10 -11.89
CA THR K 492 -31.78 -7.98 -12.21
C THR K 492 -32.16 -7.22 -10.96
N ARG K 493 -32.57 -7.94 -9.92
CA ARG K 493 -32.99 -7.30 -8.68
C ARG K 493 -31.85 -6.52 -8.04
N TRP K 494 -30.61 -6.93 -8.28
CA TRP K 494 -29.47 -6.27 -7.69
C TRP K 494 -29.00 -5.07 -8.52
N LYS K 495 -28.86 -5.26 -9.85
CA LYS K 495 -28.50 -4.16 -10.72
C LYS K 495 -29.53 -3.04 -10.64
N LEU K 496 -30.80 -3.38 -10.83
CA LEU K 496 -31.90 -2.44 -10.64
C LEU K 496 -32.45 -2.71 -9.24
N GLU K 497 -32.07 -1.87 -8.30
CA GLU K 497 -32.46 -2.07 -6.91
C GLU K 497 -33.98 -2.09 -6.78
N VAL K 498 -34.52 -3.19 -6.28
CA VAL K 498 -35.95 -3.35 -6.06
C VAL K 498 -36.14 -3.86 -4.64
N PRO K 499 -37.14 -3.39 -3.90
CA PRO K 499 -37.38 -3.91 -2.55
C PRO K 499 -37.62 -5.41 -2.59
N PRO K 500 -37.11 -6.13 -1.58
CA PRO K 500 -37.22 -7.60 -1.63
C PRO K 500 -38.65 -8.11 -1.70
N ALA K 501 -39.58 -7.45 -1.01
CA ALA K 501 -40.97 -7.87 -1.04
C ALA K 501 -41.73 -7.33 -2.25
N ARG K 502 -41.28 -6.20 -2.80
CA ARG K 502 -41.99 -5.60 -3.93
C ARG K 502 -41.74 -6.35 -5.24
N ALA K 503 -40.64 -7.08 -5.35
CA ALA K 503 -40.33 -7.79 -6.59
C ALA K 503 -41.11 -9.09 -6.67
N ILE K 504 -41.65 -9.36 -7.86
CA ILE K 504 -42.35 -10.61 -8.15
C ILE K 504 -41.78 -11.17 -9.45
N TYR K 505 -41.38 -12.43 -9.41
CA TYR K 505 -40.82 -13.09 -10.59
C TYR K 505 -41.94 -13.66 -11.46
N LEU K 506 -41.59 -13.94 -12.71
CA LEU K 506 -42.51 -14.51 -13.67
C LEU K 506 -41.87 -15.70 -14.36
N PRO K 507 -42.67 -16.69 -14.78
CA PRO K 507 -42.10 -17.84 -15.46
C PRO K 507 -41.48 -17.44 -16.79
N PRO K 508 -40.41 -18.13 -17.22
CA PRO K 508 -39.83 -17.84 -18.52
C PRO K 508 -40.63 -18.45 -19.65
N VAL K 509 -40.60 -17.78 -20.79
CA VAL K 509 -41.32 -18.23 -21.99
C VAL K 509 -40.39 -18.14 -23.19
N HIS K 510 -40.66 -18.99 -24.19
CA HIS K 510 -39.93 -18.95 -25.44
C HIS K 510 -40.73 -19.64 -26.53
N PRO K 511 -40.93 -19.00 -27.67
CA PRO K 511 -41.62 -19.67 -28.78
C PRO K 511 -40.76 -20.78 -29.37
N ALA K 512 -41.45 -21.74 -29.99
CA ALA K 512 -40.75 -22.86 -30.62
C ALA K 512 -39.90 -22.39 -31.80
N TRP K 513 -40.34 -21.36 -32.52
CA TRP K 513 -39.62 -20.86 -33.68
C TRP K 513 -38.42 -20.00 -33.30
N THR K 514 -38.01 -19.99 -32.03
CA THR K 514 -36.84 -19.25 -31.60
C THR K 514 -35.62 -20.13 -31.36
N THR K 515 -35.82 -21.39 -30.99
CA THR K 515 -34.73 -22.32 -30.73
C THR K 515 -34.60 -23.42 -31.78
N GLU K 516 -35.72 -23.95 -32.26
CA GLU K 516 -35.67 -25.05 -33.22
C GLU K 516 -35.00 -24.69 -34.54
N PRO K 517 -35.38 -23.59 -35.26
CA PRO K 517 -34.91 -23.38 -36.63
C PRO K 517 -33.48 -22.86 -36.76
N VAL K 518 -32.55 -23.54 -36.10
CA VAL K 518 -31.13 -23.19 -36.21
C VAL K 518 -30.32 -24.38 -35.68
N VAL K 519 -29.20 -24.64 -36.35
CA VAL K 519 -28.27 -25.69 -35.95
C VAL K 519 -26.88 -25.09 -35.84
N LEU K 520 -26.10 -25.56 -34.87
CA LEU K 520 -24.76 -25.05 -34.61
C LEU K 520 -23.74 -25.98 -35.26
N HIS K 521 -22.89 -25.41 -36.11
CA HIS K 521 -21.82 -26.19 -36.70
C HIS K 521 -20.76 -26.48 -35.64
N PRO K 522 -20.18 -27.69 -35.64
CA PRO K 522 -19.15 -28.04 -34.66
C PRO K 522 -17.77 -27.47 -34.98
N ASP K 523 -17.66 -26.53 -35.91
CA ASP K 523 -16.37 -25.96 -36.28
C ASP K 523 -15.91 -25.00 -35.19
N ARG K 524 -15.29 -25.57 -34.16
CA ARG K 524 -14.78 -24.78 -33.05
C ARG K 524 -13.47 -24.09 -33.44
N ASN K 525 -13.08 -23.11 -32.63
CA ASN K 525 -11.79 -22.46 -32.82
C ASN K 525 -10.69 -23.24 -32.13
N ALA K 526 -9.53 -23.33 -32.78
CA ALA K 526 -8.42 -24.12 -32.29
C ALA K 526 -7.40 -23.30 -31.49
N ILE K 527 -7.55 -21.97 -31.45
CA ILE K 527 -6.57 -21.11 -30.79
C ILE K 527 -7.30 -20.22 -29.78
N GLU K 528 -6.59 -19.86 -28.72
CA GLU K 528 -7.15 -18.95 -27.72
C GLU K 528 -7.52 -17.62 -28.36
N PRO K 529 -8.68 -17.07 -28.06
CA PRO K 529 -9.08 -15.81 -28.69
C PRO K 529 -8.30 -14.61 -28.17
N ASN K 530 -6.99 -14.62 -28.37
CA ASN K 530 -6.13 -13.50 -28.05
C ASN K 530 -5.99 -12.61 -29.29
N ASP K 531 -5.03 -11.68 -29.26
CA ASP K 531 -4.78 -10.80 -30.39
C ASP K 531 -3.60 -11.25 -31.24
N SER K 532 -3.16 -12.51 -31.07
CA SER K 532 -2.03 -13.00 -31.83
C SER K 532 -2.39 -13.09 -33.32
N PRO K 533 -1.47 -12.71 -34.21
CA PRO K 533 -1.77 -12.77 -35.65
C PRO K 533 -2.10 -14.16 -36.16
N GLU K 534 -1.47 -15.20 -35.62
CA GLU K 534 -1.75 -16.56 -36.08
C GLU K 534 -3.18 -16.97 -35.76
N TRP K 535 -3.67 -16.63 -34.57
CA TRP K 535 -5.06 -16.87 -34.24
C TRP K 535 -5.98 -16.13 -35.20
N ALA K 536 -5.62 -14.90 -35.56
CA ALA K 536 -6.40 -14.15 -36.52
C ALA K 536 -6.41 -14.84 -37.88
N ASP K 537 -5.26 -15.39 -38.30
CA ASP K 537 -5.20 -16.11 -39.57
C ASP K 537 -6.13 -17.32 -39.56
N GLU K 538 -6.07 -18.12 -38.49
CA GLU K 538 -6.88 -19.32 -38.43
C GLU K 538 -8.37 -18.99 -38.36
N THR K 539 -8.73 -18.00 -37.54
CA THR K 539 -10.13 -17.60 -37.47
C THR K 539 -10.62 -17.03 -38.80
N ALA K 540 -9.77 -16.25 -39.47
CA ALA K 540 -10.14 -15.70 -40.77
C ALA K 540 -10.36 -16.80 -41.80
N GLY K 541 -9.50 -17.82 -41.80
CA GLY K 541 -9.72 -18.95 -42.69
C GLY K 541 -11.00 -19.69 -42.39
N LEU K 542 -11.28 -19.92 -41.11
CA LEU K 542 -12.50 -20.63 -40.73
C LEU K 542 -13.74 -19.85 -41.16
N ILE K 543 -13.79 -18.56 -40.83
CA ILE K 543 -14.95 -17.77 -41.22
C ILE K 543 -14.99 -17.54 -42.72
N THR K 544 -13.85 -17.63 -43.41
CA THR K 544 -13.86 -17.53 -44.86
C THR K 544 -14.52 -18.76 -45.48
N LYS K 545 -14.17 -19.95 -45.00
CA LYS K 545 -14.86 -21.13 -45.50
C LYS K 545 -16.34 -21.12 -45.11
N VAL K 546 -16.67 -20.55 -43.95
CA VAL K 546 -18.07 -20.40 -43.57
C VAL K 546 -18.79 -19.48 -44.55
N ALA K 547 -18.18 -18.33 -44.87
CA ALA K 547 -18.79 -17.39 -45.79
C ALA K 547 -18.95 -17.98 -47.18
N GLU K 548 -17.96 -18.74 -47.62
CA GLU K 548 -18.10 -19.46 -48.89
C GLU K 548 -19.26 -20.44 -48.82
N ARG K 549 -19.41 -21.14 -47.70
CA ARG K 549 -20.55 -22.03 -47.49
C ARG K 549 -21.82 -21.28 -47.10
N ALA K 550 -21.72 -20.00 -46.72
CA ALA K 550 -22.88 -19.27 -46.23
C ALA K 550 -23.97 -19.19 -47.29
N ALA K 551 -25.22 -19.40 -46.84
CA ALA K 551 -26.35 -19.37 -47.77
C ALA K 551 -26.64 -17.95 -48.25
N GLY K 552 -26.55 -16.97 -47.35
CA GLY K 552 -26.84 -15.60 -47.71
C GLY K 552 -26.11 -14.59 -46.85
N GLY K 553 -26.79 -13.50 -46.51
CA GLY K 553 -26.18 -12.50 -45.65
C GLY K 553 -25.84 -13.09 -44.29
N THR K 554 -24.66 -12.73 -43.78
CA THR K 554 -24.17 -13.29 -42.53
C THR K 554 -23.61 -12.19 -41.64
N LEU K 555 -23.55 -12.52 -40.35
CA LEU K 555 -23.06 -11.62 -39.31
C LEU K 555 -21.97 -12.32 -38.51
N VAL K 556 -20.80 -11.67 -38.40
CA VAL K 556 -19.71 -12.17 -37.57
C VAL K 556 -19.60 -11.24 -36.37
N LEU K 557 -19.76 -11.80 -35.18
CA LEU K 557 -19.86 -11.01 -33.96
C LEU K 557 -18.46 -10.79 -33.40
N CYS K 558 -17.97 -9.56 -33.52
CA CYS K 558 -16.65 -9.18 -32.99
C CYS K 558 -16.83 -8.30 -31.77
N THR K 559 -16.10 -8.61 -30.70
CA THR K 559 -16.31 -7.94 -29.43
C THR K 559 -15.79 -6.51 -29.45
N SER K 560 -14.58 -6.30 -29.97
CA SER K 560 -13.90 -5.03 -29.84
C SER K 560 -13.27 -4.64 -31.17
N TYR K 561 -12.97 -3.34 -31.30
CA TYR K 561 -12.32 -2.85 -32.51
C TYR K 561 -10.96 -3.49 -32.72
N GLN K 562 -10.27 -3.84 -31.63
CA GLN K 562 -8.93 -4.44 -31.74
C GLN K 562 -8.99 -5.75 -32.51
N ASN K 563 -9.94 -6.62 -32.17
CA ASN K 563 -10.03 -7.91 -32.85
C ASN K 563 -10.50 -7.74 -34.28
N ALA K 564 -11.44 -6.82 -34.53
CA ALA K 564 -11.94 -6.62 -35.88
C ALA K 564 -10.86 -6.10 -36.81
N GLU K 565 -10.13 -5.07 -36.37
CA GLU K 565 -9.07 -4.51 -37.21
C GLU K 565 -7.99 -5.54 -37.48
N LEU K 566 -7.66 -6.35 -36.47
CA LEU K 566 -6.71 -7.44 -36.68
C LEU K 566 -7.27 -8.50 -37.63
N LEU K 567 -8.60 -8.62 -37.71
CA LEU K 567 -9.22 -9.66 -38.51
C LEU K 567 -9.64 -9.19 -39.90
N GLN K 568 -9.99 -7.90 -40.06
CA GLN K 568 -10.54 -7.45 -41.34
C GLN K 568 -9.51 -7.51 -42.45
N GLY K 569 -8.22 -7.35 -42.12
CA GLY K 569 -7.20 -7.33 -43.15
C GLY K 569 -7.10 -8.64 -43.91
N ARG K 570 -7.16 -9.76 -43.19
CA ARG K 570 -7.08 -11.06 -43.85
C ARG K 570 -8.33 -11.34 -44.68
N LEU K 571 -9.50 -10.94 -44.18
CA LEU K 571 -10.74 -11.19 -44.90
C LEU K 571 -10.79 -10.41 -46.20
N LEU K 572 -10.36 -9.15 -46.18
CA LEU K 572 -10.47 -8.28 -47.35
C LEU K 572 -9.74 -8.83 -48.56
N ALA K 573 -8.76 -9.72 -48.35
CA ALA K 573 -8.05 -10.32 -49.48
C ALA K 573 -8.98 -11.18 -50.33
N VAL K 574 -9.87 -11.94 -49.70
CA VAL K 574 -10.74 -12.86 -50.41
C VAL K 574 -12.12 -12.23 -50.60
N LEU K 575 -12.74 -11.83 -49.50
CA LEU K 575 -14.08 -11.25 -49.56
C LEU K 575 -14.08 -9.94 -50.35
N GLY K 576 -13.07 -9.12 -50.14
CA GLY K 576 -13.02 -7.84 -50.85
C GLY K 576 -14.11 -6.91 -50.36
N GLU K 577 -14.82 -6.29 -51.31
CA GLU K 577 -15.89 -5.36 -50.97
C GLU K 577 -17.04 -6.04 -50.26
N ARG K 578 -17.15 -7.37 -50.36
CA ARG K 578 -18.23 -8.09 -49.69
C ARG K 578 -18.22 -7.87 -48.19
N LEU K 579 -17.04 -7.65 -47.61
CA LEU K 579 -16.91 -7.40 -46.19
C LEU K 579 -17.09 -5.91 -45.90
N ILE K 580 -17.91 -5.60 -44.90
CA ILE K 580 -18.12 -4.24 -44.42
C ILE K 580 -18.05 -4.25 -42.90
N VAL K 581 -17.30 -3.30 -42.33
CA VAL K 581 -16.99 -3.29 -40.92
C VAL K 581 -17.28 -1.91 -40.35
N GLN K 582 -17.60 -1.87 -39.05
CA GLN K 582 -17.79 -0.61 -38.34
C GLN K 582 -16.47 0.10 -38.13
N THR K 583 -16.55 1.41 -37.92
CA THR K 583 -15.41 2.21 -37.50
C THR K 583 -15.80 3.02 -36.27
N LYS K 584 -14.94 3.96 -35.86
CA LYS K 584 -15.33 4.88 -34.80
C LYS K 584 -16.52 5.72 -35.21
N VAL K 585 -16.62 6.05 -36.50
CA VAL K 585 -17.77 6.77 -37.03
C VAL K 585 -18.79 5.83 -37.65
N SER K 586 -18.33 4.85 -38.43
CA SER K 586 -19.23 3.89 -39.06
C SER K 586 -19.98 3.09 -38.01
N SER K 587 -21.31 3.15 -38.06
CA SER K 587 -22.17 2.49 -37.09
C SER K 587 -23.53 2.28 -37.73
N ALA K 588 -24.53 1.98 -36.92
CA ALA K 588 -25.87 1.68 -37.40
C ALA K 588 -26.59 2.88 -38.00
N SER K 589 -25.94 4.05 -38.08
CA SER K 589 -26.59 5.20 -38.70
C SER K 589 -26.89 4.95 -40.17
N MET K 590 -25.92 4.39 -40.90
CA MET K 590 -26.12 4.06 -42.30
C MET K 590 -25.60 2.68 -42.70
N CYS K 591 -24.75 2.04 -41.89
CA CYS K 591 -24.19 0.76 -42.28
C CYS K 591 -25.25 -0.34 -42.32
N VAL K 592 -26.19 -0.32 -41.38
CA VAL K 592 -27.24 -1.33 -41.39
C VAL K 592 -28.14 -1.17 -42.61
N ALA K 593 -28.45 0.07 -42.99
CA ALA K 593 -29.23 0.30 -44.19
C ALA K 593 -28.47 -0.14 -45.44
N GLN K 594 -27.16 0.14 -45.48
CA GLN K 594 -26.35 -0.29 -46.61
C GLN K 594 -26.31 -1.81 -46.71
N TYR K 595 -26.16 -2.49 -45.56
CA TYR K 595 -26.17 -3.95 -45.57
C TYR K 595 -27.51 -4.50 -46.03
N LYS K 596 -28.60 -3.88 -45.59
CA LYS K 596 -29.92 -4.31 -46.02
C LYS K 596 -30.09 -4.15 -47.53
N ALA K 597 -29.63 -3.02 -48.06
CA ALA K 597 -29.71 -2.79 -49.51
C ALA K 597 -28.85 -3.78 -50.28
N LEU K 598 -27.63 -4.04 -49.80
CA LEU K 598 -26.73 -4.94 -50.51
C LEU K 598 -27.24 -6.39 -50.47
N TYR K 599 -27.81 -6.80 -49.33
CA TYR K 599 -28.38 -8.15 -49.26
C TYR K 599 -29.51 -8.32 -50.26
N ARG K 600 -30.37 -7.31 -50.38
CA ARG K 600 -31.44 -7.38 -51.37
C ARG K 600 -30.88 -7.37 -52.78
N ALA K 601 -29.68 -6.83 -52.96
CA ALA K 601 -29.02 -6.83 -54.26
C ALA K 601 -28.36 -8.16 -54.59
N GLY K 602 -28.35 -9.11 -53.65
CA GLY K 602 -27.77 -10.41 -53.90
C GLY K 602 -26.27 -10.50 -53.73
N ALA K 603 -25.64 -9.48 -53.13
CA ALA K 603 -24.19 -9.49 -52.95
C ALA K 603 -23.72 -10.49 -51.91
N ARG K 604 -24.63 -11.11 -51.16
CA ARG K 604 -24.29 -11.98 -50.05
C ARG K 604 -23.36 -11.26 -49.07
N PRO K 605 -23.78 -10.12 -48.53
CA PRO K 605 -22.85 -9.29 -47.75
C PRO K 605 -22.52 -9.90 -46.40
N VAL K 606 -21.35 -9.52 -45.88
CA VAL K 606 -20.87 -9.97 -44.59
C VAL K 606 -20.74 -8.75 -43.69
N TRP K 607 -21.39 -8.77 -42.53
CA TRP K 607 -21.38 -7.66 -41.59
C TRP K 607 -20.54 -8.07 -40.39
N LEU K 608 -19.40 -7.41 -40.22
CA LEU K 608 -18.50 -7.68 -39.10
C LEU K 608 -18.87 -6.74 -37.97
N GLY K 609 -19.85 -7.14 -37.17
CA GLY K 609 -20.33 -6.29 -36.10
C GLY K 609 -19.31 -6.13 -34.98
N VAL K 610 -19.26 -4.93 -34.41
CA VAL K 610 -18.33 -4.59 -33.34
C VAL K 610 -19.13 -3.86 -32.27
N GLY K 611 -19.54 -4.59 -31.24
CA GLY K 611 -20.16 -3.96 -30.08
C GLY K 611 -21.56 -3.45 -30.33
N ALA K 612 -21.68 -2.43 -31.18
CA ALA K 612 -23.00 -1.87 -31.49
C ALA K 612 -23.92 -2.92 -32.11
N ALA K 613 -23.39 -3.70 -33.05
CA ALA K 613 -24.19 -4.72 -33.71
C ALA K 613 -24.56 -5.87 -32.78
N TRP K 614 -23.95 -5.94 -31.59
CA TRP K 614 -24.30 -6.98 -30.64
C TRP K 614 -25.72 -6.81 -30.12
N THR K 615 -26.29 -5.61 -30.21
CA THR K 615 -27.58 -5.32 -29.62
C THR K 615 -28.31 -4.25 -30.43
N GLY K 616 -29.61 -4.43 -30.61
CA GLY K 616 -30.48 -3.41 -31.18
C GLY K 616 -30.74 -3.46 -32.67
N ILE K 617 -29.71 -3.68 -33.47
CA ILE K 617 -29.87 -3.67 -34.92
C ILE K 617 -30.75 -4.83 -35.36
N ASP K 618 -31.50 -4.62 -36.44
CA ASP K 618 -32.48 -5.58 -36.93
C ASP K 618 -31.92 -6.30 -38.15
N LEU K 619 -32.02 -7.64 -38.13
CA LEU K 619 -31.62 -8.48 -39.24
C LEU K 619 -32.76 -9.38 -39.72
N SER K 620 -33.98 -8.88 -39.69
CA SER K 620 -35.13 -9.59 -40.23
C SER K 620 -35.50 -9.02 -41.59
N ASP K 621 -35.68 -9.89 -42.57
CA ASP K 621 -36.03 -9.48 -43.94
C ASP K 621 -37.50 -9.07 -43.94
N GLU K 622 -37.76 -7.85 -43.43
CA GLU K 622 -39.13 -7.39 -43.25
C GLU K 622 -39.86 -7.29 -44.58
N GLN K 623 -39.18 -6.86 -45.64
CA GLN K 623 -39.83 -6.72 -46.94
C GLN K 623 -40.35 -8.07 -47.45
N ALA K 624 -39.55 -9.13 -47.29
CA ALA K 624 -39.97 -10.47 -47.68
C ALA K 624 -40.91 -11.00 -46.61
N THR K 625 -42.21 -10.82 -46.83
CA THR K 625 -43.23 -11.15 -45.83
C THR K 625 -43.76 -12.57 -46.01
N ASP K 626 -42.86 -13.56 -46.08
CA ASP K 626 -43.31 -14.95 -46.10
C ASP K 626 -44.01 -15.33 -44.79
N PRO K 627 -43.47 -15.03 -43.59
CA PRO K 627 -42.07 -14.71 -43.28
C PRO K 627 -41.29 -15.96 -42.88
N ALA K 628 -40.46 -16.49 -43.79
CA ALA K 628 -39.52 -17.54 -43.41
C ALA K 628 -38.22 -17.44 -44.22
N ASP K 629 -37.89 -16.27 -44.76
CA ASP K 629 -36.86 -16.18 -45.79
C ASP K 629 -35.51 -16.67 -45.27
N ASP K 630 -35.12 -16.24 -44.08
CA ASP K 630 -33.92 -16.75 -43.41
C ASP K 630 -32.69 -16.61 -44.29
N ALA K 631 -32.53 -15.44 -44.92
CA ALA K 631 -31.39 -15.19 -45.80
C ALA K 631 -30.58 -13.97 -45.44
N MET K 632 -31.21 -12.90 -44.95
CA MET K 632 -30.46 -11.70 -44.58
C MET K 632 -29.56 -11.96 -43.38
N LEU K 633 -29.99 -12.84 -42.48
CA LEU K 633 -29.17 -13.36 -41.40
C LEU K 633 -29.24 -14.88 -41.39
N SER K 634 -29.00 -15.48 -42.56
CA SER K 634 -29.03 -16.93 -42.68
C SER K 634 -28.03 -17.58 -41.72
N ASP K 635 -26.81 -17.04 -41.67
CA ASP K 635 -25.76 -17.57 -40.82
C ASP K 635 -25.19 -16.46 -39.95
N LEU K 636 -24.70 -16.83 -38.77
CA LEU K 636 -23.97 -15.87 -37.95
C LEU K 636 -22.93 -16.60 -37.12
N VAL K 637 -21.80 -15.93 -36.88
CA VAL K 637 -20.65 -16.50 -36.21
C VAL K 637 -20.26 -15.61 -35.04
N ILE K 638 -19.89 -16.24 -33.92
CA ILE K 638 -19.42 -15.53 -32.74
C ILE K 638 -17.92 -15.72 -32.63
N THR K 639 -17.20 -14.61 -32.42
CA THR K 639 -15.75 -14.66 -32.31
C THR K 639 -15.27 -14.90 -30.89
N ARG K 640 -16.00 -14.43 -29.89
CA ARG K 640 -15.66 -14.65 -28.49
C ARG K 640 -16.94 -14.93 -27.71
N LEU K 641 -16.79 -15.15 -26.41
CA LEU K 641 -17.94 -15.53 -25.59
C LEU K 641 -19.02 -14.47 -25.52
N PRO K 642 -18.74 -13.18 -25.22
CA PRO K 642 -17.48 -12.54 -24.83
C PRO K 642 -17.22 -12.62 -23.34
N VAL K 643 -16.16 -12.00 -22.84
CA VAL K 643 -15.84 -12.01 -21.42
C VAL K 643 -15.58 -10.58 -20.97
N GLY K 644 -16.29 -10.16 -19.93
CA GLY K 644 -16.06 -8.84 -19.34
C GLY K 644 -16.36 -7.69 -20.28
N LEU K 645 -17.41 -7.82 -21.09
CA LEU K 645 -17.76 -6.72 -21.99
C LEU K 645 -18.19 -5.49 -21.21
N ASN K 646 -18.96 -5.68 -20.14
CA ASN K 646 -19.38 -4.55 -19.32
C ASN K 646 -18.19 -4.06 -18.49
N ARG K 647 -17.94 -2.75 -18.55
CA ARG K 647 -16.83 -2.14 -17.83
C ARG K 647 -17.30 -1.08 -16.84
N SER K 648 -18.59 -1.11 -16.46
CA SER K 648 -19.10 -0.14 -15.51
C SER K 648 -18.48 -0.37 -14.13
N LEU K 649 -18.25 0.73 -13.41
CA LEU K 649 -17.73 0.62 -12.05
C LEU K 649 -18.70 -0.11 -11.13
N THR K 650 -20.00 -0.02 -11.42
CA THR K 650 -20.97 -0.81 -10.68
C THR K 650 -20.75 -2.30 -10.90
N HIS K 651 -20.37 -2.68 -12.12
CA HIS K 651 -20.02 -4.08 -12.37
C HIS K 651 -18.79 -4.48 -11.56
N GLU K 652 -17.82 -3.57 -11.42
CA GLU K 652 -16.67 -3.86 -10.58
C GLU K 652 -17.08 -4.05 -9.12
N ARG K 653 -17.98 -3.20 -8.63
CA ARG K 653 -18.50 -3.38 -7.27
C ARG K 653 -19.19 -4.73 -7.12
N ARG K 654 -20.00 -5.10 -8.10
CA ARG K 654 -20.73 -6.37 -8.03
C ARG K 654 -19.76 -7.56 -8.07
N VAL K 655 -18.74 -7.50 -8.90
CA VAL K 655 -17.80 -8.61 -8.99
C VAL K 655 -16.94 -8.68 -7.74
N ALA K 656 -16.66 -7.55 -7.11
CA ALA K 656 -15.97 -7.57 -5.82
C ALA K 656 -16.85 -8.20 -4.75
N ILE K 657 -18.13 -7.86 -4.74
CA ILE K 657 -19.03 -8.35 -3.69
C ILE K 657 -19.29 -9.85 -3.86
N ALA K 658 -19.56 -10.29 -5.08
CA ALA K 658 -20.04 -11.65 -5.32
C ALA K 658 -18.99 -12.57 -5.94
N GLY K 659 -17.96 -12.04 -6.57
CA GLY K 659 -16.93 -12.87 -7.15
C GLY K 659 -17.08 -13.04 -8.66
N PHE K 660 -16.27 -13.96 -9.20
CA PHE K 660 -16.22 -14.20 -10.63
C PHE K 660 -17.50 -14.82 -11.17
N LYS K 661 -18.41 -15.28 -10.30
CA LYS K 661 -19.66 -15.87 -10.78
C LYS K 661 -20.50 -14.84 -11.53
N ILE K 662 -20.51 -13.60 -11.05
CA ILE K 662 -21.41 -12.60 -11.62
C ILE K 662 -20.99 -12.24 -13.05
N VAL K 663 -19.69 -12.17 -13.31
CA VAL K 663 -19.25 -11.80 -14.66
C VAL K 663 -19.52 -12.93 -15.64
N THR K 664 -19.43 -14.19 -15.19
CA THR K 664 -19.73 -15.31 -16.07
C THR K 664 -21.18 -15.29 -16.52
N LEU K 665 -22.10 -15.07 -15.58
CA LEU K 665 -23.51 -15.03 -15.95
C LEU K 665 -23.87 -13.75 -16.69
N GLU K 666 -23.15 -12.65 -16.44
CA GLU K 666 -23.33 -11.46 -17.26
C GLU K 666 -22.91 -11.73 -18.70
N ALA K 667 -21.81 -12.46 -18.89
CA ALA K 667 -21.41 -12.85 -20.24
C ALA K 667 -22.40 -13.81 -20.87
N VAL K 668 -23.02 -14.68 -20.06
CA VAL K 668 -24.10 -15.51 -20.56
C VAL K 668 -25.25 -14.63 -21.06
N TRP K 669 -25.58 -13.60 -20.29
CA TRP K 669 -26.59 -12.63 -20.73
C TRP K 669 -26.21 -12.01 -22.07
N GLN K 670 -24.95 -11.61 -22.20
CA GLN K 670 -24.50 -11.00 -23.46
C GLN K 670 -24.60 -11.99 -24.61
N LEU K 671 -24.19 -13.24 -24.39
CA LEU K 671 -24.26 -14.24 -25.44
C LEU K 671 -25.71 -14.47 -25.87
N ARG K 672 -26.63 -14.54 -24.91
CA ARG K 672 -28.05 -14.65 -25.25
C ARG K 672 -28.52 -13.43 -26.02
N GLN K 673 -28.03 -12.25 -25.63
CA GLN K 673 -28.40 -11.01 -26.31
C GLN K 673 -27.91 -11.01 -27.75
N GLY K 674 -26.71 -11.54 -27.99
CA GLY K 674 -26.22 -11.65 -29.36
C GLY K 674 -27.08 -12.57 -30.20
N LEU K 675 -27.58 -13.67 -29.62
CA LEU K 675 -28.49 -14.55 -30.33
C LEU K 675 -29.81 -13.86 -30.64
N GLY K 676 -30.14 -12.76 -29.95
CA GLY K 676 -31.36 -12.03 -30.25
C GLY K 676 -31.36 -11.42 -31.63
N ARG K 677 -30.18 -11.17 -32.21
CA ARG K 677 -30.12 -10.67 -33.57
C ARG K 677 -30.57 -11.72 -34.58
N LEU K 678 -30.48 -13.01 -34.23
CA LEU K 678 -30.78 -14.07 -35.18
C LEU K 678 -32.23 -13.98 -35.67
N VAL K 679 -33.17 -13.79 -34.74
CA VAL K 679 -34.59 -13.82 -35.05
C VAL K 679 -35.24 -12.55 -34.54
N ARG K 680 -36.02 -11.89 -35.40
CA ARG K 680 -36.89 -10.81 -34.98
C ARG K 680 -38.26 -10.90 -35.62
N ARG K 681 -38.56 -11.98 -36.32
CA ARG K 681 -39.86 -12.23 -36.92
C ARG K 681 -40.28 -13.67 -36.66
N PRO K 682 -41.58 -13.93 -36.57
CA PRO K 682 -42.05 -15.29 -36.32
C PRO K 682 -41.91 -16.17 -37.56
N GLY K 683 -41.91 -17.48 -37.31
CA GLY K 683 -41.96 -18.44 -38.39
C GLY K 683 -40.67 -18.63 -39.17
N VAL K 684 -39.52 -18.27 -38.60
CA VAL K 684 -38.25 -18.57 -39.25
C VAL K 684 -38.06 -20.07 -39.29
N LYS K 685 -37.47 -20.57 -40.37
CA LYS K 685 -37.47 -22.01 -40.61
C LYS K 685 -36.09 -22.65 -40.61
N ASN K 686 -35.06 -21.98 -41.11
CA ASN K 686 -33.75 -22.63 -41.25
C ASN K 686 -32.65 -21.59 -41.20
N LYS K 687 -31.85 -21.63 -40.14
CA LYS K 687 -30.65 -20.81 -40.02
C LYS K 687 -29.52 -21.68 -39.46
N ASN K 688 -28.31 -21.13 -39.46
CA ASN K 688 -27.14 -21.86 -39.02
C ASN K 688 -26.29 -20.98 -38.10
N LEU K 689 -25.52 -21.62 -37.23
CA LEU K 689 -24.72 -20.93 -36.23
C LEU K 689 -23.33 -21.55 -36.17
N TRP K 690 -22.33 -20.70 -35.93
CA TRP K 690 -20.95 -21.14 -35.73
C TRP K 690 -20.42 -20.57 -34.43
N VAL K 691 -19.68 -21.38 -33.69
CA VAL K 691 -19.02 -20.98 -32.44
C VAL K 691 -17.52 -21.04 -32.67
N LEU K 692 -16.83 -19.95 -32.32
CA LEU K 692 -15.38 -19.83 -32.52
C LEU K 692 -14.75 -19.39 -31.21
N ASP K 693 -14.41 -20.36 -30.36
CA ASP K 693 -13.65 -20.06 -29.14
C ASP K 693 -13.07 -21.37 -28.63
N SER K 694 -11.75 -21.41 -28.47
CA SER K 694 -11.10 -22.62 -27.96
C SER K 694 -11.49 -22.91 -26.52
N ARG K 695 -12.00 -21.92 -25.79
CA ARG K 695 -12.36 -22.14 -24.39
C ARG K 695 -13.53 -23.11 -24.27
N ILE K 696 -14.50 -23.04 -25.18
CA ILE K 696 -15.62 -23.97 -25.13
C ILE K 696 -15.14 -25.39 -25.42
N GLY K 697 -14.07 -25.53 -26.19
CA GLY K 697 -13.47 -26.83 -26.45
C GLY K 697 -12.40 -27.24 -25.47
N GLY K 698 -11.90 -26.32 -24.66
CA GLY K 698 -10.88 -26.62 -23.67
C GLY K 698 -11.39 -27.25 -22.40
N ASN K 699 -12.71 -27.36 -22.25
CA ASN K 699 -13.33 -28.02 -21.09
C ASN K 699 -12.94 -27.36 -19.77
N THR K 700 -12.73 -26.04 -19.79
CA THR K 700 -12.48 -25.32 -18.54
C THR K 700 -13.77 -25.22 -17.73
N PRO K 701 -13.68 -25.32 -16.40
CA PRO K 701 -14.91 -25.40 -15.59
C PRO K 701 -15.85 -24.22 -15.75
N TRP K 702 -15.33 -23.01 -15.93
CA TRP K 702 -16.17 -21.82 -15.83
C TRP K 702 -17.03 -21.57 -17.06
N VAL K 703 -16.84 -22.32 -18.16
CA VAL K 703 -17.64 -22.09 -19.35
C VAL K 703 -18.83 -23.04 -19.38
N ALA K 704 -19.07 -23.73 -18.26
CA ALA K 704 -20.22 -24.63 -18.18
C ALA K 704 -21.55 -23.94 -18.49
N PRO K 705 -21.86 -22.74 -17.98
CA PRO K 705 -23.13 -22.11 -18.37
C PRO K 705 -23.24 -21.85 -19.87
N TYR K 706 -22.13 -21.53 -20.54
CA TYR K 706 -22.18 -21.38 -21.99
C TYR K 706 -22.50 -22.72 -22.66
N ARG K 707 -21.92 -23.81 -22.15
CA ARG K 707 -22.25 -25.13 -22.68
C ARG K 707 -23.73 -25.44 -22.51
N LYS K 708 -24.28 -25.12 -21.33
CA LYS K 708 -25.70 -25.35 -21.09
C LYS K 708 -26.56 -24.51 -22.03
N LEU K 709 -26.17 -23.25 -22.26
CA LEU K 709 -26.95 -22.37 -23.13
C LEU K 709 -26.92 -22.87 -24.57
N LEU K 710 -25.75 -23.22 -25.08
CA LEU K 710 -25.66 -23.69 -26.46
C LEU K 710 -26.21 -25.09 -26.62
N SER K 711 -26.32 -25.86 -25.53
CA SER K 711 -26.86 -27.21 -25.60
C SER K 711 -28.35 -27.20 -25.93
N ARG K 712 -29.04 -26.09 -25.68
CA ARG K 712 -30.43 -25.97 -26.07
C ARG K 712 -30.60 -26.05 -27.59
N TYR K 713 -29.54 -25.80 -28.34
CA TYR K 713 -29.59 -25.78 -29.80
C TYR K 713 -28.95 -27.04 -30.34
N ARG K 714 -29.66 -27.71 -31.24
CA ARG K 714 -29.14 -28.92 -31.87
C ARG K 714 -27.92 -28.58 -32.74
N THR K 715 -26.92 -29.44 -32.69
CA THR K 715 -25.71 -29.21 -33.48
C THR K 715 -25.94 -29.60 -34.94
N ALA K 716 -25.08 -29.08 -35.80
CA ALA K 716 -25.14 -29.44 -37.21
C ALA K 716 -24.59 -30.85 -37.39
N PRO K 717 -25.35 -31.76 -38.01
CA PRO K 717 -24.89 -33.14 -38.14
C PRO K 717 -23.79 -33.32 -39.17
N LEU K 718 -22.60 -32.79 -38.89
CA LEU K 718 -21.46 -32.95 -39.77
C LEU K 718 -20.67 -34.21 -39.41
N MET L 1 10.48 37.96 -35.54
CA MET L 1 10.77 38.12 -34.11
C MET L 1 12.28 38.16 -33.88
N PHE L 2 13.00 37.30 -34.59
CA PHE L 2 14.44 37.18 -34.46
C PHE L 2 15.12 37.72 -35.73
N VAL L 3 16.19 38.48 -35.53
CA VAL L 3 16.99 39.02 -36.62
C VAL L 3 18.41 38.52 -36.47
N THR L 4 18.93 37.89 -37.52
CA THR L 4 20.28 37.33 -37.50
C THR L 4 21.21 38.22 -38.32
N GLN L 5 22.32 38.62 -37.71
CA GLN L 5 23.32 39.46 -38.37
C GLN L 5 24.65 38.74 -38.38
N VAL L 6 25.21 38.56 -39.57
CA VAL L 6 26.48 37.85 -39.76
C VAL L 6 27.45 38.80 -40.45
N ILE L 7 28.64 38.94 -39.86
CA ILE L 7 29.66 39.87 -40.37
C ILE L 7 30.88 39.06 -40.79
N PHE L 8 31.38 39.34 -41.99
CA PHE L 8 32.58 38.69 -42.51
C PHE L 8 33.76 39.67 -42.38
N ASN L 9 34.78 39.27 -41.61
CA ASN L 9 35.92 40.14 -41.33
C ASN L 9 36.96 39.95 -42.42
N MET L 10 36.88 40.78 -43.47
CA MET L 10 37.84 40.74 -44.56
C MET L 10 39.04 41.64 -44.28
N GLY L 11 38.90 42.64 -43.42
CA GLY L 11 39.99 43.54 -43.08
C GLY L 11 39.94 44.91 -43.73
N GLU L 12 38.90 45.21 -44.48
CA GLU L 12 38.77 46.51 -45.11
C GLU L 12 37.30 46.86 -45.28
N ARG L 13 37.00 48.15 -45.16
CA ARG L 13 35.63 48.62 -45.32
C ARG L 13 35.24 48.58 -46.79
N ALA L 14 34.36 47.66 -47.15
CA ALA L 14 33.85 47.53 -48.51
C ALA L 14 32.42 48.04 -48.56
N TYR L 15 32.13 48.85 -49.56
CA TYR L 15 30.79 49.40 -49.69
C TYR L 15 29.79 48.27 -49.97
N PRO L 16 28.57 48.36 -49.44
CA PRO L 16 27.63 47.23 -49.56
C PRO L 16 27.29 46.84 -50.98
N ASP L 17 27.24 47.80 -51.92
CA ASP L 17 26.86 47.47 -53.28
C ASP L 17 27.88 46.54 -53.95
N ARG L 18 29.16 46.90 -53.86
CA ARG L 18 30.21 46.04 -54.38
C ARG L 18 30.24 44.71 -53.63
N ALA L 19 29.92 44.72 -52.34
CA ALA L 19 29.87 43.48 -51.58
C ALA L 19 28.80 42.53 -52.13
N ARG L 20 27.61 43.05 -52.40
CA ARG L 20 26.56 42.20 -52.94
C ARG L 20 26.92 41.72 -54.34
N ALA L 21 27.53 42.60 -55.15
CA ALA L 21 27.97 42.21 -56.47
C ALA L 21 28.98 41.06 -56.39
N MET L 22 29.95 41.16 -55.48
CA MET L 22 30.98 40.14 -55.42
C MET L 22 30.43 38.84 -54.85
N VAL L 23 29.57 38.92 -53.83
CA VAL L 23 29.01 37.67 -53.30
C VAL L 23 28.15 36.98 -54.35
N ALA L 24 27.45 37.76 -55.17
CA ALA L 24 26.76 37.15 -56.32
C ALA L 24 27.77 36.52 -57.28
N GLU L 25 28.89 37.21 -57.52
CA GLU L 25 29.86 36.73 -58.50
C GLU L 25 30.51 35.41 -58.07
N LEU L 26 30.80 35.28 -56.77
CA LEU L 26 31.49 34.09 -56.29
C LEU L 26 30.63 32.84 -56.43
N MET L 27 29.33 32.96 -56.23
CA MET L 27 28.44 31.79 -56.23
C MET L 27 27.84 31.53 -57.61
N ASP L 28 28.50 31.95 -58.68
CA ASP L 28 27.98 31.72 -60.03
C ASP L 28 27.91 30.23 -60.32
N GLY L 29 26.73 29.74 -60.66
CA GLY L 29 26.55 28.35 -61.05
C GLY L 29 26.38 27.33 -59.96
N VAL L 30 27.30 27.29 -59.00
CA VAL L 30 27.23 26.29 -57.93
C VAL L 30 26.08 26.61 -57.01
N GLN L 31 25.26 25.59 -56.73
CA GLN L 31 24.07 25.71 -55.87
C GLN L 31 23.17 26.84 -56.36
N PRO L 32 22.51 26.68 -57.51
CA PRO L 32 21.67 27.77 -58.04
C PRO L 32 20.55 28.19 -57.11
N GLY L 33 19.98 27.25 -56.35
CA GLY L 33 18.92 27.60 -55.42
C GLY L 33 19.37 28.60 -54.38
N LEU L 34 20.58 28.43 -53.87
CA LEU L 34 21.12 29.39 -52.90
C LEU L 34 21.24 30.77 -53.52
N VAL L 35 21.71 30.84 -54.78
CA VAL L 35 21.84 32.13 -55.45
C VAL L 35 20.49 32.78 -55.61
N ALA L 36 19.49 32.02 -56.06
CA ALA L 36 18.16 32.56 -56.27
C ALA L 36 17.56 33.06 -54.95
N THR L 37 17.74 32.31 -53.88
CA THR L 37 17.19 32.70 -52.59
C THR L 37 17.91 33.93 -52.04
N LEU L 38 19.23 33.98 -52.15
CA LEU L 38 19.99 35.08 -51.57
C LEU L 38 19.81 36.37 -52.36
N MET L 39 19.64 36.27 -53.67
CA MET L 39 19.50 37.47 -54.50
C MET L 39 18.08 37.99 -54.56
N ASN L 40 17.14 37.36 -53.85
CA ASN L 40 15.74 37.76 -53.83
C ASN L 40 15.15 37.69 -55.23
N TYR L 41 15.17 36.49 -55.80
CA TYR L 41 14.75 36.26 -57.17
C TYR L 41 13.50 35.39 -57.21
N ILE L 42 12.59 35.70 -58.13
CA ILE L 42 11.42 34.85 -58.35
C ILE L 42 11.86 33.48 -58.80
N PRO L 43 11.29 32.39 -58.29
CA PRO L 43 11.69 31.05 -58.73
C PRO L 43 11.53 30.90 -60.24
N GLY L 44 12.65 30.59 -60.91
CA GLY L 44 12.66 30.43 -62.34
C GLY L 44 13.15 31.62 -63.12
N THR L 45 13.30 32.78 -62.47
CA THR L 45 13.77 33.99 -63.12
C THR L 45 14.83 34.66 -62.27
N SER L 46 15.64 35.49 -62.91
CA SER L 46 16.72 36.21 -62.25
C SER L 46 16.31 37.62 -61.84
N THR L 47 15.04 37.99 -62.00
CA THR L 47 14.58 39.31 -61.63
C THR L 47 14.40 39.42 -60.11
N SER L 48 14.62 40.61 -59.59
CA SER L 48 14.45 40.87 -58.17
C SER L 48 13.01 41.23 -57.86
N ARG L 49 12.66 41.14 -56.58
CA ARG L 49 11.30 41.39 -56.12
C ARG L 49 11.12 42.83 -55.67
N THR L 50 10.00 43.43 -56.07
CA THR L 50 9.64 44.75 -55.58
C THR L 50 9.28 44.71 -54.10
N GLU L 51 8.77 43.57 -53.63
CA GLU L 51 8.40 43.41 -52.22
C GLU L 51 9.63 43.62 -51.33
N PHE L 52 9.36 43.86 -50.04
CA PHE L 52 10.41 44.11 -49.08
C PHE L 52 11.39 42.93 -49.05
N PRO L 53 12.70 43.18 -49.17
CA PRO L 53 13.65 42.07 -49.27
C PRO L 53 13.94 41.46 -47.90
N THR L 54 13.82 40.13 -47.84
CA THR L 54 14.20 39.40 -46.63
C THR L 54 15.70 39.22 -46.52
N VAL L 55 16.44 39.38 -47.61
CA VAL L 55 17.90 39.35 -47.60
C VAL L 55 18.39 40.77 -47.41
N GLN L 56 19.37 40.95 -46.52
CA GLN L 56 19.84 42.28 -46.19
C GLN L 56 21.36 42.33 -46.23
N PHE L 57 21.88 43.43 -46.77
CA PHE L 57 23.31 43.70 -46.79
C PHE L 57 23.58 45.03 -46.12
N GLY L 58 24.74 45.13 -45.47
CA GLY L 58 25.11 46.35 -44.78
C GLY L 58 26.60 46.54 -44.78
N GLY L 59 27.01 47.79 -44.59
CA GLY L 59 28.42 48.13 -44.59
C GLY L 59 29.05 48.13 -43.22
N ALA L 60 29.69 47.03 -42.85
CA ALA L 60 30.40 46.97 -41.58
C ALA L 60 31.64 47.85 -41.64
N SER L 61 32.08 48.30 -40.46
CA SER L 61 33.31 49.09 -40.40
C SER L 61 34.51 48.28 -40.84
N ASP L 62 34.49 46.97 -40.61
CA ASP L 62 35.60 46.09 -40.97
C ASP L 62 35.30 45.25 -42.20
N GLY L 63 34.11 45.37 -42.77
CA GLY L 63 33.75 44.61 -43.95
C GLY L 63 32.30 44.77 -44.36
N PHE L 64 31.64 43.66 -44.68
CA PHE L 64 30.23 43.65 -45.05
C PHE L 64 29.50 42.61 -44.22
N CYS L 65 28.19 42.80 -44.07
CA CYS L 65 27.42 42.00 -43.14
C CYS L 65 26.12 41.53 -43.78
N LEU L 66 25.74 40.30 -43.44
CA LEU L 66 24.50 39.69 -43.91
C LEU L 66 23.46 39.71 -42.78
N LEU L 67 22.24 40.10 -43.12
CA LEU L 67 21.16 40.25 -42.14
C LEU L 67 19.96 39.45 -42.62
N GLY L 68 19.47 38.56 -41.77
CA GLY L 68 18.27 37.77 -42.07
C GLY L 68 17.11 38.24 -41.21
N PHE L 69 15.94 38.32 -41.82
CA PHE L 69 14.71 38.74 -41.13
C PHE L 69 13.74 37.57 -41.06
N GLY L 70 13.25 37.30 -39.85
CA GLY L 70 12.30 36.24 -39.65
C GLY L 70 12.93 34.87 -39.68
N ASP L 71 12.08 33.85 -39.51
CA ASP L 71 12.56 32.47 -39.57
C ASP L 71 13.12 32.15 -40.95
N GLY L 72 12.44 32.61 -42.01
CA GLY L 72 12.98 32.41 -43.34
C GLY L 72 14.32 33.07 -43.54
N GLY L 73 14.44 34.32 -43.09
CA GLY L 73 15.72 35.00 -43.17
C GLY L 73 16.79 34.32 -42.33
N GLY L 74 16.43 33.91 -41.12
CA GLY L 74 17.38 33.16 -40.31
C GLY L 74 17.80 31.86 -40.95
N ALA L 75 16.83 31.12 -41.50
CA ALA L 75 17.16 29.85 -42.15
C ALA L 75 18.08 30.06 -43.35
N ILE L 76 17.79 31.08 -44.18
CA ILE L 76 18.60 31.27 -45.37
C ILE L 76 20.01 31.72 -45.00
N VAL L 77 20.14 32.61 -44.01
CA VAL L 77 21.49 33.01 -43.63
C VAL L 77 22.23 31.82 -43.02
N ARG L 78 21.53 30.97 -42.27
CA ARG L 78 22.18 29.84 -41.65
C ARG L 78 22.72 28.86 -42.67
N ASP L 79 21.92 28.48 -43.67
CA ASP L 79 22.52 27.54 -44.61
C ASP L 79 23.33 28.23 -45.69
N ALA L 80 23.37 29.56 -45.71
CA ALA L 80 24.15 30.28 -46.70
C ALA L 80 25.56 30.59 -46.25
N VAL L 81 25.74 31.10 -45.04
CA VAL L 81 27.06 31.61 -44.60
C VAL L 81 28.21 30.62 -44.77
N PRO L 82 28.06 29.30 -44.54
CA PRO L 82 29.22 28.43 -44.82
C PRO L 82 29.63 28.46 -46.28
N LEU L 83 28.66 28.57 -47.19
CA LEU L 83 29.00 28.56 -48.61
C LEU L 83 29.73 29.82 -49.03
N ILE L 84 29.23 30.99 -48.62
CA ILE L 84 29.92 32.23 -48.94
C ILE L 84 31.28 32.28 -48.25
N HIS L 85 31.37 31.73 -47.04
CA HIS L 85 32.66 31.67 -46.36
C HIS L 85 33.65 30.82 -47.15
N ALA L 86 33.21 29.67 -47.64
CA ALA L 86 34.09 28.82 -48.43
C ALA L 86 34.51 29.52 -49.72
N ALA L 87 33.57 30.20 -50.37
CA ALA L 87 33.91 30.91 -51.60
C ALA L 87 34.92 32.03 -51.35
N LEU L 88 34.73 32.77 -50.26
CA LEU L 88 35.66 33.84 -49.91
C LEU L 88 37.04 33.28 -49.59
N ALA L 89 37.09 32.15 -48.90
CA ALA L 89 38.37 31.48 -48.64
C ALA L 89 39.02 31.06 -49.94
N ARG L 90 38.22 30.55 -50.88
CA ARG L 90 38.76 30.14 -52.17
C ARG L 90 39.35 31.32 -52.93
N ARG L 91 38.65 32.45 -52.93
CA ARG L 91 39.10 33.60 -53.72
C ARG L 91 40.31 34.30 -53.08
N MET L 92 40.33 34.41 -51.75
CA MET L 92 41.39 35.10 -51.03
C MET L 92 42.24 34.06 -50.29
N PRO L 93 43.25 33.49 -50.95
CA PRO L 93 43.99 32.38 -50.32
C PRO L 93 44.90 32.81 -49.19
N ASP L 94 45.26 34.08 -49.08
CA ASP L 94 46.25 34.52 -48.10
C ASP L 94 45.66 35.52 -47.10
N ARG L 95 44.38 35.37 -46.79
CA ARG L 95 43.74 36.19 -45.76
C ARG L 95 42.74 35.34 -45.00
N ILE L 96 42.70 35.52 -43.68
CA ILE L 96 41.76 34.82 -42.83
C ILE L 96 40.46 35.61 -42.78
N ILE L 97 39.37 34.96 -43.17
CA ILE L 97 38.04 35.54 -43.07
C ILE L 97 37.41 35.08 -41.76
N GLN L 98 36.87 36.02 -41.00
CA GLN L 98 36.26 35.75 -39.71
C GLN L 98 34.76 36.03 -39.78
N VAL L 99 33.97 35.18 -39.13
CA VAL L 99 32.51 35.28 -39.16
C VAL L 99 32.03 35.58 -37.75
N GLU L 100 31.23 36.63 -37.61
CA GLU L 100 30.62 36.99 -36.34
C GLU L 100 29.11 36.83 -36.48
N HIS L 101 28.52 36.04 -35.59
CA HIS L 101 27.12 35.67 -35.68
C HIS L 101 26.40 36.15 -34.43
N LYS L 102 25.52 37.15 -34.58
CA LYS L 102 24.76 37.67 -33.46
C LYS L 102 23.30 37.86 -33.84
N GLU L 103 22.41 37.57 -32.89
CA GLU L 103 20.98 37.66 -33.09
C GLU L 103 20.40 38.79 -32.24
N HIS L 104 19.45 39.51 -32.81
CA HIS L 104 18.73 40.57 -32.11
C HIS L 104 17.25 40.24 -32.04
N SER L 105 16.69 40.34 -30.84
CA SER L 105 15.25 40.31 -30.70
C SER L 105 14.64 41.59 -31.26
N LEU L 106 13.53 41.45 -31.97
CA LEU L 106 12.84 42.58 -32.58
C LEU L 106 11.61 42.92 -31.77
N SER L 107 11.56 44.14 -31.23
CA SER L 107 10.45 44.56 -30.40
C SER L 107 10.21 46.04 -30.58
N ALA L 108 8.94 46.44 -30.54
CA ALA L 108 8.54 47.83 -30.73
C ALA L 108 7.39 48.13 -29.78
N GLU L 109 7.69 48.84 -28.70
CA GLU L 109 6.70 49.19 -27.69
C GLU L 109 6.51 50.70 -27.65
N ALA L 110 5.28 51.12 -27.39
CA ALA L 110 4.94 52.53 -27.36
C ALA L 110 5.54 53.19 -26.11
N ARG L 111 5.59 54.52 -26.15
CA ARG L 111 6.16 55.32 -25.06
C ARG L 111 5.64 56.75 -25.19
N PRO L 112 5.07 57.31 -24.13
CA PRO L 112 4.34 58.59 -24.26
C PRO L 112 5.21 59.79 -24.58
N TYR L 113 6.53 59.65 -24.67
CA TYR L 113 7.38 60.72 -25.17
C TYR L 113 8.34 60.15 -26.22
N VAL L 114 9.08 61.04 -26.87
CA VAL L 114 9.89 60.68 -28.03
C VAL L 114 11.34 60.48 -27.61
N LEU L 115 12.07 59.75 -28.45
CA LEU L 115 13.49 59.50 -28.25
C LEU L 115 14.25 59.77 -29.54
N SER L 116 15.52 60.13 -29.40
CA SER L 116 16.34 60.56 -30.53
C SER L 116 16.84 59.32 -31.28
N TYR L 117 16.35 59.14 -32.50
CA TYR L 117 16.75 58.04 -33.36
C TYR L 117 17.29 58.60 -34.67
N THR L 118 18.43 58.09 -35.13
CA THR L 118 19.07 58.59 -36.33
C THR L 118 19.60 57.42 -37.15
N VAL L 119 19.88 57.68 -38.42
CA VAL L 119 20.44 56.67 -39.31
C VAL L 119 21.56 57.29 -40.13
N PRO L 120 22.60 56.50 -40.42
CA PRO L 120 23.63 56.99 -41.34
C PRO L 120 23.24 57.00 -42.82
N ARG L 121 22.25 56.23 -43.26
CA ARG L 121 22.01 56.05 -44.68
C ARG L 121 20.52 56.06 -45.00
N MET L 122 20.00 57.22 -45.41
CA MET L 122 18.66 57.39 -45.94
C MET L 122 18.66 57.61 -47.44
N VAL L 123 17.69 57.00 -48.12
CA VAL L 123 17.40 57.26 -49.52
C VAL L 123 16.26 58.26 -49.53
N VAL L 124 16.58 59.55 -49.66
CA VAL L 124 15.58 60.59 -49.61
C VAL L 124 15.47 61.38 -50.91
N GLN L 125 16.42 61.24 -51.83
CA GLN L 125 16.42 62.02 -53.06
C GLN L 125 15.45 61.38 -54.04
N LYS L 126 14.30 62.03 -54.25
CA LYS L 126 13.33 61.61 -55.24
C LYS L 126 13.20 62.60 -56.39
N LYS L 127 13.00 63.88 -56.07
CA LYS L 127 13.03 64.95 -57.06
C LYS L 127 13.97 66.05 -56.58
N GLN L 128 14.61 66.72 -57.54
CA GLN L 128 15.55 67.78 -57.19
C GLN L 128 14.83 68.96 -56.54
N ARG L 129 13.56 69.18 -56.88
CA ARG L 129 12.79 70.26 -56.25
C ARG L 129 12.63 70.02 -54.75
N HIS L 130 12.32 68.78 -54.36
CA HIS L 130 12.18 68.47 -52.94
C HIS L 130 13.50 68.55 -52.20
N ALA L 131 14.63 68.44 -52.90
CA ALA L 131 15.93 68.53 -52.24
C ALA L 131 16.14 69.91 -51.61
N GLU L 132 15.78 70.97 -52.34
CA GLU L 132 15.87 72.31 -51.80
C GLU L 132 14.74 72.66 -50.84
N ARG L 133 13.69 71.83 -50.77
CA ARG L 133 12.60 72.06 -49.84
C ARG L 133 12.99 71.81 -48.39
N LEU L 134 14.17 71.22 -48.14
CA LEU L 134 14.59 70.90 -46.78
C LEU L 134 14.95 72.13 -45.96
N LEU L 135 15.04 73.31 -46.59
CA LEU L 135 15.30 74.53 -45.84
C LEU L 135 14.17 74.82 -44.86
N HIS L 136 12.93 74.63 -45.30
CA HIS L 136 11.76 74.78 -44.44
C HIS L 136 11.28 73.42 -43.98
N GLU L 137 11.12 73.25 -42.68
CA GLU L 137 10.73 71.95 -42.12
C GLU L 137 9.33 71.55 -42.59
N ALA L 138 8.41 72.52 -42.67
CA ALA L 138 7.01 72.20 -42.95
C ALA L 138 6.85 71.59 -44.34
N GLU L 139 7.52 72.14 -45.34
CA GLU L 139 7.36 71.63 -46.70
C GLU L 139 7.95 70.23 -46.85
N GLY L 140 9.14 70.00 -46.29
CA GLY L 140 9.82 68.73 -46.42
C GLY L 140 9.43 67.66 -45.43
N LYS L 141 8.60 67.99 -44.44
CA LYS L 141 8.24 66.99 -43.44
C LYS L 141 7.28 65.94 -44.01
N ALA L 142 6.39 66.35 -44.91
CA ALA L 142 5.30 65.47 -45.33
C ALA L 142 5.82 64.20 -45.97
N HIS L 143 6.68 64.34 -46.99
CA HIS L 143 7.18 63.16 -47.69
C HIS L 143 8.15 62.36 -46.83
N LEU L 144 8.96 63.02 -46.01
CA LEU L 144 9.88 62.30 -45.15
C LEU L 144 9.14 61.47 -44.10
N GLU L 145 8.19 62.09 -43.40
CA GLU L 145 7.42 61.36 -42.40
C GLU L 145 6.60 60.25 -43.04
N GLY L 146 6.02 60.51 -44.21
CA GLY L 146 5.30 59.47 -44.91
C GLY L 146 6.20 58.30 -45.27
N LEU L 147 7.42 58.59 -45.74
CA LEU L 147 8.37 57.55 -46.06
C LEU L 147 8.71 56.72 -44.83
N PHE L 148 8.99 57.39 -43.72
CA PHE L 148 9.33 56.66 -42.50
C PHE L 148 8.18 55.77 -42.04
N LEU L 149 6.97 56.31 -42.05
CA LEU L 149 5.81 55.54 -41.58
C LEU L 149 5.54 54.35 -42.48
N ARG L 150 5.55 54.55 -43.80
CA ARG L 150 5.31 53.44 -44.71
C ARG L 150 6.40 52.39 -44.60
N SER L 151 7.66 52.81 -44.49
CA SER L 151 8.75 51.86 -44.35
C SER L 151 8.59 51.04 -43.07
N LEU L 152 8.29 51.71 -41.96
CA LEU L 152 8.13 51.00 -40.70
C LEU L 152 6.98 50.00 -40.76
N GLN L 153 5.83 50.44 -41.30
CA GLN L 153 4.67 49.56 -41.33
C GLN L 153 4.91 48.37 -42.27
N ARG L 154 5.56 48.60 -43.41
CA ARG L 154 5.78 47.51 -44.35
C ARG L 154 6.81 46.52 -43.81
N GLN L 155 7.87 47.00 -43.16
CA GLN L 155 8.82 46.07 -42.57
C GLN L 155 8.20 45.31 -41.40
N ALA L 156 7.33 45.97 -40.63
CA ALA L 156 6.64 45.28 -39.54
C ALA L 156 5.73 44.19 -40.09
N ALA L 157 4.97 44.50 -41.14
CA ALA L 157 4.12 43.49 -41.75
C ALA L 157 4.94 42.35 -42.35
N ALA L 158 6.11 42.65 -42.91
CA ALA L 158 6.98 41.61 -43.42
C ALA L 158 7.47 40.70 -42.31
N VAL L 159 7.83 41.29 -41.15
CA VAL L 159 8.31 40.48 -40.03
C VAL L 159 7.20 40.08 -39.08
N GLY L 160 5.98 40.56 -39.29
CA GLY L 160 4.85 40.19 -38.43
C GLY L 160 4.95 40.69 -37.01
N LEU L 161 5.49 41.89 -36.80
CA LEU L 161 5.63 42.45 -35.46
C LEU L 161 4.52 43.45 -35.17
N PRO L 162 3.80 43.30 -34.06
CA PRO L 162 2.76 44.28 -33.74
C PRO L 162 3.36 45.66 -33.48
N LEU L 163 2.69 46.68 -34.03
CA LEU L 163 3.06 48.08 -33.84
C LEU L 163 1.85 48.87 -33.36
N PRO L 164 2.05 49.87 -32.51
CA PRO L 164 0.91 50.68 -32.06
C PRO L 164 0.28 51.46 -33.20
N GLU L 165 -1.00 51.79 -33.03
CA GLU L 165 -1.78 52.47 -34.04
C GLU L 165 -1.61 53.98 -34.04
N ASN L 166 -0.83 54.53 -33.10
CA ASN L 166 -0.78 55.97 -32.91
C ASN L 166 0.66 56.48 -32.94
N LEU L 167 1.43 56.11 -33.96
CA LEU L 167 2.80 56.57 -34.10
C LEU L 167 2.82 57.89 -34.87
N GLU L 168 3.42 58.91 -34.26
CA GLU L 168 3.67 60.18 -34.93
C GLU L 168 5.14 60.53 -34.80
N VAL L 169 5.75 60.95 -35.91
CA VAL L 169 7.17 61.22 -35.98
C VAL L 169 7.38 62.61 -36.56
N GLU L 170 8.33 63.36 -36.00
CA GLU L 170 8.76 64.64 -36.53
C GLU L 170 10.26 64.59 -36.82
N PHE L 171 10.66 65.19 -37.93
CA PHE L 171 12.05 65.14 -38.34
C PHE L 171 12.86 66.27 -37.70
N LYS L 172 14.15 66.01 -37.51
CA LYS L 172 15.08 67.00 -36.98
C LYS L 172 16.06 67.49 -38.05
N GLY L 173 16.71 66.58 -38.76
CA GLY L 173 17.63 66.95 -39.80
C GLY L 173 18.70 65.89 -39.96
N ALA L 174 19.65 66.19 -40.85
CA ALA L 174 20.76 65.30 -41.15
C ALA L 174 22.07 66.08 -41.05
N VAL L 175 23.18 65.36 -41.16
CA VAL L 175 24.50 65.97 -41.06
C VAL L 175 24.98 66.47 -42.41
N GLY L 176 24.89 65.62 -43.43
CA GLY L 176 25.37 66.00 -44.75
C GLY L 176 24.84 65.07 -45.82
N ASN L 177 25.38 65.23 -47.01
CA ASN L 177 24.97 64.46 -48.19
C ASN L 177 26.16 63.64 -48.69
N PHE L 178 25.85 62.69 -49.57
CA PHE L 178 26.88 61.85 -50.18
C PHE L 178 26.38 61.33 -51.51
N ALA L 179 27.31 60.87 -52.33
CA ALA L 179 27.03 60.34 -53.66
C ALA L 179 27.40 58.88 -53.72
N ALA L 180 26.59 58.09 -54.44
CA ALA L 180 26.83 56.67 -54.58
C ALA L 180 26.52 56.25 -56.01
N LYS L 181 27.27 55.26 -56.50
CA LYS L 181 27.21 54.84 -57.90
C LYS L 181 27.11 53.32 -57.98
N HIS L 182 26.55 52.83 -59.08
CA HIS L 182 26.50 51.40 -59.32
C HIS L 182 27.89 50.80 -59.43
N ASN L 183 28.74 51.40 -60.24
CA ASN L 183 30.11 50.97 -60.44
C ASN L 183 31.00 52.20 -60.46
N PRO L 184 32.30 52.04 -60.18
CA PRO L 184 33.18 53.22 -60.14
C PRO L 184 33.21 54.02 -61.44
N ASN L 185 32.94 53.38 -62.58
CA ASN L 185 32.91 54.07 -63.86
C ASN L 185 31.51 54.54 -64.25
N SER L 186 30.51 54.28 -63.42
CA SER L 186 29.15 54.72 -63.74
C SER L 186 29.02 56.22 -63.55
N LYS L 187 28.21 56.84 -64.39
CA LYS L 187 27.95 58.28 -64.33
C LYS L 187 26.61 58.60 -63.67
N VAL L 188 25.92 57.61 -63.12
CA VAL L 188 24.64 57.79 -62.45
C VAL L 188 24.86 57.75 -60.95
N ALA L 189 24.36 58.75 -60.24
CA ALA L 189 24.55 58.83 -58.80
C ALA L 189 23.27 59.33 -58.12
N TYR L 190 23.13 58.98 -56.86
CA TYR L 190 22.00 59.38 -56.03
C TYR L 190 22.51 60.09 -54.78
N ARG L 191 21.60 60.81 -54.12
CA ARG L 191 21.92 61.56 -52.92
C ARG L 191 21.27 60.90 -51.71
N GLY L 192 22.05 60.72 -50.65
CA GLY L 192 21.55 60.25 -49.38
C GLY L 192 21.79 61.25 -48.28
N LEU L 193 21.39 60.87 -47.07
CA LEU L 193 21.56 61.69 -45.88
C LEU L 193 22.27 60.90 -44.80
N ARG L 194 23.22 61.55 -44.13
CA ARG L 194 23.91 60.99 -42.99
C ARG L 194 23.42 61.66 -41.72
N GLY L 195 23.16 60.86 -40.69
CA GLY L 195 22.65 61.40 -39.44
C GLY L 195 21.27 62.00 -39.53
N ALA L 196 20.38 61.36 -40.29
CA ALA L 196 18.99 61.82 -40.38
C ALA L 196 18.29 61.53 -39.06
N VAL L 197 18.06 62.56 -38.26
CA VAL L 197 17.52 62.41 -36.92
C VAL L 197 16.02 62.64 -36.96
N PHE L 198 15.25 61.68 -36.45
CA PHE L 198 13.81 61.81 -36.31
C PHE L 198 13.39 61.18 -34.98
N ASP L 199 12.39 61.78 -34.35
CA ASP L 199 11.94 61.38 -33.03
C ASP L 199 10.63 60.63 -33.12
N VAL L 200 10.57 59.46 -32.48
CA VAL L 200 9.39 58.62 -32.48
C VAL L 200 9.00 58.34 -31.02
N ASN L 201 7.70 58.29 -30.76
CA ASN L 201 7.19 58.02 -29.42
C ASN L 201 7.00 56.53 -29.17
N ALA L 202 8.06 55.76 -29.44
CA ALA L 202 8.04 54.32 -29.21
C ALA L 202 9.47 53.83 -29.09
N ARG L 203 9.61 52.62 -28.57
CA ARG L 203 10.91 51.97 -28.44
C ARG L 203 11.12 51.01 -29.60
N LEU L 204 12.35 50.98 -30.10
CA LEU L 204 12.73 50.09 -31.20
C LEU L 204 13.88 49.21 -30.72
N GLY L 205 13.60 47.93 -30.53
CA GLY L 205 14.60 46.98 -30.05
C GLY L 205 15.25 46.24 -31.20
N GLY L 206 16.55 46.02 -31.08
CA GLY L 206 17.30 45.37 -32.12
C GLY L 206 17.64 46.32 -33.27
N ILE L 207 18.06 45.72 -34.38
CA ILE L 207 18.39 46.47 -35.59
C ILE L 207 17.15 46.64 -36.43
N TRP L 208 17.09 47.76 -37.15
CA TRP L 208 15.88 48.19 -37.82
C TRP L 208 16.21 48.75 -39.20
N THR L 209 15.19 48.76 -40.06
CA THR L 209 15.32 49.23 -41.43
C THR L 209 14.31 50.33 -41.70
N ALA L 210 14.75 51.37 -42.39
CA ALA L 210 13.89 52.48 -42.78
C ALA L 210 14.21 52.89 -44.21
N GLY L 211 13.25 53.54 -44.84
CA GLY L 211 13.38 53.94 -46.23
C GLY L 211 12.94 52.83 -47.17
N PHE L 212 13.49 52.82 -48.39
CA PHE L 212 13.23 51.75 -49.33
C PHE L 212 14.52 51.44 -50.08
N MET L 213 14.50 50.34 -50.85
CA MET L 213 15.68 49.86 -51.58
C MET L 213 16.82 49.62 -50.59
N LEU L 214 16.61 48.57 -49.79
CA LEU L 214 17.48 48.28 -48.66
C LEU L 214 18.50 47.19 -48.96
N SER L 215 18.23 46.29 -49.90
CA SER L 215 19.11 45.16 -50.13
C SER L 215 20.51 45.60 -50.56
N LYS L 216 20.60 46.68 -51.33
CA LYS L 216 21.90 47.19 -51.74
C LYS L 216 22.68 47.79 -50.58
N GLY L 217 22.06 47.97 -49.42
CA GLY L 217 22.80 48.34 -48.23
C GLY L 217 22.46 49.71 -47.67
N TYR L 218 21.24 50.16 -47.87
CA TYR L 218 20.81 51.48 -47.43
C TYR L 218 19.71 51.32 -46.39
N GLY L 219 19.62 52.27 -45.48
CA GLY L 219 18.49 52.28 -44.56
C GLY L 219 18.57 51.34 -43.38
N GLN L 220 19.70 50.69 -43.14
CA GLN L 220 19.89 49.88 -41.95
C GLN L 220 20.43 50.71 -40.79
N PHE L 221 19.94 50.44 -39.59
CA PHE L 221 20.37 51.16 -38.42
C PHE L 221 20.06 50.35 -37.17
N ASN L 222 21.00 50.36 -36.21
CA ASN L 222 20.79 49.70 -34.92
C ASN L 222 20.21 50.74 -33.96
N ALA L 223 18.89 50.76 -33.87
CA ALA L 223 18.23 51.69 -32.95
C ALA L 223 18.57 51.38 -31.50
N THR L 224 18.76 50.10 -31.17
CA THR L 224 19.07 49.72 -29.80
C THR L 224 20.43 50.26 -29.35
N HIS L 225 21.44 50.15 -30.21
CA HIS L 225 22.76 50.65 -29.84
C HIS L 225 22.79 52.18 -29.80
N GLN L 226 21.96 52.83 -30.62
CA GLN L 226 21.91 54.29 -30.61
C GLN L 226 21.36 54.83 -29.29
N LEU L 227 20.42 54.11 -28.68
CA LEU L 227 19.86 54.55 -27.40
C LEU L 227 20.90 54.61 -26.30
N SER L 228 22.01 53.85 -26.45
CA SER L 228 23.10 53.95 -25.48
C SER L 228 23.80 55.30 -25.54
N GLY L 229 23.61 56.05 -26.62
CA GLY L 229 24.20 57.38 -26.74
C GLY L 229 25.71 57.39 -26.83
N ALA L 230 26.30 56.50 -27.62
CA ALA L 230 27.74 56.42 -27.80
C ALA L 230 28.24 57.25 -28.99
N VAL L 231 27.49 58.29 -29.39
CA VAL L 231 27.85 59.11 -30.54
C VAL L 231 28.66 60.31 -30.07
N ASN L 232 29.00 60.35 -28.79
CA ASN L 232 29.79 61.46 -28.26
C ASN L 232 31.23 61.39 -28.72
N ALA L 233 31.78 60.18 -28.90
CA ALA L 233 33.17 60.00 -29.27
C ALA L 233 33.34 60.13 -30.78
N LEU L 234 33.20 61.38 -31.25
CA LEU L 234 33.37 61.71 -32.67
C LEU L 234 34.13 63.04 -32.71
N SER L 235 35.45 62.95 -32.76
CA SER L 235 36.31 64.13 -32.78
C SER L 235 37.69 63.74 -33.26
N GLU L 236 38.51 64.75 -33.53
CA GLU L 236 39.89 64.51 -33.96
C GLU L 236 40.88 64.96 -32.88
ZN ZN M . -43.31 -51.71 31.87
#